data_6MV3
#
_entry.id   6MV3
#
loop_
_entity.id
_entity.type
_entity.pdbx_description
1 polymer 'Troponin C, slow skeletal and cardiac muscles,Troponin I, cardiac muscle chimera'
2 non-polymer 'CALCIUM ION'
3 non-polymer N-(6-AMINOHEXYL)-5-CHLORO-1-NAPHTHALENESULFONAMIDE
#
_entity_poly.entity_id   1
_entity_poly.type   'polypeptide(L)'
_entity_poly.pdbx_seq_one_letter_code
;MDDIYKAAVEQLTEEQKNEFKAAFDIFVLGAEDGSISTKELGKVMRMLGQNPTPEELQEMIDEVDEDGSGTVDFDEFLVM
MVRSMKDDSKGKFKRPTLRRVRISADAMMQALLGARAKGHHHHHH
;
_entity_poly.pdbx_strand_id   A
#
loop_
_chem_comp.id
_chem_comp.type
_chem_comp.name
_chem_comp.formula
CA non-polymer 'CALCIUM ION' 'Ca 2'
WW7 non-polymer N-(6-AMINOHEXYL)-5-CHLORO-1-NAPHTHALENESULFONAMIDE 'C16 H21 Cl N2 O2 S'
#
# COMPACT_ATOMS: atom_id res chain seq x y z
N MET A 1 -0.16 3.54 -13.68
CA MET A 1 0.19 4.66 -12.75
C MET A 1 1.03 5.69 -13.50
N ASP A 2 1.60 6.63 -12.77
CA ASP A 2 2.42 7.67 -13.38
C ASP A 2 3.69 7.05 -13.98
N ASP A 3 4.20 7.67 -15.04
CA ASP A 3 5.41 7.18 -15.68
C ASP A 3 6.55 7.10 -14.68
N ILE A 4 6.65 8.11 -13.84
CA ILE A 4 7.69 8.14 -12.82
C ILE A 4 7.52 6.97 -11.86
N TYR A 5 6.31 6.77 -11.37
CA TYR A 5 6.03 5.67 -10.46
C TYR A 5 6.29 4.35 -11.15
N LYS A 6 5.92 4.27 -12.42
CA LYS A 6 6.14 3.05 -13.19
C LYS A 6 7.63 2.74 -13.24
N ALA A 7 8.43 3.76 -13.50
CA ALA A 7 9.87 3.59 -13.56
C ALA A 7 10.41 3.16 -12.19
N ALA A 8 9.86 3.74 -11.13
CA ALA A 8 10.30 3.42 -9.78
C ALA A 8 10.11 1.95 -9.49
N VAL A 9 8.99 1.40 -9.93
CA VAL A 9 8.71 0.00 -9.71
C VAL A 9 9.75 -0.86 -10.42
N GLU A 10 10.06 -0.49 -11.66
CA GLU A 10 11.05 -1.22 -12.46
C GLU A 10 12.45 -1.04 -11.88
N GLN A 11 12.68 0.13 -11.26
CA GLN A 11 13.98 0.44 -10.68
C GLN A 11 14.27 -0.48 -9.50
N LEU A 12 13.25 -0.77 -8.70
CA LEU A 12 13.42 -1.63 -7.53
C LEU A 12 14.13 -2.93 -7.93
N THR A 13 15.13 -3.30 -7.14
CA THR A 13 15.89 -4.52 -7.40
C THR A 13 15.03 -5.75 -7.10
N GLU A 14 15.61 -6.93 -7.27
CA GLU A 14 14.88 -8.17 -7.04
C GLU A 14 14.38 -8.23 -5.59
N GLU A 15 15.28 -7.93 -4.65
CA GLU A 15 14.91 -7.95 -3.23
C GLU A 15 13.85 -6.89 -2.95
N GLN A 16 14.02 -5.70 -3.51
CA GLN A 16 13.07 -4.62 -3.30
C GLN A 16 11.69 -5.00 -3.83
N LYS A 17 11.65 -5.53 -5.05
CA LYS A 17 10.39 -5.94 -5.65
C LYS A 17 9.78 -7.08 -4.86
N ASN A 18 10.63 -8.03 -4.45
CA ASN A 18 10.16 -9.17 -3.67
C ASN A 18 9.59 -8.71 -2.34
N GLU A 19 10.26 -7.76 -1.71
CA GLU A 19 9.81 -7.23 -0.42
C GLU A 19 8.44 -6.61 -0.56
N PHE A 20 8.25 -5.81 -1.60
CA PHE A 20 6.97 -5.16 -1.84
C PHE A 20 5.92 -6.18 -2.28
N LYS A 21 6.34 -7.12 -3.11
CA LYS A 21 5.42 -8.12 -3.61
C LYS A 21 4.79 -8.90 -2.46
N ALA A 22 5.52 -9.03 -1.36
CA ALA A 22 5.01 -9.75 -0.20
C ALA A 22 3.74 -9.08 0.30
N ALA A 23 3.75 -7.75 0.33
CA ALA A 23 2.59 -6.99 0.78
C ALA A 23 1.43 -7.20 -0.19
N PHE A 24 1.76 -7.21 -1.48
CA PHE A 24 0.74 -7.42 -2.51
C PHE A 24 0.00 -8.73 -2.31
N ASP A 25 0.75 -9.80 -2.14
CA ASP A 25 0.15 -11.11 -1.94
C ASP A 25 -0.72 -11.12 -0.68
N ILE A 26 -0.18 -10.60 0.41
CA ILE A 26 -0.91 -10.54 1.66
C ILE A 26 -2.13 -9.63 1.53
N PHE A 27 -1.94 -8.50 0.85
CA PHE A 27 -3.03 -7.56 0.64
C PHE A 27 -4.19 -8.22 -0.10
N VAL A 28 -3.86 -8.98 -1.14
CA VAL A 28 -4.89 -9.65 -1.93
C VAL A 28 -5.08 -11.09 -1.44
N LEU A 29 -4.83 -11.32 -0.15
CA LEU A 29 -4.98 -12.65 0.41
C LEU A 29 -6.40 -13.16 0.21
N GLY A 30 -6.54 -14.15 -0.67
CA GLY A 30 -7.86 -14.72 -0.95
C GLY A 30 -8.53 -13.99 -2.11
N ALA A 31 -7.88 -12.94 -2.61
CA ALA A 31 -8.44 -12.17 -3.71
C ALA A 31 -8.60 -13.04 -4.95
N GLU A 32 -9.82 -13.07 -5.49
CA GLU A 32 -10.09 -13.87 -6.68
C GLU A 32 -9.29 -13.35 -7.88
N ASP A 33 -9.30 -12.04 -8.05
CA ASP A 33 -8.58 -11.41 -9.15
C ASP A 33 -7.09 -11.33 -8.84
N GLY A 34 -6.76 -11.34 -7.56
CA GLY A 34 -5.37 -11.26 -7.13
C GLY A 34 -4.96 -9.81 -6.88
N SER A 35 -5.84 -8.88 -7.22
CA SER A 35 -5.56 -7.46 -7.02
C SER A 35 -6.10 -7.01 -5.67
N ILE A 36 -5.66 -5.84 -5.21
CA ILE A 36 -6.11 -5.33 -3.91
C ILE A 36 -7.30 -4.39 -4.10
N SER A 37 -8.44 -4.80 -3.55
CA SER A 37 -9.66 -3.99 -3.66
C SER A 37 -10.05 -3.44 -2.30
N THR A 38 -11.24 -2.87 -2.22
CA THR A 38 -11.73 -2.32 -0.97
C THR A 38 -11.83 -3.40 0.11
N LYS A 39 -12.36 -4.56 -0.27
CA LYS A 39 -12.49 -5.66 0.69
C LYS A 39 -11.12 -6.06 1.22
N GLU A 40 -10.18 -6.25 0.31
CA GLU A 40 -8.81 -6.60 0.68
C GLU A 40 -8.15 -5.43 1.40
N LEU A 41 -8.42 -4.23 0.93
CA LEU A 41 -7.84 -3.02 1.52
C LEU A 41 -8.23 -2.90 2.99
N GLY A 42 -9.51 -3.10 3.26
CA GLY A 42 -10.00 -3.02 4.64
C GLY A 42 -9.33 -4.07 5.51
N LYS A 43 -9.13 -5.26 4.95
CA LYS A 43 -8.48 -6.34 5.71
C LYS A 43 -7.11 -5.91 6.21
N VAL A 44 -6.31 -5.35 5.32
CA VAL A 44 -4.98 -4.88 5.70
C VAL A 44 -5.08 -3.76 6.73
N MET A 45 -6.02 -2.84 6.50
CA MET A 45 -6.21 -1.72 7.40
C MET A 45 -6.57 -2.21 8.79
N ARG A 46 -7.38 -3.26 8.86
CA ARG A 46 -7.79 -3.82 10.14
C ARG A 46 -6.56 -4.31 10.90
N MET A 47 -5.63 -4.90 10.16
CA MET A 47 -4.41 -5.40 10.77
C MET A 47 -3.60 -4.25 11.38
N LEU A 48 -3.61 -3.11 10.71
CA LEU A 48 -2.86 -1.94 11.17
C LEU A 48 -3.62 -1.22 12.28
N GLY A 49 -4.80 -1.74 12.61
CA GLY A 49 -5.62 -1.15 13.65
C GLY A 49 -6.63 -0.16 13.07
N GLN A 50 -6.65 -0.07 11.75
CA GLN A 50 -7.58 0.84 11.08
C GLN A 50 -8.78 0.08 10.53
N ASN A 51 -9.95 0.71 10.59
CA ASN A 51 -11.16 0.07 10.08
C ASN A 51 -11.92 1.02 9.17
N PRO A 52 -11.32 1.43 8.09
CA PRO A 52 -11.98 2.35 7.11
C PRO A 52 -13.18 1.71 6.43
N THR A 53 -14.19 2.54 6.13
CA THR A 53 -15.40 2.05 5.49
C THR A 53 -15.17 1.78 4.01
N PRO A 54 -16.06 1.08 3.39
CA PRO A 54 -15.94 0.73 1.94
C PRO A 54 -15.68 1.97 1.09
N GLU A 55 -16.37 3.06 1.40
CA GLU A 55 -16.19 4.31 0.66
C GLU A 55 -14.75 4.78 0.79
N GLU A 56 -14.22 4.71 2.00
CA GLU A 56 -12.84 5.13 2.25
C GLU A 56 -11.88 4.16 1.57
N LEU A 57 -12.24 2.88 1.59
CA LEU A 57 -11.40 1.85 0.99
C LEU A 57 -11.21 2.11 -0.51
N GLN A 58 -12.28 2.47 -1.18
CA GLN A 58 -12.21 2.73 -2.62
C GLN A 58 -11.40 4.00 -2.87
N GLU A 59 -11.59 5.00 -2.03
CA GLU A 59 -10.86 6.26 -2.17
C GLU A 59 -9.36 6.02 -1.99
N MET A 60 -9.02 5.18 -1.01
CA MET A 60 -7.62 4.88 -0.74
C MET A 60 -6.99 4.23 -1.96
N ILE A 61 -7.74 3.34 -2.60
CA ILE A 61 -7.24 2.68 -3.81
C ILE A 61 -7.08 3.68 -4.93
N ASP A 62 -7.99 4.64 -5.01
CA ASP A 62 -7.95 5.66 -6.04
C ASP A 62 -6.64 6.44 -5.97
N GLU A 63 -6.12 6.58 -4.75
CA GLU A 63 -4.87 7.31 -4.56
C GLU A 63 -3.76 6.69 -5.39
N VAL A 64 -3.74 5.36 -5.45
CA VAL A 64 -2.73 4.65 -6.23
C VAL A 64 -3.35 4.15 -7.53
N ASP A 65 -4.61 4.48 -7.75
CA ASP A 65 -5.31 4.07 -8.95
C ASP A 65 -5.45 5.22 -9.94
N GLU A 66 -4.33 5.61 -10.54
CA GLU A 66 -4.34 6.68 -11.52
C GLU A 66 -5.21 6.33 -12.71
N ASP A 67 -5.18 5.08 -13.12
CA ASP A 67 -5.98 4.63 -14.25
C ASP A 67 -7.44 4.53 -13.87
N GLY A 68 -7.76 4.82 -12.61
CA GLY A 68 -9.14 4.78 -12.15
C GLY A 68 -9.66 3.35 -12.12
N SER A 69 -8.75 2.38 -12.07
CA SER A 69 -9.14 0.99 -12.06
C SER A 69 -10.02 0.69 -10.85
N GLY A 70 -9.78 1.40 -9.76
CA GLY A 70 -10.56 1.20 -8.55
C GLY A 70 -9.93 0.15 -7.65
N THR A 71 -8.92 -0.53 -8.17
CA THR A 71 -8.23 -1.57 -7.41
C THR A 71 -6.71 -1.38 -7.50
N VAL A 72 -6.00 -1.91 -6.53
CA VAL A 72 -4.54 -1.82 -6.49
C VAL A 72 -3.91 -3.18 -6.80
N ASP A 73 -3.43 -3.33 -8.02
CA ASP A 73 -2.79 -4.56 -8.45
C ASP A 73 -1.32 -4.57 -8.03
N PHE A 74 -0.55 -5.50 -8.59
CA PHE A 74 0.87 -5.61 -8.26
C PHE A 74 1.60 -4.30 -8.54
N ASP A 75 1.42 -3.76 -9.74
CA ASP A 75 2.07 -2.51 -10.11
C ASP A 75 1.50 -1.35 -9.31
N GLU A 76 0.20 -1.39 -9.04
CA GLU A 76 -0.45 -0.33 -8.28
C GLU A 76 0.02 -0.29 -6.84
N PHE A 77 0.12 -1.45 -6.19
CA PHE A 77 0.54 -1.50 -4.81
C PHE A 77 1.99 -1.00 -4.69
N LEU A 78 2.80 -1.31 -5.71
CA LEU A 78 4.19 -0.88 -5.73
C LEU A 78 4.29 0.64 -5.77
N VAL A 79 3.40 1.24 -6.54
CA VAL A 79 3.37 2.70 -6.67
C VAL A 79 3.10 3.34 -5.32
N MET A 80 2.15 2.77 -4.57
CA MET A 80 1.83 3.30 -3.26
C MET A 80 3.08 3.36 -2.39
N MET A 81 3.84 2.28 -2.38
CA MET A 81 5.07 2.24 -1.59
C MET A 81 6.05 3.30 -2.10
N VAL A 82 6.16 3.39 -3.41
CA VAL A 82 7.05 4.36 -4.05
C VAL A 82 6.58 5.79 -3.77
N ARG A 83 5.27 5.98 -3.82
CA ARG A 83 4.68 7.30 -3.59
C ARG A 83 5.08 7.82 -2.22
N SER A 84 4.97 6.97 -1.20
CA SER A 84 5.33 7.36 0.16
C SER A 84 6.82 7.67 0.25
N MET A 85 7.63 6.89 -0.46
CA MET A 85 9.08 7.08 -0.45
C MET A 85 9.45 8.39 -1.14
N LYS A 86 8.77 8.68 -2.25
CA LYS A 86 9.03 9.91 -3.00
C LYS A 86 10.49 10.30 -2.89
N ASP A 87 10.78 11.58 -3.09
CA ASP A 87 12.15 12.06 -2.99
C ASP A 87 12.54 12.27 -1.54
N ASP A 88 12.51 11.20 -0.76
CA ASP A 88 12.87 11.27 0.65
C ASP A 88 12.08 12.37 1.36
N SER A 89 10.78 12.42 1.07
CA SER A 89 9.92 13.43 1.68
C SER A 89 8.86 12.77 2.56
N LYS A 90 8.65 13.32 3.75
CA LYS A 90 7.66 12.79 4.68
C LYS A 90 6.49 13.75 4.83
N GLY A 91 6.78 14.96 5.30
CA GLY A 91 5.74 15.97 5.49
C GLY A 91 5.16 15.89 6.89
N LYS A 92 4.93 17.06 7.49
CA LYS A 92 4.38 17.11 8.84
C LYS A 92 3.39 18.26 8.97
N PHE A 93 3.17 18.97 7.86
CA PHE A 93 2.24 20.10 7.84
C PHE A 93 0.83 19.64 7.49
N LYS A 94 0.73 18.41 7.00
CA LYS A 94 -0.58 17.86 6.63
C LYS A 94 -1.50 17.83 7.83
N ARG A 95 -0.97 17.43 8.99
CA ARG A 95 -1.75 17.37 10.22
C ARG A 95 -3.08 16.66 9.95
N PRO A 96 -3.80 16.39 10.99
CA PRO A 96 -5.13 15.70 10.90
C PRO A 96 -6.17 16.56 10.20
N THR A 97 -6.43 16.24 8.93
CA THR A 97 -7.42 16.98 8.15
C THR A 97 -7.96 16.13 7.02
N LEU A 98 -9.20 16.39 6.62
CA LEU A 98 -9.83 15.63 5.54
C LEU A 98 -9.58 14.13 5.72
N ARG A 99 -9.32 13.73 6.95
CA ARG A 99 -9.07 12.33 7.25
C ARG A 99 -8.95 12.10 8.74
N ARG A 100 -8.13 12.93 9.41
CA ARG A 100 -7.93 12.81 10.84
C ARG A 100 -7.10 11.57 11.18
N VAL A 101 -6.94 10.70 10.19
CA VAL A 101 -6.18 9.48 10.39
C VAL A 101 -5.06 9.37 9.35
N ARG A 102 -3.84 9.17 9.82
CA ARG A 102 -2.69 9.04 8.93
C ARG A 102 -1.97 7.72 9.16
N ILE A 103 -1.78 6.96 8.08
CA ILE A 103 -1.09 5.68 8.16
C ILE A 103 0.18 5.71 7.33
N SER A 104 1.32 5.47 7.97
CA SER A 104 2.59 5.49 7.27
C SER A 104 2.74 4.22 6.43
N ALA A 105 3.23 4.38 5.21
CA ALA A 105 3.42 3.24 4.32
C ALA A 105 4.41 2.27 4.93
N ASP A 106 5.51 2.80 5.46
CA ASP A 106 6.53 1.95 6.07
C ASP A 106 5.92 1.14 7.20
N ALA A 107 5.13 1.81 8.04
CA ALA A 107 4.49 1.14 9.16
C ALA A 107 3.54 0.05 8.66
N MET A 108 2.80 0.36 7.61
CA MET A 108 1.86 -0.59 7.02
C MET A 108 2.60 -1.80 6.44
N MET A 109 3.71 -1.53 5.75
CA MET A 109 4.49 -2.61 5.13
C MET A 109 5.00 -3.57 6.20
N GLN A 110 5.45 -3.01 7.32
CA GLN A 110 5.94 -3.83 8.42
C GLN A 110 4.83 -4.71 8.96
N ALA A 111 3.62 -4.15 9.02
CA ALA A 111 2.47 -4.89 9.53
C ALA A 111 2.20 -6.10 8.65
N LEU A 112 2.32 -5.92 7.34
CA LEU A 112 2.07 -7.01 6.40
C LEU A 112 3.28 -7.94 6.32
N LEU A 113 4.47 -7.34 6.25
CA LEU A 113 5.70 -8.12 6.18
C LEU A 113 5.94 -8.88 7.48
N GLY A 114 5.63 -8.23 8.59
CA GLY A 114 5.82 -8.83 9.90
C GLY A 114 4.75 -9.89 10.16
N ALA A 115 4.95 -11.08 9.58
CA ALA A 115 4.00 -12.17 9.76
C ALA A 115 4.72 -13.51 9.70
N ARG A 116 6.05 -13.47 9.59
CA ARG A 116 6.84 -14.69 9.52
C ARG A 116 7.79 -14.78 10.71
N ALA A 117 9.08 -14.56 10.45
CA ALA A 117 10.08 -14.63 11.50
C ALA A 117 10.19 -13.29 12.22
N LYS A 118 10.71 -13.32 13.45
CA LYS A 118 10.86 -12.09 14.23
C LYS A 118 9.54 -11.33 14.31
N GLY A 119 9.63 -10.03 14.55
CA GLY A 119 8.45 -9.20 14.66
C GLY A 119 8.05 -8.98 16.12
N HIS A 120 8.65 -9.75 17.01
CA HIS A 120 8.35 -9.63 18.44
C HIS A 120 9.00 -8.38 19.01
N HIS A 121 10.22 -8.08 18.56
CA HIS A 121 10.94 -6.91 19.04
C HIS A 121 11.64 -6.20 17.89
N HIS A 122 10.95 -6.09 16.76
CA HIS A 122 11.53 -5.43 15.59
C HIS A 122 13.03 -5.68 15.51
N HIS A 123 13.82 -4.72 15.97
CA HIS A 123 15.27 -4.85 15.94
C HIS A 123 15.76 -5.09 14.52
N HIS A 124 16.00 -4.01 13.79
CA HIS A 124 16.47 -4.11 12.41
C HIS A 124 15.33 -4.51 11.49
N HIS A 125 14.14 -3.97 11.75
CA HIS A 125 12.98 -4.28 10.93
C HIS A 125 12.62 -3.09 10.03
CA CA B . -5.26 0.36 -10.95
S1 WW7 C . -3.22 5.53 3.23
O1 WW7 C . -3.82 5.75 4.63
O2 WW7 C . -4.16 6.18 2.21
N1 WW7 C . -1.76 6.26 3.15
C4 WW7 C . -2.64 1.01 2.69
C3 WW7 C . -2.33 1.65 3.89
C2 WW7 C . -2.51 3.01 4.02
C1 WW7 C . -3.02 3.77 2.97
C9 WW7 C . -3.33 3.13 1.74
C10 WW7 C . -3.13 1.74 1.59
CL1 WW7 C . -3.27 -0.60 0.04
C5 WW7 C . -3.46 1.12 0.34
C6 WW7 C . -3.96 1.89 -0.70
C7 WW7 C . -4.13 3.24 -0.53
C8 WW7 C . -3.82 3.85 0.67
C11 WW7 C . -1.21 6.19 1.79
C12 WW7 C . 0.31 6.03 1.83
C14 WW7 C . 1.35 8.31 1.76
C13 WW7 C . 0.98 7.07 0.94
C15 WW7 C . 2.81 8.21 2.22
C16 WW7 C . 2.89 8.17 3.74
N2 WW7 C . 3.90 9.11 4.24
HN1 WW7 C . -1.13 5.83 3.81
H4 WW7 C . -2.48 -0.08 2.60
H3 WW7 C . -1.94 1.07 4.72
H2 WW7 C . -2.28 3.50 4.97
H6 WW7 C . -4.21 1.43 -1.66
H7 WW7 C . -4.52 3.84 -1.36
H8 WW7 C . -3.96 4.92 0.77
H111 WW7 C . -1.45 7.10 1.24
H112 WW7 C . -1.65 5.34 1.27
H121 WW7 C . 0.58 5.02 1.50
H122 WW7 C . 0.65 6.15 2.87
H141 WW7 C . 0.71 8.37 2.64
H142 WW7 C . 1.20 9.20 1.16
H131 WW7 C . 0.30 7.35 0.14
H132 WW7 C . 1.88 6.63 0.49
H151 WW7 C . 3.36 9.06 1.84
H152 WW7 C . 3.25 7.29 1.80
H161 WW7 C . 3.14 7.16 4.06
H162 WW7 C . 1.90 8.43 4.15
HN21 WW7 C . 4.35 8.73 5.04
HN22 WW7 C . 3.46 9.98 4.48
H24 WW7 C . 4.56 9.29 3.50
N MET A 1 -1.02 6.22 -12.92
CA MET A 1 0.32 5.57 -13.02
C MET A 1 1.31 6.56 -13.62
N ASP A 2 1.96 7.35 -12.76
CA ASP A 2 2.94 8.33 -13.23
C ASP A 2 4.16 7.63 -13.81
N ASP A 3 4.80 8.28 -14.77
CA ASP A 3 5.99 7.71 -15.40
C ASP A 3 7.07 7.47 -14.36
N ILE A 4 7.19 8.41 -13.43
CA ILE A 4 8.18 8.30 -12.36
C ILE A 4 7.90 7.08 -11.49
N TYR A 5 6.63 6.89 -11.12
CA TYR A 5 6.27 5.76 -10.28
C TYR A 5 6.54 4.45 -11.00
N LYS A 6 6.21 4.42 -12.29
CA LYS A 6 6.45 3.22 -13.09
C LYS A 6 7.93 2.89 -13.12
N ALA A 7 8.73 3.92 -13.34
CA ALA A 7 10.18 3.76 -13.39
C ALA A 7 10.69 3.26 -12.04
N ALA A 8 10.11 3.79 -10.97
CA ALA A 8 10.53 3.40 -9.63
C ALA A 8 10.35 1.91 -9.42
N VAL A 9 9.23 1.38 -9.89
CA VAL A 9 8.96 -0.04 -9.76
C VAL A 9 9.99 -0.85 -10.54
N GLU A 10 10.24 -0.43 -11.78
CA GLU A 10 11.19 -1.11 -12.64
C GLU A 10 12.62 -0.94 -12.13
N GLN A 11 12.87 0.20 -11.50
CA GLN A 11 14.20 0.50 -10.97
C GLN A 11 14.56 -0.46 -9.85
N LEU A 12 13.57 -0.80 -9.03
CA LEU A 12 13.80 -1.70 -7.89
C LEU A 12 14.41 -3.00 -8.39
N THR A 13 15.37 -3.53 -7.65
CA THR A 13 16.03 -4.78 -8.01
C THR A 13 15.10 -5.96 -7.72
N GLU A 14 15.60 -7.16 -7.99
CA GLU A 14 14.82 -8.36 -7.76
C GLU A 14 14.42 -8.46 -6.29
N GLU A 15 15.38 -8.20 -5.39
CA GLU A 15 15.11 -8.27 -3.96
C GLU A 15 14.04 -7.25 -3.56
N GLN A 16 14.18 -6.01 -4.04
CA GLN A 16 13.22 -4.96 -3.70
C GLN A 16 11.84 -5.31 -4.27
N LYS A 17 11.82 -5.75 -5.52
CA LYS A 17 10.57 -6.11 -6.16
C LYS A 17 9.94 -7.29 -5.42
N ASN A 18 10.77 -8.26 -5.03
CA ASN A 18 10.29 -9.42 -4.30
C ASN A 18 9.67 -9.01 -2.97
N GLU A 19 10.33 -8.10 -2.26
CA GLU A 19 9.83 -7.62 -0.97
C GLU A 19 8.47 -6.98 -1.13
N PHE A 20 8.35 -6.10 -2.12
CA PHE A 20 7.08 -5.42 -2.37
C PHE A 20 6.04 -6.42 -2.83
N LYS A 21 6.45 -7.33 -3.70
CA LYS A 21 5.53 -8.33 -4.21
C LYS A 21 4.99 -9.20 -3.09
N ALA A 22 5.84 -9.49 -2.10
CA ALA A 22 5.42 -10.30 -0.97
C ALA A 22 4.25 -9.64 -0.25
N ALA A 23 4.36 -8.34 -0.02
CA ALA A 23 3.29 -7.60 0.63
C ALA A 23 2.03 -7.63 -0.23
N PHE A 24 2.21 -7.50 -1.54
CA PHE A 24 1.10 -7.52 -2.49
C PHE A 24 0.30 -8.82 -2.35
N ASP A 25 1.02 -9.93 -2.31
CA ASP A 25 0.36 -11.23 -2.19
C ASP A 25 -0.50 -11.28 -0.94
N ILE A 26 0.08 -10.86 0.19
CA ILE A 26 -0.66 -10.85 1.45
C ILE A 26 -1.79 -9.84 1.41
N PHE A 27 -1.50 -8.66 0.85
CA PHE A 27 -2.49 -7.60 0.76
C PHE A 27 -3.71 -8.07 -0.03
N VAL A 28 -3.46 -8.87 -1.06
CA VAL A 28 -4.53 -9.38 -1.91
C VAL A 28 -4.94 -10.78 -1.46
N LEU A 29 -4.76 -11.07 -0.17
CA LEU A 29 -5.12 -12.37 0.35
C LEU A 29 -6.61 -12.62 0.19
N GLY A 30 -6.95 -13.67 -0.55
CA GLY A 30 -8.35 -14.01 -0.78
C GLY A 30 -8.91 -13.27 -1.98
N ALA A 31 -8.09 -12.41 -2.58
CA ALA A 31 -8.53 -11.64 -3.74
C ALA A 31 -8.67 -12.55 -4.97
N GLU A 32 -9.74 -12.35 -5.72
CA GLU A 32 -9.99 -13.15 -6.92
C GLU A 32 -9.10 -12.69 -8.08
N ASP A 33 -8.91 -11.38 -8.17
CA ASP A 33 -8.07 -10.82 -9.23
C ASP A 33 -6.63 -10.63 -8.74
N GLY A 34 -6.41 -10.85 -7.46
CA GLY A 34 -5.09 -10.70 -6.88
C GLY A 34 -4.78 -9.24 -6.58
N SER A 35 -5.73 -8.37 -6.88
CA SER A 35 -5.55 -6.94 -6.64
C SER A 35 -6.15 -6.55 -5.29
N ILE A 36 -5.57 -5.55 -4.64
CA ILE A 36 -6.06 -5.12 -3.34
C ILE A 36 -7.34 -4.30 -3.50
N SER A 37 -8.46 -4.88 -3.10
CA SER A 37 -9.75 -4.21 -3.18
C SER A 37 -10.16 -3.68 -1.81
N THR A 38 -11.32 -3.04 -1.76
CA THR A 38 -11.80 -2.50 -0.50
C THR A 38 -11.89 -3.61 0.55
N LYS A 39 -12.31 -4.80 0.13
CA LYS A 39 -12.41 -5.91 1.06
C LYS A 39 -11.04 -6.27 1.63
N GLU A 40 -10.06 -6.40 0.75
CA GLU A 40 -8.70 -6.71 1.17
C GLU A 40 -8.10 -5.54 1.93
N LEU A 41 -8.40 -4.33 1.47
CA LEU A 41 -7.91 -3.12 2.10
C LEU A 41 -8.42 -3.03 3.52
N GLY A 42 -9.69 -3.31 3.69
CA GLY A 42 -10.29 -3.26 5.01
C GLY A 42 -9.60 -4.24 5.96
N LYS A 43 -9.29 -5.43 5.44
CA LYS A 43 -8.62 -6.43 6.27
C LYS A 43 -7.29 -5.89 6.81
N VAL A 44 -6.49 -5.32 5.93
CA VAL A 44 -5.20 -4.75 6.33
C VAL A 44 -5.41 -3.55 7.23
N MET A 45 -6.38 -2.72 6.90
CA MET A 45 -6.66 -1.52 7.68
C MET A 45 -7.02 -1.90 9.12
N ARG A 46 -7.85 -2.92 9.28
CA ARG A 46 -8.25 -3.36 10.60
C ARG A 46 -7.03 -3.87 11.35
N MET A 47 -6.11 -4.47 10.60
CA MET A 47 -4.88 -4.99 11.18
C MET A 47 -4.07 -3.86 11.83
N LEU A 48 -4.05 -2.71 11.17
CA LEU A 48 -3.30 -1.55 11.67
C LEU A 48 -4.11 -0.80 12.72
N GLY A 49 -5.32 -1.29 12.99
CA GLY A 49 -6.20 -0.66 13.95
C GLY A 49 -7.16 0.31 13.26
N GLN A 50 -7.14 0.32 11.93
CA GLN A 50 -8.01 1.21 11.16
C GLN A 50 -9.29 0.48 10.76
N ASN A 51 -10.40 1.21 10.68
CA ASN A 51 -11.66 0.59 10.30
C ASN A 51 -12.36 1.42 9.23
N PRO A 52 -11.72 1.61 8.11
CA PRO A 52 -12.30 2.39 6.97
C PRO A 52 -13.51 1.71 6.35
N THR A 53 -14.46 2.51 5.87
CA THR A 53 -15.66 1.98 5.23
C THR A 53 -15.39 1.62 3.77
N PRO A 54 -16.26 0.85 3.19
CA PRO A 54 -16.10 0.42 1.77
C PRO A 54 -15.91 1.61 0.82
N GLU A 55 -16.71 2.65 1.04
CA GLU A 55 -16.61 3.85 0.22
C GLU A 55 -15.25 4.50 0.39
N GLU A 56 -14.80 4.60 1.63
CA GLU A 56 -13.51 5.18 1.92
C GLU A 56 -12.39 4.28 1.40
N LEU A 57 -12.61 2.97 1.50
CA LEU A 57 -11.62 1.99 1.06
C LEU A 57 -11.34 2.16 -0.43
N GLN A 58 -12.39 2.37 -1.22
CA GLN A 58 -12.20 2.53 -2.66
C GLN A 58 -11.49 3.85 -2.94
N GLU A 59 -11.79 4.87 -2.15
CA GLU A 59 -11.17 6.17 -2.34
C GLU A 59 -9.66 6.05 -2.14
N MET A 60 -9.26 5.33 -1.09
CA MET A 60 -7.85 5.14 -0.82
C MET A 60 -7.18 4.38 -1.96
N ILE A 61 -7.86 3.36 -2.44
CA ILE A 61 -7.35 2.58 -3.57
C ILE A 61 -7.25 3.45 -4.80
N ASP A 62 -8.23 4.33 -4.99
CA ASP A 62 -8.25 5.22 -6.14
C ASP A 62 -6.98 6.06 -6.18
N GLU A 63 -6.44 6.36 -5.01
CA GLU A 63 -5.23 7.17 -4.93
C GLU A 63 -4.09 6.52 -5.71
N VAL A 64 -3.97 5.20 -5.59
CA VAL A 64 -2.93 4.48 -6.30
C VAL A 64 -3.46 3.96 -7.63
N ASP A 65 -4.78 3.83 -7.70
CA ASP A 65 -5.45 3.35 -8.91
C ASP A 65 -5.82 4.50 -9.83
N GLU A 66 -5.12 4.61 -10.94
CA GLU A 66 -5.39 5.67 -11.91
C GLU A 66 -6.41 5.21 -12.95
N ASP A 67 -6.44 3.90 -13.20
CA ASP A 67 -7.37 3.35 -14.17
C ASP A 67 -8.77 3.22 -13.58
N GLY A 68 -8.91 3.57 -12.31
CA GLY A 68 -10.20 3.52 -11.63
C GLY A 68 -10.67 2.08 -11.46
N SER A 69 -9.74 1.13 -11.52
CA SER A 69 -10.09 -0.28 -11.38
C SER A 69 -10.69 -0.55 -10.00
N GLY A 70 -10.39 0.33 -9.06
CA GLY A 70 -10.90 0.18 -7.69
C GLY A 70 -10.05 -0.79 -6.90
N THR A 71 -9.00 -1.32 -7.53
CA THR A 71 -8.11 -2.26 -6.86
C THR A 71 -6.66 -1.93 -7.15
N VAL A 72 -5.75 -2.42 -6.31
CA VAL A 72 -4.34 -2.17 -6.50
C VAL A 72 -3.62 -3.45 -6.94
N ASP A 73 -3.10 -3.44 -8.16
CA ASP A 73 -2.39 -4.61 -8.69
C ASP A 73 -0.94 -4.61 -8.22
N PHE A 74 -0.15 -5.52 -8.78
CA PHE A 74 1.26 -5.62 -8.41
C PHE A 74 1.98 -4.30 -8.67
N ASP A 75 1.80 -3.75 -9.85
CA ASP A 75 2.43 -2.48 -10.17
C ASP A 75 1.80 -1.35 -9.37
N GLU A 76 0.49 -1.44 -9.15
CA GLU A 76 -0.20 -0.38 -8.41
C GLU A 76 0.21 -0.37 -6.94
N PHE A 77 0.34 -1.54 -6.31
CA PHE A 77 0.70 -1.59 -4.91
C PHE A 77 2.14 -1.09 -4.74
N LEU A 78 2.98 -1.40 -5.73
CA LEU A 78 4.38 -0.98 -5.70
C LEU A 78 4.46 0.54 -5.72
N VAL A 79 3.61 1.15 -6.53
CA VAL A 79 3.58 2.60 -6.62
C VAL A 79 3.20 3.21 -5.29
N MET A 80 2.20 2.64 -4.62
CA MET A 80 1.77 3.16 -3.34
C MET A 80 2.96 3.32 -2.40
N MET A 81 3.78 2.27 -2.31
CA MET A 81 4.95 2.33 -1.43
C MET A 81 5.96 3.35 -1.96
N VAL A 82 6.14 3.34 -3.27
CA VAL A 82 7.06 4.28 -3.91
C VAL A 82 6.59 5.72 -3.70
N ARG A 83 5.29 5.93 -3.81
CA ARG A 83 4.71 7.25 -3.63
C ARG A 83 5.01 7.77 -2.23
N SER A 84 4.85 6.90 -1.23
CA SER A 84 5.10 7.29 0.15
C SER A 84 6.55 7.71 0.33
N MET A 85 7.47 6.96 -0.26
CA MET A 85 8.88 7.28 -0.16
C MET A 85 9.17 8.67 -0.74
N LYS A 86 8.62 8.93 -1.93
CA LYS A 86 8.82 10.22 -2.57
C LYS A 86 8.09 11.32 -1.81
N ASP A 87 6.83 11.07 -1.48
CA ASP A 87 6.03 12.05 -0.75
C ASP A 87 6.41 13.47 -1.16
N ASP A 88 6.66 13.65 -2.45
CA ASP A 88 7.04 14.97 -2.96
C ASP A 88 8.26 15.50 -2.22
N SER A 89 8.18 16.74 -1.77
CA SER A 89 9.29 17.36 -1.05
C SER A 89 8.78 18.49 -0.14
N LYS A 90 9.60 19.51 0.03
CA LYS A 90 9.21 20.65 0.87
C LYS A 90 8.92 20.19 2.28
N GLY A 91 9.79 19.35 2.84
CA GLY A 91 9.61 18.85 4.19
C GLY A 91 8.31 18.08 4.30
N LYS A 92 7.53 18.37 5.35
CA LYS A 92 6.25 17.71 5.55
C LYS A 92 5.12 18.51 4.92
N PHE A 93 4.63 19.50 5.66
CA PHE A 93 3.55 20.34 5.17
C PHE A 93 2.85 21.06 6.32
N LYS A 94 2.00 22.03 5.99
CA LYS A 94 1.26 22.78 6.99
C LYS A 94 0.12 21.93 7.57
N ARG A 95 -0.51 22.43 8.63
CA ARG A 95 -1.61 21.70 9.26
C ARG A 95 -1.08 20.51 10.04
N PRO A 96 -1.90 19.93 10.87
CA PRO A 96 -1.52 18.76 11.71
C PRO A 96 -1.57 17.44 10.96
N THR A 97 -0.55 16.63 11.14
CA THR A 97 -0.50 15.33 10.48
C THR A 97 -1.47 14.35 11.13
N LEU A 98 -1.93 14.69 12.33
CA LEU A 98 -2.87 13.85 13.06
C LEU A 98 -4.31 14.21 12.70
N ARG A 99 -4.48 15.11 11.74
CA ARG A 99 -5.81 15.51 11.30
C ARG A 99 -6.61 14.31 10.82
N ARG A 100 -6.00 13.49 9.97
CA ARG A 100 -6.68 12.31 9.46
C ARG A 100 -5.99 11.04 9.96
N VAL A 101 -4.70 10.92 9.65
CA VAL A 101 -3.89 9.77 10.06
C VAL A 101 -2.92 9.37 8.95
N ARG A 102 -3.33 9.59 7.71
CA ARG A 102 -2.49 9.25 6.56
C ARG A 102 -1.61 8.06 6.88
N ILE A 103 -2.19 6.85 6.84
CA ILE A 103 -1.42 5.64 7.13
C ILE A 103 -0.03 5.73 6.53
N SER A 104 0.98 5.51 7.36
CA SER A 104 2.36 5.55 6.88
C SER A 104 2.71 4.26 6.17
N ALA A 105 3.38 4.38 5.04
CA ALA A 105 3.77 3.21 4.26
C ALA A 105 4.71 2.33 5.09
N ASP A 106 5.62 2.95 5.84
CA ASP A 106 6.55 2.20 6.67
C ASP A 106 5.78 1.37 7.70
N ALA A 107 4.76 1.99 8.28
CA ALA A 107 3.94 1.31 9.26
C ALA A 107 3.24 0.11 8.61
N MET A 108 2.83 0.31 7.37
CA MET A 108 2.16 -0.74 6.61
C MET A 108 3.09 -1.94 6.44
N MET A 109 4.36 -1.65 6.20
CA MET A 109 5.34 -2.71 5.97
C MET A 109 5.40 -3.60 7.20
N GLN A 110 5.41 -3.00 8.38
CA GLN A 110 5.45 -3.77 9.61
C GLN A 110 4.16 -4.56 9.80
N ALA A 111 3.04 -3.93 9.47
CA ALA A 111 1.74 -4.59 9.59
C ALA A 111 1.64 -5.78 8.64
N LEU A 112 2.15 -5.60 7.43
CA LEU A 112 2.10 -6.66 6.43
C LEU A 112 3.22 -7.67 6.65
N LEU A 113 4.43 -7.17 6.85
CA LEU A 113 5.59 -8.03 7.06
C LEU A 113 5.68 -8.46 8.53
N GLY A 114 5.37 -7.53 9.43
CA GLY A 114 5.42 -7.82 10.86
C GLY A 114 4.15 -8.53 11.32
N ALA A 115 4.09 -9.84 11.06
CA ALA A 115 2.92 -10.62 11.46
C ALA A 115 3.16 -12.10 11.17
N ARG A 116 4.42 -12.48 11.00
CA ARG A 116 4.76 -13.87 10.72
C ARG A 116 4.09 -14.34 9.44
N ALA A 117 4.85 -14.36 8.34
CA ALA A 117 4.33 -14.79 7.06
C ALA A 117 3.93 -16.27 7.12
N LYS A 118 2.91 -16.63 6.35
CA LYS A 118 2.43 -18.01 6.33
C LYS A 118 1.93 -18.41 7.70
N GLY A 119 0.67 -18.14 7.98
CA GLY A 119 0.08 -18.48 9.27
C GLY A 119 0.08 -19.98 9.49
N HIS A 120 0.19 -20.39 10.75
CA HIS A 120 0.21 -21.81 11.09
C HIS A 120 -1.07 -22.18 11.84
N HIS A 121 -1.61 -23.36 11.51
CA HIS A 121 -2.83 -23.82 12.16
C HIS A 121 -2.49 -24.64 13.40
N HIS A 122 -1.41 -25.41 13.33
CA HIS A 122 -0.99 -26.24 14.45
C HIS A 122 -0.63 -25.38 15.66
N HIS A 123 0.19 -24.36 15.44
CA HIS A 123 0.61 -23.48 16.53
C HIS A 123 0.65 -22.03 16.06
N HIS A 124 0.73 -21.10 17.01
CA HIS A 124 0.78 -19.68 16.69
C HIS A 124 2.01 -19.04 17.29
N HIS A 125 2.61 -18.11 16.56
CA HIS A 125 3.81 -17.41 17.04
C HIS A 125 4.08 -16.17 16.20
CA CA B . -6.03 0.32 -10.01
S1 WW7 C . -2.62 4.99 2.72
O1 WW7 C . -1.51 5.40 3.67
O2 WW7 C . -3.96 5.08 3.46
N1 WW7 C . -2.66 6.01 1.44
C4 WW7 C . -1.90 0.70 1.33
C3 WW7 C . -1.21 1.23 2.42
C2 WW7 C . -1.45 2.54 2.83
C1 WW7 C . -2.36 3.33 2.16
C9 WW7 C . -3.08 2.81 1.06
C10 WW7 C . -2.85 1.49 0.63
CL1 WW7 C . -3.38 -0.63 -1.12
C5 WW7 C . -3.58 0.99 -0.50
C6 WW7 C . -4.50 1.82 -1.15
C7 WW7 C . -4.71 3.11 -0.70
C8 WW7 C . -4.00 3.60 0.38
C11 WW7 C . -1.36 6.05 0.74
C12 WW7 C . -0.40 7.02 1.42
C14 WW7 C . 1.83 8.05 1.11
C13 WW7 C . 1.02 6.79 0.91
C15 WW7 C . 2.67 7.93 2.38
C16 WW7 C . 2.80 9.30 3.05
N2 WW7 C . 1.92 9.38 4.23
HN1 WW7 C . -2.92 6.93 1.74
H4 WW7 C . -1.70 -0.33 1.01
H3 WW7 C . -0.48 0.64 2.97
H2 WW7 C . -0.92 2.95 3.68
H6 WW7 C . -5.07 1.45 -2.01
H7 WW7 C . -5.43 3.74 -1.22
H8 WW7 C . -4.17 4.61 0.71
H111 WW7 C . -1.51 6.35 -0.30
H112 WW7 C . -0.92 5.05 0.75
H121 WW7 C . -0.44 6.88 2.49
H122 WW7 C . -0.71 8.04 1.19
H141 WW7 C . 1.17 8.91 1.20
H142 WW7 C . 2.48 8.20 0.24
H131 WW7 C . 0.99 6.53 -0.15
H132 WW7 C . 1.47 5.96 1.47
H151 WW7 C . 3.67 7.55 2.13
H152 WW7 C . 2.19 7.22 3.06
H161 WW7 C . 2.53 10.08 2.34
H162 WW7 C . 3.84 9.44 3.36
HN21 WW7 C . 2.16 8.66 4.89
HN22 WW7 C . 0.97 9.28 3.95
H24 WW7 C . 2.04 10.29 4.67
N MET A 1 -0.85 7.33 -12.71
CA MET A 1 0.42 6.54 -12.72
C MET A 1 1.49 7.33 -13.46
N ASP A 2 2.24 8.13 -12.71
CA ASP A 2 3.31 8.95 -13.30
C ASP A 2 4.42 8.05 -13.84
N ASP A 3 5.10 8.53 -14.88
CA ASP A 3 6.18 7.77 -15.48
C ASP A 3 7.28 7.51 -14.44
N ILE A 4 7.48 8.49 -13.58
CA ILE A 4 8.48 8.36 -12.53
C ILE A 4 8.15 7.18 -11.60
N TYR A 5 6.87 7.02 -11.28
CA TYR A 5 6.45 5.94 -10.41
C TYR A 5 6.78 4.60 -11.04
N LYS A 6 6.54 4.49 -12.35
CA LYS A 6 6.83 3.25 -13.06
C LYS A 6 8.32 2.96 -13.01
N ALA A 7 9.12 4.02 -13.15
CA ALA A 7 10.57 3.89 -13.11
C ALA A 7 11.01 3.41 -11.74
N ALA A 8 10.34 3.90 -10.70
CA ALA A 8 10.68 3.53 -9.33
C ALA A 8 10.55 2.02 -9.15
N VAL A 9 9.48 1.46 -9.68
CA VAL A 9 9.25 0.03 -9.55
C VAL A 9 10.36 -0.74 -10.26
N GLU A 10 10.72 -0.29 -11.46
CA GLU A 10 11.77 -0.94 -12.23
C GLU A 10 13.13 -0.74 -11.57
N GLN A 11 13.27 0.40 -10.87
CA GLN A 11 14.52 0.71 -10.19
C GLN A 11 14.75 -0.25 -9.02
N LEU A 12 13.66 -0.73 -8.43
CA LEU A 12 13.78 -1.66 -7.31
C LEU A 12 14.54 -2.91 -7.72
N THR A 13 15.32 -3.45 -6.79
CA THR A 13 16.11 -4.65 -7.06
C THR A 13 15.25 -5.90 -6.88
N GLU A 14 15.85 -7.06 -7.08
CA GLU A 14 15.13 -8.32 -6.94
C GLU A 14 14.54 -8.44 -5.55
N GLU A 15 15.33 -8.16 -4.53
CA GLU A 15 14.85 -8.25 -3.15
C GLU A 15 13.78 -7.18 -2.88
N GLN A 16 14.02 -5.97 -3.38
CA GLN A 16 13.07 -4.87 -3.18
C GLN A 16 11.74 -5.18 -3.85
N LYS A 17 11.81 -5.66 -5.09
CA LYS A 17 10.61 -6.00 -5.83
C LYS A 17 9.85 -7.11 -5.12
N ASN A 18 10.61 -8.09 -4.61
CA ASN A 18 10.01 -9.21 -3.90
C ASN A 18 9.28 -8.72 -2.65
N GLU A 19 9.90 -7.76 -1.95
CA GLU A 19 9.31 -7.23 -0.73
C GLU A 19 7.94 -6.61 -1.03
N PHE A 20 7.89 -5.78 -2.06
CA PHE A 20 6.63 -5.16 -2.45
C PHE A 20 5.67 -6.21 -2.96
N LYS A 21 6.19 -7.16 -3.72
CA LYS A 21 5.35 -8.22 -4.26
C LYS A 21 4.69 -9.01 -3.15
N ALA A 22 5.44 -9.28 -2.08
CA ALA A 22 4.91 -10.03 -0.97
C ALA A 22 3.71 -9.30 -0.38
N ALA A 23 3.83 -7.98 -0.27
CA ALA A 23 2.73 -7.17 0.26
C ALA A 23 1.50 -7.31 -0.62
N PHE A 24 1.72 -7.33 -1.93
CA PHE A 24 0.62 -7.48 -2.88
C PHE A 24 -0.15 -8.76 -2.62
N ASP A 25 0.59 -9.86 -2.49
CA ASP A 25 -0.05 -11.16 -2.24
C ASP A 25 -0.82 -11.12 -0.93
N ILE A 26 -0.18 -10.62 0.12
CA ILE A 26 -0.83 -10.53 1.42
C ILE A 26 -2.01 -9.58 1.35
N PHE A 27 -1.83 -8.46 0.68
CA PHE A 27 -2.89 -7.48 0.54
C PHE A 27 -4.11 -8.10 -0.13
N VAL A 28 -3.87 -8.88 -1.18
CA VAL A 28 -4.97 -9.53 -1.90
C VAL A 28 -5.16 -10.96 -1.40
N LEU A 29 -4.84 -11.20 -0.13
CA LEU A 29 -5.00 -12.52 0.44
C LEU A 29 -6.45 -12.98 0.38
N GLY A 30 -6.72 -13.94 -0.50
CA GLY A 30 -8.08 -14.45 -0.66
C GLY A 30 -8.78 -13.77 -1.83
N ALA A 31 -8.11 -12.81 -2.44
CA ALA A 31 -8.69 -12.09 -3.57
C ALA A 31 -8.77 -13.00 -4.79
N GLU A 32 -9.97 -13.19 -5.30
CA GLU A 32 -10.17 -14.04 -6.47
C GLU A 32 -9.46 -13.45 -7.69
N ASP A 33 -9.54 -12.14 -7.84
CA ASP A 33 -8.90 -11.47 -8.98
C ASP A 33 -7.42 -11.23 -8.69
N GLY A 34 -7.04 -11.39 -7.42
CA GLY A 34 -5.66 -11.20 -7.02
C GLY A 34 -5.36 -9.71 -6.82
N SER A 35 -6.36 -8.86 -7.06
CA SER A 35 -6.19 -7.43 -6.90
C SER A 35 -6.53 -7.01 -5.47
N ILE A 36 -6.14 -5.80 -5.09
CA ILE A 36 -6.43 -5.30 -3.76
C ILE A 36 -7.63 -4.36 -3.80
N SER A 37 -8.75 -4.82 -3.25
CA SER A 37 -9.97 -4.02 -3.23
C SER A 37 -10.23 -3.50 -1.82
N THR A 38 -11.41 -2.94 -1.61
CA THR A 38 -11.75 -2.42 -0.30
C THR A 38 -11.84 -3.54 0.72
N LYS A 39 -12.39 -4.67 0.31
CA LYS A 39 -12.51 -5.80 1.22
C LYS A 39 -11.13 -6.25 1.69
N GLU A 40 -10.22 -6.42 0.73
CA GLU A 40 -8.85 -6.81 1.05
C GLU A 40 -8.12 -5.67 1.74
N LEU A 41 -8.36 -4.46 1.25
CA LEU A 41 -7.72 -3.27 1.81
C LEU A 41 -8.14 -3.08 3.26
N GLY A 42 -9.44 -3.23 3.50
CA GLY A 42 -9.97 -3.07 4.85
C GLY A 42 -9.34 -4.08 5.81
N LYS A 43 -9.14 -5.30 5.33
CA LYS A 43 -8.52 -6.34 6.15
C LYS A 43 -7.13 -5.91 6.63
N VAL A 44 -6.31 -5.44 5.69
CA VAL A 44 -4.97 -5.00 6.03
C VAL A 44 -5.02 -3.80 6.96
N MET A 45 -5.92 -2.88 6.69
CA MET A 45 -6.06 -1.69 7.51
C MET A 45 -6.40 -2.07 8.95
N ARG A 46 -7.24 -3.10 9.10
CA ARG A 46 -7.63 -3.56 10.42
C ARG A 46 -6.42 -4.07 11.17
N MET A 47 -5.53 -4.74 10.45
CA MET A 47 -4.32 -5.28 11.06
C MET A 47 -3.47 -4.15 11.64
N LEU A 48 -3.41 -3.03 10.92
CA LEU A 48 -2.62 -1.88 11.36
C LEU A 48 -3.35 -1.13 12.47
N GLY A 49 -4.59 -1.56 12.76
CA GLY A 49 -5.39 -0.93 13.79
C GLY A 49 -6.35 0.09 13.18
N GLN A 50 -6.41 0.13 11.85
CA GLN A 50 -7.29 1.08 11.17
C GLN A 50 -8.63 0.41 10.85
N ASN A 51 -9.70 1.20 10.85
CA ASN A 51 -11.01 0.67 10.55
C ASN A 51 -11.69 1.48 9.46
N PRO A 52 -11.07 1.53 8.30
CA PRO A 52 -11.63 2.26 7.12
C PRO A 52 -12.90 1.61 6.57
N THR A 53 -13.78 2.44 6.03
CA THR A 53 -15.04 1.94 5.47
C THR A 53 -14.87 1.62 3.99
N PRO A 54 -15.79 0.89 3.44
CA PRO A 54 -15.74 0.50 2.00
C PRO A 54 -15.57 1.71 1.08
N GLU A 55 -16.37 2.74 1.34
CA GLU A 55 -16.27 3.94 0.52
C GLU A 55 -14.89 4.55 0.62
N GLU A 56 -14.39 4.64 1.86
CA GLU A 56 -13.07 5.19 2.11
C GLU A 56 -12.00 4.30 1.48
N LEU A 57 -12.22 2.99 1.58
CA LEU A 57 -11.28 2.03 1.03
C LEU A 57 -11.13 2.21 -0.48
N GLN A 58 -12.25 2.43 -1.15
CA GLN A 58 -12.23 2.63 -2.60
C GLN A 58 -11.42 3.87 -2.95
N GLU A 59 -11.60 4.93 -2.16
CA GLU A 59 -10.87 6.17 -2.40
C GLU A 59 -9.37 5.93 -2.28
N MET A 60 -8.97 5.13 -1.29
CA MET A 60 -7.57 4.83 -1.08
C MET A 60 -6.99 4.12 -2.30
N ILE A 61 -7.78 3.20 -2.86
CA ILE A 61 -7.35 2.47 -4.04
C ILE A 61 -7.34 3.39 -5.25
N ASP A 62 -8.29 4.33 -5.28
CA ASP A 62 -8.40 5.28 -6.38
C ASP A 62 -7.16 6.16 -6.45
N GLU A 63 -6.53 6.37 -5.30
CA GLU A 63 -5.34 7.22 -5.25
C GLU A 63 -4.24 6.68 -6.14
N VAL A 64 -4.05 5.36 -6.11
CA VAL A 64 -3.03 4.74 -6.95
C VAL A 64 -3.69 4.04 -8.14
N ASP A 65 -5.01 3.95 -8.11
CA ASP A 65 -5.76 3.32 -9.19
C ASP A 65 -6.25 4.37 -10.18
N GLU A 66 -5.38 4.74 -11.12
CA GLU A 66 -5.73 5.73 -12.13
C GLU A 66 -6.46 5.07 -13.30
N ASP A 67 -6.30 3.76 -13.44
CA ASP A 67 -6.94 3.03 -14.53
C ASP A 67 -8.44 2.87 -14.27
N GLY A 68 -8.89 3.34 -13.11
CA GLY A 68 -10.29 3.26 -12.77
C GLY A 68 -10.72 1.81 -12.53
N SER A 69 -9.74 0.94 -12.33
CA SER A 69 -10.02 -0.47 -12.11
C SER A 69 -10.72 -0.67 -10.78
N GLY A 70 -10.54 0.27 -9.87
CA GLY A 70 -11.15 0.20 -8.56
C GLY A 70 -10.35 -0.70 -7.63
N THR A 71 -9.32 -1.33 -8.18
CA THR A 71 -8.46 -2.23 -7.41
C THR A 71 -6.99 -1.93 -7.68
N VAL A 72 -6.15 -2.18 -6.67
CA VAL A 72 -4.72 -1.95 -6.81
C VAL A 72 -4.04 -3.23 -7.27
N ASP A 73 -3.43 -3.17 -8.45
CA ASP A 73 -2.73 -4.32 -9.01
C ASP A 73 -1.28 -4.35 -8.52
N PHE A 74 -0.48 -5.24 -9.10
CA PHE A 74 0.92 -5.36 -8.70
C PHE A 74 1.64 -4.03 -8.92
N ASP A 75 1.50 -3.46 -10.10
CA ASP A 75 2.14 -2.19 -10.42
C ASP A 75 1.49 -1.05 -9.64
N GLU A 76 0.19 -1.19 -9.35
CA GLU A 76 -0.53 -0.17 -8.61
C GLU A 76 -0.12 -0.14 -7.14
N PHE A 77 0.00 -1.30 -6.52
CA PHE A 77 0.39 -1.36 -5.12
C PHE A 77 1.84 -0.91 -4.95
N LEU A 78 2.67 -1.21 -5.95
CA LEU A 78 4.07 -0.81 -5.92
C LEU A 78 4.22 0.70 -5.92
N VAL A 79 3.40 1.34 -6.75
CA VAL A 79 3.44 2.80 -6.85
C VAL A 79 3.06 3.43 -5.52
N MET A 80 2.00 2.93 -4.89
CA MET A 80 1.58 3.46 -3.60
C MET A 80 2.73 3.45 -2.61
N MET A 81 3.44 2.32 -2.53
CA MET A 81 4.57 2.21 -1.63
C MET A 81 5.64 3.23 -2.02
N VAL A 82 5.88 3.33 -3.31
CA VAL A 82 6.85 4.27 -3.83
C VAL A 82 6.38 5.71 -3.61
N ARG A 83 5.06 5.91 -3.74
CA ARG A 83 4.49 7.24 -3.58
C ARG A 83 4.81 7.78 -2.18
N SER A 84 4.64 6.94 -1.17
CA SER A 84 4.94 7.34 0.20
C SER A 84 6.44 7.60 0.37
N MET A 85 7.25 6.74 -0.22
CA MET A 85 8.70 6.90 -0.12
C MET A 85 9.14 8.27 -0.61
N LYS A 86 8.61 8.66 -1.77
CA LYS A 86 8.95 9.96 -2.35
C LYS A 86 8.28 11.08 -1.54
N ASP A 87 7.05 10.84 -1.11
CA ASP A 87 6.31 11.84 -0.34
C ASP A 87 6.02 13.07 -1.20
N ASP A 88 5.26 14.00 -0.65
CA ASP A 88 4.90 15.21 -1.37
C ASP A 88 4.31 14.87 -2.74
N SER A 89 5.19 14.54 -3.69
CA SER A 89 4.74 14.18 -5.03
C SER A 89 3.61 15.09 -5.49
N LYS A 90 3.98 16.29 -5.92
CA LYS A 90 3.00 17.25 -6.40
C LYS A 90 2.31 16.74 -7.67
N GLY A 91 1.01 17.01 -7.78
CA GLY A 91 0.25 16.56 -8.93
C GLY A 91 -1.16 17.15 -8.92
N LYS A 92 -2.14 16.35 -9.36
CA LYS A 92 -3.51 16.81 -9.40
C LYS A 92 -4.03 17.08 -7.99
N PHE A 93 -4.94 18.05 -7.86
CA PHE A 93 -5.49 18.39 -6.56
C PHE A 93 -6.18 17.18 -5.92
N LYS A 94 -6.11 17.11 -4.60
CA LYS A 94 -6.72 16.01 -3.87
C LYS A 94 -7.87 16.51 -3.01
N ARG A 95 -7.70 17.69 -2.42
CA ARG A 95 -8.73 18.27 -1.57
C ARG A 95 -8.80 17.54 -0.24
N PRO A 96 -9.58 18.05 0.68
CA PRO A 96 -9.75 17.46 2.03
C PRO A 96 -10.20 16.01 1.97
N THR A 97 -10.33 15.38 3.13
CA THR A 97 -10.76 13.98 3.19
C THR A 97 -9.55 13.05 3.09
N LEU A 98 -8.41 13.62 2.70
CA LEU A 98 -7.20 12.83 2.55
C LEU A 98 -6.46 12.71 3.87
N ARG A 99 -6.57 13.76 4.70
CA ARG A 99 -5.91 13.77 5.99
C ARG A 99 -6.17 12.47 6.74
N ARG A 100 -7.26 11.80 6.39
CA ARG A 100 -7.62 10.55 7.04
C ARG A 100 -6.39 9.86 7.59
N VAL A 101 -6.22 9.96 8.91
CA VAL A 101 -5.07 9.35 9.58
C VAL A 101 -4.09 8.76 8.56
N ARG A 102 -3.47 9.64 7.80
CA ARG A 102 -2.51 9.21 6.78
C ARG A 102 -1.54 8.18 7.36
N ILE A 103 -1.82 6.90 7.11
CA ILE A 103 -0.97 5.84 7.60
C ILE A 103 0.43 5.94 7.00
N SER A 104 1.37 5.19 7.56
CA SER A 104 2.73 5.20 7.04
C SER A 104 3.00 3.94 6.23
N ALA A 105 3.56 4.13 5.05
CA ALA A 105 3.87 3.01 4.17
C ALA A 105 4.88 2.07 4.84
N ASP A 106 5.84 2.66 5.55
CA ASP A 106 6.86 1.86 6.23
C ASP A 106 6.20 0.93 7.24
N ALA A 107 5.21 1.46 7.95
CA ALA A 107 4.47 0.67 8.93
C ALA A 107 3.76 -0.48 8.24
N MET A 108 3.25 -0.21 7.04
CA MET A 108 2.54 -1.22 6.27
C MET A 108 3.44 -2.42 6.00
N MET A 109 4.69 -2.15 5.63
CA MET A 109 5.64 -3.22 5.34
C MET A 109 5.85 -4.08 6.58
N GLN A 110 6.03 -3.42 7.72
CA GLN A 110 6.22 -4.14 8.97
C GLN A 110 4.96 -4.90 9.36
N ALA A 111 3.80 -4.28 9.15
CA ALA A 111 2.53 -4.90 9.48
C ALA A 111 2.31 -6.16 8.65
N LEU A 112 2.65 -6.09 7.37
CA LEU A 112 2.47 -7.24 6.49
C LEU A 112 3.68 -8.16 6.53
N LEU A 113 4.87 -7.56 6.44
CA LEU A 113 6.11 -8.32 6.45
C LEU A 113 6.37 -8.88 7.86
N GLY A 114 6.03 -8.09 8.88
CA GLY A 114 6.23 -8.50 10.25
C GLY A 114 7.46 -7.80 10.84
N ALA A 115 7.80 -8.16 12.08
CA ALA A 115 8.96 -7.55 12.74
C ALA A 115 10.24 -8.30 12.37
N ARG A 116 10.34 -8.69 11.10
CA ARG A 116 11.51 -9.42 10.64
C ARG A 116 12.36 -8.54 9.72
N ALA A 117 12.07 -7.24 9.71
CA ALA A 117 12.81 -6.31 8.88
C ALA A 117 13.75 -5.46 9.73
N LYS A 118 13.22 -4.37 10.27
CA LYS A 118 14.02 -3.49 11.12
C LYS A 118 13.60 -3.61 12.57
N GLY A 119 13.97 -4.72 13.20
CA GLY A 119 13.63 -4.95 14.59
C GLY A 119 14.68 -4.36 15.53
N HIS A 120 15.71 -3.77 14.95
CA HIS A 120 16.78 -3.17 15.75
C HIS A 120 16.22 -2.07 16.63
N HIS A 121 16.64 -2.04 17.89
CA HIS A 121 16.16 -1.04 18.82
C HIS A 121 17.05 0.21 18.77
N HIS A 122 18.05 0.17 17.90
CA HIS A 122 18.97 1.30 17.75
C HIS A 122 19.36 1.85 19.12
N HIS A 123 19.32 3.18 19.26
CA HIS A 123 19.66 3.82 20.51
C HIS A 123 21.13 3.56 20.86
N HIS A 124 21.38 2.44 21.53
CA HIS A 124 22.73 2.07 21.92
C HIS A 124 22.90 0.56 21.95
N HIS A 125 23.86 0.05 21.18
CA HIS A 125 24.10 -1.38 21.13
C HIS A 125 24.13 -1.97 22.54
CA CA B . -6.27 -0.01 -10.27
S1 WW7 C . -2.66 5.34 2.54
O1 WW7 C . -1.72 5.89 3.63
O2 WW7 C . -4.09 5.30 3.10
N1 WW7 C . -2.62 6.32 1.23
C4 WW7 C . -1.33 1.15 1.37
C3 WW7 C . -0.74 1.82 2.43
C2 WW7 C . -1.15 3.09 2.79
C1 WW7 C . -2.16 3.71 2.08
C9 WW7 C . -2.78 3.04 0.99
C10 WW7 C . -2.37 1.76 0.63
CL1 WW7 C . -2.59 -0.49 -1.01
C5 WW7 C . -3.02 1.11 -0.48
C6 WW7 C . -4.02 1.76 -1.17
C7 WW7 C . -4.42 3.03 -0.79
C8 WW7 C . -3.80 3.67 0.27
C11 WW7 C . -1.24 6.60 0.81
C12 WW7 C . -1.18 7.53 -0.40
C14 WW7 C . 0.58 9.29 -0.19
C13 WW7 C . 0.27 7.88 -0.70
C15 WW7 C . 1.27 9.21 1.17
C16 WW7 C . 2.21 10.41 1.35
N2 WW7 C . 2.55 10.60 2.76
HN1 WW7 C . -3.11 7.17 1.41
H4 WW7 C . -0.99 0.14 1.10
H3 WW7 C . 0.06 1.34 3.00
H2 WW7 C . -0.67 3.61 3.62
H6 WW7 C . -4.52 1.28 -2.00
H7 WW7 C . -5.21 3.53 -1.34
H8 WW7 C . -4.13 4.68 0.55
H111 WW7 C . -0.74 5.67 0.57
H112 WW7 C . -0.71 7.07 1.65
H121 WW7 C . -1.76 8.43 -0.20
H122 WW7 C . -1.63 7.01 -1.26
H141 WW7 C . -0.36 9.85 -0.09
H142 WW7 C . 1.22 9.80 -0.90
H131 WW7 C . 0.44 7.83 -1.78
H132 WW7 C . 0.92 7.15 -0.21
H151 WW7 C . 1.84 8.29 1.23
H152 WW7 C . 0.51 9.21 1.96
H161 WW7 C . 1.71 11.30 0.97
H162 WW7 C . 3.11 10.24 0.76
HN21 WW7 C . 3.19 9.89 3.05
HN22 WW7 C . 1.73 10.57 3.32
H24 WW7 C . 2.99 11.51 2.87
N MET A 1 -1.32 5.30 -14.31
CA MET A 1 -0.12 5.32 -13.43
C MET A 1 0.89 6.33 -13.97
N ASP A 2 1.54 7.05 -13.08
CA ASP A 2 2.53 8.05 -13.48
C ASP A 2 3.79 7.35 -14.02
N ASP A 3 4.40 7.96 -15.03
CA ASP A 3 5.61 7.40 -15.63
C ASP A 3 6.72 7.32 -14.60
N ILE A 4 6.82 8.34 -13.76
CA ILE A 4 7.83 8.37 -12.72
C ILE A 4 7.68 7.18 -11.78
N TYR A 5 6.45 6.95 -11.31
CA TYR A 5 6.18 5.83 -10.41
C TYR A 5 6.53 4.51 -11.09
N LYS A 6 6.19 4.41 -12.37
CA LYS A 6 6.48 3.20 -13.13
C LYS A 6 8.00 2.93 -13.12
N ALA A 7 8.77 3.98 -13.37
CA ALA A 7 10.22 3.85 -13.38
C ALA A 7 10.73 3.42 -12.01
N ALA A 8 10.11 3.97 -10.96
CA ALA A 8 10.51 3.63 -9.60
C ALA A 8 10.39 2.13 -9.35
N VAL A 9 9.31 1.54 -9.87
CA VAL A 9 9.09 0.11 -9.72
C VAL A 9 10.21 -0.68 -10.40
N GLU A 10 10.55 -0.26 -11.61
CA GLU A 10 11.61 -0.92 -12.38
C GLU A 10 12.96 -0.70 -11.72
N GLN A 11 13.11 0.44 -11.05
CA GLN A 11 14.36 0.77 -10.37
C GLN A 11 14.61 -0.18 -9.21
N LEU A 12 13.53 -0.54 -8.50
CA LEU A 12 13.65 -1.44 -7.36
C LEU A 12 14.32 -2.75 -7.78
N THR A 13 15.36 -3.13 -7.03
CA THR A 13 16.08 -4.36 -7.33
C THR A 13 15.16 -5.57 -7.15
N GLU A 14 15.71 -6.77 -7.37
CA GLU A 14 14.94 -7.98 -7.25
C GLU A 14 14.39 -8.13 -5.84
N GLU A 15 15.25 -7.92 -4.85
CA GLU A 15 14.84 -8.03 -3.46
C GLU A 15 13.79 -6.97 -3.11
N GLN A 16 14.01 -5.75 -3.59
CA GLN A 16 13.09 -4.66 -3.32
C GLN A 16 11.70 -4.98 -3.88
N LYS A 17 11.66 -5.38 -5.14
CA LYS A 17 10.39 -5.73 -5.77
C LYS A 17 9.77 -6.95 -5.09
N ASN A 18 10.62 -7.92 -4.77
CA ASN A 18 10.16 -9.14 -4.11
C ASN A 18 9.59 -8.81 -2.73
N GLU A 19 10.27 -7.91 -2.02
CA GLU A 19 9.84 -7.52 -0.68
C GLU A 19 8.45 -6.88 -0.74
N PHE A 20 8.28 -5.94 -1.66
CA PHE A 20 6.99 -5.28 -1.81
C PHE A 20 5.94 -6.24 -2.34
N LYS A 21 6.34 -7.06 -3.31
CA LYS A 21 5.42 -8.01 -3.92
C LYS A 21 4.82 -8.93 -2.85
N ALA A 22 5.61 -9.24 -1.83
CA ALA A 22 5.14 -10.10 -0.75
C ALA A 22 3.90 -9.48 -0.10
N ALA A 23 3.94 -8.18 0.12
CA ALA A 23 2.80 -7.48 0.71
C ALA A 23 1.60 -7.54 -0.23
N PHE A 24 1.87 -7.41 -1.52
CA PHE A 24 0.81 -7.46 -2.53
C PHE A 24 0.07 -8.80 -2.44
N ASP A 25 0.83 -9.89 -2.38
CA ASP A 25 0.23 -11.22 -2.32
C ASP A 25 -0.65 -11.35 -1.07
N ILE A 26 -0.10 -10.95 0.07
CA ILE A 26 -0.85 -11.01 1.33
C ILE A 26 -2.02 -10.03 1.31
N PHE A 27 -1.77 -8.84 0.78
CA PHE A 27 -2.81 -7.81 0.72
C PHE A 27 -4.03 -8.33 -0.04
N VAL A 28 -3.78 -9.12 -1.08
CA VAL A 28 -4.87 -9.67 -1.88
C VAL A 28 -5.19 -11.09 -1.43
N LEU A 29 -4.89 -11.40 -0.16
CA LEU A 29 -5.15 -12.73 0.37
C LEU A 29 -6.61 -13.11 0.16
N GLY A 30 -6.83 -14.16 -0.63
CA GLY A 30 -8.18 -14.63 -0.91
C GLY A 30 -8.80 -13.82 -2.06
N ALA A 31 -8.04 -12.89 -2.60
CA ALA A 31 -8.53 -12.06 -3.71
C ALA A 31 -8.62 -12.89 -4.99
N GLU A 32 -9.82 -12.96 -5.56
CA GLU A 32 -10.03 -13.72 -6.78
C GLU A 32 -9.24 -13.11 -7.93
N ASP A 33 -9.31 -11.78 -8.05
CA ASP A 33 -8.60 -11.08 -9.10
C ASP A 33 -7.11 -10.96 -8.77
N GLY A 34 -6.77 -11.19 -7.50
CA GLY A 34 -5.39 -11.11 -7.06
C GLY A 34 -4.99 -9.66 -6.82
N SER A 35 -5.94 -8.75 -6.99
CA SER A 35 -5.68 -7.32 -6.77
C SER A 35 -6.32 -6.85 -5.48
N ILE A 36 -5.70 -5.86 -4.85
CA ILE A 36 -6.23 -5.33 -3.59
C ILE A 36 -7.51 -4.55 -3.82
N SER A 37 -8.57 -4.95 -3.12
CA SER A 37 -9.85 -4.27 -3.25
C SER A 37 -10.31 -3.74 -1.89
N THR A 38 -11.55 -3.25 -1.84
CA THR A 38 -12.07 -2.73 -0.59
C THR A 38 -12.11 -3.80 0.49
N LYS A 39 -12.52 -5.00 0.11
CA LYS A 39 -12.58 -6.11 1.07
C LYS A 39 -11.19 -6.42 1.61
N GLU A 40 -10.21 -6.54 0.70
CA GLU A 40 -8.83 -6.77 1.11
C GLU A 40 -8.27 -5.53 1.79
N LEU A 41 -8.69 -4.36 1.32
CA LEU A 41 -8.22 -3.10 1.89
C LEU A 41 -8.60 -3.02 3.36
N GLY A 42 -9.85 -3.37 3.67
CA GLY A 42 -10.32 -3.33 5.04
C GLY A 42 -9.54 -4.32 5.91
N LYS A 43 -9.27 -5.50 5.35
CA LYS A 43 -8.55 -6.53 6.09
C LYS A 43 -7.18 -6.02 6.55
N VAL A 44 -6.45 -5.43 5.60
CA VAL A 44 -5.13 -4.89 5.93
C VAL A 44 -5.24 -3.70 6.87
N MET A 45 -6.21 -2.82 6.59
CA MET A 45 -6.40 -1.64 7.42
C MET A 45 -6.68 -2.04 8.86
N ARG A 46 -7.50 -3.06 9.04
CA ARG A 46 -7.83 -3.55 10.37
C ARG A 46 -6.58 -4.03 11.08
N MET A 47 -5.70 -4.68 10.32
CA MET A 47 -4.45 -5.18 10.89
C MET A 47 -3.59 -4.02 11.39
N LEU A 48 -3.70 -2.88 10.72
CA LEU A 48 -2.91 -1.72 11.09
C LEU A 48 -3.61 -0.94 12.21
N GLY A 49 -4.87 -1.30 12.48
CA GLY A 49 -5.64 -0.64 13.52
C GLY A 49 -6.61 0.36 12.92
N GLN A 50 -6.70 0.38 11.59
CA GLN A 50 -7.61 1.29 10.91
C GLN A 50 -8.94 0.61 10.62
N ASN A 51 -10.01 1.39 10.61
CA ASN A 51 -11.34 0.84 10.33
C ASN A 51 -12.06 1.68 9.28
N PRO A 52 -11.43 1.85 8.14
CA PRO A 52 -12.03 2.64 7.02
C PRO A 52 -13.25 1.96 6.43
N THR A 53 -14.24 2.76 6.05
CA THR A 53 -15.48 2.25 5.47
C THR A 53 -15.28 1.94 3.98
N PRO A 54 -16.20 1.23 3.40
CA PRO A 54 -16.13 0.87 1.95
C PRO A 54 -15.84 2.08 1.07
N GLU A 55 -16.47 3.21 1.38
CA GLU A 55 -16.25 4.43 0.62
C GLU A 55 -14.79 4.86 0.71
N GLU A 56 -14.26 4.83 1.92
CA GLU A 56 -12.85 5.21 2.13
C GLU A 56 -11.94 4.20 1.45
N LEU A 57 -12.31 2.92 1.50
CA LEU A 57 -11.51 1.87 0.89
C LEU A 57 -11.36 2.11 -0.60
N GLN A 58 -12.45 2.52 -1.25
CA GLN A 58 -12.42 2.80 -2.68
C GLN A 58 -11.50 3.98 -2.97
N GLU A 59 -11.61 5.02 -2.16
CA GLU A 59 -10.78 6.21 -2.33
C GLU A 59 -9.31 5.86 -2.18
N MET A 60 -9.00 5.06 -1.16
CA MET A 60 -7.61 4.65 -0.92
C MET A 60 -7.09 3.86 -2.11
N ILE A 61 -7.92 2.96 -2.62
CA ILE A 61 -7.54 2.16 -3.78
C ILE A 61 -7.38 3.06 -5.01
N ASP A 62 -8.16 4.12 -5.05
CA ASP A 62 -8.11 5.06 -6.17
C ASP A 62 -6.86 5.94 -6.07
N GLU A 63 -6.31 6.02 -4.86
CA GLU A 63 -5.12 6.82 -4.63
C GLU A 63 -3.95 6.34 -5.48
N VAL A 64 -3.79 5.02 -5.54
CA VAL A 64 -2.71 4.42 -6.31
C VAL A 64 -3.25 3.89 -7.64
N ASP A 65 -4.55 3.70 -7.71
CA ASP A 65 -5.18 3.19 -8.93
C ASP A 65 -5.66 4.35 -9.80
N GLU A 66 -4.72 4.98 -10.49
CA GLU A 66 -5.06 6.10 -11.37
C GLU A 66 -5.80 5.61 -12.60
N ASP A 67 -5.60 4.34 -12.94
CA ASP A 67 -6.23 3.78 -14.13
C ASP A 67 -7.73 3.56 -13.89
N GLY A 68 -8.18 3.86 -12.68
CA GLY A 68 -9.59 3.73 -12.36
C GLY A 68 -10.02 2.27 -12.37
N SER A 69 -9.06 1.37 -12.19
CA SER A 69 -9.35 -0.06 -12.21
C SER A 69 -10.32 -0.42 -11.09
N GLY A 70 -10.34 0.40 -10.05
CA GLY A 70 -11.23 0.17 -8.92
C GLY A 70 -10.52 -0.65 -7.84
N THR A 71 -9.38 -1.23 -8.20
CA THR A 71 -8.62 -2.04 -7.26
C THR A 71 -7.12 -1.78 -7.42
N VAL A 72 -6.34 -2.13 -6.40
CA VAL A 72 -4.90 -1.93 -6.45
C VAL A 72 -4.19 -3.26 -6.75
N ASP A 73 -3.60 -3.35 -7.92
CA ASP A 73 -2.88 -4.56 -8.33
C ASP A 73 -1.42 -4.46 -7.94
N PHE A 74 -0.61 -5.37 -8.48
CA PHE A 74 0.82 -5.37 -8.19
C PHE A 74 1.45 -4.03 -8.58
N ASP A 75 1.16 -3.57 -9.79
CA ASP A 75 1.71 -2.32 -10.26
C ASP A 75 1.23 -1.16 -9.39
N GLU A 76 -0.05 -1.19 -9.02
CA GLU A 76 -0.62 -0.14 -8.17
C GLU A 76 -0.02 -0.19 -6.77
N PHE A 77 0.08 -1.39 -6.21
CA PHE A 77 0.61 -1.55 -4.87
C PHE A 77 2.08 -1.12 -4.83
N LEU A 78 2.78 -1.42 -5.92
CA LEU A 78 4.19 -1.07 -6.00
C LEU A 78 4.38 0.44 -5.97
N VAL A 79 3.53 1.14 -6.73
CA VAL A 79 3.60 2.59 -6.79
C VAL A 79 3.32 3.18 -5.41
N MET A 80 2.34 2.62 -4.71
CA MET A 80 1.99 3.13 -3.39
C MET A 80 3.23 3.20 -2.51
N MET A 81 4.01 2.12 -2.50
CA MET A 81 5.24 2.09 -1.70
C MET A 81 6.25 3.12 -2.25
N VAL A 82 6.34 3.19 -3.56
CA VAL A 82 7.25 4.15 -4.21
C VAL A 82 6.82 5.58 -3.89
N ARG A 83 5.51 5.80 -3.86
CA ARG A 83 4.97 7.13 -3.60
C ARG A 83 5.61 7.73 -2.36
N SER A 84 5.64 6.95 -1.28
CA SER A 84 6.27 7.42 -0.04
C SER A 84 7.79 7.46 -0.20
N MET A 85 8.31 6.62 -1.10
CA MET A 85 9.75 6.57 -1.35
C MET A 85 10.23 7.91 -1.92
N LYS A 86 9.46 8.48 -2.84
CA LYS A 86 9.82 9.75 -3.45
C LYS A 86 8.91 10.86 -2.95
N ASP A 87 7.61 10.69 -3.16
CA ASP A 87 6.64 11.69 -2.72
C ASP A 87 6.56 11.72 -1.19
N ASP A 88 6.30 12.90 -0.65
CA ASP A 88 6.21 13.06 0.80
C ASP A 88 4.92 13.80 1.18
N SER A 89 4.76 14.06 2.46
CA SER A 89 3.58 14.76 2.95
C SER A 89 3.63 16.22 2.57
N LYS A 90 2.51 16.93 2.75
CA LYS A 90 2.45 18.34 2.42
C LYS A 90 2.11 18.54 0.94
N GLY A 91 1.39 17.57 0.38
CA GLY A 91 1.00 17.65 -1.03
C GLY A 91 -0.34 18.36 -1.17
N LYS A 92 -1.42 17.58 -1.13
CA LYS A 92 -2.75 18.16 -1.25
C LYS A 92 -3.52 18.01 0.06
N PHE A 93 -3.31 18.97 0.95
CA PHE A 93 -3.98 18.95 2.26
C PHE A 93 -4.03 20.34 2.86
N LYS A 94 -5.15 20.67 3.50
CA LYS A 94 -5.32 21.99 4.12
C LYS A 94 -4.58 22.03 5.46
N ARG A 95 -3.63 22.95 5.57
CA ARG A 95 -2.87 23.09 6.81
C ARG A 95 -2.39 21.73 7.29
N PRO A 96 -1.62 21.71 8.35
CA PRO A 96 -1.07 20.46 8.94
C PRO A 96 -2.18 19.47 9.28
N THR A 97 -3.40 19.97 9.43
CA THR A 97 -4.53 19.11 9.76
C THR A 97 -4.09 18.00 10.72
N LEU A 98 -4.08 16.77 10.22
CA LEU A 98 -3.66 15.63 11.03
C LEU A 98 -2.34 15.91 11.71
N ARG A 99 -2.11 15.26 12.85
CA ARG A 99 -0.87 15.45 13.59
C ARG A 99 -0.47 14.16 14.30
N ARG A 100 0.82 14.05 14.63
CA ARG A 100 1.32 12.87 15.32
C ARG A 100 0.96 11.59 14.56
N VAL A 101 -0.24 11.08 14.80
CA VAL A 101 -0.70 9.87 14.14
C VAL A 101 -0.64 10.03 12.63
N ARG A 102 -0.62 8.90 11.92
CA ARG A 102 -0.57 8.93 10.46
C ARG A 102 -0.10 7.58 9.92
N ILE A 103 -0.98 6.88 9.24
CA ILE A 103 -0.64 5.57 8.68
C ILE A 103 0.40 5.71 7.57
N SER A 104 1.67 5.60 7.93
CA SER A 104 2.74 5.70 6.95
C SER A 104 2.76 4.46 6.06
N ALA A 105 3.24 4.61 4.84
CA ALA A 105 3.32 3.49 3.90
C ALA A 105 4.25 2.42 4.42
N ASP A 106 5.41 2.83 4.94
CA ASP A 106 6.37 1.89 5.49
C ASP A 106 5.78 1.15 6.69
N ALA A 107 5.03 1.88 7.51
CA ALA A 107 4.42 1.28 8.70
C ALA A 107 3.46 0.16 8.29
N MET A 108 2.66 0.42 7.27
CA MET A 108 1.70 -0.57 6.79
C MET A 108 2.45 -1.80 6.25
N MET A 109 3.54 -1.55 5.55
CA MET A 109 4.34 -2.64 4.97
C MET A 109 4.84 -3.56 6.08
N GLN A 110 5.26 -2.96 7.19
CA GLN A 110 5.76 -3.75 8.31
C GLN A 110 4.65 -4.61 8.90
N ALA A 111 3.44 -4.05 8.96
CA ALA A 111 2.30 -4.78 9.49
C ALA A 111 2.02 -6.01 8.64
N LEU A 112 2.11 -5.85 7.32
CA LEU A 112 1.85 -6.96 6.40
C LEU A 112 3.05 -7.91 6.37
N LEU A 113 4.25 -7.34 6.25
CA LEU A 113 5.47 -8.14 6.23
C LEU A 113 5.66 -8.87 7.54
N GLY A 114 5.27 -8.22 8.64
CA GLY A 114 5.41 -8.81 9.96
C GLY A 114 4.66 -10.14 10.04
N ALA A 115 3.61 -10.27 9.25
CA ALA A 115 2.81 -11.50 9.25
C ALA A 115 3.67 -12.68 8.82
N ARG A 116 3.57 -13.77 9.57
CA ARG A 116 4.35 -14.96 9.26
C ARG A 116 5.81 -14.61 9.06
N ALA A 117 6.27 -13.54 9.73
CA ALA A 117 7.64 -13.11 9.61
C ALA A 117 8.36 -13.21 10.95
N LYS A 118 9.45 -13.97 10.98
CA LYS A 118 10.22 -14.14 12.21
C LYS A 118 11.71 -14.21 11.90
N GLY A 119 12.16 -13.37 10.99
CA GLY A 119 13.57 -13.34 10.60
C GLY A 119 14.43 -12.80 11.74
N HIS A 120 13.79 -12.21 12.73
CA HIS A 120 14.50 -11.65 13.87
C HIS A 120 15.84 -11.09 13.43
N HIS A 121 16.91 -11.84 13.71
CA HIS A 121 18.26 -11.41 13.33
C HIS A 121 18.58 -11.88 11.91
N HIS A 122 19.22 -11.01 11.13
CA HIS A 122 19.57 -11.36 9.76
C HIS A 122 20.84 -10.62 9.34
N HIS A 123 21.65 -11.28 8.51
CA HIS A 123 22.90 -10.67 8.04
C HIS A 123 22.66 -9.22 7.62
N HIS A 124 23.72 -8.56 7.17
CA HIS A 124 23.62 -7.17 6.75
C HIS A 124 22.21 -6.87 6.25
N HIS A 125 21.51 -6.00 6.97
CA HIS A 125 20.16 -5.62 6.58
C HIS A 125 20.07 -5.40 5.08
CA CA B . -5.49 -1.20 -10.97
S1 WW7 C . -2.99 5.19 2.93
O1 WW7 C . -2.17 5.61 4.16
O2 WW7 C . -4.44 5.65 3.10
N1 WW7 C . -2.34 5.87 1.58
C4 WW7 C . -2.89 0.68 2.53
C3 WW7 C . -2.48 1.28 3.70
C2 WW7 C . -2.52 2.66 3.82
C1 WW7 C . -2.96 3.43 2.76
C9 WW7 C . -3.36 2.83 1.56
C10 WW7 C . -3.33 1.44 1.45
CL1 WW7 C . -3.73 -0.89 0.00
C5 WW7 C . -3.75 0.83 0.23
C6 WW7 C . -4.18 1.63 -0.81
C7 WW7 C . -4.22 3.00 -0.69
C8 WW7 C . -3.82 3.60 0.50
C11 WW7 C . -0.93 5.50 1.42
C12 WW7 C . -0.01 6.57 1.98
C14 WW7 C . 2.14 7.78 1.60
C13 WW7 C . 1.06 6.91 0.96
C15 WW7 C . 2.84 8.61 0.53
C16 WW7 C . 3.82 9.59 1.19
N2 WW7 C . 3.15 10.87 1.49
HN1 WW7 C . -2.44 6.87 1.62
H4 WW7 C . -2.85 -0.39 2.44
H3 WW7 C . -2.14 0.67 4.54
H2 WW7 C . -2.20 3.12 4.75
H6 WW7 C . -4.50 1.18 -1.74
H7 WW7 C . -4.56 3.63 -1.51
H8 WW7 C . -3.84 4.68 0.59
H111 WW7 C . -0.71 5.34 0.36
H112 WW7 C . -0.75 4.56 1.96
H121 WW7 C . 0.44 6.21 2.90
H122 WW7 C . -0.61 7.46 2.20
H141 WW7 C . 2.86 7.16 2.12
H142 WW7 C . 1.65 8.44 2.33
H131 WW7 C . 0.62 7.43 0.11
H132 WW7 C . 1.52 5.97 0.59
H151 WW7 C . 2.10 9.17 -0.04
H152 WW7 C . 3.38 7.95 -0.14
H161 WW7 C . 4.66 9.76 0.53
H162 WW7 C . 4.18 9.15 2.13
HN21 WW7 C . 2.54 10.77 2.26
HN22 WW7 C . 2.65 11.19 0.69
H24 WW7 C . 3.86 11.56 1.72
N MET A 1 -0.34 6.20 -13.44
CA MET A 1 0.34 7.16 -12.53
C MET A 1 1.48 7.85 -13.27
N ASP A 2 2.33 8.55 -12.53
CA ASP A 2 3.45 9.25 -13.14
C ASP A 2 4.46 8.27 -13.70
N ASP A 3 5.15 8.68 -14.76
CA ASP A 3 6.16 7.82 -15.38
C ASP A 3 7.25 7.48 -14.39
N ILE A 4 7.61 8.46 -13.58
CA ILE A 4 8.65 8.26 -12.56
C ILE A 4 8.24 7.16 -11.59
N TYR A 5 6.96 7.15 -11.21
CA TYR A 5 6.46 6.13 -10.29
C TYR A 5 6.59 4.75 -10.90
N LYS A 6 6.27 4.64 -12.19
CA LYS A 6 6.37 3.36 -12.87
C LYS A 6 7.82 2.89 -12.89
N ALA A 7 8.74 3.82 -13.12
CA ALA A 7 10.16 3.49 -13.14
C ALA A 7 10.60 2.98 -11.78
N ALA A 8 10.11 3.62 -10.74
CA ALA A 8 10.50 3.23 -9.39
C ALA A 8 10.13 1.78 -9.13
N VAL A 9 8.95 1.38 -9.59
CA VAL A 9 8.51 0.01 -9.41
C VAL A 9 9.50 -0.93 -10.09
N GLU A 10 9.91 -0.58 -11.29
CA GLU A 10 10.86 -1.39 -12.03
C GLU A 10 12.29 -1.09 -11.59
N GLN A 11 12.47 0.02 -10.88
CA GLN A 11 13.79 0.40 -10.41
C GLN A 11 14.15 -0.37 -9.14
N LEU A 12 13.14 -0.93 -8.48
CA LEU A 12 13.38 -1.69 -7.25
C LEU A 12 14.28 -2.89 -7.52
N THR A 13 15.19 -3.17 -6.60
CA THR A 13 16.11 -4.29 -6.74
C THR A 13 15.35 -5.61 -6.57
N GLU A 14 16.07 -6.73 -6.67
CA GLU A 14 15.45 -8.04 -6.55
C GLU A 14 14.77 -8.19 -5.19
N GLU A 15 15.49 -7.83 -4.13
CA GLU A 15 14.93 -7.93 -2.79
C GLU A 15 13.72 -7.00 -2.63
N GLN A 16 13.82 -5.79 -3.16
CA GLN A 16 12.73 -4.83 -3.07
C GLN A 16 11.49 -5.34 -3.78
N LYS A 17 11.69 -5.87 -4.99
CA LYS A 17 10.58 -6.41 -5.76
C LYS A 17 10.03 -7.64 -5.09
N ASN A 18 10.92 -8.52 -4.63
CA ASN A 18 10.51 -9.75 -3.96
C ASN A 18 9.74 -9.42 -2.67
N GLU A 19 10.25 -8.44 -1.93
CA GLU A 19 9.60 -8.04 -0.68
C GLU A 19 8.18 -7.55 -0.94
N PHE A 20 8.04 -6.68 -1.93
CA PHE A 20 6.73 -6.14 -2.28
C PHE A 20 5.84 -7.24 -2.86
N LYS A 21 6.43 -8.12 -3.65
CA LYS A 21 5.67 -9.21 -4.25
C LYS A 21 4.93 -9.99 -3.17
N ALA A 22 5.64 -10.31 -2.09
CA ALA A 22 5.02 -11.05 -0.99
C ALA A 22 3.90 -10.22 -0.37
N ALA A 23 4.15 -8.93 -0.21
CA ALA A 23 3.15 -8.03 0.39
C ALA A 23 1.89 -8.01 -0.47
N PHE A 24 2.06 -7.97 -1.79
CA PHE A 24 0.92 -7.96 -2.70
C PHE A 24 0.06 -9.20 -2.49
N ASP A 25 0.69 -10.36 -2.41
CA ASP A 25 -0.04 -11.60 -2.23
C ASP A 25 -0.87 -11.55 -0.95
N ILE A 26 -0.25 -11.13 0.15
CA ILE A 26 -0.94 -11.04 1.42
C ILE A 26 -2.04 -9.98 1.34
N PHE A 27 -1.71 -8.85 0.73
CA PHE A 27 -2.67 -7.77 0.59
C PHE A 27 -3.94 -8.25 -0.10
N VAL A 28 -3.78 -9.10 -1.11
CA VAL A 28 -4.91 -9.63 -1.84
C VAL A 28 -5.23 -11.06 -1.41
N LEU A 29 -4.91 -11.37 -0.16
CA LEU A 29 -5.17 -12.71 0.36
C LEU A 29 -6.65 -13.07 0.23
N GLY A 30 -6.92 -14.13 -0.52
CA GLY A 30 -8.30 -14.57 -0.73
C GLY A 30 -8.96 -13.80 -1.86
N ALA A 31 -8.22 -12.88 -2.47
CA ALA A 31 -8.74 -12.08 -3.56
C ALA A 31 -9.07 -12.97 -4.76
N GLU A 32 -10.25 -12.76 -5.34
CA GLU A 32 -10.67 -13.56 -6.49
C GLU A 32 -9.83 -13.23 -7.71
N ASP A 33 -9.54 -11.96 -7.90
CA ASP A 33 -8.74 -11.53 -9.05
C ASP A 33 -7.27 -11.43 -8.66
N GLY A 34 -7.00 -11.45 -7.36
CA GLY A 34 -5.63 -11.37 -6.87
C GLY A 34 -5.23 -9.93 -6.61
N SER A 35 -6.09 -9.00 -7.03
CA SER A 35 -5.83 -7.57 -6.83
C SER A 35 -6.27 -7.14 -5.43
N ILE A 36 -5.94 -5.90 -5.06
CA ILE A 36 -6.32 -5.40 -3.75
C ILE A 36 -7.53 -4.48 -3.88
N SER A 37 -8.67 -4.93 -3.35
CA SER A 37 -9.90 -4.14 -3.42
C SER A 37 -10.23 -3.60 -2.03
N THR A 38 -11.45 -3.08 -1.87
CA THR A 38 -11.86 -2.54 -0.59
C THR A 38 -11.89 -3.64 0.46
N LYS A 39 -12.36 -4.82 0.09
CA LYS A 39 -12.43 -5.93 1.03
C LYS A 39 -11.03 -6.29 1.51
N GLU A 40 -10.11 -6.44 0.57
CA GLU A 40 -8.72 -6.75 0.91
C GLU A 40 -8.06 -5.55 1.58
N LEU A 41 -8.39 -4.36 1.10
CA LEU A 41 -7.82 -3.14 1.66
C LEU A 41 -8.22 -3.00 3.12
N GLY A 42 -9.48 -3.25 3.41
CA GLY A 42 -9.97 -3.16 4.78
C GLY A 42 -9.25 -4.15 5.68
N LYS A 43 -9.00 -5.35 5.16
CA LYS A 43 -8.31 -6.37 5.92
C LYS A 43 -6.92 -5.89 6.33
N VAL A 44 -6.19 -5.34 5.37
CA VAL A 44 -4.86 -4.81 5.65
C VAL A 44 -4.93 -3.63 6.59
N MET A 45 -5.92 -2.76 6.37
CA MET A 45 -6.09 -1.58 7.20
C MET A 45 -6.28 -1.99 8.67
N ARG A 46 -7.08 -3.02 8.89
CA ARG A 46 -7.31 -3.52 10.25
C ARG A 46 -6.00 -4.02 10.84
N MET A 47 -5.20 -4.64 10.00
CA MET A 47 -3.90 -5.16 10.42
C MET A 47 -3.02 -4.02 10.94
N LEU A 48 -3.14 -2.84 10.31
CA LEU A 48 -2.35 -1.68 10.71
C LEU A 48 -3.08 -0.89 11.79
N GLY A 49 -4.17 -1.45 12.30
CA GLY A 49 -4.96 -0.77 13.33
C GLY A 49 -5.99 0.17 12.70
N GLN A 50 -6.10 0.13 11.38
CA GLN A 50 -7.04 0.99 10.68
C GLN A 50 -8.34 0.25 10.39
N ASN A 51 -9.46 0.95 10.45
CA ASN A 51 -10.75 0.33 10.18
C ASN A 51 -11.57 1.19 9.23
N PRO A 52 -11.06 1.44 8.06
CA PRO A 52 -11.77 2.27 7.03
C PRO A 52 -12.99 1.56 6.46
N THR A 53 -14.01 2.34 6.11
CA THR A 53 -15.24 1.79 5.53
C THR A 53 -15.05 1.52 4.05
N PRO A 54 -15.95 0.79 3.46
CA PRO A 54 -15.88 0.45 2.01
C PRO A 54 -15.72 1.69 1.14
N GLU A 55 -16.49 2.72 1.47
CA GLU A 55 -16.43 3.95 0.71
C GLU A 55 -15.04 4.56 0.78
N GLU A 56 -14.50 4.61 1.99
CA GLU A 56 -13.16 5.14 2.21
C GLU A 56 -12.13 4.27 1.51
N LEU A 57 -12.36 2.96 1.54
CA LEU A 57 -11.46 2.01 0.93
C LEU A 57 -11.37 2.28 -0.58
N GLN A 58 -12.51 2.55 -1.20
CA GLN A 58 -12.54 2.85 -2.63
C GLN A 58 -11.75 4.11 -2.94
N GLU A 59 -11.94 5.13 -2.12
CA GLU A 59 -11.23 6.38 -2.35
C GLU A 59 -9.72 6.17 -2.26
N MET A 60 -9.29 5.41 -1.24
CA MET A 60 -7.87 5.13 -1.09
C MET A 60 -7.36 4.35 -2.29
N ILE A 61 -8.12 3.33 -2.68
CA ILE A 61 -7.75 2.52 -3.84
C ILE A 61 -7.72 3.40 -5.09
N ASP A 62 -8.59 4.38 -5.13
CA ASP A 62 -8.66 5.29 -6.28
C ASP A 62 -7.44 6.20 -6.32
N GLU A 63 -6.81 6.40 -5.16
CA GLU A 63 -5.65 7.28 -5.08
C GLU A 63 -4.52 6.75 -5.97
N VAL A 64 -4.29 5.45 -5.93
CA VAL A 64 -3.25 4.85 -6.74
C VAL A 64 -3.86 4.24 -8.00
N ASP A 65 -5.16 4.07 -7.99
CA ASP A 65 -5.87 3.50 -9.12
C ASP A 65 -6.34 4.60 -10.07
N GLU A 66 -5.61 4.78 -11.17
CA GLU A 66 -5.95 5.80 -12.15
C GLU A 66 -6.88 5.23 -13.22
N ASP A 67 -6.83 3.91 -13.40
CA ASP A 67 -7.67 3.28 -14.41
C ASP A 67 -9.10 3.06 -13.90
N GLY A 68 -9.33 3.42 -12.62
CA GLY A 68 -10.67 3.30 -12.05
C GLY A 68 -11.08 1.83 -11.94
N SER A 69 -10.10 0.94 -11.95
CA SER A 69 -10.37 -0.49 -11.88
C SER A 69 -11.01 -0.84 -10.54
N GLY A 70 -10.81 0.01 -9.55
CA GLY A 70 -11.37 -0.23 -8.21
C GLY A 70 -10.48 -1.17 -7.42
N THR A 71 -9.39 -1.63 -8.06
CA THR A 71 -8.46 -2.53 -7.39
C THR A 71 -7.03 -2.08 -7.62
N VAL A 72 -6.16 -2.38 -6.66
CA VAL A 72 -4.76 -2.01 -6.77
C VAL A 72 -3.93 -3.20 -7.22
N ASP A 73 -3.27 -3.07 -8.37
CA ASP A 73 -2.46 -4.14 -8.90
C ASP A 73 -1.01 -3.97 -8.48
N PHE A 74 -0.13 -4.82 -9.01
CA PHE A 74 1.28 -4.75 -8.66
C PHE A 74 1.85 -3.38 -9.03
N ASP A 75 1.44 -2.86 -10.18
CA ASP A 75 1.92 -1.56 -10.63
C ASP A 75 1.49 -0.46 -9.67
N GLU A 76 0.19 -0.40 -9.39
CA GLU A 76 -0.35 0.61 -8.47
C GLU A 76 0.14 0.37 -7.05
N PHE A 77 0.24 -0.90 -6.67
CA PHE A 77 0.69 -1.24 -5.32
C PHE A 77 2.10 -0.66 -5.08
N LEU A 78 3.03 -0.98 -5.98
CA LEU A 78 4.40 -0.53 -5.83
C LEU A 78 4.47 0.98 -5.93
N VAL A 79 3.68 1.55 -6.81
CA VAL A 79 3.65 2.99 -7.00
C VAL A 79 3.24 3.68 -5.70
N MET A 80 2.21 3.15 -5.04
CA MET A 80 1.75 3.74 -3.78
C MET A 80 2.88 3.75 -2.76
N MET A 81 3.59 2.63 -2.64
CA MET A 81 4.71 2.54 -1.71
C MET A 81 5.80 3.53 -2.09
N VAL A 82 6.08 3.61 -3.38
CA VAL A 82 7.10 4.54 -3.88
C VAL A 82 6.69 5.97 -3.57
N ARG A 83 5.40 6.26 -3.74
CA ARG A 83 4.91 7.61 -3.50
C ARG A 83 5.25 8.03 -2.07
N SER A 84 4.96 7.16 -1.10
CA SER A 84 5.25 7.45 0.30
C SER A 84 6.76 7.61 0.50
N MET A 85 7.53 6.79 -0.20
CA MET A 85 8.98 6.82 -0.08
C MET A 85 9.50 8.22 -0.38
N LYS A 86 8.85 8.90 -1.31
CA LYS A 86 9.26 10.25 -1.69
C LYS A 86 9.21 11.18 -0.48
N ASP A 87 10.37 11.70 -0.08
CA ASP A 87 10.44 12.59 1.06
C ASP A 87 9.65 13.87 0.81
N ASP A 88 9.80 14.42 -0.40
CA ASP A 88 9.09 15.64 -0.75
C ASP A 88 7.72 15.32 -1.34
N SER A 89 6.68 15.56 -0.54
CA SER A 89 5.31 15.29 -1.00
C SER A 89 4.43 16.50 -0.77
N LYS A 90 4.32 16.93 0.49
CA LYS A 90 3.49 18.08 0.83
C LYS A 90 2.07 17.90 0.32
N GLY A 91 1.41 19.01 -0.02
CA GLY A 91 0.05 18.96 -0.52
C GLY A 91 0.03 18.96 -2.04
N LYS A 92 -0.85 18.14 -2.62
CA LYS A 92 -0.96 18.06 -4.07
C LYS A 92 -2.43 18.05 -4.50
N PHE A 93 -3.30 18.57 -3.64
CA PHE A 93 -4.73 18.61 -3.93
C PHE A 93 -5.41 17.35 -3.43
N LYS A 94 -5.08 16.93 -2.21
CA LYS A 94 -5.67 15.74 -1.63
C LYS A 94 -5.67 15.83 -0.11
N ARG A 95 -6.81 16.24 0.46
CA ARG A 95 -6.93 16.36 1.90
C ARG A 95 -8.28 15.81 2.37
N PRO A 96 -8.40 15.53 3.64
CA PRO A 96 -9.66 15.00 4.24
C PRO A 96 -10.72 16.08 4.40
N THR A 97 -11.96 15.74 4.06
CA THR A 97 -13.05 16.70 4.19
C THR A 97 -13.83 16.44 5.48
N LEU A 98 -14.18 15.19 5.71
CA LEU A 98 -14.92 14.81 6.91
C LEU A 98 -14.54 13.40 7.35
N ARG A 99 -13.36 12.95 6.94
CA ARG A 99 -12.91 11.61 7.30
C ARG A 99 -11.80 11.68 8.35
N ARG A 100 -10.76 12.44 8.05
CA ARG A 100 -9.64 12.60 8.96
C ARG A 100 -8.91 11.26 9.16
N VAL A 101 -8.52 10.64 8.04
CA VAL A 101 -7.82 9.36 8.11
C VAL A 101 -6.53 9.42 7.29
N ARG A 102 -5.42 9.04 7.90
CA ARG A 102 -4.14 9.04 7.21
C ARG A 102 -3.28 7.85 7.66
N ILE A 103 -2.98 6.96 6.73
CA ILE A 103 -2.18 5.77 7.04
C ILE A 103 -0.79 5.89 6.44
N SER A 104 0.22 5.51 7.19
CA SER A 104 1.59 5.57 6.70
C SER A 104 1.95 4.27 5.99
N ALA A 105 2.48 4.38 4.78
CA ALA A 105 2.85 3.19 4.01
C ALA A 105 3.92 2.41 4.76
N ASP A 106 4.88 3.13 5.34
CA ASP A 106 5.95 2.47 6.09
C ASP A 106 5.36 1.62 7.21
N ALA A 107 4.37 2.18 7.90
CA ALA A 107 3.72 1.46 8.99
C ALA A 107 3.03 0.21 8.44
N MET A 108 2.40 0.36 7.28
CA MET A 108 1.71 -0.76 6.63
C MET A 108 2.69 -1.87 6.28
N MET A 109 3.84 -1.51 5.74
CA MET A 109 4.83 -2.51 5.34
C MET A 109 5.23 -3.35 6.55
N GLN A 110 5.42 -2.69 7.69
CA GLN A 110 5.80 -3.40 8.90
C GLN A 110 4.70 -4.40 9.27
N ALA A 111 3.45 -3.94 9.20
CA ALA A 111 2.32 -4.81 9.51
C ALA A 111 2.21 -5.95 8.50
N LEU A 112 2.36 -5.62 7.22
CA LEU A 112 2.26 -6.62 6.17
C LEU A 112 3.45 -7.58 6.20
N LEU A 113 4.64 -7.03 6.41
CA LEU A 113 5.85 -7.83 6.46
C LEU A 113 5.91 -8.64 7.76
N GLY A 114 5.52 -7.99 8.86
CA GLY A 114 5.53 -8.65 10.16
C GLY A 114 6.80 -8.33 10.93
N ALA A 115 6.69 -7.48 11.94
CA ALA A 115 7.84 -7.10 12.75
C ALA A 115 8.24 -8.24 13.67
N ARG A 116 9.49 -8.22 14.13
CA ARG A 116 9.99 -9.27 15.03
C ARG A 116 8.83 -9.93 15.75
N ALA A 117 8.80 -11.26 15.70
CA ALA A 117 7.73 -12.00 16.35
C ALA A 117 6.38 -11.57 15.80
N LYS A 118 6.10 -11.96 14.56
CA LYS A 118 4.84 -11.60 13.93
C LYS A 118 3.67 -12.09 14.77
N GLY A 119 3.78 -13.32 15.27
CA GLY A 119 2.73 -13.89 16.10
C GLY A 119 3.24 -15.10 16.86
N HIS A 120 2.65 -15.36 18.02
CA HIS A 120 3.06 -16.50 18.84
C HIS A 120 2.00 -16.80 19.90
N HIS A 121 1.99 -18.04 20.37
CA HIS A 121 1.02 -18.45 21.39
C HIS A 121 1.34 -17.81 22.73
N HIS A 122 2.57 -17.32 22.87
CA HIS A 122 2.99 -16.69 24.13
C HIS A 122 2.78 -15.18 24.04
N HIS A 123 2.41 -14.58 25.16
CA HIS A 123 2.19 -13.14 25.21
C HIS A 123 1.98 -12.67 26.65
N HIS A 124 2.50 -13.44 27.60
CA HIS A 124 2.35 -13.09 29.01
C HIS A 124 3.28 -11.94 29.38
N HIS A 125 3.02 -11.32 30.52
CA HIS A 125 3.84 -10.21 31.00
C HIS A 125 3.44 -9.79 32.40
CA CA B . -6.57 0.08 -10.46
S1 WW7 C . -3.13 5.34 2.49
O1 WW7 C . -2.26 5.63 3.72
O2 WW7 C . -4.56 5.80 2.78
N1 WW7 C . -2.54 6.16 1.21
C4 WW7 C . -3.12 0.85 1.71
C3 WW7 C . -2.68 1.36 2.92
C2 WW7 C . -2.69 2.73 3.15
C1 WW7 C . -3.14 3.60 2.16
C9 WW7 C . -3.59 3.09 0.93
C10 WW7 C . -3.59 1.71 0.70
CL1 WW7 C . -4.08 -0.48 -0.95
C5 WW7 C . -4.04 1.23 -0.56
C6 WW7 C . -4.49 2.13 -1.52
C7 WW7 C . -4.49 3.49 -1.26
C8 WW7 C . -4.04 3.96 -0.04
C11 WW7 C . -1.09 5.93 1.05
C12 WW7 C . -0.55 6.63 -0.20
C14 WW7 C . 0.84 8.64 0.30
C13 WW7 C . 0.87 7.13 0.07
C15 WW7 C . 1.02 8.94 1.78
C16 WW7 C . 2.38 9.61 2.02
N2 WW7 C . 3.04 9.05 3.22
HN1 WW7 C . -2.72 7.14 1.31
H4 WW7 C . -3.12 -0.22 1.54
H3 WW7 C . -2.32 0.68 3.70
H2 WW7 C . -2.33 3.13 4.10
H6 WW7 C . -4.84 1.77 -2.49
H7 WW7 C . -4.85 4.19 -2.02
H8 WW7 C . -4.05 5.03 0.16
H111 WW7 C . -0.90 4.86 0.98
H112 WW7 C . -0.57 6.31 1.94
H121 WW7 C . -1.20 7.45 -0.46
H122 WW7 C . -0.53 5.91 -1.03
H141 WW7 C . -0.10 9.05 -0.06
H142 WW7 C . 1.65 9.10 -0.27
H131 WW7 C . 1.51 6.89 -0.77
H132 WW7 C . 1.26 6.63 0.96
H151 WW7 C . 0.94 8.02 2.35
H152 WW7 C . 0.22 9.62 2.11
H161 WW7 C . 2.23 10.68 2.15
H162 WW7 C . 3.01 9.44 1.14
HN21 WW7 C . 4.02 9.04 3.08
HN22 WW7 C . 2.71 8.11 3.37
H24 WW7 C . 2.79 9.61 4.02
N MET A 1 -0.81 4.36 -15.06
CA MET A 1 -0.25 5.14 -13.92
C MET A 1 0.86 6.06 -14.44
N ASP A 2 1.54 6.74 -13.53
CA ASP A 2 2.61 7.65 -13.90
C ASP A 2 3.86 6.87 -14.29
N ASP A 3 4.53 7.31 -15.35
CA ASP A 3 5.75 6.65 -15.81
C ASP A 3 6.82 6.68 -14.74
N ILE A 4 6.90 7.79 -14.04
CA ILE A 4 7.89 7.95 -12.97
C ILE A 4 7.73 6.84 -11.94
N TYR A 5 6.49 6.55 -11.56
CA TYR A 5 6.23 5.51 -10.58
C TYR A 5 6.62 4.15 -11.15
N LYS A 6 6.33 3.95 -12.44
CA LYS A 6 6.67 2.69 -13.09
C LYS A 6 8.17 2.46 -13.04
N ALA A 7 8.92 3.54 -13.27
CA ALA A 7 10.37 3.47 -13.23
C ALA A 7 10.85 3.08 -11.84
N ALA A 8 10.19 3.63 -10.82
CA ALA A 8 10.56 3.34 -9.44
C ALA A 8 10.46 1.85 -9.15
N VAL A 9 9.40 1.23 -9.65
CA VAL A 9 9.19 -0.19 -9.45
C VAL A 9 10.32 -1.00 -10.08
N GLU A 10 10.67 -0.62 -11.31
CA GLU A 10 11.73 -1.30 -12.04
C GLU A 10 13.10 -1.02 -11.39
N GLN A 11 13.23 0.16 -10.80
CA GLN A 11 14.48 0.54 -10.16
C GLN A 11 14.75 -0.33 -8.94
N LEU A 12 13.69 -0.69 -8.22
CA LEU A 12 13.83 -1.52 -7.02
C LEU A 12 14.57 -2.82 -7.37
N THR A 13 15.43 -3.25 -6.46
CA THR A 13 16.20 -4.47 -6.66
C THR A 13 15.30 -5.69 -6.52
N GLU A 14 15.89 -6.87 -6.64
CA GLU A 14 15.13 -8.11 -6.53
C GLU A 14 14.47 -8.21 -5.16
N GLU A 15 15.23 -7.92 -4.10
CA GLU A 15 14.68 -7.99 -2.75
C GLU A 15 13.60 -6.92 -2.55
N GLN A 16 13.84 -5.72 -3.05
CA GLN A 16 12.89 -4.64 -2.90
C GLN A 16 11.58 -4.99 -3.62
N LYS A 17 11.70 -5.47 -4.86
CA LYS A 17 10.51 -5.85 -5.62
C LYS A 17 9.81 -7.03 -4.95
N ASN A 18 10.60 -7.98 -4.47
CA ASN A 18 10.05 -9.15 -3.79
C ASN A 18 9.33 -8.73 -2.52
N GLU A 19 9.92 -7.80 -1.78
CA GLU A 19 9.32 -7.33 -0.53
C GLU A 19 7.94 -6.75 -0.80
N PHE A 20 7.85 -5.88 -1.80
CA PHE A 20 6.58 -5.29 -2.16
C PHE A 20 5.64 -6.35 -2.71
N LYS A 21 6.20 -7.27 -3.48
CA LYS A 21 5.42 -8.35 -4.07
C LYS A 21 4.79 -9.20 -2.98
N ALA A 22 5.57 -9.50 -1.95
CA ALA A 22 5.07 -10.32 -0.85
C ALA A 22 3.87 -9.66 -0.20
N ALA A 23 3.96 -8.34 0.03
CA ALA A 23 2.86 -7.60 0.62
C ALA A 23 1.64 -7.63 -0.31
N PHE A 24 1.90 -7.47 -1.60
CA PHE A 24 0.82 -7.50 -2.60
C PHE A 24 0.07 -8.81 -2.54
N ASP A 25 0.80 -9.92 -2.50
CA ASP A 25 0.18 -11.23 -2.45
C ASP A 25 -0.70 -11.36 -1.21
N ILE A 26 -0.15 -11.00 -0.05
CA ILE A 26 -0.88 -11.08 1.19
C ILE A 26 -2.03 -10.08 1.19
N PHE A 27 -1.78 -8.90 0.64
CA PHE A 27 -2.80 -7.86 0.58
C PHE A 27 -4.02 -8.35 -0.19
N VAL A 28 -3.78 -9.07 -1.28
CA VAL A 28 -4.87 -9.59 -2.10
C VAL A 28 -5.19 -11.03 -1.72
N LEU A 29 -4.95 -11.37 -0.45
CA LEU A 29 -5.22 -12.72 0.02
C LEU A 29 -6.70 -13.06 -0.17
N GLY A 30 -6.95 -14.03 -1.05
CA GLY A 30 -8.32 -14.46 -1.32
C GLY A 30 -8.93 -13.63 -2.45
N ALA A 31 -8.23 -12.58 -2.87
CA ALA A 31 -8.71 -11.72 -3.93
C ALA A 31 -8.83 -12.50 -5.23
N GLU A 32 -10.02 -12.47 -5.82
CA GLU A 32 -10.25 -13.18 -7.08
C GLU A 32 -9.42 -12.56 -8.21
N ASP A 33 -9.33 -11.23 -8.21
CA ASP A 33 -8.56 -10.53 -9.23
C ASP A 33 -7.09 -10.46 -8.84
N GLY A 34 -6.79 -10.86 -7.61
CA GLY A 34 -5.42 -10.85 -7.13
C GLY A 34 -4.96 -9.42 -6.85
N SER A 35 -5.90 -8.48 -6.87
CA SER A 35 -5.59 -7.08 -6.62
C SER A 35 -6.14 -6.64 -5.27
N ILE A 36 -5.62 -5.55 -4.74
CA ILE A 36 -6.07 -5.05 -3.44
C ILE A 36 -7.37 -4.27 -3.60
N SER A 37 -8.45 -4.83 -3.05
CA SER A 37 -9.75 -4.18 -3.12
C SER A 37 -10.16 -3.65 -1.76
N THR A 38 -11.37 -3.11 -1.67
CA THR A 38 -11.85 -2.59 -0.39
C THR A 38 -11.91 -3.69 0.66
N LYS A 39 -12.38 -4.87 0.27
CA LYS A 39 -12.46 -5.99 1.20
C LYS A 39 -11.07 -6.34 1.71
N GLU A 40 -10.12 -6.45 0.79
CA GLU A 40 -8.75 -6.75 1.15
C GLU A 40 -8.13 -5.57 1.89
N LEU A 41 -8.46 -4.37 1.43
CA LEU A 41 -7.94 -3.15 2.03
C LEU A 41 -8.36 -3.05 3.49
N GLY A 42 -9.63 -3.32 3.74
CA GLY A 42 -10.15 -3.27 5.11
C GLY A 42 -9.44 -4.29 5.99
N LYS A 43 -9.19 -5.48 5.44
CA LYS A 43 -8.50 -6.53 6.20
C LYS A 43 -7.11 -6.05 6.63
N VAL A 44 -6.37 -5.48 5.68
CA VAL A 44 -5.04 -4.98 5.97
C VAL A 44 -5.10 -3.81 6.95
N MET A 45 -6.07 -2.92 6.73
CA MET A 45 -6.22 -1.76 7.61
C MET A 45 -6.49 -2.21 9.04
N ARG A 46 -7.31 -3.24 9.19
CA ARG A 46 -7.62 -3.76 10.51
C ARG A 46 -6.36 -4.31 11.16
N MET A 47 -5.51 -4.92 10.35
CA MET A 47 -4.26 -5.48 10.84
C MET A 47 -3.39 -4.38 11.45
N LEU A 48 -3.48 -3.19 10.88
CA LEU A 48 -2.69 -2.06 11.36
C LEU A 48 -3.41 -1.35 12.50
N GLY A 49 -4.60 -1.84 12.83
CA GLY A 49 -5.40 -1.24 13.90
C GLY A 49 -6.41 -0.25 13.34
N GLN A 50 -6.56 -0.23 12.03
CA GLN A 50 -7.50 0.69 11.39
C GLN A 50 -8.61 -0.09 10.70
N ASN A 51 -9.78 0.53 10.59
CA ASN A 51 -10.91 -0.13 9.94
C ASN A 51 -11.69 0.87 9.08
N PRO A 52 -11.12 1.27 7.97
CA PRO A 52 -11.79 2.23 7.04
C PRO A 52 -13.05 1.64 6.41
N THR A 53 -14.01 2.51 6.13
CA THR A 53 -15.27 2.07 5.52
C THR A 53 -15.09 1.80 4.03
N PRO A 54 -16.00 1.09 3.45
CA PRO A 54 -15.95 0.75 2.00
C PRO A 54 -15.71 1.97 1.13
N GLU A 55 -16.43 3.06 1.43
CA GLU A 55 -16.27 4.28 0.66
C GLU A 55 -14.83 4.79 0.76
N GLU A 56 -14.32 4.82 1.99
CA GLU A 56 -12.95 5.27 2.22
C GLU A 56 -11.96 4.31 1.58
N LEU A 57 -12.30 3.02 1.62
CA LEU A 57 -11.44 1.99 1.04
C LEU A 57 -11.25 2.23 -0.45
N GLN A 58 -12.32 2.60 -1.13
CA GLN A 58 -12.25 2.86 -2.57
C GLN A 58 -11.39 4.08 -2.85
N GLU A 59 -11.54 5.12 -2.04
CA GLU A 59 -10.77 6.34 -2.22
C GLU A 59 -9.28 6.05 -2.10
N MET A 60 -8.91 5.27 -1.09
CA MET A 60 -7.51 4.92 -0.88
C MET A 60 -6.98 4.15 -2.08
N ILE A 61 -7.78 3.24 -2.60
CA ILE A 61 -7.38 2.45 -3.76
C ILE A 61 -7.34 3.34 -5.01
N ASP A 62 -8.20 4.35 -5.03
CA ASP A 62 -8.28 5.26 -6.16
C ASP A 62 -7.02 6.12 -6.24
N GLU A 63 -6.38 6.31 -5.10
CA GLU A 63 -5.17 7.13 -5.05
C GLU A 63 -4.08 6.55 -5.95
N VAL A 64 -3.95 5.23 -5.92
CA VAL A 64 -2.94 4.56 -6.75
C VAL A 64 -3.59 3.92 -7.98
N ASP A 65 -4.91 3.85 -7.97
CA ASP A 65 -5.65 3.27 -9.08
C ASP A 65 -5.97 4.33 -10.13
N GLU A 66 -5.00 4.61 -10.99
CA GLU A 66 -5.19 5.62 -12.04
C GLU A 66 -5.89 4.99 -13.25
N ASP A 67 -5.82 3.67 -13.36
CA ASP A 67 -6.45 2.98 -14.47
C ASP A 67 -7.94 2.80 -14.22
N GLY A 68 -8.41 3.26 -13.06
CA GLY A 68 -9.82 3.16 -12.73
C GLY A 68 -10.23 1.70 -12.54
N SER A 69 -9.24 0.84 -12.27
CA SER A 69 -9.52 -0.58 -12.09
C SER A 69 -10.42 -0.81 -10.88
N GLY A 70 -10.41 0.15 -9.96
CA GLY A 70 -11.24 0.05 -8.76
C GLY A 70 -10.47 -0.63 -7.64
N THR A 71 -9.33 -1.23 -7.98
CA THR A 71 -8.50 -1.90 -6.99
C THR A 71 -7.02 -1.65 -7.27
N VAL A 72 -6.19 -1.84 -6.25
CA VAL A 72 -4.76 -1.65 -6.40
C VAL A 72 -4.08 -2.95 -6.78
N ASP A 73 -3.63 -3.04 -8.02
CA ASP A 73 -2.96 -4.25 -8.51
C ASP A 73 -1.50 -4.25 -8.09
N PHE A 74 -0.73 -5.19 -8.62
CA PHE A 74 0.69 -5.29 -8.30
C PHE A 74 1.42 -4.00 -8.66
N ASP A 75 1.19 -3.53 -9.88
CA ASP A 75 1.84 -2.29 -10.30
C ASP A 75 1.26 -1.09 -9.56
N GLU A 76 0.00 -1.20 -9.16
CA GLU A 76 -0.67 -0.12 -8.44
C GLU A 76 -0.17 0.01 -7.00
N PHE A 77 -0.07 -1.12 -6.29
CA PHE A 77 0.38 -1.09 -4.91
C PHE A 77 1.84 -0.66 -4.85
N LEU A 78 2.60 -1.03 -5.88
CA LEU A 78 4.01 -0.64 -5.94
C LEU A 78 4.15 0.86 -6.04
N VAL A 79 3.30 1.48 -6.84
CA VAL A 79 3.33 2.93 -7.00
C VAL A 79 3.03 3.60 -5.67
N MET A 80 2.07 3.06 -4.91
CA MET A 80 1.73 3.64 -3.62
C MET A 80 2.97 3.77 -2.75
N MET A 81 3.75 2.70 -2.66
CA MET A 81 4.98 2.74 -1.86
C MET A 81 5.97 3.75 -2.43
N VAL A 82 6.07 3.75 -3.75
CA VAL A 82 6.96 4.68 -4.43
C VAL A 82 6.49 6.11 -4.24
N ARG A 83 5.16 6.30 -4.27
CA ARG A 83 4.58 7.62 -4.11
C ARG A 83 5.00 8.22 -2.77
N SER A 84 4.94 7.40 -1.71
CA SER A 84 5.33 7.86 -0.38
C SER A 84 6.82 8.22 -0.37
N MET A 85 7.63 7.38 -0.99
CA MET A 85 9.07 7.61 -1.05
C MET A 85 9.38 8.93 -1.76
N LYS A 86 8.65 9.20 -2.83
CA LYS A 86 8.86 10.43 -3.58
C LYS A 86 10.33 10.60 -3.95
N ASP A 87 10.63 11.68 -4.66
CA ASP A 87 12.02 11.96 -5.06
C ASP A 87 12.46 13.33 -4.55
N ASP A 88 12.88 13.39 -3.29
CA ASP A 88 13.33 14.65 -2.72
C ASP A 88 12.45 15.80 -3.18
N SER A 89 13.01 16.70 -3.98
CA SER A 89 12.26 17.84 -4.48
C SER A 89 11.05 17.37 -5.27
N LYS A 90 9.87 17.60 -4.73
CA LYS A 90 8.63 17.20 -5.38
C LYS A 90 7.48 18.12 -4.99
N GLY A 91 6.29 17.81 -5.47
CA GLY A 91 5.11 18.62 -5.16
C GLY A 91 4.72 18.47 -3.69
N LYS A 92 4.05 19.49 -3.16
CA LYS A 92 3.61 19.47 -1.77
C LYS A 92 2.22 20.06 -1.63
N PHE A 93 1.69 20.03 -0.41
CA PHE A 93 0.36 20.57 -0.15
C PHE A 93 -0.72 19.60 -0.61
N LYS A 94 -0.87 19.47 -1.93
CA LYS A 94 -1.88 18.58 -2.49
C LYS A 94 -2.29 17.53 -1.48
N ARG A 95 -3.58 17.48 -1.17
CA ARG A 95 -4.11 16.52 -0.20
C ARG A 95 -5.31 15.78 -0.78
N PRO A 96 -5.66 14.68 -0.18
CA PRO A 96 -6.78 13.83 -0.64
C PRO A 96 -8.12 14.31 -0.09
N THR A 97 -8.57 13.69 1.00
CA THR A 97 -9.83 14.07 1.61
C THR A 97 -9.91 13.55 3.04
N LEU A 98 -10.83 14.11 3.83
CA LEU A 98 -10.99 13.68 5.22
C LEU A 98 -9.78 14.09 6.05
N ARG A 99 -8.63 13.51 5.73
CA ARG A 99 -7.40 13.82 6.45
C ARG A 99 -7.41 13.14 7.81
N ARG A 100 -8.07 13.77 8.77
CA ARG A 100 -8.15 13.21 10.13
C ARG A 100 -6.96 12.30 10.40
N VAL A 101 -7.17 11.00 10.24
CA VAL A 101 -6.10 10.03 10.48
C VAL A 101 -5.38 9.72 9.17
N ARG A 102 -4.15 9.23 9.30
CA ARG A 102 -3.34 8.90 8.13
C ARG A 102 -2.56 7.61 8.36
N ILE A 103 -2.36 6.85 7.28
CA ILE A 103 -1.63 5.60 7.38
C ILE A 103 -0.35 5.66 6.54
N SER A 104 0.80 5.61 7.20
CA SER A 104 2.08 5.66 6.50
C SER A 104 2.30 4.36 5.73
N ALA A 105 2.83 4.49 4.53
CA ALA A 105 3.09 3.31 3.70
C ALA A 105 4.06 2.37 4.41
N ASP A 106 5.10 2.94 5.02
CA ASP A 106 6.07 2.14 5.75
C ASP A 106 5.40 1.42 6.90
N ALA A 107 4.59 2.13 7.66
CA ALA A 107 3.90 1.53 8.79
C ALA A 107 2.97 0.41 8.33
N MET A 108 2.25 0.66 7.25
CA MET A 108 1.32 -0.34 6.72
C MET A 108 2.07 -1.52 6.11
N MET A 109 3.13 -1.22 5.36
CA MET A 109 3.91 -2.28 4.73
C MET A 109 4.60 -3.15 5.78
N GLN A 110 4.99 -2.52 6.88
CA GLN A 110 5.64 -3.27 7.95
C GLN A 110 4.67 -4.25 8.59
N ALA A 111 3.43 -3.81 8.76
CA ALA A 111 2.41 -4.66 9.35
C ALA A 111 2.16 -5.88 8.46
N LEU A 112 2.13 -5.62 7.14
CA LEU A 112 1.89 -6.69 6.18
C LEU A 112 3.06 -7.67 6.16
N LEU A 113 4.28 -7.13 6.23
CA LEU A 113 5.48 -7.96 6.21
C LEU A 113 5.55 -8.83 7.47
N GLY A 114 5.20 -8.25 8.60
CA GLY A 114 5.22 -8.98 9.86
C GLY A 114 6.62 -9.00 10.45
N ALA A 115 6.70 -9.18 11.77
CA ALA A 115 8.00 -9.22 12.44
C ALA A 115 8.74 -7.90 12.26
N ARG A 116 10.07 -7.97 12.17
CA ARG A 116 10.87 -6.77 12.00
C ARG A 116 12.18 -7.11 11.30
N ALA A 117 12.86 -6.08 10.80
CA ALA A 117 14.13 -6.28 10.09
C ALA A 117 15.31 -6.07 11.05
N LYS A 118 16.26 -6.99 11.01
CA LYS A 118 17.44 -6.91 11.87
C LYS A 118 17.04 -7.01 13.33
N GLY A 119 16.60 -8.20 13.73
CA GLY A 119 16.19 -8.43 15.12
C GLY A 119 17.40 -8.73 16.00
N HIS A 120 18.36 -9.45 15.44
CA HIS A 120 19.57 -9.81 16.18
C HIS A 120 20.76 -8.98 15.72
N HIS A 121 21.87 -9.09 16.44
CA HIS A 121 23.07 -8.34 16.09
C HIS A 121 24.16 -9.27 15.60
N HIS A 122 24.57 -10.20 16.45
CA HIS A 122 25.62 -11.15 16.09
C HIS A 122 26.26 -11.74 17.34
N HIS A 123 25.58 -12.69 17.96
CA HIS A 123 26.09 -13.33 19.18
C HIS A 123 25.42 -14.68 19.39
N HIS A 124 25.96 -15.46 20.34
CA HIS A 124 25.40 -16.77 20.64
C HIS A 124 25.56 -17.70 19.45
N HIS A 125 25.94 -18.95 19.72
CA HIS A 125 26.12 -19.94 18.66
C HIS A 125 24.88 -20.82 18.54
CA CA B . -5.69 -1.02 -11.06
S1 WW7 C . -2.98 5.48 2.85
O1 WW7 C . -3.17 5.83 4.32
O2 WW7 C . -4.18 6.04 2.07
N1 WW7 C . -1.59 6.17 2.32
C4 WW7 C . -2.61 0.95 2.47
C3 WW7 C . -2.21 1.60 3.62
C2 WW7 C . -2.33 2.98 3.72
C1 WW7 C . -2.85 3.72 2.67
C9 WW7 C . -3.26 3.04 1.48
C10 WW7 C . -3.13 1.66 1.38
CL1 WW7 C . -3.45 -0.72 -0.06
C5 WW7 C . -3.56 1.01 0.18
C6 WW7 C . -4.07 1.77 -0.87
C7 WW7 C . -4.17 3.14 -0.75
C8 WW7 C . -3.77 3.76 0.42
C11 WW7 C . -1.54 6.21 0.85
C12 WW7 C . -0.65 7.36 0.36
C14 WW7 C . 1.67 8.11 0.86
C13 WW7 C . 0.81 6.93 0.42
C15 WW7 C . 2.13 7.92 2.31
C16 WW7 C . 1.78 9.16 3.13
N2 WW7 C . 2.59 10.32 2.70
HN1 WW7 C . -0.81 5.65 2.67
H4 WW7 C . -2.51 -0.15 2.40
H3 WW7 C . -1.81 1.03 4.45
H2 WW7 C . -2.01 3.48 4.63
H6 WW7 C . -4.39 1.30 -1.79
H7 WW7 C . -4.57 3.73 -1.56
H8 WW7 C . -3.87 4.84 0.51
H111 WW7 C . -2.55 6.35 0.45
H112 WW7 C . -1.16 5.27 0.47
H121 WW7 C . -0.81 8.23 0.99
H122 WW7 C . -0.93 7.61 -0.67
H141 WW7 C . 1.10 9.03 0.77
H142 WW7 C . 2.55 8.17 0.20
H131 WW7 C . 1.13 6.57 -0.55
H132 WW7 C . 0.91 6.11 1.15
H151 WW7 C . 3.20 7.76 2.33
H152 WW7 C . 1.63 7.04 2.72
H161 WW7 C . 1.96 8.96 4.18
H162 WW7 C . 0.72 9.39 2.99
HN21 WW7 C . 3.33 10.01 2.12
HN22 WW7 C . 2.96 10.78 3.51
H24 WW7 C . 1.99 10.96 2.19
N MET A 1 -0.74 6.17 -15.63
CA MET A 1 0.13 6.12 -14.42
C MET A 1 1.41 6.91 -14.68
N ASP A 2 1.86 7.65 -13.67
CA ASP A 2 3.06 8.45 -13.82
C ASP A 2 4.25 7.58 -14.21
N ASP A 3 5.01 8.03 -15.20
CA ASP A 3 6.17 7.27 -15.67
C ASP A 3 7.19 7.10 -14.54
N ILE A 4 7.34 8.15 -13.75
CA ILE A 4 8.29 8.11 -12.63
C ILE A 4 8.02 6.89 -11.75
N TYR A 5 6.75 6.68 -11.39
CA TYR A 5 6.38 5.55 -10.56
C TYR A 5 6.67 4.24 -11.30
N LYS A 6 6.36 4.22 -12.60
CA LYS A 6 6.60 3.04 -13.41
C LYS A 6 8.08 2.69 -13.40
N ALA A 7 8.92 3.70 -13.61
CA ALA A 7 10.35 3.50 -13.61
C ALA A 7 10.82 3.04 -12.23
N ALA A 8 10.22 3.59 -11.19
CA ALA A 8 10.58 3.22 -9.83
C ALA A 8 10.37 1.73 -9.61
N VAL A 9 9.26 1.22 -10.12
CA VAL A 9 8.97 -0.21 -9.98
C VAL A 9 10.06 -1.04 -10.63
N GLU A 10 10.46 -0.64 -11.85
CA GLU A 10 11.50 -1.34 -12.58
C GLU A 10 12.87 -1.07 -11.95
N GLN A 11 13.02 0.10 -11.36
CA GLN A 11 14.27 0.48 -10.72
C GLN A 11 14.54 -0.37 -9.48
N LEU A 12 13.49 -0.66 -8.73
CA LEU A 12 13.63 -1.46 -7.52
C LEU A 12 14.44 -2.72 -7.81
N THR A 13 15.42 -2.99 -6.97
CA THR A 13 16.27 -4.17 -7.12
C THR A 13 15.46 -5.43 -6.90
N GLU A 14 16.13 -6.58 -6.99
CA GLU A 14 15.46 -7.86 -6.81
C GLU A 14 14.83 -7.95 -5.42
N GLU A 15 15.60 -7.56 -4.40
CA GLU A 15 15.10 -7.60 -3.03
C GLU A 15 13.93 -6.64 -2.85
N GLN A 16 14.03 -5.45 -3.43
CA GLN A 16 12.97 -4.45 -3.32
C GLN A 16 11.69 -4.97 -3.97
N LYS A 17 11.80 -5.50 -5.18
CA LYS A 17 10.64 -6.04 -5.87
C LYS A 17 10.06 -7.21 -5.10
N ASN A 18 10.93 -8.05 -4.56
CA ASN A 18 10.49 -9.21 -3.79
C ASN A 18 9.71 -8.76 -2.55
N GLU A 19 10.24 -7.75 -1.86
CA GLU A 19 9.58 -7.23 -0.66
C GLU A 19 8.20 -6.69 -1.01
N PHE A 20 8.13 -5.88 -2.06
CA PHE A 20 6.86 -5.30 -2.49
C PHE A 20 5.94 -6.39 -3.02
N LYS A 21 6.50 -7.32 -3.78
CA LYS A 21 5.71 -8.40 -4.34
C LYS A 21 5.10 -9.25 -3.23
N ALA A 22 5.88 -9.49 -2.17
CA ALA A 22 5.40 -10.28 -1.05
C ALA A 22 4.19 -9.60 -0.42
N ALA A 23 4.25 -8.29 -0.28
CA ALA A 23 3.15 -7.54 0.30
C ALA A 23 1.91 -7.65 -0.58
N PHE A 24 2.12 -7.60 -1.90
CA PHE A 24 1.02 -7.72 -2.85
C PHE A 24 0.27 -9.02 -2.65
N ASP A 25 1.00 -10.12 -2.53
CA ASP A 25 0.37 -11.42 -2.34
C ASP A 25 -0.50 -11.42 -1.09
N ILE A 26 0.05 -10.93 0.01
CA ILE A 26 -0.69 -10.85 1.27
C ILE A 26 -1.78 -9.79 1.18
N PHE A 27 -1.45 -8.66 0.58
CA PHE A 27 -2.41 -7.57 0.44
C PHE A 27 -3.65 -8.05 -0.30
N VAL A 28 -3.45 -8.95 -1.25
CA VAL A 28 -4.57 -9.49 -2.03
C VAL A 28 -4.96 -10.88 -1.53
N LEU A 29 -4.69 -11.14 -0.26
CA LEU A 29 -5.00 -12.44 0.32
C LEU A 29 -6.50 -12.74 0.17
N GLY A 30 -6.81 -13.71 -0.67
CA GLY A 30 -8.21 -14.08 -0.90
C GLY A 30 -8.78 -13.31 -2.08
N ALA A 31 -8.02 -12.37 -2.60
CA ALA A 31 -8.46 -11.57 -3.74
C ALA A 31 -8.79 -12.46 -4.92
N GLU A 32 -10.00 -12.31 -5.44
CA GLU A 32 -10.44 -13.11 -6.58
C GLU A 32 -9.64 -12.74 -7.83
N ASP A 33 -9.37 -11.45 -8.00
CA ASP A 33 -8.63 -10.98 -9.15
C ASP A 33 -7.14 -10.91 -8.84
N GLY A 34 -6.80 -11.02 -7.55
CA GLY A 34 -5.41 -10.96 -7.11
C GLY A 34 -4.99 -9.52 -6.83
N SER A 35 -5.85 -8.57 -7.19
CA SER A 35 -5.55 -7.16 -6.97
C SER A 35 -6.16 -6.69 -5.65
N ILE A 36 -5.52 -5.72 -5.03
CA ILE A 36 -6.01 -5.20 -3.75
C ILE A 36 -7.26 -4.35 -3.95
N SER A 37 -8.31 -4.68 -3.22
CA SER A 37 -9.56 -3.94 -3.33
C SER A 37 -10.03 -3.49 -1.94
N THR A 38 -11.27 -3.01 -1.87
CA THR A 38 -11.82 -2.57 -0.60
C THR A 38 -11.86 -3.71 0.41
N LYS A 39 -12.26 -4.90 -0.05
CA LYS A 39 -12.33 -6.05 0.83
C LYS A 39 -10.95 -6.35 1.43
N GLU A 40 -9.95 -6.41 0.57
CA GLU A 40 -8.58 -6.65 1.02
C GLU A 40 -8.05 -5.45 1.78
N LEU A 41 -8.41 -4.26 1.30
CA LEU A 41 -7.96 -3.02 1.95
C LEU A 41 -8.53 -2.94 3.36
N GLY A 42 -9.80 -3.27 3.50
CA GLY A 42 -10.44 -3.22 4.80
C GLY A 42 -9.74 -4.14 5.80
N LYS A 43 -9.40 -5.35 5.36
CA LYS A 43 -8.71 -6.29 6.23
C LYS A 43 -7.34 -5.76 6.62
N VAL A 44 -6.65 -5.18 5.65
CA VAL A 44 -5.32 -4.63 5.89
C VAL A 44 -5.41 -3.45 6.87
N MET A 45 -6.36 -2.57 6.62
CA MET A 45 -6.54 -1.40 7.46
C MET A 45 -6.89 -1.84 8.89
N ARG A 46 -7.69 -2.89 8.99
CA ARG A 46 -8.09 -3.42 10.30
C ARG A 46 -6.86 -3.86 11.07
N MET A 47 -5.91 -4.47 10.36
CA MET A 47 -4.67 -4.93 10.99
C MET A 47 -3.90 -3.74 11.57
N LEU A 48 -3.90 -2.64 10.83
CA LEU A 48 -3.19 -1.44 11.28
C LEU A 48 -3.98 -0.72 12.37
N GLY A 49 -5.07 -1.33 12.79
CA GLY A 49 -5.92 -0.74 13.83
C GLY A 49 -6.95 0.21 13.24
N GLN A 50 -6.97 0.28 11.90
CA GLN A 50 -7.92 1.15 11.22
C GLN A 50 -9.27 0.46 11.05
N ASN A 51 -10.33 1.24 10.91
CA ASN A 51 -11.66 0.68 10.74
C ASN A 51 -12.44 1.50 9.71
N PRO A 52 -11.87 1.73 8.57
CA PRO A 52 -12.53 2.49 7.47
C PRO A 52 -13.67 1.71 6.83
N THR A 53 -14.67 2.43 6.34
CA THR A 53 -15.82 1.80 5.69
C THR A 53 -15.50 1.45 4.25
N PRO A 54 -16.30 0.62 3.64
CA PRO A 54 -16.09 0.20 2.22
C PRO A 54 -15.94 1.39 1.28
N GLU A 55 -16.75 2.42 1.49
CA GLU A 55 -16.68 3.61 0.66
C GLU A 55 -15.31 4.27 0.80
N GLU A 56 -14.83 4.38 2.03
CA GLU A 56 -13.53 4.97 2.29
C GLU A 56 -12.42 4.07 1.74
N LEU A 57 -12.63 2.76 1.83
CA LEU A 57 -11.65 1.80 1.34
C LEU A 57 -11.40 2.00 -0.15
N GLN A 58 -12.48 2.20 -0.91
CA GLN A 58 -12.34 2.41 -2.34
C GLN A 58 -11.66 3.75 -2.63
N GLU A 59 -11.94 4.74 -1.79
CA GLU A 59 -11.35 6.05 -1.96
C GLU A 59 -9.83 5.98 -1.81
N MET A 60 -9.38 5.19 -0.84
CA MET A 60 -7.95 5.02 -0.62
C MET A 60 -7.28 4.40 -1.84
N ILE A 61 -7.90 3.34 -2.35
CA ILE A 61 -7.39 2.66 -3.54
C ILE A 61 -7.37 3.62 -4.73
N ASP A 62 -8.38 4.49 -4.78
CA ASP A 62 -8.48 5.46 -5.86
C ASP A 62 -7.18 6.26 -6.00
N GLU A 63 -6.52 6.51 -4.86
CA GLU A 63 -5.27 7.27 -4.87
C GLU A 63 -4.22 6.57 -5.73
N VAL A 64 -4.12 5.26 -5.59
CA VAL A 64 -3.16 4.49 -6.36
C VAL A 64 -3.82 3.88 -7.60
N ASP A 65 -5.11 4.19 -7.77
CA ASP A 65 -5.84 3.67 -8.91
C ASP A 65 -5.79 4.65 -10.08
N GLU A 66 -4.87 4.42 -11.01
CA GLU A 66 -4.73 5.27 -12.18
C GLU A 66 -5.53 4.73 -13.35
N ASP A 67 -5.77 3.41 -13.35
CA ASP A 67 -6.52 2.78 -14.42
C ASP A 67 -8.01 2.86 -14.15
N GLY A 68 -8.39 3.44 -13.02
CA GLY A 68 -9.80 3.58 -12.67
C GLY A 68 -10.41 2.22 -12.34
N SER A 69 -9.56 1.22 -12.16
CA SER A 69 -10.02 -0.12 -11.85
C SER A 69 -10.66 -0.17 -10.46
N GLY A 70 -10.27 0.77 -9.61
CA GLY A 70 -10.80 0.82 -8.26
C GLY A 70 -10.05 -0.12 -7.33
N THR A 71 -9.05 -0.79 -7.88
CA THR A 71 -8.24 -1.72 -7.09
C THR A 71 -6.75 -1.50 -7.35
N VAL A 72 -5.92 -1.98 -6.43
CA VAL A 72 -4.47 -1.84 -6.57
C VAL A 72 -3.85 -3.18 -6.95
N ASP A 73 -3.29 -3.24 -8.15
CA ASP A 73 -2.65 -4.45 -8.63
C ASP A 73 -1.17 -4.46 -8.26
N PHE A 74 -0.41 -5.35 -8.88
CA PHE A 74 1.02 -5.45 -8.59
C PHE A 74 1.72 -4.12 -8.88
N ASP A 75 1.45 -3.56 -10.05
CA ASP A 75 2.05 -2.29 -10.41
C ASP A 75 1.50 -1.15 -9.55
N GLU A 76 0.20 -1.22 -9.25
CA GLU A 76 -0.44 -0.17 -8.46
C GLU A 76 0.03 -0.20 -7.01
N PHE A 77 0.13 -1.39 -6.41
CA PHE A 77 0.55 -1.48 -5.03
C PHE A 77 2.00 -1.02 -4.90
N LEU A 78 2.79 -1.28 -5.93
CA LEU A 78 4.19 -0.87 -5.94
C LEU A 78 4.29 0.66 -5.93
N VAL A 79 3.41 1.30 -6.68
CA VAL A 79 3.39 2.76 -6.73
C VAL A 79 3.13 3.33 -5.35
N MET A 80 2.17 2.77 -4.63
CA MET A 80 1.87 3.23 -3.28
C MET A 80 3.13 3.23 -2.43
N MET A 81 3.85 2.12 -2.44
CA MET A 81 5.09 2.02 -1.66
C MET A 81 6.13 3.01 -2.17
N VAL A 82 6.25 3.09 -3.49
CA VAL A 82 7.19 4.01 -4.13
C VAL A 82 6.82 5.45 -3.81
N ARG A 83 5.52 5.75 -3.83
CA ARG A 83 5.04 7.09 -3.54
C ARG A 83 5.52 7.53 -2.16
N SER A 84 5.42 6.64 -1.19
CA SER A 84 5.85 6.96 0.17
C SER A 84 7.35 7.23 0.20
N MET A 85 8.11 6.46 -0.56
CA MET A 85 9.55 6.64 -0.61
C MET A 85 9.91 8.05 -1.05
N LYS A 86 9.20 8.55 -2.05
CA LYS A 86 9.46 9.89 -2.56
C LYS A 86 8.15 10.66 -2.71
N ASP A 87 8.11 11.88 -2.17
CA ASP A 87 6.91 12.71 -2.24
C ASP A 87 7.20 14.12 -1.74
N ASP A 88 6.22 14.71 -1.08
CA ASP A 88 6.37 16.06 -0.55
C ASP A 88 6.61 17.06 -1.68
N SER A 89 5.72 17.02 -2.68
CA SER A 89 5.84 17.92 -3.82
C SER A 89 4.46 18.33 -4.34
N LYS A 90 4.41 19.36 -5.17
CA LYS A 90 3.14 19.84 -5.71
C LYS A 90 2.18 18.68 -5.92
N GLY A 91 1.20 18.56 -5.02
CA GLY A 91 0.21 17.49 -5.09
C GLY A 91 -0.75 17.73 -6.26
N LYS A 92 -0.69 18.93 -6.83
CA LYS A 92 -1.57 19.28 -7.94
C LYS A 92 -3.00 18.83 -7.65
N PHE A 93 -3.82 18.79 -8.69
CA PHE A 93 -5.21 18.39 -8.55
C PHE A 93 -6.06 19.53 -8.00
N LYS A 94 -7.37 19.46 -8.24
CA LYS A 94 -8.27 20.51 -7.78
C LYS A 94 -8.67 20.25 -6.32
N ARG A 95 -7.77 20.57 -5.41
CA ARG A 95 -8.04 20.37 -3.98
C ARG A 95 -8.27 18.89 -3.69
N PRO A 96 -7.83 18.43 -2.56
CA PRO A 96 -7.98 17.01 -2.13
C PRO A 96 -9.45 16.60 -2.04
N THR A 97 -9.73 15.36 -2.45
CA THR A 97 -11.11 14.86 -2.40
C THR A 97 -11.62 14.85 -0.97
N LEU A 98 -10.76 14.46 -0.04
CA LEU A 98 -11.14 14.41 1.37
C LEU A 98 -9.91 14.16 2.25
N ARG A 99 -9.76 14.97 3.29
CA ARG A 99 -8.62 14.82 4.19
C ARG A 99 -9.05 14.10 5.47
N ARG A 100 -8.76 12.80 5.52
CA ARG A 100 -9.14 11.99 6.68
C ARG A 100 -7.98 11.08 7.08
N VAL A 101 -7.35 11.40 8.22
CA VAL A 101 -6.24 10.60 8.70
C VAL A 101 -5.16 10.46 7.63
N ARG A 102 -3.91 10.38 8.06
CA ARG A 102 -2.80 10.23 7.14
C ARG A 102 -1.95 9.02 7.51
N ILE A 103 -2.55 7.83 7.43
CA ILE A 103 -1.84 6.60 7.77
C ILE A 103 -0.47 6.57 7.10
N SER A 104 0.47 5.86 7.72
CA SER A 104 1.82 5.76 7.16
C SER A 104 1.99 4.43 6.43
N ALA A 105 2.33 4.49 5.15
CA ALA A 105 2.52 3.29 4.35
C ALA A 105 3.66 2.45 4.94
N ASP A 106 4.70 3.12 5.40
CA ASP A 106 5.84 2.44 5.99
C ASP A 106 5.38 1.63 7.21
N ALA A 107 4.55 2.25 8.03
CA ALA A 107 4.03 1.58 9.23
C ALA A 107 3.20 0.37 8.83
N MET A 108 2.39 0.53 7.79
CA MET A 108 1.55 -0.56 7.29
C MET A 108 2.40 -1.74 6.86
N MET A 109 3.54 -1.45 6.25
CA MET A 109 4.43 -2.50 5.79
C MET A 109 4.71 -3.48 6.93
N GLN A 110 4.86 -2.97 8.14
CA GLN A 110 5.13 -3.82 9.29
C GLN A 110 3.95 -4.74 9.56
N ALA A 111 2.73 -4.20 9.42
CA ALA A 111 1.52 -4.99 9.63
C ALA A 111 1.38 -6.06 8.55
N LEU A 112 1.68 -5.67 7.31
CA LEU A 112 1.58 -6.59 6.18
C LEU A 112 2.72 -7.61 6.19
N LEU A 113 3.92 -7.13 6.50
CA LEU A 113 5.10 -8.00 6.55
C LEU A 113 5.10 -8.83 7.82
N GLY A 114 4.25 -8.47 8.77
CA GLY A 114 4.18 -9.20 10.03
C GLY A 114 4.47 -10.67 9.82
N ALA A 115 5.74 -11.05 9.95
CA ALA A 115 6.14 -12.43 9.78
C ALA A 115 6.25 -13.14 11.11
N ARG A 116 5.89 -12.44 12.19
CA ARG A 116 5.96 -13.00 13.53
C ARG A 116 7.07 -14.03 13.62
N ALA A 117 8.17 -13.78 12.91
CA ALA A 117 9.31 -14.71 12.93
C ALA A 117 8.83 -16.15 12.78
N LYS A 118 7.58 -16.31 12.35
CA LYS A 118 7.02 -17.65 12.17
C LYS A 118 7.03 -18.03 10.70
N GLY A 119 6.74 -17.06 9.84
CA GLY A 119 6.73 -17.31 8.39
C GLY A 119 5.71 -18.39 8.05
N HIS A 120 6.19 -19.47 7.43
CA HIS A 120 5.31 -20.56 7.04
C HIS A 120 4.59 -20.22 5.74
N HIS A 121 5.22 -19.40 4.91
CA HIS A 121 4.63 -19.00 3.63
C HIS A 121 5.08 -19.94 2.51
N HIS A 122 6.13 -20.70 2.78
CA HIS A 122 6.65 -21.64 1.78
C HIS A 122 6.42 -23.08 2.23
N HIS A 123 6.20 -23.26 3.52
CA HIS A 123 5.96 -24.59 4.07
C HIS A 123 4.66 -25.17 3.52
N HIS A 124 4.46 -26.47 3.74
CA HIS A 124 3.25 -27.13 3.25
C HIS A 124 3.39 -27.47 1.77
N HIS A 125 4.50 -28.10 1.42
CA HIS A 125 4.74 -28.49 0.03
C HIS A 125 4.35 -27.36 -0.90
CA CA B . -6.26 1.00 -9.83
S1 WW7 C . -3.23 6.03 2.57
O1 WW7 C . -2.43 6.65 3.74
O2 WW7 C . -4.72 6.26 2.81
N1 WW7 C . -2.78 6.71 1.16
C4 WW7 C . -2.42 1.57 2.44
C3 WW7 C . -1.91 2.34 3.47
C2 WW7 C . -2.16 3.70 3.51
C1 WW7 C . -2.92 4.29 2.51
C9 WW7 C . -3.44 3.51 1.46
C10 WW7 C . -3.18 2.14 1.42
CL1 WW7 C . -3.46 -0.35 0.20
C5 WW7 C . -3.72 1.38 0.35
C6 WW7 C . -4.48 2.00 -0.64
C7 WW7 C . -4.71 3.36 -0.58
C8 WW7 C . -4.20 4.10 0.46
C11 WW7 C . -1.31 6.71 1.02
C12 WW7 C . -0.87 7.37 -0.29
C14 WW7 C . 1.60 7.76 0.02
C13 WW7 C . 0.20 8.42 0.00
C15 WW7 C . 1.98 7.44 1.47
C16 WW7 C . 2.97 8.49 1.98
N2 WW7 C . 2.38 9.29 3.07
HN1 WW7 C . -3.13 7.64 1.10
H4 WW7 C . -2.21 0.50 2.43
H3 WW7 C . -1.32 1.88 4.25
H2 WW7 C . -1.76 4.31 4.32
H6 WW7 C . -4.89 1.42 -1.46
H7 WW7 C . -5.31 3.83 -1.34
H8 WW7 C . -4.39 5.17 0.50
H111 WW7 C . -0.96 5.68 1.04
H112 WW7 C . -0.88 7.24 1.86
H121 WW7 C . -1.73 7.85 -0.77
H122 WW7 C . -0.48 6.61 -0.96
H141 WW7 C . 2.33 8.43 -0.42
H142 WW7 C . 1.56 6.84 -0.56
H131 WW7 C . 0.01 8.89 0.97
H132 WW7 C . 0.17 9.19 -0.78
H151 WW7 C . 2.43 6.46 1.52
H152 WW7 C . 1.07 7.45 2.09
H161 WW7 C . 3.26 9.15 1.16
H162 WW7 C . 3.86 7.98 2.35
HN21 WW7 C . 2.82 9.05 3.93
HN22 WW7 C . 1.40 9.11 3.12
H24 WW7 C . 2.52 10.26 2.86
N MET A 1 -1.31 7.74 -13.95
CA MET A 1 -0.13 7.24 -13.18
C MET A 1 1.14 7.91 -13.71
N ASP A 2 1.90 8.53 -12.80
CA ASP A 2 3.12 9.22 -13.18
C ASP A 2 4.11 8.23 -13.81
N ASP A 3 4.77 8.67 -14.87
CA ASP A 3 5.75 7.82 -15.55
C ASP A 3 6.88 7.44 -14.61
N ILE A 4 7.28 8.40 -13.79
CA ILE A 4 8.35 8.16 -12.83
C ILE A 4 7.97 7.06 -11.85
N TYR A 5 6.72 7.07 -11.40
CA TYR A 5 6.26 6.06 -10.46
C TYR A 5 6.36 4.67 -11.09
N LYS A 6 5.95 4.57 -12.35
CA LYS A 6 6.02 3.29 -13.04
C LYS A 6 7.47 2.82 -13.14
N ALA A 7 8.35 3.77 -13.43
CA ALA A 7 9.77 3.47 -13.52
C ALA A 7 10.30 3.01 -12.18
N ALA A 8 9.81 3.66 -11.11
CA ALA A 8 10.25 3.32 -9.77
C ALA A 8 9.98 1.85 -9.48
N VAL A 9 8.83 1.37 -9.93
CA VAL A 9 8.48 -0.03 -9.72
C VAL A 9 9.51 -0.94 -10.38
N GLU A 10 9.85 -0.62 -11.62
CA GLU A 10 10.83 -1.42 -12.35
C GLU A 10 12.24 -1.20 -11.80
N GLN A 11 12.46 -0.02 -11.23
CA GLN A 11 13.77 0.31 -10.67
C GLN A 11 14.08 -0.55 -9.45
N LEU A 12 13.07 -0.84 -8.65
CA LEU A 12 13.26 -1.64 -7.45
C LEU A 12 14.06 -2.91 -7.79
N THR A 13 15.02 -3.22 -6.93
CA THR A 13 15.85 -4.40 -7.12
C THR A 13 15.07 -5.67 -6.77
N GLU A 14 15.72 -6.82 -6.88
CA GLU A 14 15.05 -8.09 -6.59
C GLU A 14 14.54 -8.09 -5.15
N GLU A 15 15.38 -7.67 -4.22
CA GLU A 15 14.97 -7.62 -2.81
C GLU A 15 13.79 -6.68 -2.62
N GLN A 16 13.89 -5.48 -3.16
CA GLN A 16 12.81 -4.50 -3.03
C GLN A 16 11.54 -5.00 -3.72
N LYS A 17 11.70 -5.57 -4.91
CA LYS A 17 10.57 -6.10 -5.65
C LYS A 17 9.92 -7.24 -4.88
N ASN A 18 10.75 -8.13 -4.34
CA ASN A 18 10.24 -9.27 -3.58
C ASN A 18 9.48 -8.78 -2.35
N GLU A 19 10.04 -7.80 -1.66
CA GLU A 19 9.41 -7.26 -0.45
C GLU A 19 8.04 -6.68 -0.79
N PHE A 20 8.00 -5.86 -1.83
CA PHE A 20 6.74 -5.25 -2.25
C PHE A 20 5.80 -6.31 -2.79
N LYS A 21 6.34 -7.23 -3.57
CA LYS A 21 5.51 -8.27 -4.15
C LYS A 21 4.82 -9.09 -3.07
N ALA A 22 5.56 -9.37 -2.00
CA ALA A 22 5.00 -10.14 -0.89
C ALA A 22 3.80 -9.41 -0.32
N ALA A 23 3.91 -8.09 -0.20
CA ALA A 23 2.81 -7.28 0.32
C ALA A 23 1.58 -7.43 -0.58
N PHE A 24 1.81 -7.44 -1.89
CA PHE A 24 0.72 -7.57 -2.84
C PHE A 24 -0.05 -8.87 -2.61
N ASP A 25 0.68 -9.98 -2.52
CA ASP A 25 0.05 -11.27 -2.31
C ASP A 25 -0.68 -11.29 -0.97
N ILE A 26 -0.04 -10.77 0.06
CA ILE A 26 -0.65 -10.74 1.39
C ILE A 26 -1.89 -9.85 1.37
N PHE A 27 -1.77 -8.69 0.73
CA PHE A 27 -2.89 -7.77 0.65
C PHE A 27 -4.06 -8.41 -0.10
N VAL A 28 -3.76 -9.05 -1.22
CA VAL A 28 -4.79 -9.70 -2.01
C VAL A 28 -4.96 -11.15 -1.58
N LEU A 29 -4.71 -11.43 -0.32
CA LEU A 29 -4.84 -12.78 0.20
C LEU A 29 -6.25 -13.30 -0.03
N GLY A 30 -6.37 -14.29 -0.91
CA GLY A 30 -7.68 -14.88 -1.21
C GLY A 30 -8.42 -14.05 -2.26
N ALA A 31 -7.78 -12.99 -2.74
CA ALA A 31 -8.40 -12.13 -3.74
C ALA A 31 -8.79 -12.95 -4.98
N GLU A 32 -10.01 -12.76 -5.44
CA GLU A 32 -10.50 -13.48 -6.62
C GLU A 32 -9.69 -13.10 -7.85
N ASP A 33 -9.45 -11.81 -8.02
CA ASP A 33 -8.69 -11.32 -9.17
C ASP A 33 -7.22 -11.20 -8.82
N GLY A 34 -6.91 -11.32 -7.53
CA GLY A 34 -5.53 -11.21 -7.08
C GLY A 34 -5.15 -9.76 -6.83
N SER A 35 -6.07 -8.85 -7.14
CA SER A 35 -5.83 -7.42 -6.95
C SER A 35 -6.20 -7.01 -5.53
N ILE A 36 -5.86 -5.78 -5.16
CA ILE A 36 -6.16 -5.29 -3.82
C ILE A 36 -7.33 -4.32 -3.87
N SER A 37 -8.47 -4.74 -3.32
CA SER A 37 -9.66 -3.91 -3.31
C SER A 37 -9.97 -3.42 -1.90
N THR A 38 -11.13 -2.81 -1.73
CA THR A 38 -11.51 -2.32 -0.40
C THR A 38 -11.64 -3.47 0.58
N LYS A 39 -12.12 -4.61 0.12
CA LYS A 39 -12.27 -5.77 1.00
C LYS A 39 -10.90 -6.19 1.52
N GLU A 40 -9.94 -6.31 0.63
CA GLU A 40 -8.59 -6.69 1.01
C GLU A 40 -7.93 -5.56 1.79
N LEU A 41 -8.16 -4.33 1.34
CA LEU A 41 -7.60 -3.16 2.00
C LEU A 41 -8.12 -3.03 3.41
N GLY A 42 -9.42 -3.24 3.58
CA GLY A 42 -10.04 -3.16 4.90
C GLY A 42 -9.42 -4.18 5.85
N LYS A 43 -9.15 -5.38 5.33
CA LYS A 43 -8.56 -6.43 6.16
C LYS A 43 -7.22 -5.98 6.73
N VAL A 44 -6.37 -5.42 5.86
CA VAL A 44 -5.06 -4.96 6.30
C VAL A 44 -5.20 -3.76 7.23
N MET A 45 -6.11 -2.86 6.90
CA MET A 45 -6.32 -1.67 7.71
C MET A 45 -6.74 -2.08 9.12
N ARG A 46 -7.58 -3.11 9.21
CA ARG A 46 -8.05 -3.59 10.50
C ARG A 46 -6.87 -4.15 11.30
N MET A 47 -5.95 -4.79 10.60
CA MET A 47 -4.79 -5.37 11.25
C MET A 47 -3.98 -4.27 11.92
N LEU A 48 -3.94 -3.11 11.29
CA LEU A 48 -3.19 -1.97 11.82
C LEU A 48 -4.02 -1.20 12.84
N GLY A 49 -5.19 -1.75 13.16
CA GLY A 49 -6.09 -1.11 14.13
C GLY A 49 -7.01 -0.13 13.42
N GLN A 50 -6.84 0.02 12.12
CA GLN A 50 -7.66 0.95 11.34
C GLN A 50 -9.03 0.32 11.06
N ASN A 51 -10.05 1.16 10.94
CA ASN A 51 -11.39 0.68 10.66
C ASN A 51 -12.00 1.47 9.51
N PRO A 52 -11.36 1.44 8.37
CA PRO A 52 -11.87 2.16 7.15
C PRO A 52 -13.11 1.50 6.56
N THR A 53 -13.94 2.31 5.91
CA THR A 53 -15.16 1.80 5.30
C THR A 53 -14.95 1.63 3.80
N PRO A 54 -15.83 0.90 3.16
CA PRO A 54 -15.73 0.65 1.69
C PRO A 54 -15.57 1.94 0.90
N GLU A 55 -16.32 2.97 1.30
CA GLU A 55 -16.25 4.25 0.61
C GLU A 55 -14.84 4.84 0.72
N GLU A 56 -14.29 4.81 1.93
CA GLU A 56 -12.96 5.34 2.16
C GLU A 56 -11.90 4.40 1.56
N LEU A 57 -12.18 3.10 1.59
CA LEU A 57 -11.25 2.13 1.05
C LEU A 57 -11.04 2.34 -0.45
N GLN A 58 -12.14 2.58 -1.16
CA GLN A 58 -12.07 2.83 -2.60
C GLN A 58 -11.35 4.13 -2.89
N GLU A 59 -11.60 5.15 -2.07
CA GLU A 59 -10.96 6.43 -2.27
C GLU A 59 -9.43 6.28 -2.19
N MET A 60 -8.97 5.52 -1.20
CA MET A 60 -7.54 5.31 -1.04
C MET A 60 -7.00 4.53 -2.24
N ILE A 61 -7.77 3.51 -2.65
CA ILE A 61 -7.41 2.69 -3.80
C ILE A 61 -7.40 3.54 -5.07
N ASP A 62 -8.37 4.44 -5.16
CA ASP A 62 -8.49 5.31 -6.32
C ASP A 62 -7.23 6.16 -6.48
N GLU A 63 -6.65 6.56 -5.35
CA GLU A 63 -5.44 7.38 -5.38
C GLU A 63 -4.31 6.65 -6.11
N VAL A 64 -4.16 5.36 -5.81
CA VAL A 64 -3.13 4.56 -6.46
C VAL A 64 -3.59 4.11 -7.83
N ASP A 65 -4.91 4.05 -8.01
CA ASP A 65 -5.49 3.63 -9.28
C ASP A 65 -5.80 4.85 -10.15
N GLU A 66 -4.95 5.07 -11.16
CA GLU A 66 -5.14 6.20 -12.05
C GLU A 66 -5.99 5.80 -13.25
N ASP A 67 -5.96 4.52 -13.59
CA ASP A 67 -6.75 4.03 -14.72
C ASP A 67 -8.19 3.80 -14.31
N GLY A 68 -8.50 4.07 -13.04
CA GLY A 68 -9.85 3.88 -12.54
C GLY A 68 -10.20 2.40 -12.40
N SER A 69 -9.17 1.56 -12.31
CA SER A 69 -9.39 0.13 -12.18
C SER A 69 -10.19 -0.19 -10.90
N GLY A 70 -9.94 0.60 -9.85
CA GLY A 70 -10.64 0.39 -8.59
C GLY A 70 -9.88 -0.57 -7.69
N THR A 71 -8.85 -1.21 -8.25
CA THR A 71 -8.04 -2.16 -7.50
C THR A 71 -6.56 -1.84 -7.66
N VAL A 72 -5.77 -2.18 -6.65
CA VAL A 72 -4.33 -1.93 -6.70
C VAL A 72 -3.61 -3.16 -7.21
N ASP A 73 -3.11 -3.09 -8.44
CA ASP A 73 -2.40 -4.21 -9.04
C ASP A 73 -0.95 -4.23 -8.59
N PHE A 74 -0.14 -5.07 -9.22
CA PHE A 74 1.26 -5.17 -8.85
C PHE A 74 1.96 -3.82 -9.00
N ASP A 75 1.75 -3.19 -10.15
CA ASP A 75 2.36 -1.89 -10.39
C ASP A 75 1.71 -0.81 -9.51
N GLU A 76 0.41 -0.93 -9.29
CA GLU A 76 -0.31 0.05 -8.48
C GLU A 76 0.09 -0.04 -7.01
N PHE A 77 0.18 -1.27 -6.48
CA PHE A 77 0.54 -1.45 -5.10
C PHE A 77 1.98 -0.97 -4.87
N LEU A 78 2.82 -1.14 -5.88
CA LEU A 78 4.20 -0.69 -5.80
C LEU A 78 4.28 0.82 -5.84
N VAL A 79 3.36 1.44 -6.57
CA VAL A 79 3.33 2.90 -6.71
C VAL A 79 3.18 3.56 -5.35
N MET A 80 2.21 3.11 -4.56
CA MET A 80 2.01 3.68 -3.24
C MET A 80 3.32 3.60 -2.45
N MET A 81 4.00 2.46 -2.53
CA MET A 81 5.26 2.29 -1.83
C MET A 81 6.29 3.28 -2.36
N VAL A 82 6.30 3.43 -3.68
CA VAL A 82 7.20 4.37 -4.34
C VAL A 82 6.85 5.79 -3.94
N ARG A 83 5.55 6.08 -3.87
CA ARG A 83 5.09 7.41 -3.49
C ARG A 83 5.65 7.81 -2.13
N SER A 84 5.57 6.89 -1.17
CA SER A 84 6.09 7.16 0.16
C SER A 84 7.63 7.20 0.16
N MET A 85 8.22 6.27 -0.57
CA MET A 85 9.68 6.19 -0.66
C MET A 85 10.25 7.46 -1.29
N LYS A 86 9.59 7.97 -2.31
CA LYS A 86 10.04 9.17 -2.99
C LYS A 86 9.58 10.42 -2.24
N ASP A 87 8.78 10.21 -1.20
CA ASP A 87 8.26 11.32 -0.41
C ASP A 87 7.56 12.34 -1.31
N ASP A 88 6.97 11.85 -2.39
CA ASP A 88 6.27 12.72 -3.33
C ASP A 88 4.78 12.77 -3.01
N SER A 89 4.34 13.88 -2.45
CA SER A 89 2.93 14.04 -2.11
C SER A 89 2.12 14.47 -3.33
N LYS A 90 2.31 15.72 -3.75
CA LYS A 90 1.60 16.25 -4.91
C LYS A 90 0.21 15.63 -5.00
N GLY A 91 -0.47 15.55 -3.87
CA GLY A 91 -1.82 14.98 -3.84
C GLY A 91 -2.85 16.05 -4.15
N LYS A 92 -3.82 15.70 -4.99
CA LYS A 92 -4.87 16.63 -5.37
C LYS A 92 -6.11 16.43 -4.50
N PHE A 93 -6.54 17.49 -3.82
CA PHE A 93 -7.71 17.40 -2.96
C PHE A 93 -8.98 17.77 -3.74
N LYS A 94 -9.99 16.92 -3.64
CA LYS A 94 -11.25 17.16 -4.34
C LYS A 94 -12.17 18.06 -3.53
N ARG A 95 -12.91 17.46 -2.60
CA ARG A 95 -13.84 18.22 -1.77
C ARG A 95 -13.70 17.81 -0.31
N PRO A 96 -14.23 18.60 0.58
CA PRO A 96 -14.15 18.34 2.04
C PRO A 96 -14.71 16.96 2.41
N THR A 97 -15.77 16.56 1.72
CA THR A 97 -16.38 15.25 1.98
C THR A 97 -15.36 14.14 1.80
N LEU A 98 -14.31 14.43 1.05
CA LEU A 98 -13.26 13.44 0.81
C LEU A 98 -12.34 13.33 2.03
N ARG A 99 -12.10 12.09 2.45
CA ARG A 99 -11.23 11.85 3.61
C ARG A 99 -10.50 10.53 3.47
N ARG A 100 -9.45 10.35 4.27
CA ARG A 100 -8.66 9.13 4.22
C ARG A 100 -7.74 9.03 5.44
N VAL A 101 -6.98 7.96 5.52
CA VAL A 101 -6.06 7.75 6.63
C VAL A 101 -4.63 7.92 6.19
N ARG A 102 -3.88 8.76 6.91
CA ARG A 102 -2.48 9.01 6.57
C ARG A 102 -1.59 7.87 7.08
N ILE A 103 -1.99 6.63 6.81
CA ILE A 103 -1.22 5.48 7.24
C ILE A 103 0.12 5.43 6.51
N SER A 104 1.16 5.00 7.21
CA SER A 104 2.48 4.91 6.61
C SER A 104 2.59 3.64 5.79
N ALA A 105 3.02 3.78 4.54
CA ALA A 105 3.15 2.62 3.67
C ALA A 105 4.15 1.62 4.27
N ASP A 106 5.24 2.15 4.85
CA ASP A 106 6.25 1.29 5.45
C ASP A 106 5.63 0.50 6.59
N ALA A 107 4.80 1.17 7.38
CA ALA A 107 4.13 0.51 8.49
C ALA A 107 3.18 -0.57 7.97
N MET A 108 2.46 -0.24 6.90
CA MET A 108 1.53 -1.19 6.30
C MET A 108 2.24 -2.42 5.77
N MET A 109 3.30 -2.20 5.00
CA MET A 109 4.05 -3.30 4.42
C MET A 109 4.72 -4.10 5.54
N GLN A 110 5.19 -3.41 6.57
CA GLN A 110 5.83 -4.07 7.69
C GLN A 110 4.83 -4.95 8.41
N ALA A 111 3.59 -4.46 8.55
CA ALA A 111 2.55 -5.22 9.22
C ALA A 111 2.25 -6.49 8.46
N LEU A 112 2.20 -6.38 7.13
CA LEU A 112 1.91 -7.53 6.29
C LEU A 112 3.09 -8.51 6.28
N LEU A 113 4.30 -7.97 6.11
CA LEU A 113 5.50 -8.79 6.09
C LEU A 113 5.78 -9.36 7.48
N GLY A 114 5.55 -8.54 8.49
CA GLY A 114 5.78 -8.96 9.87
C GLY A 114 4.49 -8.91 10.68
N ALA A 115 4.23 -9.97 11.45
CA ALA A 115 3.02 -10.02 12.27
C ALA A 115 3.37 -9.90 13.75
N ARG A 116 4.51 -10.45 14.14
CA ARG A 116 4.94 -10.40 15.53
C ARG A 116 3.77 -10.66 16.46
N ALA A 117 3.97 -10.37 17.74
CA ALA A 117 2.91 -10.57 18.73
C ALA A 117 2.33 -11.98 18.63
N LYS A 118 1.27 -12.11 17.83
CA LYS A 118 0.62 -13.40 17.65
C LYS A 118 -0.09 -13.48 16.30
N GLY A 119 0.32 -12.60 15.39
CA GLY A 119 -0.27 -12.57 14.05
C GLY A 119 -1.31 -11.46 13.96
N HIS A 120 -1.74 -10.95 15.10
CA HIS A 120 -2.74 -9.88 15.12
C HIS A 120 -2.18 -8.64 15.82
N HIS A 121 -0.86 -8.56 15.90
CA HIS A 121 -0.20 -7.43 16.54
C HIS A 121 -0.82 -7.17 17.91
N HIS A 122 -0.27 -6.18 18.63
CA HIS A 122 -0.77 -5.85 19.96
C HIS A 122 -0.65 -7.04 20.90
N HIS A 123 -0.99 -6.83 22.16
CA HIS A 123 -0.90 -7.89 23.16
C HIS A 123 -2.28 -8.13 23.77
N HIS A 124 -2.61 -7.34 24.79
CA HIS A 124 -3.90 -7.47 25.46
C HIS A 124 -5.00 -6.79 24.66
N HIS A 125 -4.78 -5.53 24.31
CA HIS A 125 -5.76 -4.77 23.55
C HIS A 125 -6.41 -5.66 22.50
CA CA B . -5.57 -0.63 -11.40
S1 WW7 C . -1.91 4.30 2.17
O1 WW7 C . -0.72 4.39 3.12
O2 WW7 C . -3.18 4.76 2.89
N1 WW7 C . -1.64 5.25 0.86
C4 WW7 C . -2.40 -0.02 0.83
C3 WW7 C . -1.55 0.32 1.86
C2 WW7 C . -1.40 1.63 2.26
C1 WW7 C . -2.12 2.63 1.63
C9 WW7 C . -2.99 2.31 0.57
C10 WW7 C . -3.14 0.98 0.17
CL1 WW7 C . -4.29 -0.93 -1.51
C5 WW7 C . -4.03 0.68 -0.91
C6 WW7 C . -4.72 1.71 -1.52
C7 WW7 C . -4.57 3.01 -1.10
C8 WW7 C . -3.71 3.31 -0.06
C11 WW7 C . -0.35 4.93 0.22
C12 WW7 C . 0.80 5.65 0.92
C14 WW7 C . 1.56 7.79 -0.10
C13 WW7 C . 1.73 6.27 -0.12
C15 WW7 C . 2.91 8.45 0.17
C16 WW7 C . 2.70 9.87 0.69
N2 WW7 C . 2.30 10.78 -0.38
HN1 WW7 C . -1.68 6.21 1.12
H4 WW7 C . -2.50 -1.07 0.52
H3 WW7 C . -0.98 -0.46 2.38
H2 WW7 C . -0.73 1.88 3.09
H6 WW7 C . -5.40 1.49 -2.34
H7 WW7 C . -5.12 3.81 -1.60
H8 WW7 C . -3.60 4.34 0.26
H111 WW7 C . -0.37 5.22 -0.82
H112 WW7 C . -0.19 3.86 0.28
H121 WW7 C . 1.35 4.95 1.54
H122 WW7 C . 0.38 6.44 1.57
H141 WW7 C . 0.86 8.07 0.69
H142 WW7 C . 1.17 8.12 -1.06
H131 WW7 C . 1.48 5.88 -1.11
H132 WW7 C . 2.75 6.00 0.13
H151 WW7 C . 3.49 8.48 -0.76
H152 WW7 C . 3.47 7.86 0.89
H161 WW7 C . 3.63 10.23 1.14
H162 WW7 C . 1.94 9.85 1.47
HN21 WW7 C . 1.69 11.49 -0.02
HN22 WW7 C . 1.84 10.27 -1.10
H24 WW7 C . 3.12 11.22 -0.77
N MET A 1 -0.67 7.69 -10.99
CA MET A 1 0.51 6.93 -11.47
C MET A 1 1.29 7.78 -12.47
N ASP A 2 2.50 8.17 -12.09
CA ASP A 2 3.34 8.99 -12.96
C ASP A 2 4.42 8.14 -13.63
N ASP A 3 5.03 8.70 -14.67
CA ASP A 3 6.08 7.99 -15.39
C ASP A 3 7.25 7.69 -14.46
N ILE A 4 7.55 8.64 -13.59
CA ILE A 4 8.64 8.47 -12.64
C ILE A 4 8.36 7.30 -11.70
N TYR A 5 7.10 7.16 -11.29
CA TYR A 5 6.72 6.08 -10.40
C TYR A 5 6.95 4.73 -11.07
N LYS A 6 6.63 4.65 -12.36
CA LYS A 6 6.83 3.41 -13.10
C LYS A 6 8.30 3.03 -13.12
N ALA A 7 9.15 4.04 -13.31
CA ALA A 7 10.59 3.81 -13.33
C ALA A 7 11.06 3.32 -11.96
N ALA A 8 10.48 3.87 -10.91
CA ALA A 8 10.85 3.50 -9.55
C ALA A 8 10.62 2.01 -9.34
N VAL A 9 9.49 1.51 -9.84
CA VAL A 9 9.18 0.11 -9.69
C VAL A 9 10.22 -0.76 -10.40
N GLU A 10 10.55 -0.36 -11.62
CA GLU A 10 11.54 -1.09 -12.41
C GLU A 10 12.93 -0.95 -11.79
N GLN A 11 13.20 0.20 -11.20
CA GLN A 11 14.48 0.47 -10.57
C GLN A 11 14.71 -0.44 -9.37
N LEU A 12 13.64 -0.71 -8.63
CA LEU A 12 13.75 -1.55 -7.44
C LEU A 12 14.42 -2.88 -7.80
N THR A 13 15.34 -3.31 -6.95
CA THR A 13 16.05 -4.55 -7.17
C THR A 13 15.15 -5.75 -6.86
N GLU A 14 15.70 -6.95 -7.00
CA GLU A 14 14.93 -8.16 -6.73
C GLU A 14 14.41 -8.15 -5.30
N GLU A 15 15.28 -7.83 -4.35
CA GLU A 15 14.89 -7.77 -2.95
C GLU A 15 13.82 -6.70 -2.73
N GLN A 16 14.01 -5.53 -3.34
CA GLN A 16 13.06 -4.44 -3.18
C GLN A 16 11.70 -4.81 -3.77
N LYS A 17 11.72 -5.37 -4.98
CA LYS A 17 10.49 -5.79 -5.64
C LYS A 17 9.86 -6.95 -4.88
N ASN A 18 10.69 -7.90 -4.47
CA ASN A 18 10.21 -9.06 -3.74
C ASN A 18 9.58 -8.61 -2.41
N GLU A 19 10.22 -7.64 -1.76
CA GLU A 19 9.71 -7.13 -0.49
C GLU A 19 8.31 -6.55 -0.66
N PHE A 20 8.13 -5.73 -1.69
CA PHE A 20 6.84 -5.13 -1.95
C PHE A 20 5.84 -6.16 -2.45
N LYS A 21 6.31 -7.04 -3.32
CA LYS A 21 5.45 -8.07 -3.88
C LYS A 21 4.83 -8.92 -2.79
N ALA A 22 5.56 -9.08 -1.68
CA ALA A 22 5.06 -9.86 -0.57
C ALA A 22 3.77 -9.26 -0.05
N ALA A 23 3.73 -7.93 0.02
CA ALA A 23 2.54 -7.23 0.47
C ALA A 23 1.39 -7.44 -0.52
N PHE A 24 1.72 -7.39 -1.81
CA PHE A 24 0.72 -7.60 -2.85
C PHE A 24 0.03 -8.94 -2.70
N ASP A 25 0.82 -9.98 -2.49
CA ASP A 25 0.27 -11.32 -2.34
C ASP A 25 -0.69 -11.38 -1.15
N ILE A 26 -0.22 -10.91 -0.01
CA ILE A 26 -1.06 -10.91 1.20
C ILE A 26 -2.24 -9.96 1.02
N PHE A 27 -1.98 -8.78 0.45
CA PHE A 27 -3.03 -7.80 0.22
C PHE A 27 -4.16 -8.42 -0.59
N VAL A 28 -3.80 -9.03 -1.72
CA VAL A 28 -4.79 -9.66 -2.58
C VAL A 28 -4.97 -11.12 -2.18
N LEU A 29 -4.17 -11.56 -1.22
CA LEU A 29 -4.25 -12.95 -0.77
C LEU A 29 -5.69 -13.29 -0.40
N GLY A 30 -6.23 -14.32 -1.06
CA GLY A 30 -7.59 -14.74 -0.80
C GLY A 30 -8.57 -14.02 -1.72
N ALA A 31 -8.06 -13.05 -2.47
CA ALA A 31 -8.89 -12.29 -3.39
C ALA A 31 -9.24 -13.11 -4.62
N GLU A 32 -10.50 -13.04 -5.04
CA GLU A 32 -10.94 -13.78 -6.22
C GLU A 32 -10.28 -13.23 -7.47
N ASP A 33 -10.20 -11.91 -7.56
CA ASP A 33 -9.58 -11.26 -8.72
C ASP A 33 -8.07 -11.21 -8.58
N GLY A 34 -7.59 -11.24 -7.34
CA GLY A 34 -6.16 -11.19 -7.08
C GLY A 34 -5.69 -9.75 -6.88
N SER A 35 -6.60 -8.81 -7.08
CA SER A 35 -6.28 -7.39 -6.90
C SER A 35 -6.68 -6.94 -5.50
N ILE A 36 -6.24 -5.76 -5.12
CA ILE A 36 -6.56 -5.21 -3.81
C ILE A 36 -7.84 -4.37 -3.87
N SER A 37 -8.91 -4.88 -3.28
CA SER A 37 -10.18 -4.16 -3.27
C SER A 37 -10.48 -3.67 -1.86
N THR A 38 -11.68 -3.13 -1.68
CA THR A 38 -12.07 -2.63 -0.36
C THR A 38 -12.03 -3.77 0.66
N LYS A 39 -12.39 -4.97 0.24
CA LYS A 39 -12.37 -6.11 1.14
C LYS A 39 -10.95 -6.37 1.64
N GLU A 40 -10.01 -6.44 0.71
CA GLU A 40 -8.60 -6.64 1.04
C GLU A 40 -8.02 -5.40 1.71
N LEU A 41 -8.45 -4.24 1.24
CA LEU A 41 -7.98 -2.97 1.78
C LEU A 41 -8.32 -2.87 3.25
N GLY A 42 -9.56 -3.19 3.58
CA GLY A 42 -10.01 -3.14 4.97
C GLY A 42 -9.21 -4.13 5.82
N LYS A 43 -8.95 -5.31 5.26
CA LYS A 43 -8.20 -6.33 5.99
C LYS A 43 -6.84 -5.78 6.45
N VAL A 44 -6.09 -5.22 5.53
CA VAL A 44 -4.77 -4.66 5.85
C VAL A 44 -4.91 -3.52 6.86
N MET A 45 -5.86 -2.63 6.60
CA MET A 45 -6.08 -1.49 7.47
C MET A 45 -6.47 -1.96 8.87
N ARG A 46 -7.28 -3.01 8.94
CA ARG A 46 -7.72 -3.55 10.22
C ARG A 46 -6.51 -4.02 11.03
N MET A 47 -5.56 -4.63 10.33
CA MET A 47 -4.37 -5.14 11.00
C MET A 47 -3.58 -3.99 11.62
N LEU A 48 -3.53 -2.86 10.91
CA LEU A 48 -2.78 -1.70 11.38
C LEU A 48 -3.61 -0.92 12.41
N GLY A 49 -4.73 -1.49 12.80
CA GLY A 49 -5.60 -0.86 13.78
C GLY A 49 -6.56 0.11 13.09
N GLN A 50 -6.51 0.14 11.76
CA GLN A 50 -7.38 1.04 11.00
C GLN A 50 -8.65 0.30 10.57
N ASN A 51 -9.78 0.98 10.66
CA ASN A 51 -11.04 0.38 10.26
C ASN A 51 -11.79 1.29 9.30
N PRO A 52 -11.20 1.57 8.17
CA PRO A 52 -11.82 2.44 7.14
C PRO A 52 -13.09 1.83 6.55
N THR A 53 -14.04 2.68 6.19
CA THR A 53 -15.31 2.23 5.62
C THR A 53 -15.15 1.96 4.13
N PRO A 54 -16.13 1.37 3.52
CA PRO A 54 -16.10 1.04 2.08
C PRO A 54 -15.75 2.24 1.22
N GLU A 55 -16.32 3.39 1.57
CA GLU A 55 -16.05 4.61 0.82
C GLU A 55 -14.58 4.98 0.89
N GLU A 56 -14.05 4.94 2.12
CA GLU A 56 -12.64 5.25 2.35
C GLU A 56 -11.75 4.21 1.67
N LEU A 57 -12.18 2.95 1.73
CA LEU A 57 -11.41 1.87 1.14
C LEU A 57 -11.26 2.09 -0.36
N GLN A 58 -12.35 2.48 -1.03
CA GLN A 58 -12.30 2.75 -2.46
C GLN A 58 -11.45 3.98 -2.75
N GLU A 59 -11.59 5.01 -1.91
CA GLU A 59 -10.83 6.24 -2.10
C GLU A 59 -9.34 5.95 -2.03
N MET A 60 -8.92 5.16 -1.03
CA MET A 60 -7.51 4.82 -0.89
C MET A 60 -7.03 4.07 -2.13
N ILE A 61 -7.85 3.13 -2.59
CA ILE A 61 -7.54 2.38 -3.80
C ILE A 61 -7.47 3.31 -5.00
N ASP A 62 -8.39 4.27 -5.04
CA ASP A 62 -8.45 5.23 -6.14
C ASP A 62 -7.17 6.07 -6.17
N GLU A 63 -6.51 6.18 -5.02
CA GLU A 63 -5.29 6.97 -4.93
C GLU A 63 -4.22 6.43 -5.88
N VAL A 64 -4.09 5.11 -5.94
CA VAL A 64 -3.10 4.48 -6.81
C VAL A 64 -3.76 3.97 -8.08
N ASP A 65 -5.09 3.88 -8.03
CA ASP A 65 -5.86 3.40 -9.19
C ASP A 65 -6.15 4.54 -10.16
N GLU A 66 -5.54 4.47 -11.34
CA GLU A 66 -5.74 5.50 -12.36
C GLU A 66 -6.97 5.21 -13.21
N ASP A 67 -7.15 3.94 -13.57
CA ASP A 67 -8.28 3.56 -14.40
C ASP A 67 -9.57 3.53 -13.59
N GLY A 68 -9.45 3.81 -12.29
CA GLY A 68 -10.62 3.85 -11.44
C GLY A 68 -11.23 2.46 -11.27
N SER A 69 -10.41 1.44 -11.51
CA SER A 69 -10.88 0.06 -11.41
C SER A 69 -11.38 -0.25 -10.00
N GLY A 70 -10.93 0.55 -9.04
CA GLY A 70 -11.33 0.37 -7.65
C GLY A 70 -10.47 -0.70 -6.97
N THR A 71 -9.53 -1.26 -7.72
CA THR A 71 -8.63 -2.28 -7.18
C THR A 71 -7.19 -1.94 -7.50
N VAL A 72 -6.28 -2.32 -6.61
CA VAL A 72 -4.87 -2.07 -6.81
C VAL A 72 -4.15 -3.36 -7.19
N ASP A 73 -3.44 -3.32 -8.31
CA ASP A 73 -2.72 -4.49 -8.79
C ASP A 73 -1.26 -4.42 -8.37
N PHE A 74 -0.45 -5.32 -8.92
CA PHE A 74 0.98 -5.34 -8.61
C PHE A 74 1.63 -4.00 -8.92
N ASP A 75 1.36 -3.50 -10.12
CA ASP A 75 1.94 -2.23 -10.53
C ASP A 75 1.44 -1.09 -9.65
N GLU A 76 0.14 -1.11 -9.35
CA GLU A 76 -0.45 -0.05 -8.53
C GLU A 76 0.05 -0.13 -7.10
N PHE A 77 0.13 -1.34 -6.55
CA PHE A 77 0.59 -1.51 -5.18
C PHE A 77 2.06 -1.11 -5.08
N LEU A 78 2.81 -1.39 -6.14
CA LEU A 78 4.23 -1.06 -6.16
C LEU A 78 4.41 0.46 -6.07
N VAL A 79 3.64 1.18 -6.86
CA VAL A 79 3.70 2.64 -6.86
C VAL A 79 3.31 3.16 -5.49
N MET A 80 2.24 2.60 -4.91
CA MET A 80 1.78 3.05 -3.61
C MET A 80 2.96 3.10 -2.63
N MET A 81 3.74 2.03 -2.59
CA MET A 81 4.89 2.01 -1.69
C MET A 81 5.90 3.09 -2.08
N VAL A 82 6.13 3.21 -3.38
CA VAL A 82 7.05 4.22 -3.90
C VAL A 82 6.52 5.63 -3.60
N ARG A 83 5.21 5.80 -3.75
CA ARG A 83 4.58 7.09 -3.51
C ARG A 83 4.86 7.57 -2.09
N SER A 84 4.73 6.66 -1.13
CA SER A 84 4.99 6.99 0.27
C SER A 84 6.44 7.43 0.45
N MET A 85 7.35 6.70 -0.19
CA MET A 85 8.77 7.02 -0.10
C MET A 85 9.05 8.42 -0.63
N LYS A 86 8.36 8.77 -1.71
CA LYS A 86 8.53 10.08 -2.32
C LYS A 86 8.22 11.18 -1.31
N ASP A 87 8.97 12.28 -1.39
CA ASP A 87 8.78 13.38 -0.46
C ASP A 87 7.44 14.06 -0.71
N ASP A 88 6.71 13.59 -1.72
CA ASP A 88 5.42 14.16 -2.05
C ASP A 88 4.32 13.52 -1.21
N SER A 89 3.81 14.27 -0.23
CA SER A 89 2.76 13.77 0.64
C SER A 89 1.95 14.92 1.23
N LYS A 90 0.65 14.70 1.43
CA LYS A 90 -0.22 15.71 2.00
C LYS A 90 -0.41 15.49 3.50
N GLY A 91 -0.87 16.52 4.18
CA GLY A 91 -1.11 16.42 5.62
C GLY A 91 -2.58 16.18 5.93
N LYS A 92 -3.00 16.56 7.13
CA LYS A 92 -4.39 16.39 7.54
C LYS A 92 -5.06 17.74 7.75
N PHE A 93 -6.21 17.72 8.42
CA PHE A 93 -6.96 18.96 8.68
C PHE A 93 -6.81 19.36 10.14
N LYS A 94 -7.14 20.62 10.43
CA LYS A 94 -7.03 21.13 11.79
C LYS A 94 -7.94 20.33 12.74
N ARG A 95 -9.14 20.02 12.26
CA ARG A 95 -10.10 19.27 13.06
C ARG A 95 -10.65 18.08 12.26
N PRO A 96 -11.25 17.16 12.92
CA PRO A 96 -11.82 15.93 12.29
C PRO A 96 -12.84 16.28 11.20
N THR A 97 -12.73 15.60 10.06
CA THR A 97 -13.65 15.84 8.96
C THR A 97 -13.35 14.90 7.80
N LEU A 98 -14.25 14.86 6.83
CA LEU A 98 -14.07 13.99 5.66
C LEU A 98 -13.59 12.61 6.10
N ARG A 99 -12.95 11.90 5.18
CA ARG A 99 -12.44 10.57 5.48
C ARG A 99 -11.09 10.33 4.81
N ARG A 100 -10.02 10.55 5.57
CA ARG A 100 -8.67 10.35 5.04
C ARG A 100 -7.65 10.42 6.18
N VAL A 101 -7.11 9.26 6.55
CA VAL A 101 -6.13 9.20 7.63
C VAL A 101 -4.71 9.15 7.06
N ARG A 102 -3.77 9.75 7.79
CA ARG A 102 -2.38 9.77 7.35
C ARG A 102 -1.62 8.53 7.83
N ILE A 103 -1.85 7.40 7.16
CA ILE A 103 -1.17 6.16 7.52
C ILE A 103 0.19 6.10 6.83
N SER A 104 1.16 5.48 7.50
CA SER A 104 2.49 5.35 6.94
C SER A 104 2.63 4.01 6.23
N ALA A 105 3.13 4.05 4.99
CA ALA A 105 3.32 2.83 4.21
C ALA A 105 4.28 1.89 4.93
N ASP A 106 5.32 2.48 5.52
CA ASP A 106 6.32 1.68 6.23
C ASP A 106 5.67 0.90 7.37
N ALA A 107 4.76 1.56 8.09
CA ALA A 107 4.06 0.92 9.20
C ALA A 107 3.23 -0.26 8.69
N MET A 108 2.55 -0.05 7.56
CA MET A 108 1.73 -1.09 6.97
C MET A 108 2.59 -2.27 6.52
N MET A 109 3.76 -1.97 5.98
CA MET A 109 4.65 -3.01 5.50
C MET A 109 5.03 -3.95 6.65
N GLN A 110 5.30 -3.36 7.80
CA GLN A 110 5.66 -4.15 8.98
C GLN A 110 4.52 -5.08 9.35
N ALA A 111 3.30 -4.56 9.31
CA ALA A 111 2.12 -5.36 9.65
C ALA A 111 1.96 -6.53 8.68
N LEU A 112 2.18 -6.26 7.40
CA LEU A 112 2.04 -7.30 6.39
C LEU A 112 3.18 -8.31 6.47
N LEU A 113 4.40 -7.81 6.67
CA LEU A 113 5.57 -8.67 6.77
C LEU A 113 5.51 -9.52 8.02
N GLY A 114 5.04 -8.93 9.12
CA GLY A 114 4.96 -9.64 10.38
C GLY A 114 4.00 -10.83 10.27
N ALA A 115 4.41 -11.96 10.85
CA ALA A 115 3.59 -13.17 10.82
C ALA A 115 2.69 -13.23 12.05
N ARG A 116 2.88 -12.30 12.97
CA ARG A 116 2.08 -12.25 14.19
C ARG A 116 1.50 -10.86 14.41
N ALA A 117 0.31 -10.80 14.99
CA ALA A 117 -0.34 -9.53 15.25
C ALA A 117 -0.83 -9.47 16.69
N LYS A 118 -0.69 -8.31 17.31
CA LYS A 118 -1.11 -8.12 18.69
C LYS A 118 -2.54 -7.59 18.74
N GLY A 119 -3.38 -8.25 19.53
CA GLY A 119 -4.77 -7.84 19.67
C GLY A 119 -4.90 -6.69 20.66
N HIS A 120 -6.13 -6.29 20.96
CA HIS A 120 -6.37 -5.21 21.90
C HIS A 120 -7.38 -5.63 22.95
N HIS A 121 -7.16 -5.20 24.19
CA HIS A 121 -8.06 -5.53 25.29
C HIS A 121 -8.57 -6.96 25.15
N HIS A 122 -9.86 -7.15 25.40
CA HIS A 122 -10.47 -8.47 25.30
C HIS A 122 -9.68 -9.49 26.10
N HIS A 123 -9.99 -9.57 27.40
CA HIS A 123 -9.30 -10.51 28.29
C HIS A 123 -8.09 -9.84 28.93
N HIS A 124 -6.98 -9.78 28.20
CA HIS A 124 -5.77 -9.16 28.72
C HIS A 124 -4.93 -8.61 27.58
N HIS A 125 -5.17 -7.35 27.22
CA HIS A 125 -4.43 -6.72 26.14
C HIS A 125 -3.89 -7.76 25.17
CA CA B . -6.70 0.03 -10.92
S1 WW7 C . -2.87 4.76 2.85
O1 WW7 C . -3.16 5.00 4.31
O2 WW7 C . -3.87 5.59 2.05
N1 WW7 C . -1.34 5.25 2.53
C4 WW7 C . -3.24 0.30 2.04
C3 WW7 C . -2.82 0.77 3.27
C2 WW7 C . -2.71 2.14 3.50
C1 WW7 C . -3.03 3.04 2.49
C9 WW7 C . -3.46 2.56 1.23
C10 WW7 C . -3.56 1.19 1.00
CL1 WW7 C . -4.15 -0.96 -0.66
C5 WW7 C . -4.00 0.73 -0.28
C6 WW7 C . -4.32 1.66 -1.27
C7 WW7 C . -4.19 3.01 -1.03
C8 WW7 C . -3.78 3.46 0.21
C11 WW7 C . -1.10 5.32 1.07
C12 WW7 C . 0.39 5.16 0.75
C14 WW7 C . 1.57 7.30 0.25
C13 WW7 C . 0.78 6.15 -0.35
C15 WW7 C . 0.73 8.58 0.24
C16 WW7 C . 0.58 9.12 1.66
N2 WW7 C . -0.66 8.65 2.29
HN1 WW7 C . -0.69 4.63 2.95
H4 WW7 C . -3.33 -0.78 1.87
H3 WW7 C . -2.58 0.06 4.07
H2 WW7 C . -2.38 2.50 4.46
H6 WW7 C . -4.65 1.31 -2.25
H7 WW7 C . -4.45 3.73 -1.81
H8 WW7 C . -3.69 4.53 0.40
H111 WW7 C . -1.46 6.27 0.69
H112 WW7 C . -1.67 4.51 0.59
H121 WW7 C . 0.59 4.15 0.43
H122 WW7 C . 0.97 5.37 1.65
H141 WW7 C . 2.48 7.46 -0.32
H142 WW7 C . 1.85 7.05 1.28
H131 WW7 C . -0.12 6.53 -0.84
H132 WW7 C . 1.38 5.62 -1.09
H151 WW7 C . -0.26 8.36 -0.17
H152 WW7 C . 1.22 9.32 -0.40
H161 WW7 C . 0.59 10.21 1.63
H162 WW7 C . 1.44 8.79 2.25
HN21 WW7 C . -0.58 7.68 2.51
HN22 WW7 C . -1.42 8.79 1.66
H24 WW7 C . -0.82 9.19 3.13
N MET A 1 1.93 3.91 -12.67
CA MET A 1 1.24 5.22 -12.52
C MET A 1 2.05 6.28 -13.27
N ASP A 2 2.50 7.30 -12.56
CA ASP A 2 3.31 8.37 -13.17
C ASP A 2 4.62 7.81 -13.69
N ASP A 3 5.32 8.60 -14.49
CA ASP A 3 6.59 8.17 -15.05
C ASP A 3 7.57 7.83 -13.94
N ILE A 4 7.53 8.61 -12.87
CA ILE A 4 8.41 8.38 -11.74
C ILE A 4 7.98 7.11 -10.98
N TYR A 5 6.68 6.98 -10.72
CA TYR A 5 6.17 5.82 -10.01
C TYR A 5 6.46 4.55 -10.79
N LYS A 6 6.19 4.58 -12.08
CA LYS A 6 6.44 3.43 -12.93
C LYS A 6 7.92 3.09 -12.94
N ALA A 7 8.75 4.11 -13.11
CA ALA A 7 10.19 3.92 -13.11
C ALA A 7 10.66 3.39 -11.77
N ALA A 8 10.08 3.92 -10.70
CA ALA A 8 10.47 3.50 -9.35
C ALA A 8 10.23 2.01 -9.17
N VAL A 9 9.11 1.53 -9.67
CA VAL A 9 8.79 0.11 -9.55
C VAL A 9 9.84 -0.74 -10.26
N GLU A 10 10.18 -0.33 -11.48
CA GLU A 10 11.18 -1.06 -12.26
C GLU A 10 12.58 -0.83 -11.70
N GLN A 11 12.79 0.31 -11.07
CA GLN A 11 14.08 0.64 -10.48
C GLN A 11 14.40 -0.29 -9.32
N LEU A 12 13.38 -0.67 -8.57
CA LEU A 12 13.59 -1.55 -7.42
C LEU A 12 14.28 -2.83 -7.86
N THR A 13 15.20 -3.32 -7.02
CA THR A 13 15.94 -4.54 -7.33
C THR A 13 15.07 -5.76 -7.07
N GLU A 14 15.64 -6.95 -7.28
CA GLU A 14 14.91 -8.18 -7.07
C GLU A 14 14.42 -8.28 -5.63
N GLU A 15 15.30 -8.00 -4.68
CA GLU A 15 14.91 -8.07 -3.27
C GLU A 15 13.81 -7.05 -2.98
N GLN A 16 13.95 -5.83 -3.49
CA GLN A 16 12.94 -4.81 -3.27
C GLN A 16 11.62 -5.21 -3.90
N LYS A 17 11.67 -5.68 -5.14
CA LYS A 17 10.47 -6.12 -5.83
C LYS A 17 9.86 -7.31 -5.11
N ASN A 18 10.71 -8.22 -4.66
CA ASN A 18 10.24 -9.41 -3.95
C ASN A 18 9.51 -8.99 -2.68
N GLU A 19 10.09 -8.05 -1.94
CA GLU A 19 9.48 -7.56 -0.71
C GLU A 19 8.11 -6.95 -1.00
N PHE A 20 8.06 -6.08 -2.00
CA PHE A 20 6.82 -5.44 -2.38
C PHE A 20 5.84 -6.47 -2.91
N LYS A 21 6.33 -7.38 -3.73
CA LYS A 21 5.48 -8.41 -4.30
C LYS A 21 4.88 -9.28 -3.21
N ALA A 22 5.67 -9.55 -2.17
CA ALA A 22 5.20 -10.37 -1.07
C ALA A 22 3.98 -9.73 -0.42
N ALA A 23 4.04 -8.41 -0.22
CA ALA A 23 2.93 -7.69 0.36
C ALA A 23 1.70 -7.81 -0.54
N PHE A 24 1.93 -7.75 -1.85
CA PHE A 24 0.84 -7.87 -2.82
C PHE A 24 0.08 -9.18 -2.61
N ASP A 25 0.81 -10.28 -2.49
CA ASP A 25 0.19 -11.58 -2.29
C ASP A 25 -0.65 -11.60 -1.01
N ILE A 26 -0.05 -11.13 0.09
CA ILE A 26 -0.76 -11.10 1.36
C ILE A 26 -1.93 -10.12 1.31
N PHE A 27 -1.69 -8.96 0.72
CA PHE A 27 -2.73 -7.95 0.60
C PHE A 27 -3.94 -8.49 -0.15
N VAL A 28 -3.68 -9.17 -1.25
CA VAL A 28 -4.76 -9.73 -2.06
C VAL A 28 -5.08 -11.15 -1.61
N LEU A 29 -4.86 -11.43 -0.33
CA LEU A 29 -5.12 -12.76 0.20
C LEU A 29 -6.60 -13.10 0.05
N GLY A 30 -6.89 -14.13 -0.73
CA GLY A 30 -8.26 -14.56 -0.95
C GLY A 30 -8.94 -13.73 -2.05
N ALA A 31 -8.18 -12.79 -2.61
CA ALA A 31 -8.71 -11.93 -3.67
C ALA A 31 -8.96 -12.75 -4.94
N GLU A 32 -10.20 -12.69 -5.43
CA GLU A 32 -10.55 -13.41 -6.65
C GLU A 32 -9.79 -12.86 -7.85
N ASP A 33 -9.65 -11.53 -7.89
CA ASP A 33 -8.94 -10.88 -8.99
C ASP A 33 -7.45 -10.90 -8.74
N GLY A 34 -7.06 -11.14 -7.49
CA GLY A 34 -5.66 -11.19 -7.10
C GLY A 34 -5.13 -9.78 -6.83
N SER A 35 -5.98 -8.79 -7.03
CA SER A 35 -5.58 -7.40 -6.78
C SER A 35 -6.19 -6.90 -5.48
N ILE A 36 -5.55 -5.90 -4.88
CA ILE A 36 -6.03 -5.35 -3.62
C ILE A 36 -7.29 -4.51 -3.85
N SER A 37 -8.34 -4.82 -3.11
CA SER A 37 -9.59 -4.09 -3.24
C SER A 37 -10.00 -3.52 -1.88
N THR A 38 -11.21 -3.00 -1.80
CA THR A 38 -11.68 -2.43 -0.55
C THR A 38 -11.78 -3.50 0.53
N LYS A 39 -12.26 -4.67 0.16
CA LYS A 39 -12.38 -5.76 1.13
C LYS A 39 -10.99 -6.16 1.63
N GLU A 40 -10.08 -6.36 0.69
CA GLU A 40 -8.70 -6.72 1.02
C GLU A 40 -8.03 -5.56 1.74
N LEU A 41 -8.32 -4.34 1.29
CA LEU A 41 -7.73 -3.16 1.89
C LEU A 41 -8.16 -3.03 3.35
N GLY A 42 -9.44 -3.25 3.59
CA GLY A 42 -9.97 -3.15 4.94
C GLY A 42 -9.28 -4.14 5.87
N LYS A 43 -9.03 -5.35 5.38
CA LYS A 43 -8.37 -6.37 6.19
C LYS A 43 -7.01 -5.87 6.65
N VAL A 44 -6.23 -5.36 5.69
CA VAL A 44 -4.89 -4.85 6.00
C VAL A 44 -4.99 -3.61 6.88
N MET A 45 -5.93 -2.74 6.56
CA MET A 45 -6.11 -1.52 7.33
C MET A 45 -6.46 -1.84 8.77
N ARG A 46 -7.26 -2.88 8.97
CA ARG A 46 -7.65 -3.28 10.31
C ARG A 46 -6.42 -3.69 11.10
N MET A 47 -5.51 -4.38 10.43
CA MET A 47 -4.29 -4.82 11.09
C MET A 47 -3.48 -3.62 11.56
N LEU A 48 -3.48 -2.56 10.76
CA LEU A 48 -2.73 -1.35 11.10
C LEU A 48 -3.43 -0.57 12.20
N GLY A 49 -4.63 -1.03 12.56
CA GLY A 49 -5.41 -0.38 13.61
C GLY A 49 -6.49 0.52 13.00
N GLN A 50 -6.65 0.44 11.68
CA GLN A 50 -7.66 1.26 11.00
C GLN A 50 -8.71 0.36 10.36
N ASN A 51 -9.96 0.77 10.44
CA ASN A 51 -11.05 -0.01 9.85
C ASN A 51 -11.90 0.88 8.95
N PRO A 52 -11.32 1.34 7.87
CA PRO A 52 -12.04 2.22 6.90
C PRO A 52 -13.20 1.50 6.20
N THR A 53 -14.25 2.26 5.88
CA THR A 53 -15.41 1.70 5.21
C THR A 53 -15.13 1.46 3.74
N PRO A 54 -15.96 0.70 3.09
CA PRO A 54 -15.78 0.37 1.65
C PRO A 54 -15.62 1.60 0.78
N GLU A 55 -16.43 2.62 1.05
CA GLU A 55 -16.37 3.84 0.27
C GLU A 55 -14.99 4.49 0.43
N GLU A 56 -14.53 4.57 1.68
CA GLU A 56 -13.24 5.16 1.97
C GLU A 56 -12.12 4.28 1.41
N LEU A 57 -12.35 2.96 1.44
CA LEU A 57 -11.36 2.01 0.95
C LEU A 57 -11.10 2.23 -0.53
N GLN A 58 -12.16 2.46 -1.29
CA GLN A 58 -12.03 2.72 -2.72
C GLN A 58 -11.30 4.02 -2.96
N GLU A 59 -11.58 5.03 -2.15
CA GLU A 59 -10.94 6.32 -2.33
C GLU A 59 -9.42 6.18 -2.21
N MET A 60 -8.96 5.46 -1.19
CA MET A 60 -7.53 5.25 -1.03
C MET A 60 -6.98 4.45 -2.20
N ILE A 61 -7.72 3.44 -2.61
CA ILE A 61 -7.33 2.61 -3.75
C ILE A 61 -7.32 3.45 -5.02
N ASP A 62 -8.31 4.33 -5.15
CA ASP A 62 -8.43 5.18 -6.32
C ASP A 62 -7.19 6.07 -6.46
N GLU A 63 -6.62 6.44 -5.32
CA GLU A 63 -5.43 7.29 -5.33
C GLU A 63 -4.28 6.62 -6.07
N VAL A 64 -4.09 5.33 -5.83
CA VAL A 64 -3.02 4.60 -6.49
C VAL A 64 -3.53 3.98 -7.80
N ASP A 65 -4.85 3.92 -7.93
CA ASP A 65 -5.46 3.36 -9.12
C ASP A 65 -5.65 4.43 -10.19
N GLU A 66 -4.86 4.36 -11.26
CA GLU A 66 -4.94 5.33 -12.34
C GLU A 66 -5.91 4.87 -13.42
N ASP A 67 -6.01 3.55 -13.60
CA ASP A 67 -6.89 3.00 -14.63
C ASP A 67 -8.34 3.01 -14.15
N GLY A 68 -8.55 3.48 -12.93
CA GLY A 68 -9.89 3.56 -12.37
C GLY A 68 -10.47 2.18 -12.14
N SER A 69 -9.59 1.18 -12.04
CA SER A 69 -10.03 -0.19 -11.82
C SER A 69 -10.71 -0.33 -10.46
N GLY A 70 -10.42 0.61 -9.57
CA GLY A 70 -11.00 0.59 -8.23
C GLY A 70 -10.22 -0.35 -7.31
N THR A 71 -9.18 -0.97 -7.85
CA THR A 71 -8.36 -1.88 -7.08
C THR A 71 -6.87 -1.63 -7.34
N VAL A 72 -6.03 -2.05 -6.40
CA VAL A 72 -4.60 -1.85 -6.54
C VAL A 72 -3.95 -3.14 -7.04
N ASP A 73 -3.39 -3.09 -8.25
CA ASP A 73 -2.75 -4.26 -8.84
C ASP A 73 -1.28 -4.34 -8.41
N PHE A 74 -0.54 -5.23 -9.05
CA PHE A 74 0.87 -5.41 -8.71
C PHE A 74 1.65 -4.11 -8.87
N ASP A 75 1.51 -3.48 -10.03
CA ASP A 75 2.20 -2.23 -10.28
C ASP A 75 1.69 -1.12 -9.37
N GLU A 76 0.38 -1.09 -9.17
CA GLU A 76 -0.24 -0.07 -8.34
C GLU A 76 0.18 -0.21 -6.88
N PHE A 77 0.20 -1.45 -6.37
CA PHE A 77 0.57 -1.67 -4.99
C PHE A 77 2.01 -1.21 -4.75
N LEU A 78 2.85 -1.39 -5.78
CA LEU A 78 4.26 -0.98 -5.68
C LEU A 78 4.37 0.53 -5.58
N VAL A 79 3.52 1.23 -6.34
CA VAL A 79 3.51 2.69 -6.34
C VAL A 79 3.22 3.21 -4.95
N MET A 80 2.28 2.59 -4.25
CA MET A 80 1.93 3.04 -2.91
C MET A 80 3.20 3.23 -2.09
N MET A 81 4.09 2.24 -2.12
CA MET A 81 5.34 2.33 -1.37
C MET A 81 6.18 3.51 -1.88
N VAL A 82 6.31 3.59 -3.19
CA VAL A 82 7.05 4.67 -3.81
C VAL A 82 6.40 6.01 -3.48
N ARG A 83 5.07 6.01 -3.41
CA ARG A 83 4.32 7.21 -3.12
C ARG A 83 4.77 7.78 -1.78
N SER A 84 5.00 6.91 -0.80
CA SER A 84 5.44 7.35 0.52
C SER A 84 6.80 8.01 0.43
N MET A 85 7.68 7.43 -0.37
CA MET A 85 9.01 7.99 -0.56
C MET A 85 8.93 9.38 -1.18
N LYS A 86 7.98 9.56 -2.10
CA LYS A 86 7.80 10.83 -2.78
C LYS A 86 7.13 11.84 -1.86
N ASP A 87 7.00 11.50 -0.58
CA ASP A 87 6.39 12.39 0.39
C ASP A 87 6.86 13.82 0.20
N ASP A 88 6.32 14.73 1.00
CA ASP A 88 6.70 16.14 0.90
C ASP A 88 6.00 16.80 -0.29
N SER A 89 4.70 16.54 -0.42
CA SER A 89 3.93 17.12 -1.50
C SER A 89 2.70 17.86 -0.96
N LYS A 90 2.29 18.90 -1.67
CA LYS A 90 1.13 19.67 -1.26
C LYS A 90 1.38 20.34 0.09
N GLY A 91 2.65 20.47 0.45
CA GLY A 91 3.01 21.09 1.71
C GLY A 91 2.52 22.52 1.76
N LYS A 92 2.62 23.23 0.64
CA LYS A 92 2.18 24.61 0.57
C LYS A 92 0.75 24.69 0.04
N PHE A 93 -0.07 25.50 0.70
CA PHE A 93 -1.47 25.65 0.30
C PHE A 93 -2.16 26.70 1.16
N LYS A 94 -3.47 26.55 1.32
CA LYS A 94 -4.26 27.48 2.13
C LYS A 94 -4.49 26.91 3.52
N ARG A 95 -4.92 25.65 3.58
CA ARG A 95 -5.19 24.98 4.85
C ARG A 95 -4.66 23.56 4.85
N PRO A 96 -4.51 22.99 6.01
CA PRO A 96 -4.00 21.61 6.18
C PRO A 96 -5.04 20.56 5.82
N THR A 97 -6.29 21.00 5.67
CA THR A 97 -7.38 20.09 5.32
C THR A 97 -7.99 19.50 6.59
N LEU A 98 -9.07 18.74 6.41
CA LEU A 98 -9.73 18.10 7.55
C LEU A 98 -8.82 17.10 8.23
N ARG A 99 -9.03 16.88 9.51
CA ARG A 99 -8.20 15.94 10.27
C ARG A 99 -8.14 14.59 9.55
N ARG A 100 -6.94 14.21 9.14
CA ARG A 100 -6.74 12.94 8.44
C ARG A 100 -5.47 12.25 8.92
N VAL A 101 -5.52 10.93 8.99
CA VAL A 101 -4.36 10.16 9.42
C VAL A 101 -3.82 9.36 8.24
N ARG A 102 -2.67 9.80 7.73
CA ARG A 102 -2.05 9.12 6.59
C ARG A 102 -1.12 8.01 7.09
N ILE A 103 -1.53 6.76 6.90
CA ILE A 103 -0.73 5.63 7.33
C ILE A 103 0.57 5.56 6.52
N SER A 104 1.69 5.43 7.21
CA SER A 104 2.96 5.34 6.53
C SER A 104 3.08 4.00 5.82
N ALA A 105 3.60 4.02 4.60
CA ALA A 105 3.75 2.80 3.83
C ALA A 105 4.67 1.82 4.56
N ASP A 106 5.76 2.34 5.12
CA ASP A 106 6.69 1.48 5.84
C ASP A 106 6.00 0.83 7.02
N ALA A 107 5.17 1.60 7.71
CA ALA A 107 4.44 1.08 8.87
C ALA A 107 3.51 -0.05 8.45
N MET A 108 2.81 0.15 7.34
CA MET A 108 1.88 -0.86 6.83
C MET A 108 2.65 -2.10 6.39
N MET A 109 3.80 -1.91 5.77
CA MET A 109 4.61 -3.02 5.30
C MET A 109 5.01 -3.90 6.48
N GLN A 110 5.35 -3.27 7.59
CA GLN A 110 5.73 -4.02 8.78
C GLN A 110 4.57 -4.85 9.29
N ALA A 111 3.38 -4.28 9.25
CA ALA A 111 2.19 -4.98 9.70
C ALA A 111 1.94 -6.21 8.83
N LEU A 112 2.15 -6.07 7.52
CA LEU A 112 1.93 -7.16 6.60
C LEU A 112 3.04 -8.21 6.72
N LEU A 113 4.30 -7.74 6.74
CA LEU A 113 5.45 -8.62 6.85
C LEU A 113 5.53 -9.23 8.25
N GLY A 114 5.18 -8.43 9.25
CA GLY A 114 5.23 -8.88 10.63
C GLY A 114 6.65 -8.84 11.17
N ALA A 115 7.52 -8.09 10.49
CA ALA A 115 8.91 -7.98 10.91
C ALA A 115 9.73 -9.14 10.34
N ARG A 116 9.55 -10.32 10.92
CA ARG A 116 10.26 -11.51 10.46
C ARG A 116 11.76 -11.21 10.33
N ALA A 117 12.56 -11.81 11.20
CA ALA A 117 14.01 -11.61 11.16
C ALA A 117 14.58 -12.08 9.83
N LYS A 118 14.11 -13.23 9.37
CA LYS A 118 14.58 -13.79 8.10
C LYS A 118 14.04 -12.97 6.93
N GLY A 119 14.92 -12.62 6.00
CA GLY A 119 14.53 -11.84 4.83
C GLY A 119 14.45 -12.71 3.59
N HIS A 120 15.30 -12.41 2.61
CA HIS A 120 15.32 -13.18 1.37
C HIS A 120 15.76 -14.61 1.63
N HIS A 121 15.55 -15.48 0.64
CA HIS A 121 15.93 -16.88 0.78
C HIS A 121 17.26 -17.15 0.09
N HIS A 122 18.16 -17.83 0.82
CA HIS A 122 19.46 -18.17 0.28
C HIS A 122 19.38 -19.37 -0.65
N HIS A 123 20.29 -19.44 -1.62
CA HIS A 123 20.30 -20.55 -2.56
C HIS A 123 21.69 -21.20 -2.59
N HIS A 124 22.61 -20.57 -3.32
CA HIS A 124 23.97 -21.08 -3.42
C HIS A 124 24.97 -20.05 -2.92
N HIS A 125 24.49 -18.86 -2.62
CA HIS A 125 25.35 -17.78 -2.13
C HIS A 125 24.64 -16.44 -2.20
CA CA B . -6.34 0.13 -10.69
S1 WW7 C . -2.64 4.68 3.08
O1 WW7 C . -2.94 4.70 4.57
O2 WW7 C . -3.65 5.60 2.39
N1 WW7 C . -1.11 5.23 2.79
C4 WW7 C . -2.95 0.34 1.64
C3 WW7 C . -2.50 0.65 2.93
C2 WW7 C . -2.41 1.98 3.33
C1 WW7 C . -2.78 3.01 2.48
C9 WW7 C . -3.24 2.70 1.17
C10 WW7 C . -3.33 1.36 0.75
CL1 WW7 C . -3.96 -0.55 -1.19
C5 WW7 C . -3.80 1.08 -0.57
C6 WW7 C . -4.16 2.13 -1.41
C7 WW7 C . -4.07 3.44 -0.98
C8 WW7 C . -3.61 3.72 0.29
C11 WW7 C . -0.89 5.46 1.36
C12 WW7 C . 0.59 5.41 1.01
C14 WW7 C . 2.07 7.32 0.41
C13 WW7 C . 0.92 6.43 -0.06
C15 WW7 C . 1.58 8.73 0.66
C16 WW7 C . 1.87 9.14 2.10
N2 WW7 C . 0.70 9.80 2.72
HN1 WW7 C . -0.45 4.56 3.15
H4 WW7 C . -3.02 -0.70 1.34
H3 WW7 C . -2.22 -0.14 3.61
H2 WW7 C . -2.06 2.21 4.33
H6 WW7 C . -4.52 1.91 -2.43
H7 WW7 C . -4.35 4.25 -1.66
H8 WW7 C . -3.54 4.75 0.61
H111 WW7 C . -1.29 6.43 1.09
H112 WW7 C . -1.43 4.69 0.79
H121 WW7 C . 0.84 4.40 0.65
H122 WW7 C . 1.17 5.60 1.91
H141 WW7 C . 2.85 7.32 -0.34
H142 WW7 C . 2.48 6.90 1.33
H131 WW7 C . 0.04 7.05 -0.25
H132 WW7 C . 1.20 5.91 -0.98
H151 WW7 C . 0.50 8.79 0.48
H152 WW7 C . 2.08 9.42 -0.02
H161 WW7 C . 2.71 9.83 2.12
H162 WW7 C . 2.14 8.25 2.67
HN21 WW7 C . 0.88 9.96 3.69
HN22 WW7 C . -0.10 9.21 2.61
H24 WW7 C . 0.53 10.67 2.25
N MET A 1 0.26 7.37 -13.29
CA MET A 1 1.25 6.61 -12.50
C MET A 1 2.57 7.34 -12.50
N ASP A 2 2.51 8.68 -12.54
CA ASP A 2 3.72 9.51 -12.55
C ASP A 2 4.92 8.72 -13.07
N ASP A 3 5.48 9.17 -14.18
CA ASP A 3 6.63 8.48 -14.76
C ASP A 3 7.64 8.13 -13.69
N ILE A 4 7.79 9.01 -12.72
CA ILE A 4 8.71 8.78 -11.61
C ILE A 4 8.28 7.55 -10.81
N TYR A 5 6.98 7.45 -10.53
CA TYR A 5 6.46 6.32 -9.78
C TYR A 5 6.62 5.02 -10.56
N LYS A 6 6.27 5.07 -11.85
CA LYS A 6 6.40 3.90 -12.70
C LYS A 6 7.87 3.47 -12.78
N ALA A 7 8.75 4.45 -12.96
CA ALA A 7 10.18 4.18 -13.02
C ALA A 7 10.66 3.62 -11.69
N ALA A 8 10.14 4.16 -10.60
CA ALA A 8 10.53 3.71 -9.27
C ALA A 8 10.22 2.23 -9.10
N VAL A 9 9.07 1.80 -9.59
CA VAL A 9 8.68 0.40 -9.49
C VAL A 9 9.67 -0.48 -10.24
N GLU A 10 10.04 -0.05 -11.45
CA GLU A 10 10.99 -0.79 -12.26
C GLU A 10 12.41 -0.65 -11.70
N GLN A 11 12.66 0.47 -11.03
CA GLN A 11 13.97 0.73 -10.46
C GLN A 11 14.27 -0.24 -9.32
N LEU A 12 13.24 -0.56 -8.54
CA LEU A 12 13.41 -1.49 -7.41
C LEU A 12 14.15 -2.74 -7.86
N THR A 13 15.09 -3.18 -7.03
CA THR A 13 15.87 -4.38 -7.33
C THR A 13 15.04 -5.63 -7.08
N GLU A 14 15.65 -6.79 -7.29
CA GLU A 14 14.95 -8.05 -7.08
C GLU A 14 14.46 -8.16 -5.64
N GLU A 15 15.31 -7.79 -4.70
CA GLU A 15 14.92 -7.85 -3.28
C GLU A 15 13.74 -6.93 -3.00
N GLN A 16 13.80 -5.70 -3.51
CA GLN A 16 12.73 -4.74 -3.32
C GLN A 16 11.45 -5.21 -4.00
N LYS A 17 11.59 -5.69 -5.24
CA LYS A 17 10.44 -6.18 -6.00
C LYS A 17 9.85 -7.40 -5.31
N ASN A 18 10.73 -8.30 -4.84
CA ASN A 18 10.28 -9.50 -4.18
C ASN A 18 9.51 -9.15 -2.90
N GLU A 19 10.06 -8.22 -2.13
CA GLU A 19 9.42 -7.80 -0.88
C GLU A 19 8.05 -7.18 -1.17
N PHE A 20 8.02 -6.28 -2.15
CA PHE A 20 6.77 -5.63 -2.54
C PHE A 20 5.78 -6.66 -3.08
N LYS A 21 6.29 -7.60 -3.88
CA LYS A 21 5.45 -8.62 -4.46
C LYS A 21 4.79 -9.46 -3.36
N ALA A 22 5.55 -9.75 -2.31
CA ALA A 22 5.02 -10.54 -1.20
C ALA A 22 3.84 -9.80 -0.56
N ALA A 23 3.98 -8.49 -0.40
CA ALA A 23 2.91 -7.69 0.19
C ALA A 23 1.66 -7.75 -0.70
N PHE A 24 1.86 -7.72 -2.01
CA PHE A 24 0.75 -7.78 -2.95
C PHE A 24 -0.06 -9.05 -2.73
N ASP A 25 0.62 -10.18 -2.70
CA ASP A 25 -0.07 -11.45 -2.50
C ASP A 25 -0.82 -11.47 -1.17
N ILE A 26 -0.15 -11.03 -0.11
CA ILE A 26 -0.77 -11.00 1.21
C ILE A 26 -1.90 -9.98 1.24
N PHE A 27 -1.66 -8.82 0.62
CA PHE A 27 -2.68 -7.78 0.58
C PHE A 27 -3.96 -8.30 -0.05
N VAL A 28 -3.82 -9.11 -1.09
CA VAL A 28 -4.96 -9.68 -1.79
C VAL A 28 -5.27 -11.07 -1.25
N LEU A 29 -4.97 -11.30 0.02
CA LEU A 29 -5.22 -12.60 0.62
C LEU A 29 -6.68 -12.98 0.47
N GLY A 30 -6.95 -13.90 -0.46
CA GLY A 30 -8.32 -14.35 -0.71
C GLY A 30 -8.88 -13.74 -1.99
N ALA A 31 -8.16 -12.75 -2.53
CA ALA A 31 -8.58 -12.10 -3.75
C ALA A 31 -8.42 -13.03 -4.94
N GLU A 32 -9.52 -13.32 -5.63
CA GLU A 32 -9.48 -14.21 -6.78
C GLU A 32 -8.67 -13.59 -7.91
N ASP A 33 -8.87 -12.29 -8.12
CA ASP A 33 -8.16 -11.58 -9.18
C ASP A 33 -6.74 -11.22 -8.73
N GLY A 34 -6.50 -11.29 -7.43
CA GLY A 34 -5.19 -10.98 -6.88
C GLY A 34 -5.02 -9.48 -6.70
N SER A 35 -6.03 -8.71 -7.12
CA SER A 35 -5.99 -7.26 -7.00
C SER A 35 -6.57 -6.83 -5.65
N ILE A 36 -5.98 -5.80 -5.07
CA ILE A 36 -6.43 -5.31 -3.76
C ILE A 36 -7.69 -4.47 -3.91
N SER A 37 -8.77 -4.94 -3.28
CA SER A 37 -10.03 -4.22 -3.33
C SER A 37 -10.37 -3.63 -1.97
N THR A 38 -11.52 -2.99 -1.86
CA THR A 38 -11.94 -2.39 -0.60
C THR A 38 -11.99 -3.44 0.50
N LYS A 39 -12.49 -4.62 0.18
CA LYS A 39 -12.56 -5.71 1.16
C LYS A 39 -11.15 -6.08 1.63
N GLU A 40 -10.24 -6.26 0.68
CA GLU A 40 -8.86 -6.60 1.01
C GLU A 40 -8.19 -5.41 1.71
N LEU A 41 -8.54 -4.20 1.25
CA LEU A 41 -7.96 -2.99 1.83
C LEU A 41 -8.32 -2.88 3.31
N GLY A 42 -9.59 -3.06 3.62
CA GLY A 42 -10.04 -2.98 5.01
C GLY A 42 -9.32 -4.01 5.87
N LYS A 43 -9.14 -5.20 5.33
CA LYS A 43 -8.46 -6.26 6.07
C LYS A 43 -7.06 -5.82 6.48
N VAL A 44 -6.30 -5.30 5.52
CA VAL A 44 -4.95 -4.84 5.80
C VAL A 44 -4.97 -3.62 6.71
N MET A 45 -5.85 -2.67 6.42
CA MET A 45 -5.94 -1.45 7.21
C MET A 45 -6.37 -1.79 8.65
N ARG A 46 -7.26 -2.77 8.78
CA ARG A 46 -7.72 -3.18 10.09
C ARG A 46 -6.56 -3.67 10.94
N MET A 47 -5.66 -4.40 10.31
CA MET A 47 -4.48 -4.92 11.02
C MET A 47 -3.62 -3.76 11.51
N LEU A 48 -3.50 -2.72 10.69
CA LEU A 48 -2.70 -1.56 11.05
C LEU A 48 -3.37 -0.77 12.18
N GLY A 49 -4.65 -1.05 12.41
CA GLY A 49 -5.39 -0.36 13.46
C GLY A 49 -6.40 0.62 12.86
N GLN A 50 -6.61 0.52 11.55
CA GLN A 50 -7.55 1.39 10.87
C GLN A 50 -8.90 0.71 10.70
N ASN A 51 -9.96 1.50 10.56
CA ASN A 51 -11.30 0.95 10.38
C ASN A 51 -12.05 1.70 9.29
N PRO A 52 -11.47 1.78 8.13
CA PRO A 52 -12.09 2.49 6.96
C PRO A 52 -13.30 1.72 6.41
N THR A 53 -14.25 2.46 5.86
CA THR A 53 -15.45 1.85 5.28
C THR A 53 -15.26 1.59 3.80
N PRO A 54 -16.14 0.83 3.20
CA PRO A 54 -16.07 0.49 1.75
C PRO A 54 -15.87 1.73 0.88
N GLU A 55 -16.61 2.80 1.19
CA GLU A 55 -16.48 4.04 0.43
C GLU A 55 -15.07 4.60 0.56
N GLU A 56 -14.57 4.66 1.78
CA GLU A 56 -13.23 5.16 2.04
C GLU A 56 -12.19 4.19 1.48
N LEU A 57 -12.50 2.90 1.53
CA LEU A 57 -11.58 1.88 1.04
C LEU A 57 -11.33 2.06 -0.46
N GLN A 58 -12.38 2.40 -1.20
CA GLN A 58 -12.26 2.59 -2.64
C GLN A 58 -11.44 3.85 -2.94
N GLU A 59 -11.63 4.88 -2.13
CA GLU A 59 -10.89 6.12 -2.33
C GLU A 59 -9.39 5.89 -2.16
N MET A 60 -9.03 5.09 -1.16
CA MET A 60 -7.63 4.78 -0.91
C MET A 60 -7.02 4.06 -2.12
N ILE A 61 -7.78 3.12 -2.68
CA ILE A 61 -7.33 2.39 -3.85
C ILE A 61 -7.24 3.32 -5.06
N ASP A 62 -8.16 4.28 -5.13
CA ASP A 62 -8.18 5.22 -6.24
C ASP A 62 -6.91 6.08 -6.22
N GLU A 63 -6.37 6.30 -5.03
CA GLU A 63 -5.16 7.11 -4.89
C GLU A 63 -4.01 6.50 -5.67
N VAL A 64 -3.87 5.18 -5.57
CA VAL A 64 -2.80 4.48 -6.28
C VAL A 64 -3.30 3.87 -7.58
N ASP A 65 -4.63 3.83 -7.73
CA ASP A 65 -5.24 3.26 -8.92
C ASP A 65 -5.20 4.28 -10.07
N GLU A 66 -4.43 3.97 -11.11
CA GLU A 66 -4.29 4.86 -12.24
C GLU A 66 -5.53 4.77 -13.14
N ASP A 67 -5.99 3.55 -13.39
CA ASP A 67 -7.15 3.35 -14.24
C ASP A 67 -8.45 3.48 -13.45
N GLY A 68 -8.31 3.69 -12.15
CA GLY A 68 -9.49 3.86 -11.31
C GLY A 68 -10.31 2.59 -11.25
N SER A 69 -9.68 1.47 -11.53
CA SER A 69 -10.36 0.17 -11.52
C SER A 69 -10.98 -0.09 -10.16
N GLY A 70 -10.53 0.64 -9.15
CA GLY A 70 -11.04 0.48 -7.80
C GLY A 70 -10.21 -0.51 -7.01
N THR A 71 -9.24 -1.12 -7.67
CA THR A 71 -8.37 -2.10 -7.02
C THR A 71 -6.90 -1.81 -7.32
N VAL A 72 -6.03 -2.11 -6.36
CA VAL A 72 -4.60 -1.89 -6.55
C VAL A 72 -3.93 -3.17 -7.04
N ASP A 73 -3.41 -3.11 -8.26
CA ASP A 73 -2.74 -4.26 -8.86
C ASP A 73 -1.27 -4.31 -8.42
N PHE A 74 -0.51 -5.20 -9.05
CA PHE A 74 0.91 -5.34 -8.72
C PHE A 74 1.65 -4.02 -8.94
N ASP A 75 1.42 -3.42 -10.09
CA ASP A 75 2.09 -2.16 -10.41
C ASP A 75 1.56 -1.02 -9.54
N GLU A 76 0.25 -1.07 -9.26
CA GLU A 76 -0.36 -0.02 -8.45
C GLU A 76 0.10 -0.08 -7.01
N PHE A 77 0.13 -1.27 -6.43
CA PHE A 77 0.54 -1.44 -5.05
C PHE A 77 2.00 -1.05 -4.88
N LEU A 78 2.79 -1.31 -5.92
CA LEU A 78 4.21 -0.97 -5.89
C LEU A 78 4.39 0.54 -5.83
N VAL A 79 3.55 1.25 -6.58
CA VAL A 79 3.62 2.72 -6.59
C VAL A 79 3.37 3.28 -5.20
N MET A 80 2.35 2.74 -4.52
CA MET A 80 2.03 3.20 -3.18
C MET A 80 3.27 3.16 -2.30
N MET A 81 4.00 2.05 -2.36
CA MET A 81 5.23 1.92 -1.57
C MET A 81 6.26 2.96 -2.01
N VAL A 82 6.36 3.16 -3.33
CA VAL A 82 7.29 4.14 -3.88
C VAL A 82 6.88 5.56 -3.46
N ARG A 83 5.57 5.81 -3.46
CA ARG A 83 5.05 7.13 -3.11
C ARG A 83 5.53 7.53 -1.73
N SER A 84 5.39 6.63 -0.77
CA SER A 84 5.82 6.90 0.59
C SER A 84 7.34 6.93 0.69
N MET A 85 8.00 6.08 -0.11
CA MET A 85 9.45 6.01 -0.09
C MET A 85 10.05 7.33 -0.57
N LYS A 86 9.46 7.91 -1.61
CA LYS A 86 9.97 9.16 -2.14
C LYS A 86 9.50 10.35 -1.31
N ASP A 87 8.20 10.66 -1.39
CA ASP A 87 7.64 11.77 -0.64
C ASP A 87 6.49 12.41 -1.40
N ASP A 88 5.67 13.19 -0.69
CA ASP A 88 4.53 13.85 -1.32
C ASP A 88 4.98 15.11 -2.05
N SER A 89 4.27 15.44 -3.13
CA SER A 89 4.59 16.63 -3.92
C SER A 89 3.33 17.34 -4.37
N LYS A 90 2.32 16.56 -4.75
CA LYS A 90 1.06 17.12 -5.21
C LYS A 90 0.09 17.30 -4.04
N GLY A 91 -0.16 18.56 -3.68
CA GLY A 91 -1.07 18.85 -2.57
C GLY A 91 -1.25 20.36 -2.40
N LYS A 92 -2.16 20.73 -1.52
CA LYS A 92 -2.42 22.15 -1.26
C LYS A 92 -1.72 22.60 0.01
N PHE A 93 -1.41 21.64 0.88
CA PHE A 93 -0.73 21.95 2.13
C PHE A 93 -1.67 22.67 3.09
N LYS A 94 -2.14 23.85 2.69
CA LYS A 94 -3.05 24.62 3.52
C LYS A 94 -4.31 23.81 3.83
N ARG A 95 -4.31 23.17 4.99
CA ARG A 95 -5.44 22.34 5.41
C ARG A 95 -5.90 22.73 6.80
N PRO A 96 -7.09 22.32 7.18
CA PRO A 96 -7.67 22.64 8.51
C PRO A 96 -6.81 22.14 9.65
N THR A 97 -6.80 20.83 9.86
CA THR A 97 -6.00 20.23 10.93
C THR A 97 -6.21 18.72 10.97
N LEU A 98 -6.08 18.16 12.16
CA LEU A 98 -6.26 16.72 12.34
C LEU A 98 -7.54 16.25 11.65
N ARG A 99 -7.38 15.39 10.66
CA ARG A 99 -8.53 14.87 9.91
C ARG A 99 -8.08 13.84 8.88
N ARG A 100 -8.89 12.81 8.69
CA ARG A 100 -8.57 11.77 7.72
C ARG A 100 -7.48 10.85 8.26
N VAL A 101 -6.41 11.44 8.78
CA VAL A 101 -5.31 10.67 9.33
C VAL A 101 -4.60 9.87 8.23
N ARG A 102 -3.39 10.30 7.87
CA ARG A 102 -2.64 9.63 6.83
C ARG A 102 -1.82 8.48 7.42
N ILE A 103 -2.03 7.28 6.89
CA ILE A 103 -1.31 6.11 7.37
C ILE A 103 0.07 6.03 6.72
N SER A 104 1.07 5.60 7.50
CA SER A 104 2.42 5.47 6.98
C SER A 104 2.57 4.18 6.19
N ALA A 105 3.16 4.28 5.01
CA ALA A 105 3.37 3.11 4.16
C ALA A 105 4.25 2.09 4.87
N ASP A 106 5.29 2.58 5.54
CA ASP A 106 6.20 1.70 6.27
C ASP A 106 5.45 0.96 7.37
N ALA A 107 4.59 1.68 8.10
CA ALA A 107 3.83 1.07 9.18
C ALA A 107 2.94 -0.05 8.65
N MET A 108 2.29 0.20 7.52
CA MET A 108 1.43 -0.81 6.91
C MET A 108 2.25 -2.01 6.45
N MET A 109 3.39 -1.74 5.83
CA MET A 109 4.25 -2.81 5.33
C MET A 109 4.74 -3.68 6.48
N GLN A 110 5.12 -3.04 7.57
CA GLN A 110 5.59 -3.75 8.75
C GLN A 110 4.47 -4.63 9.31
N ALA A 111 3.25 -4.13 9.26
CA ALA A 111 2.10 -4.87 9.76
C ALA A 111 1.95 -6.18 9.00
N LEU A 112 2.17 -6.14 7.69
CA LEU A 112 2.04 -7.32 6.86
C LEU A 112 3.32 -8.15 6.91
N LEU A 113 4.47 -7.48 6.77
CA LEU A 113 5.75 -8.15 6.81
C LEU A 113 6.03 -8.74 8.19
N GLY A 114 5.67 -7.99 9.22
CA GLY A 114 5.88 -8.45 10.59
C GLY A 114 4.56 -8.78 11.27
N ALA A 115 4.57 -9.82 12.09
CA ALA A 115 3.37 -10.24 12.80
C ALA A 115 3.51 -11.68 13.30
N ARG A 116 4.26 -12.48 12.55
CA ARG A 116 4.48 -13.88 12.92
C ARG A 116 5.38 -14.57 11.90
N ALA A 117 6.18 -15.52 12.38
CA ALA A 117 7.09 -16.25 11.51
C ALA A 117 7.41 -17.61 12.09
N LYS A 118 7.21 -18.65 11.29
CA LYS A 118 7.48 -20.02 11.74
C LYS A 118 6.78 -20.29 13.08
N GLY A 119 5.96 -19.35 13.51
CA GLY A 119 5.24 -19.50 14.77
C GLY A 119 6.15 -19.21 15.95
N HIS A 120 5.56 -19.09 17.14
CA HIS A 120 6.34 -18.83 18.34
C HIS A 120 7.28 -17.65 18.12
N HIS A 121 6.75 -16.56 17.58
CA HIS A 121 7.55 -15.37 17.33
C HIS A 121 8.43 -15.05 18.54
N HIS A 122 9.67 -15.54 18.50
CA HIS A 122 10.61 -15.31 19.59
C HIS A 122 11.87 -14.61 19.09
N HIS A 123 12.05 -14.64 17.77
CA HIS A 123 13.24 -14.01 17.17
C HIS A 123 13.22 -12.51 17.41
N HIS A 124 14.35 -11.97 17.84
CA HIS A 124 14.48 -10.54 18.08
C HIS A 124 15.90 -10.06 17.78
N HIS A 125 16.04 -8.76 17.53
CA HIS A 125 17.33 -8.19 17.24
C HIS A 125 17.68 -7.10 18.27
CA CA B . -6.27 0.29 -10.48
S1 WW7 C . -2.73 4.93 2.93
O1 WW7 C . -1.93 5.23 4.20
O2 WW7 C . -4.17 5.44 3.11
N1 WW7 C . -2.05 5.68 1.63
C4 WW7 C . -2.79 0.46 2.21
C3 WW7 C . -2.30 0.97 3.39
C2 WW7 C . -2.29 2.34 3.61
C1 WW7 C . -2.77 3.20 2.64
C9 WW7 C . -3.27 2.69 1.43
C10 WW7 C . -3.28 1.30 1.21
CL1 WW7 C . -3.84 -0.92 -0.37
C5 WW7 C . -3.79 0.79 -0.01
C6 WW7 C . -4.26 1.68 -0.97
C7 WW7 C . -4.24 3.04 -0.74
C8 WW7 C . -3.75 3.55 0.45
C11 WW7 C . -0.59 5.47 1.61
C12 WW7 C . 0.03 6.11 0.38
C14 WW7 C . 1.46 8.06 1.04
C13 WW7 C . 1.46 6.56 0.71
C15 WW7 C . 1.48 8.24 2.56
C16 WW7 C . 2.90 8.58 3.02
N2 WW7 C . 3.71 7.37 3.16
HN1 WW7 C . -2.27 6.65 1.64
H4 WW7 C . -2.81 -0.60 2.05
H3 WW7 C . -1.93 0.28 4.16
H2 WW7 C . -1.90 2.73 4.54
H6 WW7 C . -4.65 1.30 -1.90
H7 WW7 C . -4.61 3.73 -1.50
H8 WW7 C . -3.74 4.61 0.61
H111 WW7 C . -0.39 4.40 1.60
H112 WW7 C . -0.17 5.91 2.50
H121 WW7 C . -0.56 6.96 0.06
H122 WW7 C . 0.06 5.37 -0.43
H141 WW7 C . 0.57 8.53 0.62
H142 WW7 C . 2.34 8.52 0.60
H131 WW7 C . 2.11 6.37 -0.15
H132 WW7 C . 1.82 5.99 1.57
H151 WW7 C . 1.15 7.33 3.05
H152 WW7 C . 0.80 9.06 2.82
H161 WW7 C . 2.86 9.11 3.97
H162 WW7 C . 3.36 9.24 2.27
HN21 WW7 C . 4.65 7.55 2.85
HN22 WW7 C . 3.31 6.64 2.62
H24 WW7 C . 3.72 7.09 4.13
N MET A 1 -0.63 9.38 -10.94
CA MET A 1 0.54 8.46 -10.94
C MET A 1 1.64 9.03 -11.83
N ASP A 2 2.71 9.50 -11.20
CA ASP A 2 3.83 10.06 -11.94
C ASP A 2 4.64 8.96 -12.62
N ASP A 3 5.19 9.25 -13.79
CA ASP A 3 5.98 8.28 -14.52
C ASP A 3 7.12 7.75 -13.65
N ILE A 4 7.51 8.56 -12.67
CA ILE A 4 8.59 8.18 -11.76
C ILE A 4 8.19 6.95 -10.95
N TYR A 5 6.90 6.83 -10.66
CA TYR A 5 6.41 5.69 -9.88
C TYR A 5 6.72 4.39 -10.60
N LYS A 6 6.48 4.35 -11.90
CA LYS A 6 6.75 3.15 -12.69
C LYS A 6 8.25 2.87 -12.69
N ALA A 7 9.03 3.93 -12.83
CA ALA A 7 10.48 3.79 -12.83
C ALA A 7 10.97 3.27 -11.48
N ALA A 8 10.33 3.75 -10.41
CA ALA A 8 10.69 3.34 -9.07
C ALA A 8 10.56 1.83 -8.91
N VAL A 9 9.48 1.28 -9.46
CA VAL A 9 9.26 -0.15 -9.37
C VAL A 9 10.38 -0.91 -10.09
N GLU A 10 10.72 -0.45 -11.29
CA GLU A 10 11.78 -1.07 -12.07
C GLU A 10 13.13 -0.85 -11.42
N GLN A 11 13.27 0.27 -10.70
CA GLN A 11 14.51 0.59 -10.01
C GLN A 11 14.78 -0.40 -8.89
N LEU A 12 13.72 -0.82 -8.20
CA LEU A 12 13.87 -1.77 -7.10
C LEU A 12 14.54 -3.06 -7.59
N THR A 13 15.53 -3.53 -6.83
CA THR A 13 16.24 -4.75 -7.19
C THR A 13 15.35 -5.96 -6.96
N GLU A 14 15.91 -7.14 -7.21
CA GLU A 14 15.14 -8.37 -7.06
C GLU A 14 14.61 -8.49 -5.63
N GLU A 15 15.48 -8.23 -4.65
CA GLU A 15 15.07 -8.32 -3.26
C GLU A 15 13.98 -7.28 -2.94
N GLN A 16 14.18 -6.05 -3.43
CA GLN A 16 13.20 -4.99 -3.20
C GLN A 16 11.88 -5.31 -3.89
N LYS A 17 11.96 -5.79 -5.12
CA LYS A 17 10.77 -6.14 -5.87
C LYS A 17 10.05 -7.30 -5.20
N ASN A 18 10.82 -8.27 -4.72
CA ASN A 18 10.26 -9.43 -4.05
C ASN A 18 9.52 -9.00 -2.78
N GLU A 19 10.13 -8.07 -2.04
CA GLU A 19 9.52 -7.57 -0.81
C GLU A 19 8.16 -6.94 -1.10
N PHE A 20 8.13 -6.08 -2.11
CA PHE A 20 6.89 -5.42 -2.50
C PHE A 20 5.89 -6.45 -3.03
N LYS A 21 6.40 -7.40 -3.79
CA LYS A 21 5.54 -8.42 -4.35
C LYS A 21 4.87 -9.25 -3.26
N ALA A 22 5.63 -9.55 -2.19
CA ALA A 22 5.10 -10.34 -1.09
C ALA A 22 3.90 -9.63 -0.48
N ALA A 23 4.02 -8.31 -0.32
CA ALA A 23 2.93 -7.53 0.25
C ALA A 23 1.69 -7.62 -0.64
N PHE A 24 1.92 -7.57 -1.96
CA PHE A 24 0.81 -7.67 -2.91
C PHE A 24 0.06 -8.97 -2.75
N ASP A 25 0.79 -10.07 -2.69
CA ASP A 25 0.17 -11.38 -2.53
C ASP A 25 -0.62 -11.44 -1.24
N ILE A 26 0.00 -10.96 -0.16
CA ILE A 26 -0.67 -10.95 1.14
C ILE A 26 -1.86 -10.02 1.13
N PHE A 27 -1.69 -8.86 0.51
CA PHE A 27 -2.77 -7.87 0.43
C PHE A 27 -3.98 -8.46 -0.28
N VAL A 28 -3.72 -9.21 -1.35
CA VAL A 28 -4.81 -9.82 -2.11
C VAL A 28 -5.06 -11.25 -1.63
N LEU A 29 -4.78 -11.50 -0.35
CA LEU A 29 -4.98 -12.83 0.21
C LEU A 29 -6.43 -13.27 0.04
N GLY A 30 -6.64 -14.26 -0.83
CA GLY A 30 -7.97 -14.78 -1.08
C GLY A 30 -8.67 -13.97 -2.18
N ALA A 31 -7.98 -12.97 -2.72
CA ALA A 31 -8.55 -12.14 -3.76
C ALA A 31 -8.77 -12.96 -5.03
N GLU A 32 -10.00 -12.96 -5.52
CA GLU A 32 -10.32 -13.70 -6.74
C GLU A 32 -9.70 -13.04 -7.96
N ASP A 33 -9.59 -11.71 -7.92
CA ASP A 33 -9.01 -10.97 -9.03
C ASP A 33 -7.51 -10.80 -8.82
N GLY A 34 -7.03 -11.21 -7.65
CA GLY A 34 -5.61 -11.11 -7.35
C GLY A 34 -5.17 -9.65 -7.24
N SER A 35 -6.10 -8.77 -6.89
CA SER A 35 -5.79 -7.36 -6.75
C SER A 35 -6.25 -6.85 -5.38
N ILE A 36 -5.77 -5.69 -4.99
CA ILE A 36 -6.13 -5.10 -3.70
C ILE A 36 -7.40 -4.25 -3.83
N SER A 37 -8.47 -4.72 -3.20
CA SER A 37 -9.74 -3.99 -3.24
C SER A 37 -10.13 -3.53 -1.85
N THR A 38 -11.38 -3.11 -1.69
CA THR A 38 -11.85 -2.65 -0.40
C THR A 38 -11.84 -3.78 0.62
N LYS A 39 -12.22 -4.98 0.18
CA LYS A 39 -12.23 -6.14 1.07
C LYS A 39 -10.82 -6.41 1.58
N GLU A 40 -9.86 -6.43 0.66
CA GLU A 40 -8.46 -6.66 1.01
C GLU A 40 -7.91 -5.45 1.76
N LEU A 41 -8.30 -4.26 1.31
CA LEU A 41 -7.85 -3.03 1.94
C LEU A 41 -8.29 -2.97 3.40
N GLY A 42 -9.55 -3.30 3.63
CA GLY A 42 -10.09 -3.31 4.98
C GLY A 42 -9.31 -4.28 5.86
N LYS A 43 -8.97 -5.44 5.29
CA LYS A 43 -8.23 -6.45 6.04
C LYS A 43 -6.89 -5.87 6.52
N VAL A 44 -6.16 -5.27 5.59
CA VAL A 44 -4.87 -4.68 5.91
C VAL A 44 -5.05 -3.50 6.85
N MET A 45 -6.05 -2.68 6.58
CA MET A 45 -6.31 -1.51 7.41
C MET A 45 -6.56 -1.91 8.85
N ARG A 46 -7.31 -2.98 9.04
CA ARG A 46 -7.60 -3.47 10.38
C ARG A 46 -6.31 -3.87 11.08
N MET A 47 -5.41 -4.49 10.32
CA MET A 47 -4.13 -4.92 10.86
C MET A 47 -3.33 -3.70 11.35
N LEU A 48 -3.51 -2.58 10.68
CA LEU A 48 -2.79 -1.36 11.03
C LEU A 48 -3.46 -0.65 12.20
N GLY A 49 -4.64 -1.12 12.57
CA GLY A 49 -5.39 -0.53 13.67
C GLY A 49 -6.47 0.42 13.15
N GLN A 50 -6.71 0.39 11.85
CA GLN A 50 -7.72 1.25 11.25
C GLN A 50 -8.89 0.42 10.73
N ASN A 51 -10.05 1.05 10.62
CA ASN A 51 -11.24 0.36 10.13
C ASN A 51 -12.08 1.29 9.26
N PRO A 52 -11.55 1.71 8.14
CA PRO A 52 -12.27 2.61 7.20
C PRO A 52 -13.48 1.93 6.56
N THR A 53 -14.47 2.73 6.18
CA THR A 53 -15.68 2.22 5.56
C THR A 53 -15.43 1.88 4.10
N PRO A 54 -16.36 1.20 3.47
CA PRO A 54 -16.23 0.80 2.05
C PRO A 54 -15.95 1.99 1.13
N GLU A 55 -16.67 3.08 1.36
CA GLU A 55 -16.49 4.27 0.55
C GLU A 55 -15.06 4.80 0.68
N GLU A 56 -14.58 4.86 1.92
CA GLU A 56 -13.23 5.34 2.19
C GLU A 56 -12.21 4.36 1.61
N LEU A 57 -12.52 3.07 1.68
CA LEU A 57 -11.62 2.05 1.17
C LEU A 57 -11.37 2.24 -0.32
N GLN A 58 -12.42 2.51 -1.07
CA GLN A 58 -12.29 2.74 -2.50
C GLN A 58 -11.49 4.00 -2.78
N GLU A 59 -11.73 5.04 -1.99
CA GLU A 59 -11.02 6.30 -2.17
C GLU A 59 -9.51 6.09 -2.06
N MET A 60 -9.10 5.38 -1.01
CA MET A 60 -7.68 5.13 -0.80
C MET A 60 -7.13 4.33 -1.98
N ILE A 61 -7.90 3.35 -2.43
CA ILE A 61 -7.51 2.54 -3.58
C ILE A 61 -7.45 3.39 -4.84
N ASP A 62 -8.41 4.30 -4.96
CA ASP A 62 -8.49 5.17 -6.12
C ASP A 62 -7.21 6.00 -6.25
N GLU A 63 -6.59 6.32 -5.13
CA GLU A 63 -5.36 7.11 -5.14
C GLU A 63 -4.27 6.40 -5.95
N VAL A 64 -4.16 5.10 -5.78
CA VAL A 64 -3.15 4.33 -6.51
C VAL A 64 -3.78 3.64 -7.71
N ASP A 65 -5.09 3.77 -7.85
CA ASP A 65 -5.79 3.14 -8.96
C ASP A 65 -5.81 4.08 -10.17
N GLU A 66 -4.92 3.81 -11.13
CA GLU A 66 -4.83 4.62 -12.33
C GLU A 66 -5.84 4.16 -13.39
N ASP A 67 -6.05 2.85 -13.47
CA ASP A 67 -6.98 2.32 -14.46
C ASP A 67 -8.43 2.56 -14.04
N GLY A 68 -8.60 3.15 -12.87
CA GLY A 68 -9.94 3.45 -12.38
C GLY A 68 -10.72 2.18 -12.10
N SER A 69 -10.00 1.07 -11.97
CA SER A 69 -10.63 -0.22 -11.72
C SER A 69 -11.17 -0.28 -10.29
N GLY A 70 -10.76 0.68 -9.48
CA GLY A 70 -11.20 0.72 -8.09
C GLY A 70 -10.40 -0.25 -7.23
N THR A 71 -9.35 -0.81 -7.81
CA THR A 71 -8.49 -1.76 -7.10
C THR A 71 -7.02 -1.49 -7.37
N VAL A 72 -6.15 -1.96 -6.48
CA VAL A 72 -4.72 -1.77 -6.65
C VAL A 72 -4.08 -3.09 -7.07
N ASP A 73 -3.46 -3.08 -8.24
CA ASP A 73 -2.81 -4.28 -8.75
C ASP A 73 -1.34 -4.32 -8.31
N PHE A 74 -0.57 -5.23 -8.91
CA PHE A 74 0.85 -5.34 -8.57
C PHE A 74 1.58 -4.03 -8.83
N ASP A 75 1.38 -3.46 -10.00
CA ASP A 75 2.02 -2.21 -10.33
C ASP A 75 1.44 -1.06 -9.52
N GLU A 76 0.17 -1.17 -9.18
CA GLU A 76 -0.50 -0.12 -8.41
C GLU A 76 -0.04 -0.11 -6.96
N PHE A 77 0.07 -1.27 -6.32
CA PHE A 77 0.49 -1.33 -4.95
C PHE A 77 1.94 -0.89 -4.82
N LEU A 78 2.74 -1.20 -5.84
CA LEU A 78 4.14 -0.81 -5.85
C LEU A 78 4.27 0.70 -5.86
N VAL A 79 3.45 1.35 -6.69
CA VAL A 79 3.45 2.80 -6.78
C VAL A 79 3.06 3.43 -5.45
N MET A 80 2.03 2.86 -4.80
CA MET A 80 1.58 3.39 -3.53
C MET A 80 2.77 3.57 -2.59
N MET A 81 3.60 2.53 -2.47
CA MET A 81 4.76 2.61 -1.57
C MET A 81 5.78 3.60 -2.13
N VAL A 82 5.97 3.57 -3.44
CA VAL A 82 6.91 4.48 -4.09
C VAL A 82 6.47 5.93 -3.90
N ARG A 83 5.17 6.17 -4.00
CA ARG A 83 4.63 7.52 -3.85
C ARG A 83 5.02 8.08 -2.48
N SER A 84 4.82 7.28 -1.44
CA SER A 84 5.17 7.70 -0.08
C SER A 84 6.66 8.03 0.01
N MET A 85 7.46 7.24 -0.68
CA MET A 85 8.91 7.45 -0.67
C MET A 85 9.26 8.84 -1.17
N LYS A 86 8.53 9.31 -2.18
CA LYS A 86 8.77 10.63 -2.75
C LYS A 86 10.21 11.08 -2.48
N ASP A 87 11.15 10.55 -3.25
CA ASP A 87 12.55 10.90 -3.07
C ASP A 87 12.88 12.21 -3.78
N ASP A 88 14.12 12.65 -3.66
CA ASP A 88 14.55 13.90 -4.30
C ASP A 88 13.48 14.97 -4.15
N SER A 89 13.35 15.83 -5.15
CA SER A 89 12.36 16.90 -5.11
C SER A 89 11.77 17.12 -6.50
N LYS A 90 10.61 17.77 -6.55
CA LYS A 90 9.94 18.03 -7.81
C LYS A 90 9.78 19.53 -8.05
N GLY A 91 9.41 20.26 -7.00
CA GLY A 91 9.22 21.70 -7.08
C GLY A 91 7.75 22.05 -7.28
N LYS A 92 6.96 21.06 -7.70
CA LYS A 92 5.54 21.27 -7.91
C LYS A 92 4.82 21.54 -6.59
N PHE A 93 5.22 20.80 -5.56
CA PHE A 93 4.62 20.96 -4.25
C PHE A 93 3.12 20.71 -4.30
N LYS A 94 2.60 19.96 -3.33
CA LYS A 94 1.17 19.68 -3.29
C LYS A 94 0.68 19.60 -1.84
N ARG A 95 -0.38 20.34 -1.54
CA ARG A 95 -0.95 20.33 -0.20
C ARG A 95 -1.84 19.12 0.02
N PRO A 96 -2.13 18.82 1.25
CA PRO A 96 -2.99 17.64 1.62
C PRO A 96 -4.40 17.77 1.05
N THR A 97 -4.97 16.64 0.65
CA THR A 97 -6.32 16.64 0.09
C THR A 97 -7.29 15.93 1.03
N LEU A 98 -6.77 15.05 1.86
CA LEU A 98 -7.59 14.30 2.80
C LEU A 98 -7.25 14.68 4.24
N ARG A 99 -8.27 14.70 5.09
CA ARG A 99 -8.07 15.04 6.49
C ARG A 99 -8.04 13.79 7.35
N ARG A 100 -7.99 13.97 8.67
CA ARG A 100 -7.95 12.84 9.59
C ARG A 100 -6.53 12.30 9.71
N VAL A 101 -6.42 11.04 10.13
CA VAL A 101 -5.11 10.42 10.29
C VAL A 101 -4.59 9.90 8.95
N ARG A 102 -3.39 10.31 8.60
CA ARG A 102 -2.79 9.88 7.34
C ARG A 102 -1.86 8.69 7.57
N ILE A 103 -2.35 7.49 7.30
CA ILE A 103 -1.56 6.28 7.48
C ILE A 103 -0.31 6.33 6.61
N SER A 104 0.80 5.84 7.15
CA SER A 104 2.05 5.83 6.40
C SER A 104 2.18 4.52 5.62
N ALA A 105 2.61 4.64 4.37
CA ALA A 105 2.78 3.46 3.52
C ALA A 105 3.80 2.51 4.13
N ASP A 106 4.86 3.08 4.69
CA ASP A 106 5.91 2.29 5.32
C ASP A 106 5.37 1.52 6.52
N ALA A 107 4.53 2.18 7.30
CA ALA A 107 3.95 1.52 8.47
C ALA A 107 3.08 0.33 8.05
N MET A 108 2.25 0.53 7.02
CA MET A 108 1.39 -0.53 6.53
C MET A 108 2.19 -1.69 5.95
N MET A 109 3.16 -1.36 5.10
CA MET A 109 3.99 -2.39 4.47
C MET A 109 4.71 -3.20 5.55
N GLN A 110 5.14 -2.52 6.61
CA GLN A 110 5.81 -3.21 7.69
C GLN A 110 4.86 -4.18 8.39
N ALA A 111 3.62 -3.75 8.55
CA ALA A 111 2.61 -4.59 9.21
C ALA A 111 2.38 -5.86 8.41
N LEU A 112 2.33 -5.71 7.08
CA LEU A 112 2.12 -6.85 6.20
C LEU A 112 3.29 -7.81 6.26
N LEU A 113 4.50 -7.26 6.37
CA LEU A 113 5.71 -8.07 6.43
C LEU A 113 5.73 -8.92 7.70
N GLY A 114 5.30 -8.32 8.81
CA GLY A 114 5.28 -9.02 10.09
C GLY A 114 6.57 -8.80 10.86
N ALA A 115 6.59 -9.21 12.13
CA ALA A 115 7.77 -9.05 12.96
C ALA A 115 8.04 -10.33 13.75
N ARG A 116 7.57 -11.45 13.23
CA ARG A 116 7.78 -12.74 13.89
C ARG A 116 7.92 -13.86 12.87
N ALA A 117 8.84 -13.68 11.92
CA ALA A 117 9.06 -14.68 10.89
C ALA A 117 10.49 -14.60 10.37
N LYS A 118 10.75 -13.61 9.53
CA LYS A 118 12.08 -13.42 8.95
C LYS A 118 12.63 -12.05 9.32
N GLY A 119 13.96 -11.94 9.32
CA GLY A 119 14.62 -10.68 9.65
C GLY A 119 14.91 -9.87 8.40
N HIS A 120 14.31 -10.28 7.28
CA HIS A 120 14.51 -9.58 6.02
C HIS A 120 14.28 -8.08 6.18
N HIS A 121 15.17 -7.28 5.61
CA HIS A 121 15.05 -5.83 5.71
C HIS A 121 16.01 -5.15 4.74
N HIS A 122 17.26 -5.00 5.16
CA HIS A 122 18.26 -4.36 4.31
C HIS A 122 19.26 -5.38 3.78
N HIS A 123 20.39 -5.52 4.47
CA HIS A 123 21.41 -6.46 4.04
C HIS A 123 21.93 -7.26 5.23
N HIS A 124 22.47 -8.44 4.97
CA HIS A 124 23.00 -9.29 6.04
C HIS A 124 24.27 -8.70 6.61
N HIS A 125 24.83 -7.71 5.91
CA HIS A 125 26.05 -7.06 6.36
C HIS A 125 26.02 -5.58 6.02
CA CA B . -6.32 -0.30 -11.06
S1 WW7 C . -2.75 5.91 2.56
O1 WW7 C . -1.83 6.45 3.65
O2 WW7 C . -4.18 6.39 2.82
N1 WW7 C . -2.25 6.44 1.09
C4 WW7 C . -2.66 1.37 2.67
C3 WW7 C . -2.14 2.11 3.71
C2 WW7 C . -2.18 3.49 3.66
C1 WW7 C . -2.73 4.14 2.59
C9 WW7 C . -3.27 3.39 1.51
C10 WW7 C . -3.25 1.99 1.55
CL1 WW7 C . -3.82 -0.47 0.39
C5 WW7 C . -3.79 1.27 0.45
C6 WW7 C . -4.35 1.95 -0.61
C7 WW7 C . -4.36 3.33 -0.63
C8 WW7 C . -3.83 4.04 0.42
C11 WW7 C . -0.82 6.12 0.87
C12 WW7 C . -0.23 6.95 -0.26
C14 WW7 C . 1.61 8.35 0.70
C13 WW7 C . 1.28 7.07 -0.07
C15 WW7 C . 1.81 8.01 2.18
C16 WW7 C . 0.99 8.97 3.05
N2 WW7 C . 1.78 9.46 4.19
HN1 WW7 C . -2.41 7.42 1.01
H4 WW7 C . -2.63 0.28 2.73
H3 WW7 C . -1.70 1.61 4.57
H2 WW7 C . -1.75 4.07 4.50
H6 WW7 C . -4.77 1.41 -1.46
H7 WW7 C . -4.80 3.86 -1.47
H8 WW7 C . -3.86 5.13 0.41
H111 WW7 C . -0.72 5.06 0.63
H112 WW7 C . -0.27 6.32 1.79
H121 WW7 C . -0.69 7.94 -0.26
H122 WW7 C . -0.46 6.45 -1.21
H141 WW7 C . 0.80 9.07 0.59
H142 WW7 C . 2.52 8.79 0.30
H131 WW7 C . 1.77 7.10 -1.05
H132 WW7 C . 1.64 6.19 0.48
H151 WW7 C . 2.86 8.09 2.44
H152 WW7 C . 1.47 6.99 2.36
H161 WW7 C . 0.10 8.46 3.41
H162 WW7 C . 0.67 9.83 2.44
HN21 WW7 C . 2.39 8.73 4.51
HN22 WW7 C . 1.17 9.73 4.93
H24 WW7 C . 2.32 10.26 3.90
N MET A 1 -0.86 6.07 -12.33
CA MET A 1 0.52 5.51 -12.36
C MET A 1 1.40 6.38 -13.24
N ASP A 2 2.00 7.41 -12.65
CA ASP A 2 2.86 8.31 -13.39
C ASP A 2 4.06 7.56 -13.96
N ASP A 3 4.61 8.07 -15.07
CA ASP A 3 5.75 7.44 -15.70
C ASP A 3 6.92 7.35 -14.71
N ILE A 4 7.01 8.32 -13.83
CA ILE A 4 8.07 8.33 -12.83
C ILE A 4 7.91 7.17 -11.86
N TYR A 5 6.67 6.91 -11.46
CA TYR A 5 6.39 5.81 -10.54
C TYR A 5 6.80 4.47 -11.16
N LYS A 6 6.50 4.31 -12.44
CA LYS A 6 6.84 3.08 -13.14
C LYS A 6 8.35 2.86 -13.13
N ALA A 7 9.10 3.94 -13.36
CA ALA A 7 10.55 3.87 -13.35
C ALA A 7 11.05 3.43 -11.98
N ALA A 8 10.41 3.92 -10.93
CA ALA A 8 10.81 3.56 -9.58
C ALA A 8 10.70 2.06 -9.37
N VAL A 9 9.63 1.46 -9.89
CA VAL A 9 9.43 0.02 -9.74
C VAL A 9 10.55 -0.75 -10.43
N GLU A 10 10.87 -0.34 -11.66
CA GLU A 10 11.93 -0.99 -12.42
C GLU A 10 13.28 -0.78 -11.75
N GLN A 11 13.45 0.40 -11.14
CA GLN A 11 14.70 0.73 -10.47
C GLN A 11 14.93 -0.18 -9.27
N LEU A 12 13.84 -0.49 -8.56
CA LEU A 12 13.93 -1.36 -7.38
C LEU A 12 14.59 -2.68 -7.75
N THR A 13 15.42 -3.20 -6.86
CA THR A 13 16.10 -4.46 -7.10
C THR A 13 15.15 -5.63 -6.87
N GLU A 14 15.65 -6.84 -7.06
CA GLU A 14 14.83 -8.04 -6.87
C GLU A 14 14.32 -8.12 -5.43
N GLU A 15 15.20 -7.87 -4.48
CA GLU A 15 14.81 -7.92 -3.06
C GLU A 15 13.77 -6.85 -2.75
N GLN A 16 13.98 -5.65 -3.27
CA GLN A 16 13.06 -4.55 -3.03
C GLN A 16 11.69 -4.86 -3.63
N LYS A 17 11.68 -5.30 -4.89
CA LYS A 17 10.44 -5.65 -5.56
C LYS A 17 9.78 -6.84 -4.87
N ASN A 18 10.59 -7.83 -4.51
CA ASN A 18 10.08 -9.02 -3.84
C ASN A 18 9.43 -8.64 -2.51
N GLU A 19 10.07 -7.73 -1.77
CA GLU A 19 9.53 -7.28 -0.49
C GLU A 19 8.17 -6.63 -0.69
N PHE A 20 8.08 -5.75 -1.69
CA PHE A 20 6.82 -5.08 -1.97
C PHE A 20 5.79 -6.08 -2.48
N LYS A 21 6.22 -6.96 -3.37
CA LYS A 21 5.31 -7.95 -3.93
C LYS A 21 4.74 -8.83 -2.83
N ALA A 22 5.56 -9.10 -1.81
CA ALA A 22 5.13 -9.94 -0.71
C ALA A 22 3.89 -9.33 -0.05
N ALA A 23 3.92 -8.00 0.13
CA ALA A 23 2.78 -7.31 0.71
C ALA A 23 1.57 -7.40 -0.21
N PHE A 24 1.82 -7.28 -1.51
CA PHE A 24 0.75 -7.37 -2.51
C PHE A 24 0.06 -8.73 -2.43
N ASP A 25 0.85 -9.79 -2.42
CA ASP A 25 0.30 -11.14 -2.36
C ASP A 25 -0.53 -11.32 -1.09
N ILE A 26 0.02 -10.87 0.04
CA ILE A 26 -0.69 -10.97 1.31
C ILE A 26 -1.90 -10.02 1.30
N PHE A 27 -1.71 -8.84 0.74
CA PHE A 27 -2.78 -7.86 0.68
C PHE A 27 -4.00 -8.43 -0.03
N VAL A 28 -3.76 -9.20 -1.10
CA VAL A 28 -4.84 -9.81 -1.86
C VAL A 28 -5.07 -11.25 -1.40
N LEU A 29 -4.76 -11.52 -0.14
CA LEU A 29 -4.94 -12.86 0.41
C LEU A 29 -6.39 -13.33 0.21
N GLY A 30 -6.55 -14.41 -0.54
CA GLY A 30 -7.88 -14.95 -0.79
C GLY A 30 -8.56 -14.21 -1.94
N ALA A 31 -7.86 -13.22 -2.50
CA ALA A 31 -8.42 -12.46 -3.60
C ALA A 31 -8.44 -13.29 -4.88
N GLU A 32 -9.63 -13.45 -5.45
CA GLU A 32 -9.78 -14.23 -6.67
C GLU A 32 -9.05 -13.55 -7.83
N ASP A 33 -9.17 -12.22 -7.90
CA ASP A 33 -8.51 -11.48 -8.96
C ASP A 33 -7.03 -11.29 -8.65
N GLY A 34 -6.67 -11.38 -7.38
CA GLY A 34 -5.29 -11.22 -6.95
C GLY A 34 -4.94 -9.75 -6.77
N SER A 35 -5.93 -8.88 -6.95
CA SER A 35 -5.70 -7.44 -6.80
C SER A 35 -6.24 -6.97 -5.45
N ILE A 36 -5.82 -5.79 -5.03
CA ILE A 36 -6.25 -5.24 -3.75
C ILE A 36 -7.45 -4.32 -3.94
N SER A 37 -8.58 -4.71 -3.37
CA SER A 37 -9.80 -3.92 -3.47
C SER A 37 -10.20 -3.40 -2.09
N THR A 38 -11.42 -2.86 -2.00
CA THR A 38 -11.92 -2.35 -0.72
C THR A 38 -11.98 -3.47 0.31
N LYS A 39 -12.39 -4.66 -0.14
CA LYS A 39 -12.48 -5.80 0.77
C LYS A 39 -11.10 -6.13 1.34
N GLU A 40 -10.12 -6.22 0.45
CA GLU A 40 -8.75 -6.51 0.86
C GLU A 40 -8.16 -5.31 1.61
N LEU A 41 -8.53 -4.11 1.16
CA LEU A 41 -8.04 -2.88 1.78
C LEU A 41 -8.47 -2.80 3.24
N GLY A 42 -9.74 -3.10 3.48
CA GLY A 42 -10.27 -3.08 4.84
C GLY A 42 -9.56 -4.10 5.73
N LYS A 43 -9.32 -5.28 5.17
CA LYS A 43 -8.64 -6.33 5.92
C LYS A 43 -7.27 -5.86 6.39
N VAL A 44 -6.51 -5.26 5.49
CA VAL A 44 -5.17 -4.77 5.82
C VAL A 44 -5.26 -3.64 6.84
N MET A 45 -6.19 -2.73 6.64
CA MET A 45 -6.37 -1.61 7.55
C MET A 45 -6.70 -2.11 8.95
N ARG A 46 -7.54 -3.13 9.03
CA ARG A 46 -7.93 -3.70 10.32
C ARG A 46 -6.72 -4.26 11.04
N MET A 47 -5.82 -4.88 10.27
CA MET A 47 -4.62 -5.45 10.85
C MET A 47 -3.78 -4.35 11.50
N LEU A 48 -3.75 -3.19 10.87
CA LEU A 48 -2.98 -2.05 11.38
C LEU A 48 -3.71 -1.40 12.55
N GLY A 49 -4.91 -1.88 12.84
CA GLY A 49 -5.71 -1.33 13.92
C GLY A 49 -6.71 -0.30 13.41
N GLN A 50 -6.72 -0.10 12.10
CA GLN A 50 -7.62 0.86 11.49
C GLN A 50 -8.96 0.21 11.16
N ASN A 51 -9.96 1.03 10.86
CA ASN A 51 -11.28 0.50 10.53
C ASN A 51 -11.97 1.41 9.51
N PRO A 52 -11.39 1.53 8.34
CA PRO A 52 -11.95 2.37 7.24
C PRO A 52 -13.22 1.76 6.66
N THR A 53 -14.08 2.61 6.11
CA THR A 53 -15.32 2.14 5.50
C THR A 53 -15.13 1.88 4.00
N PRO A 54 -16.09 1.26 3.38
CA PRO A 54 -16.02 0.93 1.92
C PRO A 54 -15.72 2.17 1.09
N GLU A 55 -16.35 3.29 1.43
CA GLU A 55 -16.13 4.53 0.70
C GLU A 55 -14.68 4.98 0.83
N GLU A 56 -14.15 4.90 2.04
CA GLU A 56 -12.77 5.27 2.30
C GLU A 56 -11.83 4.25 1.65
N LEU A 57 -12.23 2.98 1.70
CA LEU A 57 -11.40 1.92 1.13
C LEU A 57 -11.17 2.14 -0.36
N GLN A 58 -12.24 2.51 -1.07
CA GLN A 58 -12.15 2.75 -2.50
C GLN A 58 -11.37 4.03 -2.78
N GLU A 59 -11.54 5.03 -1.92
CA GLU A 59 -10.84 6.30 -2.09
C GLU A 59 -9.33 6.09 -2.02
N MET A 60 -8.89 5.33 -1.02
CA MET A 60 -7.47 5.07 -0.86
C MET A 60 -6.93 4.35 -2.10
N ILE A 61 -7.67 3.35 -2.57
CA ILE A 61 -7.28 2.60 -3.75
C ILE A 61 -7.24 3.54 -4.96
N ASP A 62 -8.20 4.46 -5.03
CA ASP A 62 -8.28 5.40 -6.13
C ASP A 62 -6.98 6.19 -6.25
N GLU A 63 -6.30 6.38 -5.13
CA GLU A 63 -5.04 7.12 -5.12
C GLU A 63 -4.01 6.46 -6.03
N VAL A 64 -3.98 5.13 -6.00
CA VAL A 64 -3.04 4.39 -6.83
C VAL A 64 -3.75 3.75 -8.02
N ASP A 65 -5.03 4.07 -8.17
CA ASP A 65 -5.82 3.53 -9.28
C ASP A 65 -6.03 4.60 -10.36
N GLU A 66 -5.02 4.77 -11.21
CA GLU A 66 -5.09 5.74 -12.28
C GLU A 66 -6.05 5.28 -13.37
N ASP A 67 -6.09 3.97 -13.60
CA ASP A 67 -6.95 3.42 -14.63
C ASP A 67 -8.42 3.47 -14.19
N GLY A 68 -8.65 3.96 -12.98
CA GLY A 68 -10.01 4.07 -12.47
C GLY A 68 -10.61 2.70 -12.22
N SER A 69 -9.75 1.69 -12.11
CA SER A 69 -10.21 0.33 -11.87
C SER A 69 -10.88 0.21 -10.51
N GLY A 70 -10.53 1.13 -9.61
CA GLY A 70 -11.11 1.12 -8.27
C GLY A 70 -10.39 0.11 -7.38
N THR A 71 -9.37 -0.55 -7.93
CA THR A 71 -8.60 -1.53 -7.17
C THR A 71 -7.11 -1.33 -7.40
N VAL A 72 -6.31 -1.85 -6.48
CA VAL A 72 -4.85 -1.73 -6.59
C VAL A 72 -4.24 -3.07 -6.94
N ASP A 73 -3.66 -3.15 -8.14
CA ASP A 73 -3.04 -4.39 -8.60
C ASP A 73 -1.57 -4.41 -8.20
N PHE A 74 -0.83 -5.37 -8.74
CA PHE A 74 0.60 -5.49 -8.44
C PHE A 74 1.33 -4.21 -8.81
N ASP A 75 1.09 -3.72 -10.02
CA ASP A 75 1.74 -2.50 -10.49
C ASP A 75 1.27 -1.30 -9.67
N GLU A 76 -0.02 -1.27 -9.35
CA GLU A 76 -0.57 -0.17 -8.57
C GLU A 76 -0.02 -0.18 -7.15
N PHE A 77 0.06 -1.37 -6.55
CA PHE A 77 0.58 -1.49 -5.20
C PHE A 77 2.04 -1.07 -5.16
N LEU A 78 2.75 -1.33 -6.25
CA LEU A 78 4.16 -0.99 -6.32
C LEU A 78 4.33 0.52 -6.25
N VAL A 79 3.51 1.24 -6.99
CA VAL A 79 3.57 2.71 -7.00
C VAL A 79 3.25 3.24 -5.61
N MET A 80 2.23 2.68 -4.96
CA MET A 80 1.84 3.12 -3.63
C MET A 80 3.07 3.15 -2.73
N MET A 81 3.85 2.07 -2.74
CA MET A 81 5.06 2.02 -1.92
C MET A 81 6.05 3.10 -2.34
N VAL A 82 6.21 3.24 -3.65
CA VAL A 82 7.12 4.25 -4.20
C VAL A 82 6.59 5.65 -3.87
N ARG A 83 5.28 5.82 -3.94
CA ARG A 83 4.65 7.11 -3.68
C ARG A 83 5.03 7.60 -2.28
N SER A 84 4.98 6.69 -1.31
CA SER A 84 5.33 7.04 0.06
C SER A 84 6.81 7.43 0.15
N MET A 85 7.65 6.69 -0.56
CA MET A 85 9.09 6.96 -0.54
C MET A 85 9.38 8.36 -1.06
N LYS A 86 8.70 8.74 -2.15
CA LYS A 86 8.90 10.06 -2.74
C LYS A 86 7.56 10.71 -3.03
N ASP A 87 7.52 12.04 -2.94
CA ASP A 87 6.29 12.79 -3.20
C ASP A 87 5.28 12.57 -2.08
N ASP A 88 5.47 13.27 -0.97
CA ASP A 88 4.58 13.14 0.17
C ASP A 88 3.62 14.33 0.26
N SER A 89 4.14 15.47 0.68
CA SER A 89 3.32 16.68 0.81
C SER A 89 2.85 17.16 -0.56
N LYS A 90 3.81 17.56 -1.39
CA LYS A 90 3.47 18.04 -2.73
C LYS A 90 2.34 19.06 -2.66
N GLY A 91 2.45 20.01 -1.74
CA GLY A 91 1.42 21.04 -1.58
C GLY A 91 0.09 20.42 -1.17
N LYS A 92 -1.00 20.93 -1.74
CA LYS A 92 -2.32 20.40 -1.42
C LYS A 92 -2.54 20.33 0.09
N PHE A 93 -2.31 21.46 0.76
CA PHE A 93 -2.47 21.52 2.21
C PHE A 93 -3.94 21.69 2.57
N LYS A 94 -4.42 20.85 3.49
CA LYS A 94 -5.81 20.90 3.92
C LYS A 94 -5.94 20.44 5.36
N ARG A 95 -4.91 19.77 5.87
CA ARG A 95 -4.92 19.27 7.24
C ARG A 95 -6.20 18.49 7.51
N PRO A 96 -6.32 17.95 8.69
CA PRO A 96 -7.51 17.15 9.10
C PRO A 96 -8.71 18.01 9.47
N THR A 97 -8.43 19.22 9.95
CA THR A 97 -9.48 20.14 10.36
C THR A 97 -10.15 19.65 11.63
N LEU A 98 -10.46 18.36 11.68
CA LEU A 98 -11.12 17.78 12.85
C LEU A 98 -10.66 16.36 13.07
N ARG A 99 -11.25 15.42 12.33
CA ARG A 99 -10.88 14.01 12.45
C ARG A 99 -10.39 13.47 11.12
N ARG A 100 -9.17 12.95 11.10
CA ARG A 100 -8.60 12.40 9.88
C ARG A 100 -7.18 11.89 10.13
N VAL A 101 -6.98 10.59 9.98
CA VAL A 101 -5.67 10.00 10.19
C VAL A 101 -5.10 9.47 8.88
N ARG A 102 -3.77 9.32 8.83
CA ARG A 102 -3.11 8.83 7.63
C ARG A 102 -2.17 7.68 7.96
N ILE A 103 -2.22 6.63 7.15
CA ILE A 103 -1.38 5.46 7.36
C ILE A 103 -0.08 5.60 6.56
N SER A 104 1.03 5.25 7.20
CA SER A 104 2.33 5.33 6.54
C SER A 104 2.63 4.03 5.79
N ALA A 105 3.14 4.15 4.57
CA ALA A 105 3.46 2.99 3.77
C ALA A 105 4.51 2.13 4.48
N ASP A 106 5.49 2.79 5.10
CA ASP A 106 6.53 2.06 5.83
C ASP A 106 5.90 1.23 6.95
N ALA A 107 4.98 1.84 7.68
CA ALA A 107 4.29 1.14 8.76
C ALA A 107 3.52 -0.06 8.21
N MET A 108 2.99 0.10 6.99
CA MET A 108 2.23 -0.97 6.36
C MET A 108 3.13 -2.20 6.17
N MET A 109 4.37 -1.97 5.76
CA MET A 109 5.30 -3.07 5.55
C MET A 109 5.49 -3.85 6.85
N GLN A 110 5.63 -3.13 7.95
CA GLN A 110 5.78 -3.78 9.25
C GLN A 110 4.50 -4.52 9.64
N ALA A 111 3.36 -3.91 9.35
CA ALA A 111 2.07 -4.52 9.67
C ALA A 111 1.88 -5.82 8.90
N LEU A 112 2.30 -5.82 7.64
CA LEU A 112 2.16 -7.00 6.80
C LEU A 112 3.33 -7.96 7.02
N LEU A 113 4.56 -7.44 6.89
CA LEU A 113 5.74 -8.24 7.09
C LEU A 113 5.93 -8.58 8.56
N GLY A 114 5.69 -7.60 9.42
CA GLY A 114 5.84 -7.81 10.86
C GLY A 114 7.30 -8.04 11.22
N ALA A 115 7.53 -8.84 12.26
CA ALA A 115 8.89 -9.13 12.70
C ALA A 115 9.36 -8.12 13.74
N ARG A 116 8.63 -7.01 13.83
CA ARG A 116 8.98 -5.96 14.79
C ARG A 116 10.49 -5.78 14.86
N ALA A 117 10.95 -5.12 15.91
CA ALA A 117 12.39 -4.88 16.09
C ALA A 117 12.72 -4.66 17.56
N LYS A 118 12.92 -3.40 17.94
CA LYS A 118 13.24 -3.07 19.32
C LYS A 118 12.26 -2.04 19.87
N GLY A 119 12.63 -0.77 19.79
CA GLY A 119 11.78 0.31 20.28
C GLY A 119 11.07 1.01 19.13
N HIS A 120 10.56 2.21 19.41
CA HIS A 120 9.87 2.98 18.38
C HIS A 120 10.74 4.14 17.91
N HIS A 121 11.09 4.13 16.63
CA HIS A 121 11.92 5.18 16.05
C HIS A 121 11.77 5.22 14.54
N HIS A 122 12.02 6.38 13.96
CA HIS A 122 11.92 6.55 12.51
C HIS A 122 12.93 7.57 12.01
N HIS A 123 12.60 8.24 10.91
CA HIS A 123 13.49 9.25 10.34
C HIS A 123 13.72 10.38 11.33
N HIS A 124 12.68 10.75 12.06
CA HIS A 124 12.78 11.82 13.05
C HIS A 124 11.81 11.59 14.20
N HIS A 125 12.04 12.27 15.31
CA HIS A 125 11.19 12.14 16.48
C HIS A 125 10.25 13.34 16.59
CA CA B . -6.52 1.06 -10.53
S1 WW7 C . -2.59 4.45 2.71
O1 WW7 C . -3.35 4.71 4.00
O2 WW7 C . -3.15 5.43 1.66
N1 WW7 C . -1.01 4.75 2.91
C4 WW7 C . -3.10 0.05 1.61
C3 WW7 C . -2.57 0.41 2.83
C2 WW7 C . -2.41 1.75 3.15
C1 WW7 C . -2.79 2.75 2.25
C9 WW7 C . -3.34 2.37 1.00
C10 WW7 C . -3.50 1.02 0.68
CL1 WW7 C . -4.26 -0.98 -1.06
C5 WW7 C . -4.04 0.67 -0.58
C6 WW7 C . -4.42 1.67 -1.46
C7 WW7 C . -4.25 2.99 -1.12
C8 WW7 C . -3.73 3.34 0.09
C11 WW7 C . -0.31 4.83 1.60
C12 WW7 C . 1.07 5.45 1.76
C14 WW7 C . 1.78 7.69 0.89
C13 WW7 C . 1.42 6.25 0.50
C15 WW7 C . 0.63 8.62 0.53
C16 WW7 C . 0.58 9.80 1.52
N2 WW7 C . -0.19 9.45 2.71
HN1 WW7 C . -0.59 4.04 3.48
H4 WW7 C . -3.22 -0.99 1.36
H3 WW7 C . -2.26 -0.36 3.53
H2 WW7 C . -1.99 2.02 4.12
H6 WW7 C . -4.83 1.42 -2.42
H7 WW7 C . -4.56 3.78 -1.82
H8 WW7 C . -3.62 4.38 0.34
H111 WW7 C . -0.91 5.43 0.91
H112 WW7 C . -0.21 3.82 1.18
H121 WW7 C . 1.80 4.66 1.91
H122 WW7 C . 1.06 6.11 2.63
H141 WW7 C . 2.68 7.99 0.36
H142 WW7 C . 1.97 7.73 1.96
H131 WW7 C . 0.57 6.26 -0.18
H132 WW7 C . 2.27 5.78 0.00
H151 WW7 C . -0.32 8.08 0.58
H152 WW7 C . 0.77 9.00 -0.49
H161 WW7 C . 0.13 10.66 1.02
H162 WW7 C . 1.60 10.06 1.79
HN21 WW7 C . 0.04 8.53 3.00
HN22 WW7 C . -1.16 9.53 2.52
H24 WW7 C . 0.05 10.11 3.45
N MET A 1 -0.66 6.17 -13.68
CA MET A 1 0.73 5.67 -13.46
C MET A 1 1.73 6.72 -13.94
N ASP A 2 2.32 7.43 -12.99
CA ASP A 2 3.30 8.47 -13.31
C ASP A 2 4.61 7.84 -13.79
N ASP A 3 5.33 8.57 -14.63
CA ASP A 3 6.61 8.07 -15.15
C ASP A 3 7.59 7.84 -14.01
N ILE A 4 7.58 8.73 -13.02
CA ILE A 4 8.46 8.62 -11.88
C ILE A 4 8.16 7.34 -11.09
N TYR A 5 6.88 7.11 -10.80
CA TYR A 5 6.48 5.94 -10.05
C TYR A 5 6.83 4.68 -10.83
N LYS A 6 6.62 4.72 -12.14
CA LYS A 6 6.93 3.58 -12.99
C LYS A 6 8.42 3.27 -12.92
N ALA A 7 9.24 4.32 -13.00
CA ALA A 7 10.69 4.16 -12.92
C ALA A 7 11.09 3.60 -11.56
N ALA A 8 10.39 4.05 -10.51
CA ALA A 8 10.69 3.58 -9.16
C ALA A 8 10.52 2.08 -9.07
N VAL A 9 9.46 1.56 -9.69
CA VAL A 9 9.20 0.14 -9.66
C VAL A 9 10.34 -0.63 -10.33
N GLU A 10 10.79 -0.13 -11.48
CA GLU A 10 11.87 -0.76 -12.21
C GLU A 10 13.19 -0.59 -11.46
N GLN A 11 13.33 0.53 -10.76
CA GLN A 11 14.54 0.82 -10.01
C GLN A 11 14.69 -0.15 -8.84
N LEU A 12 13.58 -0.47 -8.20
CA LEU A 12 13.60 -1.38 -7.05
C LEU A 12 14.39 -2.63 -7.39
N THR A 13 15.39 -2.92 -6.56
CA THR A 13 16.23 -4.10 -6.75
C THR A 13 15.38 -5.37 -6.70
N GLU A 14 16.03 -6.52 -6.87
CA GLU A 14 15.32 -7.79 -6.85
C GLU A 14 14.63 -7.98 -5.50
N GLU A 15 15.35 -7.70 -4.41
CA GLU A 15 14.77 -7.83 -3.08
C GLU A 15 13.61 -6.86 -2.91
N GLN A 16 13.77 -5.63 -3.40
CA GLN A 16 12.71 -4.64 -3.30
C GLN A 16 11.45 -5.09 -4.03
N LYS A 17 11.62 -5.55 -5.27
CA LYS A 17 10.49 -6.03 -6.05
C LYS A 17 9.86 -7.24 -5.38
N ASN A 18 10.72 -8.14 -4.88
CA ASN A 18 10.23 -9.34 -4.21
C ASN A 18 9.46 -8.96 -2.95
N GLU A 19 9.98 -8.01 -2.19
CA GLU A 19 9.33 -7.55 -0.97
C GLU A 19 7.95 -6.98 -1.29
N PHE A 20 7.91 -6.10 -2.28
CA PHE A 20 6.64 -5.50 -2.68
C PHE A 20 5.70 -6.55 -3.22
N LYS A 21 6.24 -7.49 -3.99
CA LYS A 21 5.42 -8.54 -4.56
C LYS A 21 4.82 -9.41 -3.45
N ALA A 22 5.62 -9.72 -2.45
CA ALA A 22 5.17 -10.53 -1.33
C ALA A 22 4.00 -9.85 -0.61
N ALA A 23 4.14 -8.55 -0.42
CA ALA A 23 3.09 -7.77 0.24
C ALA A 23 1.81 -7.80 -0.59
N PHE A 24 1.97 -7.71 -1.91
CA PHE A 24 0.83 -7.74 -2.81
C PHE A 24 0.02 -9.02 -2.62
N ASP A 25 0.72 -10.15 -2.59
CA ASP A 25 0.06 -11.44 -2.41
C ASP A 25 -0.71 -11.47 -1.09
N ILE A 26 -0.05 -11.05 -0.02
CA ILE A 26 -0.67 -11.02 1.29
C ILE A 26 -1.82 -10.00 1.32
N PHE A 27 -1.57 -8.84 0.71
CA PHE A 27 -2.58 -7.79 0.66
C PHE A 27 -3.86 -8.31 0.01
N VAL A 28 -3.69 -9.09 -1.06
CA VAL A 28 -4.84 -9.63 -1.78
C VAL A 28 -5.10 -11.08 -1.36
N LEU A 29 -4.75 -11.40 -0.12
CA LEU A 29 -4.94 -12.75 0.39
C LEU A 29 -6.41 -13.16 0.28
N GLY A 30 -6.69 -14.13 -0.58
CA GLY A 30 -8.05 -14.60 -0.79
C GLY A 30 -8.72 -13.86 -1.93
N ALA A 31 -8.07 -12.82 -2.43
CA ALA A 31 -8.62 -12.04 -3.53
C ALA A 31 -8.83 -12.92 -4.76
N GLU A 32 -10.03 -12.85 -5.33
CA GLU A 32 -10.35 -13.64 -6.51
C GLU A 32 -9.55 -13.16 -7.72
N ASP A 33 -9.43 -11.85 -7.87
CA ASP A 33 -8.70 -11.26 -8.97
C ASP A 33 -7.21 -11.17 -8.65
N GLY A 34 -6.90 -11.10 -7.36
CA GLY A 34 -5.52 -10.98 -6.92
C GLY A 34 -5.13 -9.53 -6.68
N SER A 35 -6.02 -8.62 -7.08
CA SER A 35 -5.77 -7.19 -6.90
C SER A 35 -6.32 -6.73 -5.56
N ILE A 36 -5.72 -5.69 -4.99
CA ILE A 36 -6.15 -5.16 -3.70
C ILE A 36 -7.34 -4.22 -3.87
N SER A 37 -8.45 -4.56 -3.25
CA SER A 37 -9.66 -3.74 -3.32
C SER A 37 -10.07 -3.27 -1.94
N THR A 38 -11.29 -2.76 -1.83
CA THR A 38 -11.79 -2.29 -0.54
C THR A 38 -11.84 -3.43 0.48
N LYS A 39 -12.30 -4.60 0.04
CA LYS A 39 -12.37 -5.75 0.92
C LYS A 39 -10.98 -6.13 1.43
N GLU A 40 -10.04 -6.22 0.49
CA GLU A 40 -8.65 -6.54 0.83
C GLU A 40 -8.02 -5.38 1.59
N LEU A 41 -8.37 -4.16 1.18
CA LEU A 41 -7.83 -2.96 1.82
C LEU A 41 -8.24 -2.93 3.29
N GLY A 42 -9.50 -3.22 3.55
CA GLY A 42 -10.00 -3.23 4.92
C GLY A 42 -9.26 -4.26 5.75
N LYS A 43 -8.98 -5.42 5.15
CA LYS A 43 -8.26 -6.48 5.86
C LYS A 43 -6.89 -5.96 6.34
N VAL A 44 -6.15 -5.35 5.44
CA VAL A 44 -4.84 -4.81 5.79
C VAL A 44 -5.00 -3.60 6.71
N MET A 45 -5.95 -2.74 6.39
CA MET A 45 -6.18 -1.54 7.19
C MET A 45 -6.44 -1.91 8.64
N ARG A 46 -7.29 -2.93 8.85
CA ARG A 46 -7.61 -3.39 10.19
C ARG A 46 -6.36 -3.94 10.85
N MET A 47 -5.48 -4.55 10.05
CA MET A 47 -4.24 -5.11 10.56
C MET A 47 -3.39 -3.99 11.19
N LEU A 48 -3.42 -2.83 10.57
CA LEU A 48 -2.64 -1.69 11.06
C LEU A 48 -3.40 -0.98 12.19
N GLY A 49 -4.59 -1.48 12.50
CA GLY A 49 -5.41 -0.89 13.55
C GLY A 49 -6.42 0.09 12.97
N GLN A 50 -6.38 0.27 11.66
CA GLN A 50 -7.30 1.18 10.99
C GLN A 50 -8.65 0.52 10.79
N ASN A 51 -9.70 1.34 10.66
CA ASN A 51 -11.04 0.81 10.45
C ASN A 51 -11.83 1.74 9.53
N PRO A 52 -11.30 2.00 8.36
CA PRO A 52 -11.97 2.88 7.36
C PRO A 52 -13.21 2.24 6.76
N THR A 53 -14.16 3.06 6.33
CA THR A 53 -15.39 2.57 5.73
C THR A 53 -15.17 2.19 4.27
N PRO A 54 -16.10 1.50 3.68
CA PRO A 54 -15.99 1.06 2.27
C PRO A 54 -15.71 2.22 1.32
N GLU A 55 -16.38 3.35 1.56
CA GLU A 55 -16.19 4.52 0.71
C GLU A 55 -14.74 5.00 0.78
N GLU A 56 -14.22 5.10 1.99
CA GLU A 56 -12.84 5.53 2.20
C GLU A 56 -11.89 4.50 1.59
N LEU A 57 -12.25 3.23 1.67
CA LEU A 57 -11.40 2.16 1.14
C LEU A 57 -11.21 2.34 -0.36
N GLN A 58 -12.31 2.63 -1.07
CA GLN A 58 -12.23 2.85 -2.51
C GLN A 58 -11.36 4.05 -2.84
N GLU A 59 -11.52 5.12 -2.05
CA GLU A 59 -10.72 6.33 -2.26
C GLU A 59 -9.24 6.02 -2.09
N MET A 60 -8.93 5.20 -1.10
CA MET A 60 -7.54 4.82 -0.85
C MET A 60 -6.96 4.10 -2.06
N ILE A 61 -7.76 3.20 -2.64
CA ILE A 61 -7.33 2.47 -3.82
C ILE A 61 -7.22 3.42 -5.01
N ASP A 62 -8.07 4.43 -5.03
CA ASP A 62 -8.07 5.40 -6.12
C ASP A 62 -6.77 6.18 -6.14
N GLU A 63 -6.12 6.26 -4.98
CA GLU A 63 -4.86 6.99 -4.87
C GLU A 63 -3.82 6.41 -5.82
N VAL A 64 -3.78 5.08 -5.90
CA VAL A 64 -2.83 4.42 -6.80
C VAL A 64 -3.55 3.82 -8.00
N ASP A 65 -4.88 3.79 -7.94
CA ASP A 65 -5.67 3.24 -9.03
C ASP A 65 -5.98 4.34 -10.05
N GLU A 66 -4.96 4.75 -10.79
CA GLU A 66 -5.13 5.78 -11.80
C GLU A 66 -5.89 5.23 -13.01
N ASP A 67 -5.86 3.92 -13.19
CA ASP A 67 -6.54 3.30 -14.31
C ASP A 67 -8.04 3.19 -14.04
N GLY A 68 -8.45 3.60 -12.84
CA GLY A 68 -9.87 3.57 -12.49
C GLY A 68 -10.38 2.14 -12.41
N SER A 69 -9.47 1.19 -12.28
CA SER A 69 -9.84 -0.21 -12.22
C SER A 69 -10.65 -0.49 -10.95
N GLY A 70 -10.51 0.38 -9.96
CA GLY A 70 -11.24 0.23 -8.71
C GLY A 70 -10.44 -0.62 -7.72
N THR A 71 -9.34 -1.20 -8.21
CA THR A 71 -8.50 -2.03 -7.36
C THR A 71 -7.02 -1.78 -7.67
N VAL A 72 -6.15 -2.26 -6.78
CA VAL A 72 -4.72 -2.09 -6.98
C VAL A 72 -4.07 -3.41 -7.40
N ASP A 73 -3.44 -3.41 -8.57
CA ASP A 73 -2.79 -4.61 -9.07
C ASP A 73 -1.35 -4.67 -8.57
N PHE A 74 -0.55 -5.57 -9.16
CA PHE A 74 0.84 -5.71 -8.74
C PHE A 74 1.60 -4.40 -8.95
N ASP A 75 1.50 -3.84 -10.13
CA ASP A 75 2.20 -2.59 -10.42
C ASP A 75 1.54 -1.43 -9.68
N GLU A 76 0.22 -1.55 -9.45
CA GLU A 76 -0.52 -0.50 -8.77
C GLU A 76 -0.13 -0.42 -7.30
N PHE A 77 -0.01 -1.57 -6.64
CA PHE A 77 0.34 -1.60 -5.24
C PHE A 77 1.79 -1.16 -5.07
N LEU A 78 2.63 -1.47 -6.05
CA LEU A 78 4.03 -1.09 -6.01
C LEU A 78 4.17 0.43 -5.96
N VAL A 79 3.39 1.12 -6.78
CA VAL A 79 3.41 2.58 -6.81
C VAL A 79 2.94 3.14 -5.48
N MET A 80 1.91 2.52 -4.90
CA MET A 80 1.38 3.00 -3.63
C MET A 80 2.49 3.10 -2.59
N MET A 81 3.29 2.04 -2.46
CA MET A 81 4.38 2.05 -1.50
C MET A 81 5.42 3.09 -1.90
N VAL A 82 5.69 3.17 -3.19
CA VAL A 82 6.65 4.14 -3.71
C VAL A 82 6.15 5.56 -3.45
N ARG A 83 4.84 5.76 -3.61
CA ARG A 83 4.24 7.07 -3.39
C ARG A 83 4.50 7.53 -1.97
N SER A 84 4.37 6.61 -1.02
CA SER A 84 4.62 6.95 0.39
C SER A 84 6.08 7.31 0.61
N MET A 85 6.97 6.66 -0.12
CA MET A 85 8.39 6.93 0.00
C MET A 85 8.70 8.39 -0.34
N LYS A 86 8.05 8.89 -1.38
CA LYS A 86 8.26 10.27 -1.81
C LYS A 86 9.69 10.70 -1.54
N ASP A 87 10.60 10.34 -2.44
CA ASP A 87 12.00 10.70 -2.29
C ASP A 87 12.42 11.71 -3.34
N ASP A 88 13.55 12.36 -3.14
CA ASP A 88 14.06 13.34 -4.08
C ASP A 88 12.90 14.00 -4.83
N SER A 89 13.08 14.21 -6.12
CA SER A 89 12.05 14.84 -6.94
C SER A 89 11.77 16.27 -6.47
N LYS A 90 12.70 16.82 -5.69
CA LYS A 90 12.56 18.18 -5.19
C LYS A 90 11.12 18.45 -4.78
N GLY A 91 10.82 19.70 -4.46
CA GLY A 91 9.47 20.07 -4.05
C GLY A 91 9.38 21.58 -3.81
N LYS A 92 8.15 22.07 -3.67
CA LYS A 92 7.93 23.49 -3.43
C LYS A 92 6.61 23.72 -2.71
N PHE A 93 5.58 22.96 -3.10
CA PHE A 93 4.27 23.07 -2.49
C PHE A 93 3.52 21.76 -2.57
N LYS A 94 2.40 21.67 -1.86
CA LYS A 94 1.60 20.45 -1.86
C LYS A 94 1.90 19.60 -0.63
N ARG A 95 2.15 20.26 0.50
CA ARG A 95 2.44 19.57 1.75
C ARG A 95 1.17 19.38 2.56
N PRO A 96 1.26 18.72 3.67
CA PRO A 96 0.10 18.45 4.56
C PRO A 96 -0.60 19.73 4.99
N THR A 97 -1.93 19.71 4.96
CA THR A 97 -2.72 20.89 5.35
C THR A 97 -3.41 20.63 6.68
N LEU A 98 -4.70 20.33 6.63
CA LEU A 98 -5.47 20.05 7.84
C LEU A 98 -4.96 18.78 8.51
N ARG A 99 -4.33 17.91 7.73
CA ARG A 99 -3.79 16.67 8.26
C ARG A 99 -4.89 15.85 8.94
N ARG A 100 -5.69 15.17 8.13
CA ARG A 100 -6.79 14.36 8.67
C ARG A 100 -6.33 12.92 8.89
N VAL A 101 -6.08 12.21 7.79
CA VAL A 101 -5.64 10.82 7.87
C VAL A 101 -4.49 10.56 6.90
N ARG A 102 -3.69 9.54 7.21
CA ARG A 102 -2.56 9.21 6.37
C ARG A 102 -1.78 8.03 6.95
N ILE A 103 -2.10 6.82 6.48
CA ILE A 103 -1.43 5.62 6.97
C ILE A 103 0.02 5.58 6.51
N SER A 104 0.94 5.31 7.42
CA SER A 104 2.35 5.25 7.09
C SER A 104 2.67 3.96 6.35
N ALA A 105 3.40 4.08 5.24
CA ALA A 105 3.76 2.90 4.46
C ALA A 105 4.61 1.95 5.30
N ASP A 106 5.52 2.50 6.09
CA ASP A 106 6.38 1.68 6.94
C ASP A 106 5.54 0.94 7.99
N ALA A 107 4.57 1.65 8.57
CA ALA A 107 3.71 1.04 9.58
C ALA A 107 2.91 -0.12 8.99
N MET A 108 2.36 0.10 7.79
CA MET A 108 1.59 -0.92 7.11
C MET A 108 2.48 -2.10 6.74
N MET A 109 3.71 -1.81 6.35
CA MET A 109 4.65 -2.86 5.95
C MET A 109 4.89 -3.82 7.11
N GLN A 110 5.00 -3.27 8.31
CA GLN A 110 5.23 -4.09 9.50
C GLN A 110 4.03 -5.00 9.75
N ALA A 111 2.82 -4.45 9.56
CA ALA A 111 1.61 -5.22 9.76
C ALA A 111 1.55 -6.40 8.79
N LEU A 112 1.98 -6.15 7.55
CA LEU A 112 1.97 -7.20 6.55
C LEU A 112 3.12 -8.18 6.78
N LEU A 113 4.36 -7.67 6.72
CA LEU A 113 5.52 -8.51 6.94
C LEU A 113 5.56 -9.01 8.37
N GLY A 114 5.25 -8.12 9.31
CA GLY A 114 5.25 -8.49 10.73
C GLY A 114 6.53 -9.23 11.09
N ALA A 115 7.65 -8.78 10.54
CA ALA A 115 8.93 -9.42 10.82
C ALA A 115 10.07 -8.42 10.67
N ARG A 116 11.16 -8.66 11.39
CA ARG A 116 12.32 -7.78 11.32
C ARG A 116 13.60 -8.58 11.12
N ALA A 117 14.51 -8.05 10.32
CA ALA A 117 15.76 -8.73 10.05
C ALA A 117 16.94 -7.78 10.22
N LYS A 118 18.10 -8.33 10.59
CA LYS A 118 19.28 -7.52 10.80
C LYS A 118 18.99 -6.37 11.76
N GLY A 119 18.19 -6.65 12.79
CA GLY A 119 17.84 -5.64 13.77
C GLY A 119 16.62 -4.84 13.29
N HIS A 120 16.81 -4.04 12.25
CA HIS A 120 15.72 -3.25 11.71
C HIS A 120 15.72 -3.30 10.18
N HIS A 121 16.45 -4.25 9.63
CA HIS A 121 16.53 -4.40 8.18
C HIS A 121 17.58 -3.47 7.61
N HIS A 122 18.05 -3.79 6.40
CA HIS A 122 19.08 -2.97 5.76
C HIS A 122 18.49 -1.61 5.33
N HIS A 123 19.30 -0.57 5.46
CA HIS A 123 18.86 0.77 5.09
C HIS A 123 19.45 1.18 3.74
N HIS A 124 20.01 0.21 3.03
CA HIS A 124 20.61 0.50 1.73
C HIS A 124 19.66 1.34 0.88
N HIS A 125 20.00 2.61 0.73
CA HIS A 125 19.18 3.53 -0.06
C HIS A 125 17.71 3.11 0.01
CA CA B . -6.03 -0.50 -10.73
S1 WW7 C . -2.40 5.07 2.59
O1 WW7 C . -1.32 5.51 3.58
O2 WW7 C . -3.78 5.48 3.11
N1 WW7 C . -2.14 5.77 1.13
C4 WW7 C . -2.28 0.55 2.15
C3 WW7 C . -1.65 1.17 3.21
C2 WW7 C . -1.70 2.54 3.35
C1 WW7 C . -2.36 3.31 2.42
C9 WW7 C . -3.00 2.69 1.32
C10 WW7 C . -2.96 1.30 1.19
CL1 WW7 C . -3.62 -1.05 -0.17
C5 WW7 C . -3.61 0.68 0.08
C6 WW7 C . -4.27 1.47 -0.84
C7 WW7 C . -4.30 2.84 -0.69
C8 WW7 C . -3.68 3.45 0.37
C11 WW7 C . -0.74 5.57 0.69
C12 WW7 C . -0.29 6.72 -0.19
C14 WW7 C . 1.07 8.43 1.04
C13 WW7 C . 1.13 7.14 0.21
C15 WW7 C . 1.09 8.10 2.53
C16 WW7 C . 2.37 8.64 3.16
N2 WW7 C . 2.14 9.06 4.55
HN1 WW7 C . -2.36 6.74 1.16
H4 WW7 C . -2.24 -0.53 2.07
H3 WW7 C . -1.12 0.57 3.96
H2 WW7 C . -1.19 3.02 4.19
H6 WW7 C . -4.78 1.02 -1.68
H7 WW7 C . -4.84 3.46 -1.43
H8 WW7 C . -3.72 4.53 0.46
H111 WW7 C . -0.67 4.64 0.14
H112 WW7 C . -0.10 5.51 1.57
H121 WW7 C . -0.97 7.56 -0.08
H122 WW7 C . -0.29 6.39 -1.24
H141 WW7 C . 0.16 8.98 0.80
H142 WW7 C . 1.93 9.05 0.78
H131 WW7 C . 1.73 7.30 -0.67
H132 WW7 C . 1.57 6.34 0.81
H151 WW7 C . 1.03 7.02 2.67
H152 WW7 C . 0.23 8.56 3.01
H161 WW7 C . 2.74 9.48 2.57
H162 WW7 C . 3.13 7.84 3.15
HN21 WW7 C . 1.58 9.89 4.55
HN22 WW7 C . 3.02 9.25 5.00
H24 WW7 C . 1.66 8.33 5.04
N MET A 1 -0.95 7.21 -13.32
CA MET A 1 0.35 6.56 -13.00
C MET A 1 1.48 7.37 -13.62
N ASP A 2 2.15 8.16 -12.78
CA ASP A 2 3.26 8.99 -13.25
C ASP A 2 4.46 8.12 -13.65
N ASP A 3 5.24 8.60 -14.60
CA ASP A 3 6.41 7.87 -15.05
C ASP A 3 7.39 7.67 -13.90
N ILE A 4 7.50 8.68 -13.06
CA ILE A 4 8.40 8.61 -11.91
C ILE A 4 8.08 7.39 -11.06
N TYR A 5 6.81 7.20 -10.73
CA TYR A 5 6.40 6.07 -9.91
C TYR A 5 6.72 4.75 -10.62
N LYS A 6 6.47 4.72 -11.93
CA LYS A 6 6.75 3.53 -12.71
C LYS A 6 8.24 3.22 -12.67
N ALA A 7 9.05 4.26 -12.83
CA ALA A 7 10.49 4.10 -12.80
C ALA A 7 10.94 3.56 -11.44
N ALA A 8 10.28 4.04 -10.38
CA ALA A 8 10.62 3.59 -9.04
C ALA A 8 10.48 2.09 -8.92
N VAL A 9 9.40 1.56 -9.49
CA VAL A 9 9.18 0.12 -9.45
C VAL A 9 10.32 -0.62 -10.15
N GLU A 10 10.70 -0.13 -11.32
CA GLU A 10 11.78 -0.74 -12.10
C GLU A 10 13.12 -0.54 -11.39
N GLN A 11 13.25 0.58 -10.70
CA GLN A 11 14.50 0.89 -9.99
C GLN A 11 14.72 -0.11 -8.85
N LEU A 12 13.63 -0.58 -8.24
CA LEU A 12 13.75 -1.54 -7.14
C LEU A 12 14.53 -2.76 -7.58
N THR A 13 15.42 -3.22 -6.70
CA THR A 13 16.24 -4.40 -7.00
C THR A 13 15.40 -5.67 -6.89
N GLU A 14 16.04 -6.81 -7.10
CA GLU A 14 15.34 -8.10 -7.03
C GLU A 14 14.68 -8.26 -5.67
N GLU A 15 15.44 -8.01 -4.60
CA GLU A 15 14.91 -8.13 -3.25
C GLU A 15 13.78 -7.13 -3.00
N GLN A 16 13.99 -5.89 -3.46
CA GLN A 16 12.99 -4.84 -3.26
C GLN A 16 11.70 -5.20 -3.98
N LYS A 17 11.82 -5.66 -5.22
CA LYS A 17 10.65 -6.06 -5.99
C LYS A 17 9.95 -7.24 -5.33
N ASN A 18 10.76 -8.19 -4.87
CA ASN A 18 10.21 -9.38 -4.20
C ASN A 18 9.49 -8.99 -2.92
N GLU A 19 10.09 -8.09 -2.15
CA GLU A 19 9.48 -7.64 -0.90
C GLU A 19 8.11 -7.03 -1.15
N PHE A 20 8.05 -6.12 -2.12
CA PHE A 20 6.80 -5.49 -2.47
C PHE A 20 5.83 -6.50 -3.04
N LYS A 21 6.36 -7.40 -3.86
CA LYS A 21 5.54 -8.42 -4.49
C LYS A 21 4.88 -9.29 -3.42
N ALA A 22 5.64 -9.65 -2.39
CA ALA A 22 5.12 -10.48 -1.32
C ALA A 22 3.94 -9.79 -0.66
N ALA A 23 4.07 -8.49 -0.45
CA ALA A 23 2.98 -7.72 0.16
C ALA A 23 1.73 -7.77 -0.71
N PHE A 24 1.94 -7.70 -2.03
CA PHE A 24 0.82 -7.76 -2.97
C PHE A 24 0.03 -9.05 -2.80
N ASP A 25 0.74 -10.18 -2.75
CA ASP A 25 0.09 -11.47 -2.59
C ASP A 25 -0.68 -11.52 -1.28
N ILE A 26 -0.04 -11.10 -0.21
CA ILE A 26 -0.68 -11.08 1.11
C ILE A 26 -1.84 -10.11 1.13
N PHE A 27 -1.64 -8.95 0.52
CA PHE A 27 -2.68 -7.94 0.47
C PHE A 27 -3.94 -8.50 -0.18
N VAL A 28 -3.76 -9.24 -1.27
CA VAL A 28 -4.89 -9.83 -1.98
C VAL A 28 -5.21 -11.21 -1.43
N LEU A 29 -4.91 -11.44 -0.15
CA LEU A 29 -5.16 -12.72 0.47
C LEU A 29 -6.64 -13.09 0.35
N GLY A 30 -6.93 -14.10 -0.45
CA GLY A 30 -8.30 -14.54 -0.66
C GLY A 30 -8.99 -13.73 -1.75
N ALA A 31 -8.25 -12.78 -2.34
CA ALA A 31 -8.81 -11.95 -3.40
C ALA A 31 -9.09 -12.78 -4.64
N GLU A 32 -10.32 -12.71 -5.14
CA GLU A 32 -10.70 -13.46 -6.34
C GLU A 32 -9.93 -12.97 -7.56
N ASP A 33 -9.83 -11.65 -7.69
CA ASP A 33 -9.12 -11.06 -8.82
C ASP A 33 -7.61 -11.07 -8.56
N GLY A 34 -7.23 -11.28 -7.31
CA GLY A 34 -5.82 -11.31 -6.94
C GLY A 34 -5.27 -9.89 -6.79
N SER A 35 -6.14 -8.89 -6.89
CA SER A 35 -5.71 -7.51 -6.75
C SER A 35 -6.26 -6.94 -5.45
N ILE A 36 -5.57 -5.93 -4.90
CA ILE A 36 -6.01 -5.32 -3.65
C ILE A 36 -7.26 -4.50 -3.87
N SER A 37 -8.34 -4.89 -3.21
CA SER A 37 -9.61 -4.18 -3.32
C SER A 37 -10.04 -3.64 -1.95
N THR A 38 -11.22 -3.06 -1.91
CA THR A 38 -11.72 -2.51 -0.65
C THR A 38 -11.78 -3.59 0.43
N LYS A 39 -12.21 -4.79 0.05
CA LYS A 39 -12.31 -5.88 1.01
C LYS A 39 -10.93 -6.20 1.59
N GLU A 40 -9.95 -6.35 0.71
CA GLU A 40 -8.58 -6.63 1.14
C GLU A 40 -8.00 -5.42 1.86
N LEU A 41 -8.33 -4.23 1.37
CA LEU A 41 -7.82 -3.00 1.95
C LEU A 41 -8.27 -2.88 3.40
N GLY A 42 -9.55 -3.17 3.64
CA GLY A 42 -10.09 -3.10 4.99
C GLY A 42 -9.35 -4.07 5.90
N LYS A 43 -9.09 -5.28 5.41
CA LYS A 43 -8.39 -6.28 6.21
C LYS A 43 -7.00 -5.77 6.60
N VAL A 44 -6.25 -5.27 5.62
CA VAL A 44 -4.93 -4.73 5.86
C VAL A 44 -5.01 -3.48 6.72
N MET A 45 -5.99 -2.63 6.42
CA MET A 45 -6.15 -1.39 7.17
C MET A 45 -6.37 -1.69 8.65
N ARG A 46 -7.11 -2.73 8.94
CA ARG A 46 -7.37 -3.11 10.32
C ARG A 46 -6.06 -3.48 11.00
N MET A 47 -5.20 -4.17 10.25
CA MET A 47 -3.91 -4.57 10.77
C MET A 47 -3.08 -3.34 11.16
N LEU A 48 -3.18 -2.29 10.35
CA LEU A 48 -2.43 -1.05 10.60
C LEU A 48 -3.09 -0.24 11.70
N GLY A 49 -4.29 -0.64 12.10
CA GLY A 49 -5.03 0.07 13.14
C GLY A 49 -6.11 0.96 12.55
N GLN A 50 -6.33 0.84 11.25
CA GLN A 50 -7.36 1.63 10.57
C GLN A 50 -8.61 0.81 10.34
N ASN A 51 -9.76 1.47 10.37
CA ASN A 51 -11.03 0.79 10.16
C ASN A 51 -11.88 1.57 9.17
N PRO A 52 -11.34 1.87 8.02
CA PRO A 52 -12.07 2.62 6.96
C PRO A 52 -13.22 1.81 6.35
N THR A 53 -14.28 2.51 5.98
CA THR A 53 -15.45 1.86 5.39
C THR A 53 -15.24 1.64 3.89
N PRO A 54 -16.11 0.92 3.27
CA PRO A 54 -16.00 0.63 1.82
C PRO A 54 -15.80 1.89 1.00
N GLU A 55 -16.52 2.94 1.37
CA GLU A 55 -16.40 4.20 0.64
C GLU A 55 -14.99 4.76 0.74
N GLU A 56 -14.48 4.78 1.97
CA GLU A 56 -13.13 5.27 2.22
C GLU A 56 -12.10 4.32 1.60
N LEU A 57 -12.41 3.03 1.66
CA LEU A 57 -11.50 2.02 1.11
C LEU A 57 -11.28 2.25 -0.38
N GLN A 58 -12.35 2.56 -1.09
CA GLN A 58 -12.26 2.82 -2.53
C GLN A 58 -11.46 4.09 -2.78
N GLU A 59 -11.68 5.10 -1.96
CA GLU A 59 -10.96 6.36 -2.14
C GLU A 59 -9.47 6.14 -2.01
N MET A 60 -9.05 5.38 -1.00
CA MET A 60 -7.64 5.10 -0.81
C MET A 60 -7.09 4.29 -1.98
N ILE A 61 -7.86 3.29 -2.39
CA ILE A 61 -7.49 2.47 -3.53
C ILE A 61 -7.44 3.29 -4.80
N ASP A 62 -8.40 4.20 -4.93
CA ASP A 62 -8.48 5.06 -6.10
C ASP A 62 -7.18 5.85 -6.28
N GLU A 63 -6.45 6.02 -5.18
CA GLU A 63 -5.20 6.77 -5.22
C GLU A 63 -4.20 6.11 -6.16
N VAL A 64 -4.15 4.78 -6.12
CA VAL A 64 -3.24 4.04 -6.98
C VAL A 64 -3.99 3.36 -8.11
N ASP A 65 -5.19 3.84 -8.38
CA ASP A 65 -6.02 3.28 -9.45
C ASP A 65 -6.36 4.34 -10.48
N GLU A 66 -5.63 4.35 -11.59
CA GLU A 66 -5.86 5.32 -12.65
C GLU A 66 -6.92 4.81 -13.62
N ASP A 67 -6.95 3.49 -13.81
CA ASP A 67 -7.90 2.89 -14.73
C ASP A 67 -9.29 2.86 -14.13
N GLY A 68 -9.40 3.35 -12.89
CA GLY A 68 -10.70 3.38 -12.21
C GLY A 68 -11.17 1.98 -11.88
N SER A 69 -10.24 1.03 -11.84
CA SER A 69 -10.59 -0.34 -11.53
C SER A 69 -11.12 -0.47 -10.10
N GLY A 70 -10.74 0.50 -9.27
CA GLY A 70 -11.17 0.50 -7.88
C GLY A 70 -10.31 -0.44 -7.03
N THR A 71 -9.33 -1.07 -7.67
CA THR A 71 -8.43 -1.99 -6.98
C THR A 71 -6.98 -1.68 -7.33
N VAL A 72 -6.06 -2.17 -6.50
CA VAL A 72 -4.65 -1.95 -6.74
C VAL A 72 -4.00 -3.25 -7.23
N ASP A 73 -3.44 -3.20 -8.44
CA ASP A 73 -2.80 -4.37 -9.01
C ASP A 73 -1.35 -4.48 -8.55
N PHE A 74 -0.58 -5.38 -9.18
CA PHE A 74 0.81 -5.55 -8.82
C PHE A 74 1.60 -4.26 -8.99
N ASP A 75 1.48 -3.66 -10.16
CA ASP A 75 2.18 -2.41 -10.43
C ASP A 75 1.62 -1.27 -9.58
N GLU A 76 0.31 -1.26 -9.42
CA GLU A 76 -0.34 -0.20 -8.65
C GLU A 76 0.08 -0.27 -7.18
N PHE A 77 0.17 -1.46 -6.61
CA PHE A 77 0.54 -1.60 -5.21
C PHE A 77 1.99 -1.14 -5.02
N LEU A 78 2.82 -1.44 -6.02
CA LEU A 78 4.24 -1.04 -5.96
C LEU A 78 4.35 0.48 -5.92
N VAL A 79 3.53 1.14 -6.71
CA VAL A 79 3.52 2.59 -6.75
C VAL A 79 3.12 3.15 -5.39
N MET A 80 2.11 2.54 -4.77
CA MET A 80 1.66 3.00 -3.47
C MET A 80 2.85 3.13 -2.51
N MET A 81 3.68 2.09 -2.46
CA MET A 81 4.84 2.12 -1.58
C MET A 81 5.83 3.21 -2.02
N VAL A 82 6.03 3.30 -3.33
CA VAL A 82 6.94 4.30 -3.90
C VAL A 82 6.41 5.71 -3.65
N ARG A 83 5.11 5.89 -3.80
CA ARG A 83 4.48 7.19 -3.60
C ARG A 83 4.72 7.69 -2.18
N SER A 84 4.56 6.79 -1.22
CA SER A 84 4.77 7.14 0.18
C SER A 84 6.22 7.56 0.40
N MET A 85 7.14 6.85 -0.24
CA MET A 85 8.55 7.16 -0.09
C MET A 85 8.86 8.59 -0.55
N LYS A 86 8.21 8.99 -1.64
CA LYS A 86 8.40 10.35 -2.18
C LYS A 86 9.67 10.99 -1.64
N ASP A 87 10.68 11.12 -2.49
CA ASP A 87 11.94 11.71 -2.08
C ASP A 87 11.72 12.74 -0.97
N ASP A 88 10.81 13.68 -1.22
CA ASP A 88 10.51 14.70 -0.22
C ASP A 88 9.53 14.17 0.82
N SER A 89 9.97 14.13 2.07
CA SER A 89 9.11 13.64 3.14
C SER A 89 8.02 14.65 3.46
N LYS A 90 6.96 14.17 4.10
CA LYS A 90 5.84 15.04 4.47
C LYS A 90 5.27 14.64 5.82
N GLY A 91 4.90 13.37 5.95
CA GLY A 91 4.35 12.86 7.20
C GLY A 91 5.45 12.40 8.14
N LYS A 92 5.06 11.93 9.33
CA LYS A 92 6.03 11.47 10.32
C LYS A 92 5.32 10.83 11.50
N PHE A 93 6.10 10.36 12.46
CA PHE A 93 5.52 9.73 13.65
C PHE A 93 5.15 10.78 14.69
N LYS A 94 4.15 11.59 14.37
CA LYS A 94 3.72 12.64 15.29
C LYS A 94 3.37 12.04 16.65
N ARG A 95 2.29 11.26 16.70
CA ARG A 95 1.86 10.65 17.95
C ARG A 95 0.45 10.10 17.81
N PRO A 96 0.02 9.37 18.78
CA PRO A 96 -1.35 8.74 18.82
C PRO A 96 -2.43 9.81 18.88
N THR A 97 -3.68 9.35 18.90
CA THR A 97 -4.82 10.25 18.95
C THR A 97 -5.56 10.26 17.61
N LEU A 98 -6.70 10.94 17.57
CA LEU A 98 -7.49 11.02 16.36
C LEU A 98 -6.70 11.73 15.26
N ARG A 99 -5.77 12.58 15.67
CA ARG A 99 -4.95 13.31 14.72
C ARG A 99 -4.11 12.34 13.89
N ARG A 100 -3.81 11.18 14.45
CA ARG A 100 -3.01 10.19 13.75
C ARG A 100 -3.70 9.77 12.45
N VAL A 101 -3.24 10.36 11.34
CA VAL A 101 -3.81 10.07 10.04
C VAL A 101 -2.70 9.84 9.01
N ARG A 102 -3.05 9.97 7.73
CA ARG A 102 -2.07 9.78 6.66
C ARG A 102 -1.24 8.53 6.92
N ILE A 103 -1.90 7.38 6.91
CA ILE A 103 -1.22 6.11 7.14
C ILE A 103 0.10 6.08 6.40
N SER A 104 1.14 5.60 7.09
CA SER A 104 2.46 5.51 6.48
C SER A 104 2.64 4.19 5.75
N ALA A 105 3.19 4.26 4.55
CA ALA A 105 3.41 3.07 3.75
C ALA A 105 4.33 2.10 4.49
N ASP A 106 5.36 2.65 5.14
CA ASP A 106 6.30 1.83 5.87
C ASP A 106 5.57 1.05 6.97
N ALA A 107 4.64 1.72 7.65
CA ALA A 107 3.87 1.08 8.70
C ALA A 107 3.02 -0.05 8.13
N MET A 108 2.42 0.21 6.96
CA MET A 108 1.59 -0.78 6.30
C MET A 108 2.41 -2.00 5.90
N MET A 109 3.62 -1.75 5.40
CA MET A 109 4.48 -2.84 4.96
C MET A 109 4.80 -3.76 6.13
N GLN A 110 5.09 -3.18 7.28
CA GLN A 110 5.41 -3.98 8.46
C GLN A 110 4.19 -4.81 8.86
N ALA A 111 3.01 -4.21 8.74
CA ALA A 111 1.78 -4.92 9.08
C ALA A 111 1.58 -6.11 8.14
N LEU A 112 1.84 -5.89 6.86
CA LEU A 112 1.67 -6.96 5.87
C LEU A 112 2.77 -8.00 6.00
N LEU A 113 4.01 -7.54 6.16
CA LEU A 113 5.16 -8.42 6.29
C LEU A 113 5.11 -9.17 7.62
N GLY A 114 4.67 -8.48 8.66
CA GLY A 114 4.60 -9.09 9.97
C GLY A 114 3.65 -10.28 9.95
N ALA A 115 4.01 -11.32 10.69
CA ALA A 115 3.20 -12.52 10.75
C ALA A 115 3.43 -13.40 9.52
N ARG A 116 4.31 -12.96 8.64
CA ARG A 116 4.62 -13.73 7.44
C ARG A 116 4.54 -15.22 7.72
N ALA A 117 3.39 -15.82 7.45
CA ALA A 117 3.20 -17.24 7.69
C ALA A 117 3.38 -17.56 9.17
N LYS A 118 2.63 -18.55 9.65
CA LYS A 118 2.71 -18.93 11.05
C LYS A 118 4.05 -18.53 11.64
N GLY A 119 4.01 -17.80 12.76
CA GLY A 119 5.23 -17.35 13.41
C GLY A 119 6.10 -18.52 13.84
N HIS A 120 5.46 -19.57 14.35
CA HIS A 120 6.18 -20.75 14.80
C HIS A 120 6.10 -21.85 13.75
N HIS A 121 7.15 -21.97 12.94
CA HIS A 121 7.18 -22.98 11.89
C HIS A 121 7.14 -24.38 12.51
N HIS A 122 7.86 -24.55 13.61
CA HIS A 122 7.92 -25.84 14.30
C HIS A 122 8.78 -26.82 13.52
N HIS A 123 9.90 -26.33 12.99
CA HIS A 123 10.81 -27.17 12.22
C HIS A 123 11.92 -27.70 13.11
N HIS A 124 13.15 -27.65 12.61
CA HIS A 124 14.30 -28.15 13.36
C HIS A 124 14.34 -27.51 14.74
N HIS A 125 14.52 -28.34 15.77
CA HIS A 125 14.57 -27.86 17.14
C HIS A 125 15.63 -28.60 17.93
CA CA B . -6.17 0.16 -10.70
S1 WW7 C . -3.01 6.03 2.62
O1 WW7 C . -3.01 6.49 4.08
O2 WW7 C . -4.33 6.49 1.98
N1 WW7 C . -1.72 6.69 1.88
C4 WW7 C . -2.62 1.47 2.59
C3 WW7 C . -2.22 2.24 3.67
C2 WW7 C . -2.34 3.62 3.66
C1 WW7 C . -2.89 4.26 2.56
C9 WW7 C . -3.31 3.51 1.44
C10 WW7 C . -3.18 2.10 1.44
CL1 WW7 C . -3.50 -0.39 0.21
C5 WW7 C . -3.61 1.35 0.30
C6 WW7 C . -4.14 2.02 -0.79
C7 WW7 C . -4.27 3.40 -0.78
C8 WW7 C . -3.85 4.14 0.33
C11 WW7 C . -1.95 6.88 0.43
C12 WW7 C . -1.03 7.98 -0.12
C14 WW7 C . 1.36 8.62 0.26
C13 WW7 C . 0.41 7.49 -0.15
C15 WW7 C . 1.68 8.51 1.76
C16 WW7 C . 1.81 9.91 2.35
N2 WW7 C . 3.03 10.58 1.88
HN1 WW7 C . -0.92 6.11 2.02
H4 WW7 C . -2.52 0.39 2.61
H3 WW7 C . -1.80 1.76 4.56
H2 WW7 C . -2.02 4.20 4.52
H6 WW7 C . -4.48 1.46 -1.67
H7 WW7 C . -4.70 3.91 -1.65
H8 WW7 C . -3.95 5.21 0.31
H111 WW7 C . -2.98 7.13 0.26
H112 WW7 C . -1.72 5.93 -0.07
H121 WW7 C . -1.11 8.86 0.51
H122 WW7 C . -1.37 8.24 -1.13
H141 WW7 C . 0.89 9.58 0.05
H142 WW7 C . 2.28 8.55 -0.32
H131 WW7 C . 0.66 7.16 -1.16
H132 WW7 C . 0.52 6.65 0.53
H151 WW7 C . 2.61 7.96 1.89
H152 WW7 C . 0.87 7.97 2.25
H161 WW7 C . 1.84 9.84 3.45
H162 WW7 C . 0.94 10.50 2.06
HN21 WW7 C . 3.83 10.02 2.12
HN22 WW7 C . 3.10 11.48 2.29
H24 WW7 C . 2.98 10.68 0.87
N MET A 1 -0.98 7.60 -11.91
CA MET A 1 0.16 6.66 -11.72
C MET A 1 1.47 7.44 -11.82
N ASP A 2 1.56 8.33 -12.80
CA ASP A 2 2.77 9.13 -12.98
C ASP A 2 3.93 8.25 -13.41
N ASP A 3 4.72 8.75 -14.36
CA ASP A 3 5.87 7.99 -14.85
C ASP A 3 6.87 7.74 -13.73
N ILE A 4 6.97 8.71 -12.82
CA ILE A 4 7.90 8.59 -11.71
C ILE A 4 7.62 7.32 -10.91
N TYR A 5 6.36 7.09 -10.57
CA TYR A 5 5.98 5.90 -9.82
C TYR A 5 6.27 4.64 -10.63
N LYS A 6 5.92 4.67 -11.91
CA LYS A 6 6.16 3.54 -12.78
C LYS A 6 7.66 3.24 -12.87
N ALA A 7 8.45 4.30 -13.07
CA ALA A 7 9.89 4.15 -13.15
C ALA A 7 10.45 3.63 -11.82
N ALA A 8 9.90 4.13 -10.73
CA ALA A 8 10.35 3.70 -9.40
C ALA A 8 10.21 2.20 -9.24
N VAL A 9 9.11 1.65 -9.74
CA VAL A 9 8.87 0.22 -9.66
C VAL A 9 9.96 -0.55 -10.41
N GLU A 10 10.28 -0.08 -11.62
CA GLU A 10 11.30 -0.73 -12.44
C GLU A 10 12.69 -0.51 -11.84
N GLN A 11 12.84 0.60 -11.13
CA GLN A 11 14.12 0.93 -10.50
C GLN A 11 14.44 -0.06 -9.39
N LEU A 12 13.42 -0.47 -8.65
CA LEU A 12 13.61 -1.40 -7.55
C LEU A 12 14.35 -2.64 -8.02
N THR A 13 15.30 -3.09 -7.21
CA THR A 13 16.08 -4.28 -7.54
C THR A 13 15.24 -5.54 -7.38
N GLU A 14 15.85 -6.68 -7.65
CA GLU A 14 15.14 -7.95 -7.52
C GLU A 14 14.65 -8.16 -6.09
N GLU A 15 15.52 -7.93 -5.13
CA GLU A 15 15.15 -8.09 -3.73
C GLU A 15 14.04 -7.12 -3.34
N GLN A 16 14.16 -5.87 -3.80
CA GLN A 16 13.15 -4.86 -3.49
C GLN A 16 11.80 -5.25 -4.06
N LYS A 17 11.79 -5.66 -5.33
CA LYS A 17 10.54 -6.07 -5.98
C LYS A 17 9.96 -7.28 -5.27
N ASN A 18 10.81 -8.22 -4.90
CA ASN A 18 10.37 -9.42 -4.20
C ASN A 18 9.76 -9.06 -2.84
N GLU A 19 10.41 -8.15 -2.14
CA GLU A 19 9.92 -7.71 -0.83
C GLU A 19 8.54 -7.07 -0.96
N PHE A 20 8.39 -6.19 -1.94
CA PHE A 20 7.12 -5.52 -2.17
C PHE A 20 6.08 -6.52 -2.67
N LYS A 21 6.53 -7.46 -3.50
CA LYS A 21 5.64 -8.46 -4.05
C LYS A 21 4.99 -9.27 -2.94
N ALA A 22 5.76 -9.56 -1.90
CA ALA A 22 5.24 -10.33 -0.76
C ALA A 22 4.03 -9.64 -0.17
N ALA A 23 4.10 -8.31 -0.06
CA ALA A 23 2.99 -7.53 0.47
C ALA A 23 1.77 -7.69 -0.43
N PHE A 24 2.00 -7.70 -1.74
CA PHE A 24 0.91 -7.85 -2.70
C PHE A 24 0.15 -9.16 -2.45
N ASP A 25 0.90 -10.26 -2.30
CA ASP A 25 0.29 -11.55 -2.04
C ASP A 25 -0.52 -11.52 -0.75
N ILE A 26 0.07 -10.95 0.30
CA ILE A 26 -0.61 -10.85 1.58
C ILE A 26 -1.78 -9.87 1.48
N PHE A 27 -1.56 -8.77 0.78
CA PHE A 27 -2.60 -7.76 0.60
C PHE A 27 -3.81 -8.35 -0.13
N VAL A 28 -3.53 -9.21 -1.11
CA VAL A 28 -4.59 -9.84 -1.88
C VAL A 28 -4.89 -11.24 -1.33
N LEU A 29 -4.65 -11.44 -0.04
CA LEU A 29 -4.88 -12.73 0.59
C LEU A 29 -6.35 -13.14 0.43
N GLY A 30 -6.58 -14.19 -0.34
CA GLY A 30 -7.94 -14.68 -0.56
C GLY A 30 -8.62 -13.89 -1.67
N ALA A 31 -7.90 -12.93 -2.24
CA ALA A 31 -8.46 -12.11 -3.31
C ALA A 31 -8.74 -12.97 -4.54
N GLU A 32 -9.96 -12.87 -5.06
CA GLU A 32 -10.34 -13.64 -6.24
C GLU A 32 -9.56 -13.18 -7.46
N ASP A 33 -9.45 -11.86 -7.62
CA ASP A 33 -8.72 -11.29 -8.75
C ASP A 33 -7.23 -11.24 -8.44
N GLY A 34 -6.88 -11.43 -7.18
CA GLY A 34 -5.49 -11.41 -6.76
C GLY A 34 -5.01 -9.98 -6.53
N SER A 35 -5.87 -9.02 -6.84
CA SER A 35 -5.54 -7.61 -6.66
C SER A 35 -6.15 -7.09 -5.36
N ILE A 36 -5.64 -5.96 -4.88
CA ILE A 36 -6.14 -5.37 -3.64
C ILE A 36 -7.36 -4.50 -3.91
N SER A 37 -8.50 -4.90 -3.32
CA SER A 37 -9.73 -4.14 -3.49
C SER A 37 -10.17 -3.55 -2.15
N THR A 38 -11.33 -2.91 -2.15
CA THR A 38 -11.85 -2.31 -0.93
C THR A 38 -11.99 -3.36 0.17
N LYS A 39 -12.53 -4.52 -0.18
CA LYS A 39 -12.70 -5.60 0.79
C LYS A 39 -11.35 -6.03 1.34
N GLU A 40 -10.38 -6.23 0.45
CA GLU A 40 -9.03 -6.59 0.87
C GLU A 40 -8.36 -5.43 1.60
N LEU A 41 -8.62 -4.21 1.11
CA LEU A 41 -8.04 -3.01 1.71
C LEU A 41 -8.50 -2.88 3.16
N GLY A 42 -9.78 -3.09 3.39
CA GLY A 42 -10.34 -3.00 4.73
C GLY A 42 -9.69 -4.02 5.66
N LYS A 43 -9.50 -5.24 5.15
CA LYS A 43 -8.89 -6.30 5.93
C LYS A 43 -7.48 -5.90 6.38
N VAL A 44 -6.71 -5.36 5.44
CA VAL A 44 -5.35 -4.93 5.74
C VAL A 44 -5.37 -3.79 6.75
N MET A 45 -6.27 -2.83 6.53
CA MET A 45 -6.40 -1.68 7.43
C MET A 45 -6.78 -2.16 8.83
N ARG A 46 -7.65 -3.17 8.90
CA ARG A 46 -8.07 -3.71 10.18
C ARG A 46 -6.89 -4.24 10.96
N MET A 47 -5.96 -4.89 10.25
CA MET A 47 -4.76 -5.43 10.88
C MET A 47 -3.92 -4.29 11.46
N LEU A 48 -3.88 -3.17 10.75
CA LEU A 48 -3.09 -2.03 11.19
C LEU A 48 -3.80 -1.30 12.32
N GLY A 49 -5.03 -1.73 12.61
CA GLY A 49 -5.82 -1.10 13.67
C GLY A 49 -6.75 -0.04 13.12
N GLN A 50 -6.92 -0.04 11.79
CA GLN A 50 -7.77 0.93 11.14
C GLN A 50 -9.11 0.29 10.75
N ASN A 51 -10.16 1.09 10.71
CA ASN A 51 -11.48 0.59 10.34
C ASN A 51 -12.13 1.51 9.32
N PRO A 52 -11.49 1.70 8.19
CA PRO A 52 -12.02 2.55 7.10
C PRO A 52 -13.27 1.97 6.45
N THR A 53 -14.14 2.84 5.94
CA THR A 53 -15.37 2.40 5.30
C THR A 53 -15.13 2.10 3.82
N PRO A 54 -16.08 1.44 3.19
CA PRO A 54 -15.97 1.09 1.75
C PRO A 54 -15.66 2.31 0.88
N GLU A 55 -16.30 3.43 1.18
CA GLU A 55 -16.07 4.66 0.42
C GLU A 55 -14.62 5.11 0.58
N GLU A 56 -14.12 5.06 1.79
CA GLU A 56 -12.74 5.44 2.06
C GLU A 56 -11.79 4.42 1.41
N LEU A 57 -12.19 3.15 1.44
CA LEU A 57 -11.36 2.09 0.88
C LEU A 57 -11.15 2.32 -0.61
N GLN A 58 -12.22 2.66 -1.32
CA GLN A 58 -12.14 2.92 -2.75
C GLN A 58 -11.33 4.17 -3.04
N GLU A 59 -11.50 5.18 -2.19
CA GLU A 59 -10.77 6.44 -2.37
C GLU A 59 -9.27 6.21 -2.21
N MET A 60 -8.89 5.44 -1.20
CA MET A 60 -7.48 5.14 -0.96
C MET A 60 -6.89 4.39 -2.15
N ILE A 61 -7.65 3.43 -2.66
CA ILE A 61 -7.22 2.65 -3.82
C ILE A 61 -7.15 3.54 -5.06
N ASP A 62 -8.11 4.46 -5.17
CA ASP A 62 -8.18 5.35 -6.32
C ASP A 62 -6.90 6.16 -6.44
N GLU A 63 -6.33 6.54 -5.31
CA GLU A 63 -5.09 7.32 -5.30
C GLU A 63 -3.97 6.53 -5.99
N VAL A 64 -3.88 5.25 -5.69
CA VAL A 64 -2.85 4.40 -6.28
C VAL A 64 -3.35 3.75 -7.57
N ASP A 65 -4.68 3.74 -7.74
CA ASP A 65 -5.26 3.16 -8.94
C ASP A 65 -5.48 4.23 -10.01
N GLU A 66 -4.56 4.30 -10.96
CA GLU A 66 -4.65 5.28 -12.04
C GLU A 66 -5.79 4.92 -12.99
N ASP A 67 -5.95 3.62 -13.25
CA ASP A 67 -6.98 3.18 -14.18
C ASP A 67 -8.36 3.31 -13.56
N GLY A 68 -8.41 3.70 -12.29
CA GLY A 68 -9.68 3.90 -11.61
C GLY A 68 -10.43 2.59 -11.46
N SER A 69 -9.69 1.48 -11.52
CA SER A 69 -10.30 0.16 -11.41
C SER A 69 -10.91 -0.03 -10.02
N GLY A 70 -10.46 0.78 -9.07
CA GLY A 70 -10.95 0.69 -7.70
C GLY A 70 -10.18 -0.34 -6.91
N THR A 71 -9.13 -0.89 -7.51
CA THR A 71 -8.31 -1.90 -6.84
C THR A 71 -6.83 -1.64 -7.12
N VAL A 72 -5.97 -2.19 -6.26
CA VAL A 72 -4.52 -2.03 -6.43
C VAL A 72 -3.89 -3.34 -6.86
N ASP A 73 -3.31 -3.35 -8.05
CA ASP A 73 -2.67 -4.56 -8.57
C ASP A 73 -1.21 -4.60 -8.14
N PHE A 74 -0.44 -5.48 -8.78
CA PHE A 74 0.98 -5.62 -8.45
C PHE A 74 1.71 -4.30 -8.67
N ASP A 75 1.54 -3.72 -9.84
CA ASP A 75 2.18 -2.46 -10.15
C ASP A 75 1.62 -1.33 -9.29
N GLU A 76 0.31 -1.37 -9.07
CA GLU A 76 -0.34 -0.33 -8.30
C GLU A 76 0.13 -0.33 -6.85
N PHE A 77 0.19 -1.51 -6.24
CA PHE A 77 0.62 -1.63 -4.86
C PHE A 77 2.06 -1.17 -4.70
N LEU A 78 2.86 -1.39 -5.75
CA LEU A 78 4.26 -0.96 -5.75
C LEU A 78 4.34 0.56 -5.79
N VAL A 79 3.45 1.17 -6.58
CA VAL A 79 3.42 2.63 -6.68
C VAL A 79 3.10 3.25 -5.32
N MET A 80 2.14 2.67 -4.61
CA MET A 80 1.76 3.18 -3.30
C MET A 80 2.98 3.26 -2.40
N MET A 81 3.78 2.20 -2.39
CA MET A 81 5.01 2.19 -1.58
C MET A 81 5.98 3.28 -2.07
N VAL A 82 6.12 3.37 -3.38
CA VAL A 82 6.98 4.39 -3.98
C VAL A 82 6.46 5.78 -3.65
N ARG A 83 5.14 5.94 -3.67
CA ARG A 83 4.52 7.22 -3.37
C ARG A 83 4.94 7.69 -1.97
N SER A 84 5.02 6.75 -1.03
CA SER A 84 5.43 7.07 0.33
C SER A 84 6.86 7.62 0.35
N MET A 85 7.74 6.96 -0.41
CA MET A 85 9.14 7.38 -0.47
C MET A 85 9.24 8.81 -0.99
N LYS A 86 8.45 9.12 -2.00
CA LYS A 86 8.45 10.47 -2.58
C LYS A 86 9.86 11.06 -2.53
N ASP A 87 9.94 12.38 -2.69
CA ASP A 87 11.23 13.05 -2.65
C ASP A 87 11.10 14.44 -2.02
N ASP A 88 10.27 15.29 -2.63
CA ASP A 88 10.06 16.63 -2.11
C ASP A 88 8.61 17.06 -2.32
N SER A 89 7.85 17.12 -1.22
CA SER A 89 6.45 17.51 -1.29
C SER A 89 6.28 18.99 -0.98
N LYS A 90 7.40 19.67 -0.70
CA LYS A 90 7.36 21.08 -0.38
C LYS A 90 6.81 21.89 -1.55
N GLY A 91 5.96 22.86 -1.25
CA GLY A 91 5.37 23.70 -2.29
C GLY A 91 4.53 24.82 -1.67
N LYS A 92 3.23 24.64 -1.65
CA LYS A 92 2.33 25.65 -1.09
C LYS A 92 2.53 25.77 0.41
N PHE A 93 2.10 24.74 1.14
CA PHE A 93 2.23 24.75 2.60
C PHE A 93 1.35 23.67 3.22
N LYS A 94 1.40 23.57 4.54
CA LYS A 94 0.59 22.58 5.26
C LYS A 94 -0.31 23.25 6.28
N ARG A 95 -1.53 22.72 6.43
CA ARG A 95 -2.47 23.28 7.38
C ARG A 95 -3.34 22.17 7.98
N PRO A 96 -3.62 22.28 9.25
CA PRO A 96 -4.45 21.27 9.98
C PRO A 96 -5.86 21.15 9.39
N THR A 97 -6.35 19.92 9.30
CA THR A 97 -7.69 19.68 8.76
C THR A 97 -8.23 18.34 9.25
N LEU A 98 -9.44 18.00 8.81
CA LEU A 98 -10.06 16.74 9.21
C LEU A 98 -9.22 15.56 8.73
N ARG A 99 -8.76 15.63 7.49
CA ARG A 99 -7.95 14.56 6.91
C ARG A 99 -6.46 14.91 6.98
N ARG A 100 -5.72 14.15 7.76
CA ARG A 100 -4.28 14.39 7.91
C ARG A 100 -3.57 13.13 8.39
N VAL A 101 -4.35 12.19 8.92
CA VAL A 101 -3.79 10.93 9.41
C VAL A 101 -2.87 10.31 8.37
N ARG A 102 -3.37 10.18 7.16
CA ARG A 102 -2.60 9.59 6.07
C ARG A 102 -1.73 8.45 6.59
N ILE A 103 -2.37 7.39 7.08
CA ILE A 103 -1.63 6.26 7.61
C ILE A 103 -0.24 6.17 6.98
N SER A 104 0.72 5.66 7.74
CA SER A 104 2.08 5.51 7.24
C SER A 104 2.21 4.24 6.41
N ALA A 105 2.75 4.37 5.21
CA ALA A 105 2.92 3.22 4.33
C ALA A 105 3.84 2.19 4.98
N ASP A 106 4.91 2.66 5.59
CA ASP A 106 5.86 1.78 6.27
C ASP A 106 5.16 1.02 7.39
N ALA A 107 4.31 1.71 8.13
CA ALA A 107 3.59 1.08 9.24
C ALA A 107 2.72 -0.07 8.73
N MET A 108 2.04 0.16 7.61
CA MET A 108 1.19 -0.85 7.01
C MET A 108 2.02 -2.03 6.51
N MET A 109 3.17 -1.72 5.91
CA MET A 109 4.04 -2.75 5.36
C MET A 109 4.49 -3.70 6.47
N GLN A 110 4.82 -3.14 7.62
CA GLN A 110 5.24 -3.94 8.77
C GLN A 110 4.11 -4.87 9.21
N ALA A 111 2.89 -4.35 9.19
CA ALA A 111 1.72 -5.14 9.58
C ALA A 111 1.54 -6.32 8.63
N LEU A 112 1.75 -6.06 7.33
CA LEU A 112 1.58 -7.10 6.33
C LEU A 112 2.67 -8.16 6.46
N LEU A 113 3.91 -7.72 6.67
CA LEU A 113 5.02 -8.64 6.80
C LEU A 113 5.21 -9.06 8.25
N GLY A 114 5.31 -8.08 9.13
CA GLY A 114 5.50 -8.35 10.57
C GLY A 114 5.56 -9.84 10.84
N ALA A 115 6.71 -10.43 10.53
CA ALA A 115 6.90 -11.87 10.75
C ALA A 115 6.81 -12.20 12.23
N ARG A 116 7.37 -11.33 13.06
CA ARG A 116 7.35 -11.55 14.50
C ARG A 116 7.90 -12.93 14.84
N ALA A 117 8.73 -13.46 13.95
CA ALA A 117 9.33 -14.78 14.18
C ALA A 117 9.97 -15.31 12.90
N LYS A 118 11.10 -14.72 12.53
CA LYS A 118 11.81 -15.13 11.32
C LYS A 118 13.30 -14.83 11.44
N GLY A 119 13.67 -13.59 11.10
CA GLY A 119 15.08 -13.19 11.18
C GLY A 119 15.90 -13.86 10.10
N HIS A 120 15.28 -14.07 8.94
CA HIS A 120 15.98 -14.72 7.83
C HIS A 120 17.40 -14.20 7.71
N HIS A 121 17.58 -13.16 6.90
CA HIS A 121 18.91 -12.58 6.70
C HIS A 121 18.90 -11.10 7.07
N HIS A 122 19.66 -10.76 8.12
CA HIS A 122 19.74 -9.38 8.57
C HIS A 122 20.56 -8.54 7.59
N HIS A 123 21.64 -9.12 7.09
CA HIS A 123 22.50 -8.44 6.13
C HIS A 123 22.15 -8.83 4.70
N HIS A 124 21.13 -9.66 4.55
CA HIS A 124 20.70 -10.11 3.23
C HIS A 124 21.82 -10.89 2.55
N HIS A 125 22.65 -11.55 3.35
CA HIS A 125 23.75 -12.34 2.80
C HIS A 125 24.75 -11.43 2.09
CA CA B . -6.28 -0.58 -10.79
S1 WW7 C . -3.06 4.88 3.23
O1 WW7 C . -3.45 5.01 4.70
O2 WW7 C . -4.07 5.69 2.41
N1 WW7 C . -1.55 5.44 2.99
C4 WW7 C . -3.19 0.46 2.13
C3 WW7 C . -2.86 0.85 3.42
C2 WW7 C . -2.82 2.20 3.75
C1 WW7 C . -3.11 3.17 2.77
C9 WW7 C . -3.44 2.76 1.48
C10 WW7 C . -3.49 1.41 1.15
CL1 WW7 C . -3.90 -0.65 -0.65
C5 WW7 C . -3.83 1.03 -0.16
C6 WW7 C . -4.12 2.00 -1.11
C7 WW7 C . -4.08 3.34 -0.77
C8 WW7 C . -3.75 3.71 0.50
C11 WW7 C . -1.31 5.74 1.57
C12 WW7 C . 0.13 5.41 1.17
C14 WW7 C . 1.98 7.10 1.04
C13 WW7 C . 0.71 6.57 0.36
C15 WW7 C . 1.76 8.54 1.48
C16 WW7 C . 1.40 8.58 2.97
N2 WW7 C . 0.78 9.86 3.32
HN1 WW7 C . -0.88 4.76 3.32
H4 WW7 C . -3.22 -0.59 1.87
H3 WW7 C . -2.62 0.09 4.16
H2 WW7 C . -2.55 2.50 4.76
H6 WW7 C . -4.38 1.71 -2.12
H7 WW7 C . -4.30 4.11 -1.52
H8 WW7 C . -3.71 4.75 0.76
H111 WW7 C . -1.51 6.80 1.39
H112 WW7 C . -1.99 5.15 0.96
H121 WW7 C . 0.14 4.50 0.58
H122 WW7 C . 0.71 5.26 2.07
H141 WW7 C . 2.80 7.03 0.34
H142 WW7 C . 2.19 6.46 1.90
H131 WW7 C . -0.04 7.38 0.29
H132 WW7 C . 0.94 6.22 -0.64
H151 WW7 C . 0.97 8.99 0.89
H152 WW7 C . 2.69 9.10 1.31
H161 WW7 C . 2.29 8.43 3.57
H162 WW7 C . 0.70 7.76 3.17
HN21 WW7 C . 0.93 10.53 2.59
HN22 WW7 C . 1.16 10.20 4.17
H24 WW7 C . -0.22 9.72 3.45
N MET A 1 -1.59 7.06 -12.02
CA MET A 1 -0.17 6.62 -11.97
C MET A 1 0.63 7.40 -13.00
N ASP A 2 1.85 7.78 -12.62
CA ASP A 2 2.73 8.53 -13.51
C ASP A 2 3.91 7.68 -13.97
N ASP A 3 4.50 8.07 -15.09
CA ASP A 3 5.65 7.35 -15.62
C ASP A 3 6.76 7.29 -14.59
N ILE A 4 6.87 8.35 -13.81
CA ILE A 4 7.89 8.41 -12.76
C ILE A 4 7.72 7.25 -11.78
N TYR A 5 6.47 6.96 -11.43
CA TYR A 5 6.19 5.87 -10.50
C TYR A 5 6.59 4.54 -11.13
N LYS A 6 6.38 4.41 -12.43
CA LYS A 6 6.73 3.19 -13.12
C LYS A 6 8.24 2.93 -13.00
N ALA A 7 9.01 4.00 -13.10
CA ALA A 7 10.46 3.91 -12.96
C ALA A 7 10.83 3.46 -11.56
N ALA A 8 10.11 3.96 -10.57
CA ALA A 8 10.38 3.62 -9.18
C ALA A 8 10.25 2.12 -8.98
N VAL A 9 9.25 1.52 -9.59
CA VAL A 9 9.06 0.08 -9.48
C VAL A 9 10.26 -0.66 -10.07
N GLU A 10 10.70 -0.23 -11.24
CA GLU A 10 11.83 -0.85 -11.90
C GLU A 10 13.13 -0.60 -11.13
N GLN A 11 13.17 0.53 -10.43
CA GLN A 11 14.34 0.90 -9.65
C GLN A 11 14.54 -0.07 -8.50
N LEU A 12 13.43 -0.52 -7.91
CA LEU A 12 13.51 -1.45 -6.79
C LEU A 12 14.41 -2.63 -7.14
N THR A 13 15.36 -2.93 -6.27
CA THR A 13 16.29 -4.03 -6.49
C THR A 13 15.52 -5.35 -6.50
N GLU A 14 16.25 -6.45 -6.69
CA GLU A 14 15.62 -7.77 -6.73
C GLU A 14 14.89 -8.07 -5.42
N GLU A 15 15.56 -7.79 -4.30
CA GLU A 15 14.96 -8.04 -2.99
C GLU A 15 13.73 -7.14 -2.78
N GLN A 16 13.84 -5.88 -3.19
CA GLN A 16 12.74 -4.94 -3.03
C GLN A 16 11.52 -5.39 -3.83
N LYS A 17 11.76 -5.79 -5.08
CA LYS A 17 10.68 -6.26 -5.94
C LYS A 17 10.08 -7.55 -5.39
N ASN A 18 10.96 -8.46 -4.98
CA ASN A 18 10.52 -9.74 -4.44
C ASN A 18 9.73 -9.53 -3.14
N GLU A 19 10.22 -8.62 -2.29
CA GLU A 19 9.56 -8.34 -1.02
C GLU A 19 8.15 -7.83 -1.25
N PHE A 20 8.00 -6.90 -2.19
CA PHE A 20 6.70 -6.36 -2.50
C PHE A 20 5.80 -7.42 -3.14
N LYS A 21 6.39 -8.26 -3.97
CA LYS A 21 5.63 -9.31 -4.63
C LYS A 21 4.94 -10.20 -3.60
N ALA A 22 5.67 -10.55 -2.54
CA ALA A 22 5.11 -11.38 -1.48
C ALA A 22 3.95 -10.64 -0.80
N ALA A 23 4.14 -9.35 -0.57
CA ALA A 23 3.09 -8.55 0.08
C ALA A 23 1.84 -8.50 -0.79
N PHE A 24 2.04 -8.39 -2.09
CA PHE A 24 0.91 -8.35 -3.03
C PHE A 24 0.06 -9.61 -2.90
N ASP A 25 0.73 -10.76 -2.86
CA ASP A 25 0.02 -12.03 -2.74
C ASP A 25 -0.82 -12.05 -1.46
N ILE A 26 -0.21 -11.62 -0.35
CA ILE A 26 -0.91 -11.58 0.92
C ILE A 26 -2.02 -10.53 0.91
N PHE A 27 -1.71 -9.37 0.37
CA PHE A 27 -2.67 -8.27 0.31
C PHE A 27 -3.92 -8.72 -0.46
N VAL A 28 -3.71 -9.49 -1.51
CA VAL A 28 -4.82 -9.97 -2.32
C VAL A 28 -5.30 -11.33 -1.81
N LEU A 29 -5.08 -11.59 -0.52
CA LEU A 29 -5.50 -12.85 0.06
C LEU A 29 -7.00 -13.04 -0.10
N GLY A 30 -7.37 -14.07 -0.86
CA GLY A 30 -8.78 -14.35 -1.10
C GLY A 30 -9.32 -13.53 -2.27
N ALA A 31 -8.47 -12.69 -2.85
CA ALA A 31 -8.88 -11.86 -3.96
C ALA A 31 -9.23 -12.72 -5.18
N GLU A 32 -10.41 -12.50 -5.73
CA GLU A 32 -10.86 -13.26 -6.90
C GLU A 32 -10.04 -12.89 -8.13
N ASP A 33 -9.62 -11.62 -8.18
CA ASP A 33 -8.84 -11.14 -9.32
C ASP A 33 -7.34 -11.23 -8.99
N GLY A 34 -7.03 -11.42 -7.72
CA GLY A 34 -5.64 -11.51 -7.29
C GLY A 34 -5.08 -10.14 -6.97
N SER A 35 -5.88 -9.10 -7.16
CA SER A 35 -5.44 -7.73 -6.89
C SER A 35 -6.08 -7.23 -5.59
N ILE A 36 -5.46 -6.21 -5.01
CA ILE A 36 -5.96 -5.64 -3.75
C ILE A 36 -7.26 -4.87 -3.99
N SER A 37 -8.24 -5.11 -3.14
CA SER A 37 -9.53 -4.43 -3.26
C SER A 37 -9.92 -3.81 -1.93
N THR A 38 -11.09 -3.17 -1.91
CA THR A 38 -11.55 -2.54 -0.68
C THR A 38 -11.65 -3.56 0.45
N LYS A 39 -12.05 -4.78 0.11
CA LYS A 39 -12.17 -5.83 1.12
C LYS A 39 -10.80 -6.12 1.74
N GLU A 40 -9.81 -6.30 0.88
CA GLU A 40 -8.45 -6.54 1.33
C GLU A 40 -7.87 -5.29 1.97
N LEU A 41 -8.23 -4.14 1.42
CA LEU A 41 -7.75 -2.87 1.92
C LEU A 41 -8.14 -2.70 3.39
N GLY A 42 -9.41 -2.91 3.68
CA GLY A 42 -9.89 -2.79 5.06
C GLY A 42 -9.20 -3.81 5.96
N LYS A 43 -9.02 -5.02 5.44
CA LYS A 43 -8.39 -6.08 6.23
C LYS A 43 -6.99 -5.66 6.67
N VAL A 44 -6.20 -5.14 5.75
CA VAL A 44 -4.85 -4.70 6.07
C VAL A 44 -4.89 -3.52 7.06
N MET A 45 -5.78 -2.57 6.78
CA MET A 45 -5.90 -1.39 7.64
C MET A 45 -6.34 -1.81 9.04
N ARG A 46 -7.22 -2.82 9.11
CA ARG A 46 -7.71 -3.31 10.39
C ARG A 46 -6.55 -3.83 11.22
N MET A 47 -5.61 -4.49 10.55
CA MET A 47 -4.45 -5.01 11.24
C MET A 47 -3.61 -3.87 11.79
N LEU A 48 -3.58 -2.76 11.05
CA LEU A 48 -2.78 -1.60 11.47
C LEU A 48 -3.43 -0.91 12.66
N GLY A 49 -4.68 -1.28 12.95
CA GLY A 49 -5.40 -0.68 14.07
C GLY A 49 -6.45 0.31 13.58
N GLN A 50 -6.64 0.37 12.27
CA GLN A 50 -7.62 1.29 11.69
C GLN A 50 -8.86 0.54 11.24
N ASN A 51 -10.00 1.21 11.22
CA ASN A 51 -11.24 0.59 10.79
C ASN A 51 -11.96 1.46 9.77
N PRO A 52 -11.34 1.69 8.65
CA PRO A 52 -11.93 2.52 7.56
C PRO A 52 -13.10 1.83 6.88
N THR A 53 -14.03 2.62 6.36
CA THR A 53 -15.21 2.08 5.68
C THR A 53 -14.91 1.82 4.21
N PRO A 54 -15.77 1.10 3.55
CA PRO A 54 -15.59 0.77 2.11
C PRO A 54 -15.34 2.01 1.26
N GLU A 55 -16.04 3.08 1.58
CA GLU A 55 -15.88 4.32 0.83
C GLU A 55 -14.44 4.81 0.93
N GLU A 56 -13.89 4.76 2.14
CA GLU A 56 -12.52 5.18 2.36
C GLU A 56 -11.56 4.26 1.61
N LEU A 57 -11.86 2.97 1.63
CA LEU A 57 -11.02 1.98 0.95
C LEU A 57 -10.98 2.26 -0.55
N GLN A 58 -12.13 2.61 -1.11
CA GLN A 58 -12.22 2.91 -2.53
C GLN A 58 -11.34 4.12 -2.86
N GLU A 59 -11.38 5.13 -2.00
CA GLU A 59 -10.59 6.32 -2.23
C GLU A 59 -9.10 5.97 -2.16
N MET A 60 -8.73 5.13 -1.20
CA MET A 60 -7.34 4.73 -1.03
C MET A 60 -6.86 3.97 -2.26
N ILE A 61 -7.71 3.08 -2.76
CA ILE A 61 -7.38 2.32 -3.96
C ILE A 61 -7.36 3.23 -5.18
N ASP A 62 -8.25 4.22 -5.16
CA ASP A 62 -8.35 5.16 -6.28
C ASP A 62 -7.07 5.99 -6.40
N GLU A 63 -6.39 6.17 -5.28
CA GLU A 63 -5.16 6.96 -5.25
C GLU A 63 -4.10 6.33 -6.16
N VAL A 64 -4.03 5.01 -6.13
CA VAL A 64 -3.05 4.30 -6.96
C VAL A 64 -3.74 3.61 -8.13
N ASP A 65 -5.06 3.72 -8.19
CA ASP A 65 -5.81 3.09 -9.26
C ASP A 65 -5.79 3.97 -10.51
N GLU A 66 -5.04 3.55 -11.52
CA GLU A 66 -4.92 4.32 -12.75
C GLU A 66 -6.16 4.12 -13.63
N ASP A 67 -6.59 2.86 -13.78
CA ASP A 67 -7.74 2.57 -14.62
C ASP A 67 -9.03 2.67 -13.83
N GLY A 68 -8.92 2.95 -12.53
CA GLY A 68 -10.10 3.09 -11.70
C GLY A 68 -10.83 1.75 -11.55
N SER A 69 -10.10 0.65 -11.73
CA SER A 69 -10.69 -0.68 -11.64
C SER A 69 -11.31 -0.90 -10.27
N GLY A 70 -10.92 -0.07 -9.31
CA GLY A 70 -11.45 -0.18 -7.95
C GLY A 70 -10.55 -1.07 -7.11
N THR A 71 -9.48 -1.59 -7.72
CA THR A 71 -8.55 -2.44 -7.01
C THR A 71 -7.11 -2.02 -7.30
N VAL A 72 -6.19 -2.43 -6.43
CA VAL A 72 -4.78 -2.10 -6.61
C VAL A 72 -4.00 -3.34 -7.03
N ASP A 73 -3.47 -3.32 -8.24
CA ASP A 73 -2.69 -4.43 -8.76
C ASP A 73 -1.22 -4.27 -8.40
N PHE A 74 -0.37 -5.12 -8.95
CA PHE A 74 1.06 -5.06 -8.67
C PHE A 74 1.62 -3.71 -9.08
N ASP A 75 1.27 -3.24 -10.27
CA ASP A 75 1.77 -1.96 -10.76
C ASP A 75 1.34 -0.82 -9.84
N GLU A 76 0.06 -0.82 -9.49
CA GLU A 76 -0.48 0.21 -8.60
C GLU A 76 0.02 0.01 -7.18
N PHE A 77 0.21 -1.24 -6.79
CA PHE A 77 0.68 -1.54 -5.44
C PHE A 77 2.03 -0.85 -5.21
N LEU A 78 2.99 -1.09 -6.10
CA LEU A 78 4.32 -0.50 -5.94
C LEU A 78 4.24 1.01 -6.03
N VAL A 79 3.38 1.49 -6.92
CA VAL A 79 3.21 2.92 -7.10
C VAL A 79 2.76 3.55 -5.79
N MET A 80 1.81 2.91 -5.11
CA MET A 80 1.31 3.43 -3.85
C MET A 80 2.48 3.58 -2.85
N MET A 81 3.29 2.53 -2.74
CA MET A 81 4.43 2.56 -1.84
C MET A 81 5.42 3.64 -2.29
N VAL A 82 5.66 3.68 -3.59
CA VAL A 82 6.57 4.67 -4.15
C VAL A 82 6.03 6.07 -3.91
N ARG A 83 4.71 6.22 -4.05
CA ARG A 83 4.07 7.51 -3.85
C ARG A 83 4.47 8.07 -2.48
N SER A 84 4.37 7.22 -1.45
CA SER A 84 4.73 7.64 -0.09
C SER A 84 6.25 7.68 0.06
N MET A 85 6.94 6.87 -0.74
CA MET A 85 8.40 6.80 -0.66
C MET A 85 9.02 8.11 -1.12
N LYS A 86 8.45 8.70 -2.18
CA LYS A 86 8.97 9.96 -2.72
C LYS A 86 9.08 11.00 -1.60
N ASP A 87 10.31 11.18 -1.11
CA ASP A 87 10.55 12.15 -0.05
C ASP A 87 9.63 11.90 1.13
N ASP A 88 9.36 10.62 1.41
CA ASP A 88 8.50 10.25 2.53
C ASP A 88 7.14 10.91 2.40
N SER A 89 7.08 12.20 2.73
CA SER A 89 5.83 12.94 2.64
C SER A 89 6.07 14.36 2.15
N LYS A 90 7.34 14.76 2.09
CA LYS A 90 7.70 16.10 1.64
C LYS A 90 7.29 17.14 2.67
N GLY A 91 6.06 17.03 3.15
CA GLY A 91 5.55 17.98 4.15
C GLY A 91 5.05 19.25 3.48
N LYS A 92 5.17 19.30 2.16
CA LYS A 92 4.74 20.48 1.40
C LYS A 92 3.22 20.43 1.20
N PHE A 93 2.66 19.23 1.16
CA PHE A 93 1.23 19.07 0.97
C PHE A 93 0.49 19.15 2.31
N LYS A 94 1.24 19.10 3.40
CA LYS A 94 0.65 19.18 4.73
C LYS A 94 -0.02 20.53 4.94
N ARG A 95 -1.24 20.51 5.46
CA ARG A 95 -1.99 21.73 5.72
C ARG A 95 -2.80 21.60 7.01
N PRO A 96 -3.44 22.66 7.39
CA PRO A 96 -4.27 22.70 8.63
C PRO A 96 -5.67 22.16 8.43
N THR A 97 -6.23 22.42 7.25
CA THR A 97 -7.57 21.95 6.94
C THR A 97 -7.53 20.63 6.17
N LEU A 98 -6.68 20.58 5.16
CA LEU A 98 -6.56 19.37 4.34
C LEU A 98 -5.77 18.29 5.09
N ARG A 99 -6.51 17.41 5.76
CA ARG A 99 -5.87 16.32 6.50
C ARG A 99 -6.89 15.22 6.81
N ARG A 100 -6.41 13.99 6.96
CA ARG A 100 -7.28 12.86 7.26
C ARG A 100 -6.50 11.56 7.20
N VAL A 101 -6.44 10.85 8.32
CA VAL A 101 -5.73 9.58 8.38
C VAL A 101 -4.32 9.73 7.84
N ARG A 102 -3.33 9.39 8.67
CA ARG A 102 -1.93 9.49 8.26
C ARG A 102 -1.21 8.17 8.44
N ILE A 103 -1.68 7.13 7.74
CA ILE A 103 -1.06 5.82 7.84
C ILE A 103 0.25 5.79 7.04
N SER A 104 1.30 5.28 7.67
CA SER A 104 2.59 5.19 7.00
C SER A 104 2.66 3.92 6.15
N ALA A 105 3.11 4.07 4.91
CA ALA A 105 3.21 2.94 4.00
C ALA A 105 4.17 1.90 4.57
N ASP A 106 5.27 2.38 5.15
CA ASP A 106 6.25 1.47 5.75
C ASP A 106 5.64 0.70 6.90
N ALA A 107 4.84 1.39 7.73
CA ALA A 107 4.20 0.75 8.88
C ALA A 107 3.26 -0.36 8.41
N MET A 108 2.50 -0.08 7.36
CA MET A 108 1.57 -1.05 6.80
C MET A 108 2.32 -2.25 6.23
N MET A 109 3.45 -1.98 5.59
CA MET A 109 4.25 -3.04 4.99
C MET A 109 4.70 -4.02 6.06
N GLN A 110 5.12 -3.50 7.20
CA GLN A 110 5.56 -4.35 8.30
C GLN A 110 4.41 -5.21 8.80
N ALA A 111 3.21 -4.63 8.84
CA ALA A 111 2.04 -5.36 9.31
C ALA A 111 1.77 -6.55 8.39
N LEU A 112 1.92 -6.33 7.09
CA LEU A 112 1.69 -7.39 6.13
C LEU A 112 2.85 -8.39 6.11
N LEU A 113 4.07 -7.86 6.07
CA LEU A 113 5.27 -8.72 6.04
C LEU A 113 5.47 -9.41 7.37
N GLY A 114 5.32 -8.65 8.45
CA GLY A 114 5.48 -9.20 9.80
C GLY A 114 6.82 -9.94 9.93
N ALA A 115 6.80 -11.05 10.66
CA ALA A 115 8.01 -11.85 10.84
C ALA A 115 8.93 -11.22 11.87
N ARG A 116 9.21 -9.93 11.70
CA ARG A 116 10.09 -9.22 12.62
C ARG A 116 9.30 -8.62 13.78
N ALA A 117 8.12 -9.17 14.03
CA ALA A 117 7.27 -8.68 15.12
C ALA A 117 7.53 -7.20 15.38
N LYS A 118 7.10 -6.35 14.44
CA LYS A 118 7.29 -4.92 14.57
C LYS A 118 8.57 -4.61 15.35
N GLY A 119 8.41 -3.98 16.51
CA GLY A 119 9.56 -3.64 17.35
C GLY A 119 10.10 -4.87 18.08
N HIS A 120 11.20 -4.69 18.78
CA HIS A 120 11.80 -5.80 19.51
C HIS A 120 10.85 -6.35 20.56
N HIS A 121 10.29 -5.45 21.37
CA HIS A 121 9.34 -5.85 22.41
C HIS A 121 9.34 -4.84 23.55
N HIS A 122 8.89 -3.62 23.27
CA HIS A 122 8.83 -2.59 24.30
C HIS A 122 10.14 -2.52 25.08
N HIS A 123 11.24 -2.20 24.39
CA HIS A 123 12.54 -2.12 25.03
C HIS A 123 12.52 -1.10 26.15
N HIS A 124 13.55 -0.25 26.19
CA HIS A 124 13.64 0.78 27.23
C HIS A 124 13.07 0.26 28.55
N HIS A 125 11.83 0.67 28.84
CA HIS A 125 11.18 0.24 30.07
C HIS A 125 9.86 -0.44 29.76
CA CA B . -6.65 -0.69 -10.77
S1 WW7 C . -2.99 4.65 2.98
O1 WW7 C . -2.74 4.77 4.48
O2 WW7 C . -4.38 5.21 2.65
N1 WW7 C . -1.81 5.43 2.16
C4 WW7 C . -2.86 0.23 1.89
C3 WW7 C . -2.55 0.65 3.18
C2 WW7 C . -2.60 2.00 3.49
C1 WW7 C . -2.95 2.94 2.53
C9 WW7 C . -3.26 2.52 1.23
C10 WW7 C . -3.22 1.15 0.90
CL1 WW7 C . -3.51 -0.92 -0.96
C5 WW7 C . -3.54 0.76 -0.44
C6 WW7 C . -3.88 1.71 -1.38
C7 WW7 C . -3.93 3.05 -1.04
C8 WW7 C . -3.61 3.45 0.25
C11 WW7 C . -2.35 6.44 1.22
C12 WW7 C . -1.50 7.72 1.25
C14 WW7 C . 0.90 7.49 1.89
C13 WW7 C . -0.09 7.41 0.73
C15 WW7 C . 1.89 8.62 1.63
C16 WW7 C . 1.52 9.85 2.47
N2 WW7 C . 1.90 9.66 3.87
HN1 WW7 C . -1.24 4.77 1.67
H4 WW7 C . -2.83 -0.84 1.65
H3 WW7 C . -2.28 -0.07 3.95
H2 WW7 C . -2.37 2.34 4.50
H6 WW7 C . -4.13 1.42 -2.40
H7 WW7 C . -4.20 3.80 -1.78
H8 WW7 C . -3.65 4.49 0.52
H111 WW7 C . -3.37 6.68 1.49
H112 WW7 C . -2.34 6.02 0.22
H121 WW7 C . -1.44 8.10 2.27
H122 WW7 C . -1.98 8.46 0.62
H141 WW7 C . 1.43 6.54 1.99
H142 WW7 C . 0.34 7.69 2.81
H131 WW7 C . 0.18 8.13 -0.03
H132 WW7 C . -0.09 6.40 0.30
H151 WW7 C . 1.88 8.87 0.57
H152 WW7 C . 2.89 8.27 1.90
H161 WW7 C . 0.46 10.02 2.40
H162 WW7 C . 2.05 10.72 2.05
HN21 WW7 C . 2.89 9.75 3.97
HN22 WW7 C . 1.61 8.76 4.18
H24 WW7 C . 1.45 10.37 4.42
N MET A 1 -0.49 6.89 -12.90
CA MET A 1 0.82 6.18 -12.96
C MET A 1 1.87 7.12 -13.53
N ASP A 2 2.49 7.90 -12.64
CA ASP A 2 3.51 8.84 -13.07
C ASP A 2 4.74 8.11 -13.63
N ASP A 3 5.40 8.72 -14.60
CA ASP A 3 6.58 8.11 -15.21
C ASP A 3 7.61 7.79 -14.13
N ILE A 4 7.72 8.66 -13.15
CA ILE A 4 8.66 8.46 -12.06
C ILE A 4 8.28 7.22 -11.25
N TYR A 5 7.00 7.11 -10.90
CA TYR A 5 6.54 5.96 -10.13
C TYR A 5 6.73 4.68 -10.92
N LYS A 6 6.48 4.75 -12.22
CA LYS A 6 6.66 3.59 -13.09
C LYS A 6 8.10 3.13 -13.06
N ALA A 7 9.01 4.10 -13.17
CA ALA A 7 10.43 3.78 -13.15
C ALA A 7 10.83 3.18 -11.81
N ALA A 8 10.25 3.71 -10.74
CA ALA A 8 10.55 3.22 -9.40
C ALA A 8 10.23 1.74 -9.30
N VAL A 9 9.09 1.34 -9.83
CA VAL A 9 8.71 -0.06 -9.77
C VAL A 9 9.74 -0.91 -10.50
N GLU A 10 10.13 -0.47 -11.69
CA GLU A 10 11.12 -1.20 -12.47
C GLU A 10 12.53 -0.85 -12.02
N GLN A 11 12.64 0.21 -11.21
CA GLN A 11 13.92 0.67 -10.72
C GLN A 11 14.31 -0.09 -9.44
N LEU A 12 13.31 -0.47 -8.66
CA LEU A 12 13.57 -1.19 -7.41
C LEU A 12 14.34 -2.47 -7.69
N THR A 13 15.35 -2.73 -6.86
CA THR A 13 16.16 -3.92 -7.03
C THR A 13 15.31 -5.18 -6.89
N GLU A 14 15.93 -6.34 -7.07
CA GLU A 14 15.21 -7.60 -6.97
C GLU A 14 14.60 -7.77 -5.57
N GLU A 15 15.41 -7.53 -4.55
CA GLU A 15 14.95 -7.67 -3.18
C GLU A 15 13.83 -6.67 -2.88
N GLN A 16 14.00 -5.45 -3.38
CA GLN A 16 12.98 -4.41 -3.18
C GLN A 16 11.66 -4.81 -3.80
N LYS A 17 11.71 -5.27 -5.05
CA LYS A 17 10.50 -5.69 -5.74
C LYS A 17 9.90 -6.91 -5.05
N ASN A 18 10.75 -7.86 -4.68
CA ASN A 18 10.29 -9.07 -4.02
C ASN A 18 9.67 -8.73 -2.67
N GLU A 19 10.33 -7.83 -1.94
CA GLU A 19 9.84 -7.42 -0.63
C GLU A 19 8.47 -6.78 -0.75
N PHE A 20 8.32 -5.89 -1.72
CA PHE A 20 7.06 -5.20 -1.93
C PHE A 20 6.01 -6.17 -2.44
N LYS A 21 6.42 -7.03 -3.36
CA LYS A 21 5.50 -7.99 -3.95
C LYS A 21 4.87 -8.87 -2.88
N ALA A 22 5.65 -9.17 -1.83
CA ALA A 22 5.15 -9.99 -0.75
C ALA A 22 3.92 -9.33 -0.13
N ALA A 23 3.98 -8.01 0.03
CA ALA A 23 2.86 -7.27 0.60
C ALA A 23 1.65 -7.39 -0.31
N PHE A 24 1.89 -7.32 -1.61
CA PHE A 24 0.82 -7.44 -2.60
C PHE A 24 0.07 -8.76 -2.44
N ASP A 25 0.84 -9.84 -2.37
CA ASP A 25 0.24 -11.16 -2.21
C ASP A 25 -0.56 -11.23 -0.92
N ILE A 26 0.02 -10.70 0.16
CA ILE A 26 -0.65 -10.70 1.45
C ILE A 26 -1.89 -9.82 1.41
N PHE A 27 -1.75 -8.66 0.77
CA PHE A 27 -2.86 -7.71 0.66
C PHE A 27 -4.03 -8.35 -0.07
N VAL A 28 -3.75 -9.07 -1.15
CA VAL A 28 -4.79 -9.72 -1.93
C VAL A 28 -4.97 -11.16 -1.49
N LEU A 29 -4.70 -11.44 -0.21
CA LEU A 29 -4.84 -12.79 0.31
C LEU A 29 -6.27 -13.28 0.13
N GLY A 30 -6.42 -14.37 -0.62
CA GLY A 30 -7.73 -14.95 -0.87
C GLY A 30 -8.44 -14.21 -2.01
N ALA A 31 -7.78 -13.20 -2.57
CA ALA A 31 -8.36 -12.42 -3.64
C ALA A 31 -8.59 -13.31 -4.87
N GLU A 32 -9.79 -13.26 -5.42
CA GLU A 32 -10.11 -14.05 -6.60
C GLU A 32 -9.41 -13.51 -7.83
N ASP A 33 -9.25 -12.18 -7.88
CA ASP A 33 -8.58 -11.54 -9.00
C ASP A 33 -7.09 -11.41 -8.74
N GLY A 34 -6.71 -11.49 -7.47
CA GLY A 34 -5.31 -11.37 -7.07
C GLY A 34 -4.94 -9.92 -6.80
N SER A 35 -5.85 -9.02 -7.12
CA SER A 35 -5.60 -7.59 -6.90
C SER A 35 -6.12 -7.16 -5.53
N ILE A 36 -5.85 -5.91 -5.16
CA ILE A 36 -6.28 -5.41 -3.86
C ILE A 36 -7.51 -4.51 -4.02
N SER A 37 -8.59 -4.87 -3.34
CA SER A 37 -9.82 -4.10 -3.41
C SER A 37 -10.23 -3.63 -2.02
N THR A 38 -11.43 -3.07 -1.91
CA THR A 38 -11.91 -2.60 -0.63
C THR A 38 -12.00 -3.73 0.38
N LYS A 39 -12.45 -4.91 -0.08
CA LYS A 39 -12.57 -6.06 0.82
C LYS A 39 -11.21 -6.43 1.37
N GLU A 40 -10.22 -6.55 0.49
CA GLU A 40 -8.87 -6.88 0.90
C GLU A 40 -8.25 -5.70 1.66
N LEU A 41 -8.56 -4.49 1.19
CA LEU A 41 -8.04 -3.27 1.82
C LEU A 41 -8.52 -3.18 3.26
N GLY A 42 -9.81 -3.40 3.45
CA GLY A 42 -10.38 -3.34 4.80
C GLY A 42 -9.72 -4.36 5.72
N LYS A 43 -9.46 -5.55 5.20
CA LYS A 43 -8.82 -6.60 5.98
C LYS A 43 -7.45 -6.13 6.46
N VAL A 44 -6.67 -5.60 5.54
CA VAL A 44 -5.34 -5.12 5.87
C VAL A 44 -5.42 -3.91 6.80
N MET A 45 -6.33 -3.00 6.51
CA MET A 45 -6.48 -1.79 7.32
C MET A 45 -6.84 -2.17 8.75
N ARG A 46 -7.71 -3.15 8.92
CA ARG A 46 -8.11 -3.58 10.25
C ARG A 46 -6.91 -4.12 10.99
N MET A 47 -6.05 -4.82 10.27
CA MET A 47 -4.84 -5.38 10.87
C MET A 47 -3.93 -4.27 11.41
N LEU A 48 -3.85 -3.18 10.66
CA LEU A 48 -3.01 -2.05 11.03
C LEU A 48 -3.62 -1.30 12.22
N GLY A 49 -4.84 -1.70 12.59
CA GLY A 49 -5.52 -1.05 13.70
C GLY A 49 -6.49 0.01 13.20
N GLN A 50 -6.69 0.05 11.88
CA GLN A 50 -7.60 1.04 11.29
C GLN A 50 -8.83 0.36 10.71
N ASN A 51 -9.96 1.05 10.75
CA ASN A 51 -11.20 0.49 10.22
C ASN A 51 -11.88 1.49 9.29
N PRO A 52 -11.27 1.79 8.18
CA PRO A 52 -11.84 2.74 7.18
C PRO A 52 -13.12 2.20 6.54
N THR A 53 -14.02 3.12 6.20
CA THR A 53 -15.29 2.74 5.57
C THR A 53 -15.07 2.40 4.10
N PRO A 54 -16.04 1.76 3.50
CA PRO A 54 -15.94 1.35 2.06
C PRO A 54 -15.58 2.53 1.16
N GLU A 55 -16.16 3.70 1.45
CA GLU A 55 -15.88 4.87 0.66
C GLU A 55 -14.40 5.23 0.75
N GLU A 56 -13.89 5.21 1.96
CA GLU A 56 -12.48 5.52 2.21
C GLU A 56 -11.60 4.48 1.52
N LEU A 57 -12.03 3.22 1.56
CA LEU A 57 -11.26 2.13 0.95
C LEU A 57 -11.10 2.38 -0.55
N GLN A 58 -12.20 2.77 -1.19
CA GLN A 58 -12.16 3.08 -2.63
C GLN A 58 -11.32 4.31 -2.89
N GLU A 59 -11.48 5.32 -2.05
CA GLU A 59 -10.72 6.54 -2.23
C GLU A 59 -9.22 6.26 -2.14
N MET A 60 -8.82 5.45 -1.15
CA MET A 60 -7.41 5.12 -1.00
C MET A 60 -6.94 4.35 -2.22
N ILE A 61 -7.76 3.42 -2.68
CA ILE A 61 -7.46 2.63 -3.86
C ILE A 61 -7.40 3.51 -5.09
N ASP A 62 -8.25 4.53 -5.10
CA ASP A 62 -8.31 5.45 -6.24
C ASP A 62 -7.06 6.32 -6.28
N GLU A 63 -6.48 6.60 -5.11
CA GLU A 63 -5.29 7.44 -5.05
C GLU A 63 -4.14 6.83 -5.85
N VAL A 64 -3.95 5.53 -5.71
CA VAL A 64 -2.88 4.85 -6.42
C VAL A 64 -3.40 4.33 -7.77
N ASP A 65 -4.70 4.13 -7.84
CA ASP A 65 -5.33 3.63 -9.06
C ASP A 65 -5.71 4.79 -9.98
N GLU A 66 -4.94 4.96 -11.05
CA GLU A 66 -5.20 6.03 -12.01
C GLU A 66 -6.13 5.55 -13.11
N ASP A 67 -6.17 4.24 -13.34
CA ASP A 67 -7.02 3.68 -14.38
C ASP A 67 -8.47 3.65 -13.92
N GLY A 68 -8.71 4.07 -12.69
CA GLY A 68 -10.07 4.09 -12.15
C GLY A 68 -10.63 2.69 -12.00
N SER A 69 -9.75 1.70 -11.97
CA SER A 69 -10.17 0.31 -11.85
C SER A 69 -10.88 0.08 -10.52
N GLY A 70 -10.58 0.93 -9.53
CA GLY A 70 -11.19 0.82 -8.22
C GLY A 70 -10.43 -0.18 -7.35
N THR A 71 -9.42 -0.83 -7.93
CA THR A 71 -8.62 -1.80 -7.21
C THR A 71 -7.14 -1.54 -7.42
N VAL A 72 -6.32 -2.01 -6.48
CA VAL A 72 -4.88 -1.83 -6.58
C VAL A 72 -4.21 -3.17 -6.89
N ASP A 73 -3.65 -3.28 -8.10
CA ASP A 73 -2.99 -4.50 -8.52
C ASP A 73 -1.52 -4.46 -8.12
N PHE A 74 -0.73 -5.38 -8.67
CA PHE A 74 0.69 -5.44 -8.36
C PHE A 74 1.38 -4.11 -8.67
N ASP A 75 1.15 -3.60 -9.87
CA ASP A 75 1.76 -2.33 -10.26
C ASP A 75 1.25 -1.19 -9.37
N GLU A 76 -0.04 -1.21 -9.06
CA GLU A 76 -0.64 -0.18 -8.22
C GLU A 76 -0.07 -0.25 -6.81
N PHE A 77 0.08 -1.45 -6.27
CA PHE A 77 0.61 -1.62 -4.94
C PHE A 77 2.07 -1.19 -4.89
N LEU A 78 2.80 -1.52 -5.95
CA LEU A 78 4.22 -1.19 -6.01
C LEU A 78 4.40 0.32 -5.98
N VAL A 79 3.55 1.02 -6.74
CA VAL A 79 3.60 2.47 -6.78
C VAL A 79 3.29 3.06 -5.42
N MET A 80 2.30 2.49 -4.73
CA MET A 80 1.93 2.99 -3.42
C MET A 80 3.15 3.02 -2.50
N MET A 81 3.91 1.93 -2.47
CA MET A 81 5.10 1.87 -1.63
C MET A 81 6.11 2.92 -2.08
N VAL A 82 6.27 3.02 -3.39
CA VAL A 82 7.19 3.99 -3.98
C VAL A 82 6.71 5.41 -3.72
N ARG A 83 5.40 5.61 -3.80
CA ARG A 83 4.81 6.93 -3.60
C ARG A 83 5.19 7.46 -2.22
N SER A 84 5.10 6.60 -1.21
CA SER A 84 5.45 7.00 0.15
C SER A 84 6.94 7.33 0.24
N MET A 85 7.76 6.51 -0.41
CA MET A 85 9.20 6.71 -0.40
C MET A 85 9.56 8.06 -1.01
N LYS A 86 8.84 8.45 -2.06
CA LYS A 86 9.09 9.72 -2.72
C LYS A 86 8.12 10.78 -2.23
N ASP A 87 6.85 10.63 -2.60
CA ASP A 87 5.82 11.58 -2.19
C ASP A 87 6.14 12.98 -2.69
N ASP A 88 7.15 13.60 -2.09
CA ASP A 88 7.54 14.95 -2.50
C ASP A 88 6.41 15.94 -2.25
N SER A 89 5.52 16.07 -3.23
CA SER A 89 4.39 16.98 -3.10
C SER A 89 3.45 16.83 -4.29
N LYS A 90 3.57 15.72 -4.99
CA LYS A 90 2.73 15.46 -6.15
C LYS A 90 1.24 15.54 -5.76
N GLY A 91 0.44 16.10 -6.66
CA GLY A 91 -0.99 16.25 -6.41
C GLY A 91 -1.33 17.66 -5.96
N LYS A 92 -0.33 18.37 -5.44
CA LYS A 92 -0.55 19.74 -4.98
C LYS A 92 -1.93 19.89 -4.35
N PHE A 93 -2.47 18.79 -3.85
CA PHE A 93 -3.79 18.81 -3.24
C PHE A 93 -4.68 19.86 -3.90
N LYS A 94 -5.67 20.34 -3.16
CA LYS A 94 -6.59 21.34 -3.68
C LYS A 94 -7.05 22.29 -2.56
N ARG A 95 -7.87 21.76 -1.67
CA ARG A 95 -8.39 22.57 -0.56
C ARG A 95 -8.80 21.66 0.61
N PRO A 96 -9.05 22.24 1.74
CA PRO A 96 -9.45 21.49 2.96
C PRO A 96 -10.73 20.67 2.72
N THR A 97 -10.68 19.40 3.09
CA THR A 97 -11.84 18.51 2.90
C THR A 97 -11.57 17.15 3.53
N LEU A 98 -11.93 16.10 2.81
CA LEU A 98 -11.73 14.74 3.31
C LEU A 98 -10.28 14.54 3.74
N ARG A 99 -10.07 14.39 5.04
CA ARG A 99 -8.71 14.18 5.56
C ARG A 99 -8.77 13.76 7.02
N ARG A 100 -8.68 12.46 7.26
CA ARG A 100 -8.72 11.93 8.63
C ARG A 100 -7.47 11.10 8.90
N VAL A 101 -7.47 10.38 10.01
CA VAL A 101 -6.34 9.55 10.38
C VAL A 101 -5.66 8.99 9.14
N ARG A 102 -4.38 9.30 8.97
CA ARG A 102 -3.62 8.82 7.82
C ARG A 102 -2.76 7.63 8.19
N ILE A 103 -2.77 6.60 7.35
CA ILE A 103 -1.98 5.40 7.60
C ILE A 103 -0.62 5.51 6.92
N SER A 104 0.44 5.27 7.67
CA SER A 104 1.79 5.33 7.13
C SER A 104 2.10 4.09 6.30
N ALA A 105 2.69 4.29 5.14
CA ALA A 105 3.04 3.17 4.28
C ALA A 105 4.04 2.25 4.97
N ASP A 106 5.02 2.84 5.64
CA ASP A 106 6.02 2.07 6.36
C ASP A 106 5.38 1.24 7.47
N ALA A 107 4.44 1.85 8.18
CA ALA A 107 3.75 1.17 9.27
C ALA A 107 2.96 -0.03 8.74
N MET A 108 2.29 0.17 7.61
CA MET A 108 1.51 -0.90 6.99
C MET A 108 2.41 -2.06 6.59
N MET A 109 3.58 -1.73 6.05
CA MET A 109 4.52 -2.76 5.62
C MET A 109 4.91 -3.65 6.79
N GLN A 110 5.13 -3.03 7.95
CA GLN A 110 5.49 -3.77 9.14
C GLN A 110 4.38 -4.75 9.52
N ALA A 111 3.14 -4.28 9.41
CA ALA A 111 1.98 -5.11 9.74
C ALA A 111 1.94 -6.33 8.84
N LEU A 112 2.22 -6.12 7.55
CA LEU A 112 2.20 -7.21 6.59
C LEU A 112 3.42 -8.11 6.75
N LEU A 113 4.58 -7.49 6.87
CA LEU A 113 5.83 -8.22 7.05
C LEU A 113 5.97 -8.73 8.47
N GLY A 114 5.25 -8.10 9.38
CA GLY A 114 5.29 -8.49 10.79
C GLY A 114 5.83 -9.91 10.97
N ALA A 115 5.32 -10.84 10.18
CA ALA A 115 5.76 -12.23 10.28
C ALA A 115 7.25 -12.35 10.00
N ARG A 116 7.72 -11.70 8.94
CA ARG A 116 9.13 -11.73 8.58
C ARG A 116 9.84 -10.49 9.11
N ALA A 117 9.12 -9.37 9.17
CA ALA A 117 9.69 -8.13 9.65
C ALA A 117 10.14 -8.28 11.10
N LYS A 118 9.34 -8.96 11.91
CA LYS A 118 9.68 -9.17 13.32
C LYS A 118 10.62 -8.07 13.81
N GLY A 119 11.74 -8.46 14.39
CA GLY A 119 12.72 -7.50 14.89
C GLY A 119 14.06 -7.68 14.19
N HIS A 120 15.03 -8.21 14.91
CA HIS A 120 16.36 -8.44 14.35
C HIS A 120 16.95 -7.13 13.83
N HIS A 121 17.16 -7.04 12.52
CA HIS A 121 17.72 -5.85 11.91
C HIS A 121 16.78 -4.66 12.07
N HIS A 122 17.33 -3.47 12.14
CA HIS A 122 16.54 -2.26 12.29
C HIS A 122 17.32 -1.03 11.82
N HIS A 123 16.61 0.05 11.54
CA HIS A 123 17.25 1.28 11.09
C HIS A 123 16.34 2.48 11.33
N HIS A 124 16.93 3.62 11.67
CA HIS A 124 16.15 4.83 11.91
C HIS A 124 17.03 6.07 11.74
N HIS A 125 16.39 7.22 11.61
CA HIS A 125 17.12 8.47 11.45
C HIS A 125 18.00 8.74 12.67
CA CA B . -6.08 0.48 -10.78
S1 WW7 C . -2.53 4.53 2.78
O1 WW7 C . -1.72 4.60 4.07
O2 WW7 C . -3.86 5.27 2.97
N1 WW7 C . -1.70 5.23 1.55
C4 WW7 C . -3.35 0.17 1.76
C3 WW7 C . -2.84 0.54 3.01
C2 WW7 C . -2.60 1.86 3.31
C1 WW7 C . -2.86 2.85 2.36
C9 WW7 C . -3.38 2.48 1.09
C10 WW7 C . -3.62 1.15 0.79
CL1 WW7 C . -4.49 -0.81 -1.02
C5 WW7 C . -4.15 0.82 -0.51
C6 WW7 C . -4.39 1.83 -1.43
C7 WW7 C . -4.14 3.14 -1.10
C8 WW7 C . -3.64 3.47 0.14
C11 WW7 C . -0.30 4.76 1.50
C12 WW7 C . 0.67 5.91 1.31
C14 WW7 C . 1.30 7.68 -0.32
C13 WW7 C . 0.77 6.26 -0.17
C15 WW7 C . 0.20 8.59 -0.89
C16 WW7 C . 0.39 10.02 -0.39
N2 WW7 C . 1.39 10.72 -1.22
HN1 WW7 C . -1.72 6.22 1.64
H4 WW7 C . -3.54 -0.89 1.54
H3 WW7 C . -2.63 -0.22 3.75
H2 WW7 C . -2.20 2.14 4.28
H6 WW7 C . -4.79 1.59 -2.42
H7 WW7 C . -4.34 3.92 -1.83
H8 WW7 C . -3.44 4.52 0.39
H111 WW7 C . -0.20 4.06 0.67
H112 WW7 C . -0.07 4.22 2.43
H121 WW7 C . 1.64 5.63 1.69
H122 WW7 C . 0.30 6.78 1.88
H141 WW7 C . 2.16 7.69 -0.99
H142 WW7 C . 1.61 8.06 0.66
H131 WW7 C . -0.21 6.18 -0.63
H132 WW7 C . 1.45 5.56 -0.66
H151 WW7 C . -0.78 8.21 -0.57
H152 WW7 C . 0.25 8.56 -1.98
H161 WW7 C . 0.73 10.01 0.65
H162 WW7 C . -0.56 10.55 -0.44
HN21 WW7 C . 1.76 11.50 -0.70
HN22 WW7 C . 0.96 11.05 -2.05
H24 WW7 C . 2.13 10.09 -1.45
N MET A 1 -1.12 7.53 -10.93
CA MET A 1 0.04 6.68 -11.30
C MET A 1 0.90 7.41 -12.33
N ASP A 2 1.75 8.30 -11.85
CA ASP A 2 2.62 9.06 -12.74
C ASP A 2 3.65 8.16 -13.41
N ASP A 3 4.25 8.64 -14.50
CA ASP A 3 5.23 7.87 -15.23
C ASP A 3 6.42 7.53 -14.32
N ILE A 4 6.81 8.49 -13.49
CA ILE A 4 7.93 8.29 -12.58
C ILE A 4 7.62 7.17 -11.59
N TYR A 5 6.38 7.15 -11.10
CA TYR A 5 5.97 6.12 -10.15
C TYR A 5 6.10 4.73 -10.77
N LYS A 6 5.67 4.61 -12.02
CA LYS A 6 5.78 3.34 -12.73
C LYS A 6 7.25 2.94 -12.88
N ALA A 7 8.07 3.90 -13.28
CA ALA A 7 9.49 3.65 -13.45
C ALA A 7 10.11 3.22 -12.12
N ALA A 8 9.64 3.82 -11.03
CA ALA A 8 10.15 3.50 -9.71
C ALA A 8 9.95 2.02 -9.41
N VAL A 9 8.78 1.50 -9.80
CA VAL A 9 8.48 0.09 -9.57
C VAL A 9 9.51 -0.79 -10.30
N GLU A 10 9.76 -0.46 -11.57
CA GLU A 10 10.72 -1.22 -12.35
C GLU A 10 12.15 -0.97 -11.85
N GLN A 11 12.36 0.20 -11.26
CA GLN A 11 13.67 0.56 -10.74
C GLN A 11 14.04 -0.30 -9.54
N LEU A 12 13.03 -0.63 -8.73
CA LEU A 12 13.26 -1.43 -7.54
C LEU A 12 14.13 -2.64 -7.87
N THR A 13 15.08 -2.93 -6.98
CA THR A 13 15.99 -4.05 -7.18
C THR A 13 15.23 -5.37 -7.03
N GLU A 14 15.95 -6.49 -7.20
CA GLU A 14 15.33 -7.80 -7.08
C GLU A 14 14.73 -7.99 -5.69
N GLU A 15 15.51 -7.66 -4.66
CA GLU A 15 15.02 -7.79 -3.29
C GLU A 15 13.84 -6.87 -3.03
N GLN A 16 13.92 -5.65 -3.55
CA GLN A 16 12.84 -4.68 -3.37
C GLN A 16 11.53 -5.21 -3.96
N LYS A 17 11.60 -5.71 -5.19
CA LYS A 17 10.41 -6.25 -5.85
C LYS A 17 9.87 -7.44 -5.06
N ASN A 18 10.77 -8.32 -4.62
CA ASN A 18 10.36 -9.50 -3.85
C ASN A 18 9.73 -9.07 -2.53
N GLU A 19 10.34 -8.11 -1.85
CA GLU A 19 9.82 -7.63 -0.58
C GLU A 19 8.42 -7.04 -0.75
N PHE A 20 8.25 -6.22 -1.78
CA PHE A 20 6.96 -5.60 -2.06
C PHE A 20 5.96 -6.65 -2.52
N LYS A 21 6.43 -7.63 -3.25
CA LYS A 21 5.58 -8.69 -3.77
C LYS A 21 4.87 -9.41 -2.61
N ALA A 22 5.61 -9.62 -1.52
CA ALA A 22 5.05 -10.31 -0.37
C ALA A 22 3.82 -9.57 0.15
N ALA A 23 3.92 -8.25 0.25
CA ALA A 23 2.79 -7.44 0.71
C ALA A 23 1.64 -7.51 -0.28
N PHE A 24 1.97 -7.44 -1.57
CA PHE A 24 0.96 -7.50 -2.62
C PHE A 24 0.19 -8.81 -2.54
N ASP A 25 0.92 -9.92 -2.42
CA ASP A 25 0.28 -11.22 -2.34
C ASP A 25 -0.66 -11.30 -1.16
N ILE A 26 -0.18 -10.88 0.01
CA ILE A 26 -1.01 -10.89 1.21
C ILE A 26 -2.18 -9.92 1.07
N PHE A 27 -1.90 -8.74 0.53
CA PHE A 27 -2.92 -7.73 0.34
C PHE A 27 -4.07 -8.29 -0.50
N VAL A 28 -3.73 -9.06 -1.53
CA VAL A 28 -4.73 -9.63 -2.41
C VAL A 28 -4.99 -11.09 -2.03
N LEU A 29 -4.83 -11.42 -0.75
CA LEU A 29 -5.05 -12.78 -0.29
C LEU A 29 -6.45 -13.26 -0.66
N GLY A 30 -6.51 -14.31 -1.47
CA GLY A 30 -7.79 -14.86 -1.89
C GLY A 30 -8.33 -14.14 -3.12
N ALA A 31 -7.62 -13.09 -3.55
CA ALA A 31 -8.04 -12.33 -4.71
C ALA A 31 -7.83 -13.14 -5.99
N GLU A 32 -8.90 -13.33 -6.74
CA GLU A 32 -8.83 -14.06 -8.00
C GLU A 32 -8.03 -13.28 -9.03
N ASP A 33 -8.31 -11.98 -9.12
CA ASP A 33 -7.61 -11.13 -10.07
C ASP A 33 -6.20 -10.83 -9.57
N GLY A 34 -5.98 -11.00 -8.27
CA GLY A 34 -4.67 -10.76 -7.68
C GLY A 34 -4.50 -9.28 -7.33
N SER A 35 -5.56 -8.51 -7.52
CA SER A 35 -5.53 -7.08 -7.22
C SER A 35 -6.03 -6.83 -5.80
N ILE A 36 -5.89 -5.59 -5.34
CA ILE A 36 -6.34 -5.24 -4.00
C ILE A 36 -7.55 -4.32 -4.06
N SER A 37 -8.66 -4.79 -3.49
CA SER A 37 -9.90 -4.01 -3.47
C SER A 37 -10.16 -3.47 -2.08
N THR A 38 -11.27 -2.75 -1.93
CA THR A 38 -11.65 -2.20 -0.63
C THR A 38 -11.78 -3.31 0.41
N LYS A 39 -12.32 -4.45 -0.01
CA LYS A 39 -12.49 -5.58 0.89
C LYS A 39 -11.14 -6.03 1.43
N GLU A 40 -10.18 -6.21 0.53
CA GLU A 40 -8.82 -6.60 0.93
C GLU A 40 -8.14 -5.47 1.68
N LEU A 41 -8.38 -4.25 1.21
CA LEU A 41 -7.79 -3.07 1.84
C LEU A 41 -8.28 -2.93 3.27
N GLY A 42 -9.58 -3.11 3.46
CA GLY A 42 -10.18 -3.00 4.79
C GLY A 42 -9.55 -4.01 5.74
N LYS A 43 -9.31 -5.22 5.25
CA LYS A 43 -8.70 -6.26 6.06
C LYS A 43 -7.32 -5.81 6.56
N VAL A 44 -6.52 -5.28 5.65
CA VAL A 44 -5.18 -4.83 5.99
C VAL A 44 -5.26 -3.65 6.95
N MET A 45 -6.14 -2.70 6.66
CA MET A 45 -6.29 -1.51 7.48
C MET A 45 -6.70 -1.90 8.90
N ARG A 46 -7.57 -2.90 9.01
CA ARG A 46 -8.02 -3.37 10.31
C ARG A 46 -6.83 -3.89 11.12
N MET A 47 -5.93 -4.58 10.45
CA MET A 47 -4.74 -5.11 11.12
C MET A 47 -3.87 -3.97 11.64
N LEU A 48 -3.82 -2.89 10.89
CA LEU A 48 -3.00 -1.73 11.26
C LEU A 48 -3.66 -0.97 12.41
N GLY A 49 -4.85 -1.40 12.79
CA GLY A 49 -5.57 -0.75 13.88
C GLY A 49 -6.55 0.28 13.34
N GLN A 50 -6.72 0.30 12.03
CA GLN A 50 -7.64 1.25 11.40
C GLN A 50 -8.95 0.56 11.04
N ASN A 51 -10.04 1.32 11.04
CA ASN A 51 -11.35 0.76 10.70
C ASN A 51 -12.03 1.62 9.65
N PRO A 52 -11.38 1.81 8.53
CA PRO A 52 -11.93 2.61 7.40
C PRO A 52 -13.10 1.91 6.72
N THR A 53 -14.05 2.69 6.23
CA THR A 53 -15.22 2.15 5.55
C THR A 53 -14.89 1.85 4.09
N PRO A 54 -15.70 1.04 3.46
CA PRO A 54 -15.50 0.66 2.02
C PRO A 54 -15.35 1.89 1.12
N GLU A 55 -16.17 2.90 1.39
CA GLU A 55 -16.12 4.14 0.59
C GLU A 55 -14.74 4.78 0.70
N GLU A 56 -14.22 4.84 1.92
CA GLU A 56 -12.90 5.41 2.15
C GLU A 56 -11.84 4.56 1.45
N LEU A 57 -12.03 3.24 1.48
CA LEU A 57 -11.08 2.32 0.86
C LEU A 57 -10.99 2.58 -0.64
N GLN A 58 -12.13 2.81 -1.27
CA GLN A 58 -12.16 3.09 -2.70
C GLN A 58 -11.35 4.34 -3.01
N GLU A 59 -11.54 5.39 -2.21
CA GLU A 59 -10.80 6.64 -2.43
C GLU A 59 -9.30 6.41 -2.27
N MET A 60 -8.92 5.63 -1.26
CA MET A 60 -7.51 5.32 -1.02
C MET A 60 -6.95 4.55 -2.20
N ILE A 61 -7.74 3.61 -2.72
CA ILE A 61 -7.34 2.83 -3.88
C ILE A 61 -7.23 3.71 -5.12
N ASP A 62 -8.11 4.70 -5.21
CA ASP A 62 -8.11 5.61 -6.34
C ASP A 62 -6.81 6.39 -6.40
N GLU A 63 -6.26 6.71 -5.22
CA GLU A 63 -5.02 7.48 -5.16
C GLU A 63 -3.88 6.75 -5.87
N VAL A 64 -3.78 5.44 -5.63
CA VAL A 64 -2.74 4.64 -6.25
C VAL A 64 -3.20 4.13 -7.62
N ASP A 65 -4.51 4.23 -7.88
CA ASP A 65 -5.06 3.78 -9.14
C ASP A 65 -5.52 4.97 -9.98
N GLU A 66 -4.80 5.23 -11.07
CA GLU A 66 -5.14 6.34 -11.96
C GLU A 66 -6.07 5.87 -13.07
N ASP A 67 -5.99 4.59 -13.41
CA ASP A 67 -6.82 4.04 -14.48
C ASP A 67 -8.25 3.85 -14.00
N GLY A 68 -8.50 4.20 -12.74
CA GLY A 68 -9.84 4.07 -12.18
C GLY A 68 -10.24 2.60 -12.04
N SER A 69 -9.25 1.72 -12.01
CA SER A 69 -9.50 0.30 -11.91
C SER A 69 -10.27 -0.01 -10.62
N GLY A 70 -9.91 0.67 -9.55
CA GLY A 70 -10.57 0.46 -8.26
C GLY A 70 -9.83 -0.59 -7.44
N THR A 71 -8.82 -1.20 -8.05
CA THR A 71 -8.03 -2.22 -7.36
C THR A 71 -6.54 -1.92 -7.49
N VAL A 72 -5.76 -2.40 -6.53
CA VAL A 72 -4.31 -2.19 -6.56
C VAL A 72 -3.60 -3.47 -7.00
N ASP A 73 -3.11 -3.47 -8.23
CA ASP A 73 -2.41 -4.63 -8.77
C ASP A 73 -0.97 -4.66 -8.28
N PHE A 74 -0.18 -5.58 -8.83
CA PHE A 74 1.22 -5.69 -8.43
C PHE A 74 1.96 -4.38 -8.67
N ASP A 75 1.81 -3.83 -9.87
CA ASP A 75 2.46 -2.58 -10.21
C ASP A 75 1.85 -1.41 -9.43
N GLU A 76 0.56 -1.53 -9.14
CA GLU A 76 -0.14 -0.48 -8.41
C GLU A 76 0.26 -0.45 -6.93
N PHE A 77 0.29 -1.63 -6.30
CA PHE A 77 0.64 -1.72 -4.90
C PHE A 77 2.08 -1.27 -4.69
N LEU A 78 2.92 -1.52 -5.69
CA LEU A 78 4.32 -1.13 -5.62
C LEU A 78 4.43 0.40 -5.64
N VAL A 79 3.59 1.04 -6.45
CA VAL A 79 3.58 2.49 -6.56
C VAL A 79 3.26 3.11 -5.20
N MET A 80 2.30 2.52 -4.48
CA MET A 80 1.92 3.04 -3.18
C MET A 80 3.15 3.22 -2.30
N MET A 81 4.00 2.19 -2.24
CA MET A 81 5.21 2.27 -1.44
C MET A 81 6.15 3.35 -1.99
N VAL A 82 6.26 3.40 -3.30
CA VAL A 82 7.11 4.40 -3.95
C VAL A 82 6.58 5.81 -3.68
N ARG A 83 5.27 5.97 -3.80
CA ARG A 83 4.64 7.27 -3.59
C ARG A 83 4.89 7.76 -2.16
N SER A 84 4.68 6.86 -1.20
CA SER A 84 4.91 7.19 0.21
C SER A 84 6.39 7.48 0.45
N MET A 85 7.26 6.71 -0.21
CA MET A 85 8.69 6.88 -0.04
C MET A 85 9.11 8.30 -0.39
N LYS A 86 8.57 8.82 -1.48
CA LYS A 86 8.89 10.19 -1.90
C LYS A 86 9.06 11.09 -0.69
N ASP A 87 10.01 12.02 -0.80
CA ASP A 87 10.29 12.95 0.30
C ASP A 87 9.27 14.09 0.31
N ASP A 88 9.45 15.02 1.24
CA ASP A 88 8.54 16.15 1.34
C ASP A 88 8.98 17.28 0.41
N SER A 89 8.93 17.01 -0.89
CA SER A 89 9.32 18.01 -1.89
C SER A 89 8.16 18.94 -2.19
N LYS A 90 6.95 18.53 -1.81
CA LYS A 90 5.75 19.32 -2.05
C LYS A 90 5.06 19.65 -0.73
N GLY A 91 4.33 20.76 -0.71
CA GLY A 91 3.61 21.17 0.49
C GLY A 91 2.10 21.00 0.32
N LYS A 92 1.41 20.68 1.40
CA LYS A 92 -0.03 20.49 1.35
C LYS A 92 -0.75 21.83 1.51
N PHE A 93 -1.62 22.13 0.55
CA PHE A 93 -2.37 23.39 0.60
C PHE A 93 -3.86 23.13 0.77
N LYS A 94 -4.21 21.86 0.95
CA LYS A 94 -5.61 21.48 1.14
C LYS A 94 -5.76 20.53 2.32
N ARG A 95 -6.91 20.59 2.98
CA ARG A 95 -7.17 19.74 4.13
C ARG A 95 -8.35 18.80 3.85
N PRO A 96 -8.48 17.78 4.64
CA PRO A 96 -9.58 16.78 4.48
C PRO A 96 -10.96 17.41 4.60
N THR A 97 -11.89 16.93 3.78
CA THR A 97 -13.26 17.46 3.80
C THR A 97 -14.09 16.76 4.86
N LEU A 98 -13.57 15.63 5.36
CA LEU A 98 -14.27 14.87 6.38
C LEU A 98 -13.31 13.95 7.12
N ARG A 99 -12.76 12.97 6.40
CA ARG A 99 -11.83 12.03 7.00
C ARG A 99 -10.74 11.66 6.01
N ARG A 100 -9.48 11.72 6.46
CA ARG A 100 -8.35 11.40 5.59
C ARG A 100 -7.40 10.43 6.30
N VAL A 101 -6.96 10.81 7.49
CA VAL A 101 -6.03 9.98 8.25
C VAL A 101 -4.75 9.74 7.46
N ARG A 102 -3.67 9.44 8.18
CA ARG A 102 -2.38 9.18 7.55
C ARG A 102 -1.72 7.95 8.13
N ILE A 103 -1.77 6.84 7.40
CA ILE A 103 -1.16 5.60 7.86
C ILE A 103 0.28 5.50 7.36
N SER A 104 1.19 5.07 8.25
CA SER A 104 2.58 4.94 7.88
C SER A 104 2.80 3.70 7.03
N ALA A 105 3.49 3.87 5.91
CA ALA A 105 3.76 2.76 5.01
C ALA A 105 4.57 1.68 5.72
N ASP A 106 5.54 2.11 6.53
CA ASP A 106 6.37 1.18 7.28
C ASP A 106 5.52 0.38 8.25
N ALA A 107 4.61 1.06 8.95
CA ALA A 107 3.74 0.39 9.91
C ALA A 107 2.87 -0.66 9.23
N MET A 108 2.30 -0.28 8.09
CA MET A 108 1.46 -1.20 7.33
C MET A 108 2.29 -2.36 6.79
N MET A 109 3.52 -2.05 6.37
CA MET A 109 4.40 -3.08 5.81
C MET A 109 4.64 -4.18 6.83
N GLN A 110 4.86 -3.79 8.08
CA GLN A 110 5.07 -4.76 9.15
C GLN A 110 3.80 -5.59 9.38
N ALA A 111 2.66 -4.93 9.28
CA ALA A 111 1.38 -5.62 9.49
C ALA A 111 1.21 -6.73 8.46
N LEU A 112 1.61 -6.47 7.23
CA LEU A 112 1.49 -7.45 6.17
C LEU A 112 2.69 -8.40 6.17
N LEU A 113 3.89 -7.83 6.24
CA LEU A 113 5.11 -8.63 6.23
C LEU A 113 5.24 -9.43 7.53
N GLY A 114 4.84 -8.80 8.63
CA GLY A 114 4.94 -9.44 9.93
C GLY A 114 6.23 -9.05 10.65
N ALA A 115 6.42 -9.61 11.84
CA ALA A 115 7.62 -9.31 12.63
C ALA A 115 7.87 -10.41 13.66
N ARG A 116 8.87 -10.20 14.50
CA ARG A 116 9.22 -11.17 15.53
C ARG A 116 8.04 -11.39 16.47
N ALA A 117 7.82 -12.64 16.86
CA ALA A 117 6.72 -12.97 17.76
C ALA A 117 7.11 -12.71 19.20
N LYS A 118 6.13 -12.35 20.03
CA LYS A 118 6.39 -12.09 21.44
C LYS A 118 7.60 -11.19 21.61
N GLY A 119 7.39 -9.88 21.49
CA GLY A 119 8.48 -8.92 21.63
C GLY A 119 7.95 -7.50 21.65
N HIS A 120 8.83 -6.55 21.95
CA HIS A 120 8.43 -5.15 22.00
C HIS A 120 7.18 -4.97 22.85
N HIS A 121 7.16 -5.63 24.01
CA HIS A 121 6.02 -5.53 24.91
C HIS A 121 6.04 -4.21 25.67
N HIS A 122 4.87 -3.62 25.84
CA HIS A 122 4.76 -2.34 26.55
C HIS A 122 3.37 -2.17 27.14
N HIS A 123 2.42 -1.82 26.28
CA HIS A 123 1.04 -1.62 26.72
C HIS A 123 0.06 -2.02 25.62
N HIS A 124 0.32 -1.58 24.40
CA HIS A 124 -0.54 -1.90 23.27
C HIS A 124 -0.37 -3.35 22.87
N HIS A 125 0.70 -3.98 23.37
CA HIS A 125 0.97 -5.37 23.05
C HIS A 125 0.97 -6.23 24.31
CA CA B . -6.02 -0.38 -11.22
S1 WW7 C . -2.65 5.13 3.00
O1 WW7 C . -2.88 5.32 4.49
O2 WW7 C . -3.77 5.90 2.28
N1 WW7 C . -1.19 5.75 2.58
C4 WW7 C . -2.73 0.69 2.04
C3 WW7 C . -2.25 1.13 3.26
C2 WW7 C . -2.23 2.49 3.54
C1 WW7 C . -2.68 3.41 2.60
C9 WW7 C . -3.17 2.95 1.37
C10 WW7 C . -3.19 1.59 1.09
CL1 WW7 C . -3.75 -0.54 -0.61
C5 WW7 C . -3.69 1.15 -0.17
C6 WW7 C . -4.13 2.09 -1.09
C7 WW7 C . -4.11 3.44 -0.80
C8 WW7 C . -3.63 3.85 0.41
C11 WW7 C . -1.08 5.90 1.12
C12 WW7 C . 0.36 5.70 0.65
C14 WW7 C . 1.56 7.81 0.03
C13 WW7 C . 0.66 6.68 -0.49
C15 WW7 C . 0.74 9.09 0.18
C16 WW7 C . 1.48 10.26 -0.46
N2 WW7 C . 1.91 11.23 0.55
HN1 WW7 C . -0.46 5.15 2.93
H4 WW7 C . -2.74 -0.37 1.82
H3 WW7 C . -1.89 0.40 3.99
H2 WW7 C . -1.84 2.82 4.51
H6 WW7 C . -4.51 1.76 -2.05
H7 WW7 C . -4.46 4.16 -1.53
H8 WW7 C . -3.61 4.91 0.63
H111 WW7 C . -1.43 6.88 0.83
H112 WW7 C . -1.72 5.14 0.65
H121 WW7 C . 0.50 4.68 0.31
H122 WW7 C . 1.03 5.90 1.50
H141 WW7 C . 2.37 7.97 -0.67
H142 WW7 C . 1.97 7.51 1.00
H131 WW7 C . -0.27 7.09 -0.87
H132 WW7 C . 1.16 6.14 -1.29
H151 WW7 C . 0.57 9.29 1.24
H152 WW7 C . -0.24 8.95 -0.30
H161 WW7 C . 0.82 10.75 -1.18
H162 WW7 C . 2.35 9.87 -0.99
HN21 WW7 C . 1.17 11.86 0.75
HN22 WW7 C . 2.70 11.74 0.21
H24 WW7 C . 2.19 10.73 1.38
N MET A 1 -1.03 6.68 -11.68
CA MET A 1 0.14 5.91 -12.20
C MET A 1 0.98 6.84 -13.09
N ASP A 2 2.04 7.39 -12.50
CA ASP A 2 2.92 8.29 -13.24
C ASP A 2 4.12 7.53 -13.79
N ASP A 3 4.75 8.10 -14.81
CA ASP A 3 5.91 7.46 -15.42
C ASP A 3 7.02 7.30 -14.38
N ILE A 4 7.16 8.30 -13.52
CA ILE A 4 8.18 8.26 -12.48
C ILE A 4 7.97 7.06 -11.57
N TYR A 5 6.72 6.79 -11.22
CA TYR A 5 6.41 5.66 -10.36
C TYR A 5 6.77 4.35 -11.05
N LYS A 6 6.51 4.28 -12.35
CA LYS A 6 6.82 3.07 -13.12
C LYS A 6 8.32 2.83 -13.08
N ALA A 7 9.08 3.90 -13.26
CA ALA A 7 10.53 3.82 -13.22
C ALA A 7 11.00 3.34 -11.85
N ALA A 8 10.32 3.82 -10.81
CA ALA A 8 10.69 3.43 -9.46
C ALA A 8 10.59 1.93 -9.28
N VAL A 9 9.55 1.34 -9.85
CA VAL A 9 9.38 -0.10 -9.74
C VAL A 9 10.57 -0.82 -10.37
N GLU A 10 10.96 -0.37 -11.55
CA GLU A 10 12.10 -0.97 -12.26
C GLU A 10 13.40 -0.70 -11.52
N GLN A 11 13.50 0.46 -10.89
CA GLN A 11 14.70 0.84 -10.16
C GLN A 11 14.91 -0.05 -8.95
N LEU A 12 13.81 -0.55 -8.38
CA LEU A 12 13.91 -1.41 -7.21
C LEU A 12 14.79 -2.62 -7.49
N THR A 13 15.52 -3.07 -6.47
CA THR A 13 16.40 -4.22 -6.62
C THR A 13 15.60 -5.51 -6.49
N GLU A 14 16.29 -6.64 -6.58
CA GLU A 14 15.63 -7.94 -6.49
C GLU A 14 14.89 -8.06 -5.15
N GLU A 15 15.57 -7.71 -4.07
CA GLU A 15 14.97 -7.78 -2.74
C GLU A 15 13.85 -6.75 -2.60
N GLN A 16 14.06 -5.55 -3.13
CA GLN A 16 13.07 -4.49 -3.04
C GLN A 16 11.79 -4.88 -3.78
N LYS A 17 11.96 -5.44 -4.97
CA LYS A 17 10.81 -5.88 -5.75
C LYS A 17 10.10 -7.03 -5.05
N ASN A 18 10.89 -7.96 -4.51
CA ASN A 18 10.32 -9.11 -3.81
C ASN A 18 9.54 -8.64 -2.58
N GLU A 19 10.08 -7.67 -1.87
CA GLU A 19 9.42 -7.15 -0.67
C GLU A 19 8.04 -6.62 -1.01
N PHE A 20 7.97 -5.80 -2.05
CA PHE A 20 6.69 -5.25 -2.47
C PHE A 20 5.78 -6.34 -3.00
N LYS A 21 6.36 -7.25 -3.77
CA LYS A 21 5.57 -8.32 -4.34
C LYS A 21 4.95 -9.18 -3.25
N ALA A 22 5.72 -9.44 -2.20
CA ALA A 22 5.22 -10.25 -1.09
C ALA A 22 4.02 -9.58 -0.45
N ALA A 23 4.11 -8.26 -0.26
CA ALA A 23 3.01 -7.51 0.33
C ALA A 23 1.76 -7.62 -0.54
N PHE A 24 1.96 -7.53 -1.85
CA PHE A 24 0.84 -7.62 -2.79
C PHE A 24 0.09 -8.93 -2.62
N ASP A 25 0.82 -10.03 -2.55
CA ASP A 25 0.19 -11.33 -2.38
C ASP A 25 -0.65 -11.37 -1.13
N ILE A 26 -0.08 -10.92 -0.01
CA ILE A 26 -0.80 -10.89 1.25
C ILE A 26 -1.95 -9.88 1.19
N PHE A 27 -1.67 -8.74 0.59
CA PHE A 27 -2.67 -7.68 0.47
C PHE A 27 -3.89 -8.20 -0.29
N VAL A 28 -3.64 -9.06 -1.28
CA VAL A 28 -4.73 -9.61 -2.07
C VAL A 28 -5.08 -11.02 -1.60
N LEU A 29 -4.82 -11.30 -0.32
CA LEU A 29 -5.10 -12.62 0.23
C LEU A 29 -6.59 -12.95 0.06
N GLY A 30 -6.86 -14.01 -0.70
CA GLY A 30 -8.24 -14.43 -0.93
C GLY A 30 -8.87 -13.63 -2.07
N ALA A 31 -8.11 -12.72 -2.65
CA ALA A 31 -8.62 -11.91 -3.76
C ALA A 31 -8.78 -12.76 -5.00
N GLU A 32 -9.98 -12.74 -5.59
CA GLU A 32 -10.25 -13.52 -6.80
C GLU A 32 -9.51 -12.94 -7.98
N ASP A 33 -9.42 -11.61 -8.04
CA ASP A 33 -8.74 -10.94 -9.14
C ASP A 33 -7.25 -10.85 -8.85
N GLY A 34 -6.89 -11.06 -7.59
CA GLY A 34 -5.49 -10.98 -7.17
C GLY A 34 -5.06 -9.54 -6.92
N SER A 35 -6.01 -8.62 -7.07
CA SER A 35 -5.71 -7.21 -6.83
C SER A 35 -6.32 -6.76 -5.52
N ILE A 36 -5.72 -5.74 -4.91
CA ILE A 36 -6.20 -5.22 -3.64
C ILE A 36 -7.47 -4.40 -3.84
N SER A 37 -8.50 -4.71 -3.06
CA SER A 37 -9.76 -3.98 -3.15
C SER A 37 -10.19 -3.49 -1.79
N THR A 38 -11.43 -3.02 -1.69
CA THR A 38 -11.93 -2.54 -0.41
C THR A 38 -12.00 -3.68 0.60
N LYS A 39 -12.40 -4.87 0.14
CA LYS A 39 -12.50 -6.00 1.04
C LYS A 39 -11.12 -6.36 1.60
N GLU A 40 -10.15 -6.48 0.71
CA GLU A 40 -8.78 -6.78 1.11
C GLU A 40 -8.14 -5.56 1.77
N LEU A 41 -8.53 -4.38 1.29
CA LEU A 41 -8.02 -3.12 1.81
C LEU A 41 -8.40 -2.97 3.28
N GLY A 42 -9.66 -3.24 3.58
CA GLY A 42 -10.15 -3.14 4.94
C GLY A 42 -9.41 -4.12 5.85
N LYS A 43 -9.15 -5.32 5.34
CA LYS A 43 -8.44 -6.33 6.12
C LYS A 43 -7.07 -5.82 6.55
N VAL A 44 -6.33 -5.26 5.61
CA VAL A 44 -5.00 -4.74 5.90
C VAL A 44 -5.09 -3.56 6.87
N MET A 45 -6.05 -2.68 6.62
CA MET A 45 -6.23 -1.50 7.48
C MET A 45 -6.56 -1.92 8.90
N ARG A 46 -7.38 -2.96 9.04
CA ARG A 46 -7.74 -3.45 10.37
C ARG A 46 -6.51 -3.92 11.12
N MET A 47 -5.60 -4.56 10.39
CA MET A 47 -4.37 -5.05 11.01
C MET A 47 -3.56 -3.89 11.57
N LEU A 48 -3.54 -2.78 10.83
CA LEU A 48 -2.77 -1.61 11.24
C LEU A 48 -3.51 -0.85 12.35
N GLY A 49 -4.71 -1.32 12.68
CA GLY A 49 -5.52 -0.68 13.71
C GLY A 49 -6.53 0.27 13.10
N GLN A 50 -6.59 0.31 11.77
CA GLN A 50 -7.52 1.19 11.09
C GLN A 50 -8.79 0.43 10.71
N ASN A 51 -9.92 1.12 10.76
CA ASN A 51 -11.18 0.49 10.41
C ASN A 51 -11.98 1.37 9.45
N PRO A 52 -11.43 1.65 8.31
CA PRO A 52 -12.11 2.50 7.28
C PRO A 52 -13.32 1.81 6.66
N THR A 53 -14.29 2.63 6.22
CA THR A 53 -15.50 2.09 5.60
C THR A 53 -15.28 1.80 4.12
N PRO A 54 -16.18 1.08 3.52
CA PRO A 54 -16.06 0.72 2.07
C PRO A 54 -15.84 1.94 1.19
N GLU A 55 -16.54 3.02 1.49
CA GLU A 55 -16.39 4.25 0.72
C GLU A 55 -14.97 4.79 0.85
N GLU A 56 -14.48 4.84 2.09
CA GLU A 56 -13.12 5.30 2.33
C GLU A 56 -12.11 4.31 1.75
N LEU A 57 -12.43 3.03 1.86
CA LEU A 57 -11.55 1.98 1.37
C LEU A 57 -11.33 2.12 -0.14
N GLN A 58 -12.40 2.42 -0.86
CA GLN A 58 -12.29 2.56 -2.31
C GLN A 58 -11.51 3.83 -2.64
N GLU A 59 -11.68 4.86 -1.82
CA GLU A 59 -10.97 6.11 -2.04
C GLU A 59 -9.47 5.89 -1.94
N MET A 60 -9.05 5.12 -0.95
CA MET A 60 -7.62 4.84 -0.78
C MET A 60 -7.08 4.13 -2.02
N ILE A 61 -7.80 3.13 -2.49
CA ILE A 61 -7.40 2.41 -3.69
C ILE A 61 -7.39 3.35 -4.89
N ASP A 62 -8.34 4.27 -4.91
CA ASP A 62 -8.44 5.22 -6.01
C ASP A 62 -7.20 6.11 -6.08
N GLU A 63 -6.57 6.32 -4.94
CA GLU A 63 -5.38 7.18 -4.88
C GLU A 63 -4.27 6.62 -5.76
N VAL A 64 -4.07 5.31 -5.73
CA VAL A 64 -3.04 4.69 -6.52
C VAL A 64 -3.64 4.11 -7.80
N ASP A 65 -4.96 4.04 -7.84
CA ASP A 65 -5.65 3.50 -9.00
C ASP A 65 -5.89 4.59 -10.05
N GLU A 66 -5.02 4.63 -11.05
CA GLU A 66 -5.13 5.62 -12.11
C GLU A 66 -6.14 5.19 -13.17
N ASP A 67 -6.20 3.89 -13.44
CA ASP A 67 -7.11 3.38 -14.46
C ASP A 67 -8.53 3.33 -13.91
N GLY A 68 -8.70 3.69 -12.65
CA GLY A 68 -10.02 3.71 -12.04
C GLY A 68 -10.56 2.28 -11.91
N SER A 69 -9.66 1.31 -11.90
CA SER A 69 -10.06 -0.09 -11.79
C SER A 69 -10.79 -0.34 -10.48
N GLY A 70 -10.59 0.56 -9.52
CA GLY A 70 -11.23 0.45 -8.22
C GLY A 70 -10.44 -0.48 -7.30
N THR A 71 -9.36 -1.03 -7.84
CA THR A 71 -8.51 -1.92 -7.06
C THR A 71 -7.03 -1.67 -7.38
N VAL A 72 -6.15 -2.14 -6.49
CA VAL A 72 -4.72 -1.97 -6.69
C VAL A 72 -4.09 -3.31 -7.09
N ASP A 73 -3.50 -3.33 -8.27
CA ASP A 73 -2.86 -4.55 -8.78
C ASP A 73 -1.39 -4.59 -8.35
N PHE A 74 -0.64 -5.52 -8.93
CA PHE A 74 0.79 -5.65 -8.61
C PHE A 74 1.53 -4.35 -8.93
N ASP A 75 1.33 -3.83 -10.12
CA ASP A 75 1.99 -2.60 -10.52
C ASP A 75 1.44 -1.42 -9.72
N GLU A 76 0.14 -1.47 -9.44
CA GLU A 76 -0.53 -0.40 -8.70
C GLU A 76 -0.09 -0.36 -7.24
N PHE A 77 0.00 -1.51 -6.58
CA PHE A 77 0.39 -1.53 -5.19
C PHE A 77 1.85 -1.06 -5.07
N LEU A 78 2.67 -1.41 -6.06
CA LEU A 78 4.07 -0.99 -6.06
C LEU A 78 4.19 0.52 -6.11
N VAL A 79 3.36 1.14 -6.93
CA VAL A 79 3.38 2.58 -7.07
C VAL A 79 3.03 3.23 -5.74
N MET A 80 2.04 2.66 -5.04
CA MET A 80 1.63 3.21 -3.75
C MET A 80 2.83 3.23 -2.81
N MET A 81 3.57 2.11 -2.77
CA MET A 81 4.76 2.04 -1.92
C MET A 81 5.79 3.07 -2.36
N VAL A 82 5.99 3.16 -3.66
CA VAL A 82 6.95 4.11 -4.23
C VAL A 82 6.52 5.54 -3.94
N ARG A 83 5.21 5.79 -4.06
CA ARG A 83 4.67 7.12 -3.81
C ARG A 83 5.02 7.57 -2.39
N SER A 84 4.90 6.65 -1.44
CA SER A 84 5.20 6.96 -0.05
C SER A 84 6.70 7.26 0.11
N MET A 85 7.52 6.55 -0.65
CA MET A 85 8.98 6.72 -0.58
C MET A 85 9.35 8.16 -0.91
N LYS A 86 8.74 8.69 -1.96
CA LYS A 86 9.01 10.06 -2.38
C LYS A 86 7.77 10.72 -2.97
N ASP A 87 7.69 12.04 -2.86
CA ASP A 87 6.54 12.78 -3.38
C ASP A 87 6.97 13.71 -4.51
N ASP A 88 6.01 14.17 -5.30
CA ASP A 88 6.31 15.08 -6.40
C ASP A 88 5.56 16.40 -6.24
N SER A 89 5.68 17.27 -7.24
CA SER A 89 5.01 18.57 -7.19
C SER A 89 3.50 18.39 -7.13
N LYS A 90 3.01 17.33 -7.76
CA LYS A 90 1.57 17.04 -7.77
C LYS A 90 1.29 15.67 -7.19
N GLY A 91 1.66 15.47 -5.93
CA GLY A 91 1.44 14.18 -5.27
C GLY A 91 0.76 14.36 -3.92
N LYS A 92 -0.27 15.20 -3.88
CA LYS A 92 -0.99 15.46 -2.64
C LYS A 92 -2.49 15.51 -2.89
N PHE A 93 -3.24 14.66 -2.17
CA PHE A 93 -4.69 14.63 -2.32
C PHE A 93 -5.33 15.87 -1.71
N LYS A 94 -4.64 16.48 -0.76
CA LYS A 94 -5.17 17.68 -0.11
C LYS A 94 -6.14 18.40 -1.01
N ARG A 95 -7.43 18.24 -0.73
CA ARG A 95 -8.47 18.89 -1.52
C ARG A 95 -9.80 18.95 -0.76
N PRO A 96 -10.40 17.83 -0.58
CA PRO A 96 -11.70 17.69 0.15
C PRO A 96 -11.71 18.52 1.44
N THR A 97 -11.13 17.98 2.50
CA THR A 97 -11.08 18.68 3.78
C THR A 97 -10.44 17.81 4.84
N LEU A 98 -9.77 18.42 5.80
CA LEU A 98 -9.13 17.67 6.87
C LEU A 98 -8.36 16.47 6.32
N ARG A 99 -7.93 15.60 7.21
CA ARG A 99 -7.17 14.41 6.80
C ARG A 99 -7.32 13.30 7.83
N ARG A 100 -8.37 13.39 8.64
CA ARG A 100 -8.61 12.40 9.68
C ARG A 100 -7.30 11.82 10.20
N VAL A 101 -7.01 10.57 9.82
CA VAL A 101 -5.78 9.92 10.24
C VAL A 101 -4.87 9.66 9.05
N ARG A 102 -3.61 10.09 9.18
CA ARG A 102 -2.64 9.90 8.12
C ARG A 102 -1.86 8.60 8.32
N ILE A 103 -2.38 7.51 7.75
CA ILE A 103 -1.74 6.21 7.86
C ILE A 103 -0.39 6.23 7.16
N SER A 104 0.58 5.51 7.71
CA SER A 104 1.91 5.47 7.10
C SER A 104 2.01 4.26 6.17
N ALA A 105 2.43 4.51 4.94
CA ALA A 105 2.57 3.44 3.97
C ALA A 105 3.60 2.43 4.43
N ASP A 106 4.72 2.94 4.95
CA ASP A 106 5.78 2.07 5.44
C ASP A 106 5.29 1.24 6.62
N ALA A 107 4.49 1.86 7.48
CA ALA A 107 3.97 1.15 8.64
C ALA A 107 3.07 0.00 8.19
N MET A 108 2.19 0.28 7.23
CA MET A 108 1.29 -0.75 6.71
C MET A 108 2.04 -1.86 6.00
N MET A 109 2.96 -1.50 5.12
CA MET A 109 3.71 -2.49 4.37
C MET A 109 4.44 -3.42 5.33
N GLN A 110 4.95 -2.87 6.42
CA GLN A 110 5.65 -3.67 7.41
C GLN A 110 4.68 -4.66 8.05
N ALA A 111 3.46 -4.20 8.31
CA ALA A 111 2.43 -5.05 8.90
C ALA A 111 2.11 -6.22 7.98
N LEU A 112 2.11 -5.95 6.68
CA LEU A 112 1.80 -6.99 5.72
C LEU A 112 2.87 -8.07 5.72
N LEU A 113 4.13 -7.63 5.82
CA LEU A 113 5.25 -8.57 5.82
C LEU A 113 5.36 -9.30 7.15
N GLY A 114 5.22 -8.56 8.24
CA GLY A 114 5.31 -9.14 9.57
C GLY A 114 4.05 -8.87 10.38
N ALA A 115 4.02 -9.34 11.62
CA ALA A 115 2.86 -9.12 12.47
C ALA A 115 3.27 -8.45 13.78
N ARG A 116 4.40 -7.74 13.75
CA ARG A 116 4.90 -7.07 14.94
C ARG A 116 5.79 -5.89 14.56
N ALA A 117 5.18 -4.81 14.12
CA ALA A 117 5.92 -3.62 13.74
C ALA A 117 6.15 -2.72 14.96
N LYS A 118 6.96 -3.20 15.89
CA LYS A 118 7.24 -2.43 17.10
C LYS A 118 8.73 -2.45 17.41
N GLY A 119 9.22 -1.39 18.03
CA GLY A 119 10.64 -1.31 18.37
C GLY A 119 11.48 -1.16 17.11
N HIS A 120 11.53 0.06 16.57
CA HIS A 120 12.30 0.33 15.35
C HIS A 120 13.78 0.06 15.60
N HIS A 121 14.19 0.11 16.85
CA HIS A 121 15.59 -0.13 17.19
C HIS A 121 16.00 -1.55 16.78
N HIS A 122 15.08 -2.50 16.96
CA HIS A 122 15.36 -3.88 16.59
C HIS A 122 14.17 -4.48 15.86
N HIS A 123 14.45 -5.30 14.85
CA HIS A 123 13.39 -5.94 14.06
C HIS A 123 13.99 -6.76 12.93
N HIS A 124 14.80 -7.76 13.27
CA HIS A 124 15.42 -8.60 12.27
C HIS A 124 16.15 -7.76 11.23
N HIS A 125 16.42 -8.35 10.07
CA HIS A 125 17.13 -7.65 9.01
C HIS A 125 16.39 -7.81 7.69
CA CA B . -6.22 0.62 -10.52
S1 WW7 C . -2.88 4.93 2.95
O1 WW7 C . -1.95 5.12 4.15
O2 WW7 C . -4.27 5.50 3.30
N1 WW7 C . -2.27 5.75 1.67
C4 WW7 C . -3.22 0.46 2.11
C3 WW7 C . -2.79 0.93 3.35
C2 WW7 C . -2.70 2.29 3.58
C1 WW7 C . -3.03 3.21 2.59
C9 WW7 C . -3.47 2.74 1.33
C10 WW7 C . -3.57 1.37 1.08
CL1 WW7 C . -4.18 -0.76 -0.63
C5 WW7 C . -4.01 0.92 -0.20
C6 WW7 C . -4.34 1.88 -1.18
C7 WW7 C . -4.24 3.22 -0.91
C8 WW7 C . -3.81 3.65 0.34
C11 WW7 C . -0.87 5.37 1.42
C12 WW7 C . -0.31 6.10 0.20
C14 WW7 C . 1.13 8.00 0.99
C13 WW7 C . 1.12 6.55 0.50
C15 WW7 C . 1.66 8.06 2.42
C16 WW7 C . 3.10 8.58 2.41
N2 WW7 C . 3.59 8.78 3.78
HN1 WW7 C . -2.34 6.74 1.83
H4 WW7 C . -3.29 -0.61 1.93
H3 WW7 C . -2.52 0.22 4.14
H2 WW7 C . -2.36 2.65 4.56
H6 WW7 C . -4.68 1.55 -2.17
H7 WW7 C . -4.49 3.95 -1.68
H8 WW7 C . -3.72 4.71 0.54
H111 WW7 C . -0.81 4.29 1.25
H112 WW7 C . -0.28 5.62 2.29
H121 WW7 C . -0.93 6.97 -0.03
H122 WW7 C . -0.32 5.42 -0.66
H141 WW7 C . 0.12 8.40 0.95
H142 WW7 C . 1.77 8.59 0.33
H131 WW7 C . 1.73 6.46 -0.40
H132 WW7 C . 1.54 5.90 1.27
H151 WW7 C . 1.63 7.06 2.86
H152 WW7 C . 1.03 8.73 3.01
H161 WW7 C . 3.14 9.52 1.87
H162 WW7 C . 3.74 7.85 1.90
HN21 WW7 C . 4.09 7.98 4.09
HN22 WW7 C . 2.82 8.96 4.39
H24 WW7 C . 4.20 9.59 3.79
#